data_6VOM
#
_entry.id   6VOM
#
_cell.length_a   1.00
_cell.length_b   1.00
_cell.length_c   1.00
_cell.angle_alpha   90.00
_cell.angle_beta   90.00
_cell.angle_gamma   90.00
#
_symmetry.space_group_name_H-M   'P 1'
#
loop_
_entity.id
_entity.type
_entity.pdbx_description
1 polymer 'ATP synthase subunit alpha, chloroplastic'
2 polymer 'ATP synthase subunit beta, chloroplastic'
3 polymer 'ATP synthase delta chain, chloroplastic'
4 polymer 'ATP synthase gamma chain, chloroplastic'
5 polymer 'ATP synthase epsilon chain, chloroplastic'
6 non-polymer "ADENOSINE-5'-TRIPHOSPHATE"
7 non-polymer "ADENOSINE-5'-DIPHOSPHATE"
8 non-polymer TENTOXIN
#
loop_
_entity_poly.entity_id
_entity_poly.type
_entity_poly.pdbx_seq_one_letter_code
_entity_poly.pdbx_strand_id
1 'polypeptide(L)'
;MATIRADEISKIIRERIEGYNREVKVVNTGTVLQVGDGIARIHGLDEVMAGELVEFEEGTIGIALNLESNNVGVVLMGDG
LMIQEGSSVKATGRIAQIPVSEAYLGRVINALAKPIDGRGEITASESRLIESPAPGIMSRRSVYEPLQTGLIAIDAMIPV
GRGQRELIIGDRQTGKTAVATDTILNQQGQNVICVYVAIGQKASSVAQVVTNFQERGAMEYTIVVAETADSPATLQYLAP
YTGAALAEYFMYRERHTLIIYDDLSKQAQAYRQMSLLLRRPPGREAYPGDVFYLHSRLLERAAKLSSLLGEGSMTALPIV
ETQAGDVSAYIPTNVISITDGQIFLSADLFNAGIRPAINVGISVSRVGSAAQIKAMKKVAGKLKLELAQFAELEAFAQFA
SDLDKATQNQLARGQRLRELLKQPQSAPLTVEEQVMTIYTGTNGYLDSLELDQVRKYLVELRTYVKTNKPEFQEIISSTK
TFTEEAEALLKEAIQEQMERFLLQEQA
;
A,B,C
2 'polypeptide(L)'
;MRINPTTSDPGVSTLEKKNLGRIAQIIGPVLDVAFPPGKMPNIYNALIVKGRDTAGQPMNVTCEVQQLLGNNRVRAVAMS
ATDGLTRGMEVIDTGAPLSVPVGGATLGRIFNVLGEPVDNLGPVDTRTTSPIHRSAPAFTQLDTKLSIFETGIKVVDLLA
PYRRGGKIGLFGGAGVGKTVLIMELINNIAKAHGGVSVFGGVGERTREGNDLYMEMKESGVINEQNIAESKVALVYGQMN
EPPGARMRVGLTALTMAEYFRDVNEQDVLLFIDNIFRFVQAGSEVSALLGRMPSAVGYQPTLSTEMGSLQERITSTKEGS
ITSIQAVYVPADDLTDPAPATTFAHLDATTVLSRGLAAKGIYPAVDPLDSTSTMLQPRIVGEEHYEIAQRVKETLQRYKE
LQDIIAILGLDELSEEDRLTVARARKIERFLSQPFFVAEVFTGSPGKYVGLAETIRGFQLILSGELDSLPEQAFYLVGNI
DEATAKAMNLEMESKLKK
;
D,E,F
3 'polypeptide(L)'
;MAALQNPVALQSRTTTAVAALSTSSTTSTPKPFSLSFSSSTATFNPLRLKILTASKLTAKPRGGALGTRMVDSTASRYAS
ALADVADVTGTLEATNSDVEKLIRIFSEEPVYYFFANPVISIDNKRSVLDEIITTSGLQPHTANFINILIDSERINLVKE
ILNEFEDVFNKITGTEVAVVTSVVKLENDHLAQIAKGVQKITGAKNVRIKTVIDPSLVAGFTIRYGNEGSKLVDMSVKKQ
LEEIAAQLEMDDVTLAV
;
d
4 'polypeptide(L)'
;MACSLSFSSSVSTFHLPTTTQSTQAPPNNATTLPTTNPIQCANLRELRDRIGSVKNTQKITEAMKLVAAAKVRRAQEAVV
NGRPFSETLVEVLYNMNEQLQTEDVDVPLTKIRTVKKVALMVVTGDRGLCGGFNNMLLKKAESRIAELKKLGVDYTIISI
GKKGNTYFIRRPEIPVDRYFDGTNLPTAKEAQAIADDVFSLFVSEEVDKVEMLYTKFVSLVKSDPVIHTLLPLSPKGEIC
DINGKCVDAAEDELFRLTTKEGKLTVERDMIKTETPAFSPILEFEQDPAQILDALLPLYLNSQILRALQESLASELAARM
TAMSNATDNANELKKTLSINYNRARQAKITGEILEIVAGANACV
;
g
5 'polypeptide(L)'
;MTLNLCVLTPNRSIWNSEVKEIILSTNSGQIGVLPNHAPTATAVDIGILRIRLNDQWLTLALMGGFARIGNNEITILVND
AERGSDIDPQEAQQTLEIAEANLRKAEGKRQKIEANLALRRARTRVEASNTISS
;
e
#
loop_
_chem_comp.id
_chem_comp.type
_chem_comp.name
_chem_comp.formula
ADP non-polymer ADENOSINE-5'-DIPHOSPHATE 'C10 H15 N5 O10 P2'
ATP non-polymer ADENOSINE-5'-TRIPHOSPHATE 'C10 H16 N5 O13 P3'
TTX non-polymer TENTOXIN 'C22 H30 N4 O4'
#
# COMPACT_ATOMS: atom_id res chain seq x y z
N ASP A 7 22.68 41.85 -47.30
CA ASP A 7 24.06 42.14 -47.66
C ASP A 7 24.82 42.62 -46.43
N GLU A 8 25.03 43.93 -46.35
CA GLU A 8 25.67 44.55 -45.21
C GLU A 8 24.89 45.80 -44.84
N ILE A 9 24.70 46.01 -43.55
CA ILE A 9 23.91 47.14 -43.09
C ILE A 9 24.75 48.42 -43.18
N SER A 10 24.06 49.55 -43.33
CA SER A 10 24.76 50.82 -43.38
C SER A 10 25.37 51.17 -42.02
N LYS A 11 26.24 52.18 -42.04
CA LYS A 11 26.74 52.74 -40.80
C LYS A 11 25.60 53.27 -39.94
N ILE A 12 24.58 53.86 -40.56
CA ILE A 12 23.45 54.38 -39.81
C ILE A 12 22.65 53.24 -39.18
N ILE A 13 22.57 52.11 -39.88
CA ILE A 13 21.89 50.94 -39.31
C ILE A 13 22.69 50.40 -38.13
N ARG A 14 24.02 50.37 -38.25
CA ARG A 14 24.86 49.98 -37.13
C ARG A 14 24.66 50.91 -35.94
N GLU A 15 24.56 52.22 -36.20
CA GLU A 15 24.32 53.18 -35.12
C GLU A 15 23.00 52.90 -34.44
N ARG A 16 21.93 52.76 -35.21
CA ARG A 16 20.63 52.44 -34.65
C ARG A 16 20.68 51.17 -33.81
N ILE A 17 21.35 50.13 -34.32
CA ILE A 17 21.39 48.85 -33.63
C ILE A 17 22.13 48.97 -32.31
N GLU A 18 23.34 49.55 -32.36
CA GLU A 18 24.17 49.63 -31.17
C GLU A 18 23.55 50.53 -30.11
N GLY A 19 22.81 51.57 -30.52
CA GLY A 19 22.04 52.36 -29.60
C GLY A 19 21.14 51.52 -28.73
N TYR A 20 20.22 50.76 -29.36
CA TYR A 20 19.29 49.90 -28.62
C TYR A 20 20.04 48.86 -27.80
N ASN A 21 21.10 48.28 -28.39
CA ASN A 21 21.82 47.20 -27.74
C ASN A 21 22.46 47.65 -26.44
N ARG A 22 23.27 48.71 -26.50
CA ARG A 22 23.88 49.22 -25.27
C ARG A 22 22.88 49.94 -24.37
N GLU A 23 21.70 50.32 -24.90
CA GLU A 23 20.69 50.92 -24.05
C GLU A 23 20.04 49.87 -23.16
N VAL A 24 19.90 48.64 -23.67
CA VAL A 24 19.37 47.59 -22.81
C VAL A 24 20.48 46.99 -21.94
N LYS A 25 21.73 47.00 -22.43
CA LYS A 25 22.81 46.29 -21.73
C LYS A 25 23.57 47.25 -20.81
N VAL A 26 23.17 47.25 -19.53
CA VAL A 26 23.96 47.80 -18.44
C VAL A 26 24.36 46.63 -17.55
N VAL A 27 25.61 46.64 -17.10
CA VAL A 27 26.24 45.43 -16.59
C VAL A 27 25.57 44.93 -15.31
N ASN A 28 25.29 45.82 -14.36
CA ASN A 28 24.80 45.40 -13.05
C ASN A 28 23.28 45.36 -12.97
N THR A 29 22.59 45.56 -14.09
CA THR A 29 21.14 45.53 -14.11
C THR A 29 20.67 44.41 -15.03
N GLY A 30 19.36 44.38 -15.25
CA GLY A 30 18.76 43.40 -16.14
C GLY A 30 17.32 43.78 -16.39
N THR A 31 16.51 42.75 -16.62
CA THR A 31 15.08 42.91 -16.81
C THR A 31 14.38 41.62 -16.41
N VAL A 32 13.18 41.76 -15.83
CA VAL A 32 12.41 40.60 -15.43
C VAL A 32 11.58 40.15 -16.62
N LEU A 33 12.03 39.10 -17.31
CA LEU A 33 11.35 38.75 -18.55
C LEU A 33 10.09 37.92 -18.30
N GLN A 34 9.97 37.27 -17.14
CA GLN A 34 8.76 36.56 -16.75
C GLN A 34 8.88 36.14 -15.30
N VAL A 35 7.74 35.96 -14.65
CA VAL A 35 7.68 35.42 -13.29
C VAL A 35 6.69 34.26 -13.33
N GLY A 36 7.08 33.14 -12.74
CA GLY A 36 6.24 31.95 -12.70
C GLY A 36 6.60 31.06 -11.53
N ASP A 37 5.58 30.49 -10.89
CA ASP A 37 5.66 29.47 -9.83
C ASP A 37 6.87 29.64 -8.91
N GLY A 38 7.07 30.87 -8.42
CA GLY A 38 8.05 31.14 -7.39
C GLY A 38 9.32 31.81 -7.86
N ILE A 39 9.79 31.53 -9.07
CA ILE A 39 11.06 32.06 -9.56
C ILE A 39 10.79 32.91 -10.79
N ALA A 40 11.64 33.90 -11.02
CA ALA A 40 11.50 34.78 -12.17
C ALA A 40 12.76 34.76 -13.01
N ARG A 41 12.58 34.59 -14.32
CA ARG A 41 13.67 34.68 -15.27
C ARG A 41 14.10 36.13 -15.39
N ILE A 42 15.34 36.34 -15.82
CA ILE A 42 15.92 37.67 -15.94
C ILE A 42 16.84 37.67 -17.16
N HIS A 43 16.62 38.62 -18.06
CA HIS A 43 17.38 38.68 -19.30
C HIS A 43 18.55 39.63 -19.11
N GLY A 44 19.66 39.09 -18.63
CA GLY A 44 20.85 39.90 -18.46
C GLY A 44 21.64 39.55 -17.23
N LEU A 45 22.06 40.57 -16.47
CA LEU A 45 22.93 40.39 -15.32
C LEU A 45 24.14 39.55 -15.71
N ASP A 46 24.97 40.09 -16.61
CA ASP A 46 25.96 39.29 -17.32
C ASP A 46 26.96 38.65 -16.37
N GLU A 47 27.35 39.38 -15.33
CA GLU A 47 28.48 39.01 -14.48
C GLU A 47 28.02 38.59 -13.08
N VAL A 48 26.72 38.40 -12.89
CA VAL A 48 26.19 38.03 -11.58
C VAL A 48 26.72 36.64 -11.20
N MET A 49 26.79 36.38 -9.90
CA MET A 49 27.25 35.10 -9.40
C MET A 49 26.07 34.25 -8.94
N ALA A 50 26.22 32.94 -9.05
CA ALA A 50 25.21 32.03 -8.51
C ALA A 50 25.15 32.18 -7.00
N GLY A 51 24.04 32.68 -6.49
CA GLY A 51 23.90 32.96 -5.09
C GLY A 51 23.98 34.43 -4.73
N GLU A 52 23.90 35.32 -5.71
CA GLU A 52 24.02 36.74 -5.45
C GLU A 52 22.66 37.36 -5.12
N LEU A 53 22.67 38.31 -4.18
CA LEU A 53 21.45 39.00 -3.76
C LEU A 53 21.06 40.07 -4.78
N VAL A 54 20.30 39.64 -5.78
CA VAL A 54 19.78 40.58 -6.77
C VAL A 54 18.57 41.30 -6.17
N GLU A 55 18.51 42.61 -6.38
CA GLU A 55 17.50 43.46 -5.78
C GLU A 55 16.51 43.89 -6.85
N PHE A 56 15.22 43.70 -6.56
CA PHE A 56 14.17 44.06 -7.49
C PHE A 56 13.75 45.52 -7.28
N GLU A 57 12.90 46.00 -8.19
CA GLU A 57 12.44 47.38 -8.12
C GLU A 57 11.48 47.58 -6.94
N GLU A 58 10.92 46.49 -6.42
CA GLU A 58 10.10 46.59 -5.21
C GLU A 58 10.95 46.49 -3.95
N GLY A 59 11.86 45.51 -3.92
CA GLY A 59 12.63 45.23 -2.73
C GLY A 59 12.47 43.78 -2.32
N THR A 60 11.99 42.97 -3.27
CA THR A 60 11.80 41.55 -3.04
C THR A 60 13.10 40.88 -3.46
N ILE A 61 14.10 40.97 -2.57
CA ILE A 61 15.42 40.44 -2.89
C ILE A 61 15.32 38.95 -3.20
N GLY A 62 16.10 38.51 -4.19
CA GLY A 62 16.14 37.12 -4.57
C GLY A 62 17.56 36.63 -4.68
N ILE A 63 17.70 35.32 -4.76
CA ILE A 63 19.01 34.68 -4.86
C ILE A 63 19.16 34.14 -6.27
N ALA A 64 20.21 34.58 -6.95
CA ALA A 64 20.49 34.10 -8.29
C ALA A 64 20.83 32.62 -8.22
N LEU A 65 19.91 31.78 -8.66
CA LEU A 65 20.11 30.34 -8.56
C LEU A 65 20.64 29.76 -9.87
N ASN A 66 20.00 30.11 -10.98
CA ASN A 66 20.17 29.39 -12.25
C ASN A 66 20.81 30.32 -13.27
N LEU A 67 22.14 30.38 -13.26
CA LEU A 67 22.86 31.17 -14.26
C LEU A 67 22.84 30.40 -15.56
N GLU A 68 21.80 30.63 -16.34
CA GLU A 68 21.67 29.99 -17.64
C GLU A 68 22.40 30.83 -18.68
N SER A 69 22.34 30.40 -19.94
CA SER A 69 23.06 31.08 -21.00
C SER A 69 22.50 32.46 -21.30
N ASN A 70 21.23 32.51 -21.70
CA ASN A 70 20.60 33.78 -22.05
C ASN A 70 19.88 34.44 -20.89
N ASN A 71 19.25 33.66 -20.02
CA ASN A 71 18.48 34.21 -18.91
C ASN A 71 19.10 33.78 -17.60
N VAL A 72 18.55 34.31 -16.51
CA VAL A 72 19.02 34.05 -15.15
C VAL A 72 17.79 33.81 -14.29
N GLY A 73 17.73 32.65 -13.65
CA GLY A 73 16.61 32.35 -12.77
C GLY A 73 16.90 32.71 -11.34
N VAL A 74 16.10 33.58 -10.75
CA VAL A 74 16.32 34.05 -9.38
C VAL A 74 15.14 33.62 -8.53
N VAL A 75 15.41 32.95 -7.42
CA VAL A 75 14.35 32.49 -6.53
C VAL A 75 13.87 33.69 -5.74
N LEU A 76 12.63 34.11 -5.97
CA LEU A 76 12.07 35.26 -5.28
C LEU A 76 11.93 34.95 -3.81
N MET A 77 12.85 35.49 -3.00
CA MET A 77 12.76 35.32 -1.56
C MET A 77 11.75 36.33 -1.05
N GLY A 78 10.51 35.88 -0.86
CA GLY A 78 9.36 36.70 -0.64
C GLY A 78 8.34 36.43 -1.71
N ASP A 79 7.27 37.23 -1.71
CA ASP A 79 6.16 37.05 -2.63
C ASP A 79 6.46 37.82 -3.91
N GLY A 80 6.12 37.22 -5.05
CA GLY A 80 6.24 37.88 -6.33
C GLY A 80 4.96 38.53 -6.80
N LEU A 81 4.37 39.41 -5.98
CA LEU A 81 3.09 40.00 -6.35
C LEU A 81 3.28 41.18 -7.29
N MET A 82 3.97 42.22 -6.82
CA MET A 82 4.06 43.47 -7.57
C MET A 82 5.22 43.48 -8.55
N ILE A 83 5.99 42.39 -8.64
CA ILE A 83 7.07 42.30 -9.60
C ILE A 83 6.50 42.21 -11.00
N GLN A 84 6.82 43.20 -11.84
CA GLN A 84 6.24 43.31 -13.17
C GLN A 84 7.24 42.85 -14.22
N GLU A 85 6.73 42.29 -15.31
CA GLU A 85 7.60 41.92 -16.43
C GLU A 85 8.14 43.17 -17.09
N GLY A 86 9.44 43.14 -17.39
CA GLY A 86 10.12 44.27 -17.98
C GLY A 86 10.88 45.12 -16.99
N SER A 87 10.45 45.16 -15.73
CA SER A 87 11.14 45.97 -14.72
C SER A 87 12.55 45.46 -14.49
N SER A 88 13.38 46.34 -13.93
CA SER A 88 14.79 46.06 -13.78
C SER A 88 15.06 45.23 -12.52
N VAL A 89 16.27 44.71 -12.44
CA VAL A 89 16.81 44.06 -11.24
C VAL A 89 18.21 44.60 -11.00
N LYS A 90 18.52 44.89 -9.75
CA LYS A 90 19.84 45.40 -9.38
C LYS A 90 20.62 44.30 -8.68
N ALA A 91 21.79 43.96 -9.22
CA ALA A 91 22.68 43.05 -8.53
C ALA A 91 23.41 43.80 -7.41
N THR A 92 23.51 43.17 -6.24
CA THR A 92 24.19 43.84 -5.14
C THR A 92 25.71 43.70 -5.24
N GLY A 93 26.22 42.48 -5.17
CA GLY A 93 27.64 42.24 -5.11
C GLY A 93 28.11 41.40 -3.94
N ARG A 94 27.19 40.81 -3.18
CA ARG A 94 27.53 40.02 -2.01
C ARG A 94 26.73 38.72 -2.02
N ILE A 95 27.34 37.64 -1.52
CA ILE A 95 26.79 36.31 -1.69
C ILE A 95 25.89 35.98 -0.50
N ALA A 96 24.63 36.41 -0.56
CA ALA A 96 23.60 36.09 0.42
C ALA A 96 24.10 36.29 1.86
N GLN A 97 24.42 37.54 2.17
CA GLN A 97 24.93 37.90 3.48
C GLN A 97 23.81 38.47 4.33
N ILE A 98 23.90 38.29 5.64
CA ILE A 98 23.09 39.03 6.60
C ILE A 98 24.02 39.84 7.50
N PRO A 99 23.74 41.11 7.75
CA PRO A 99 24.56 41.87 8.71
C PRO A 99 24.28 41.37 10.12
N VAL A 100 25.33 40.96 10.81
CA VAL A 100 25.21 40.29 12.10
C VAL A 100 26.09 41.00 13.11
N SER A 101 25.46 41.61 14.12
CA SER A 101 26.19 42.24 15.21
C SER A 101 25.68 41.74 16.55
N GLU A 102 26.09 42.38 17.63
CA GLU A 102 25.64 42.01 18.96
C GLU A 102 24.23 42.53 19.27
N ALA A 103 23.69 43.41 18.42
CA ALA A 103 22.45 44.09 18.76
C ALA A 103 21.23 43.23 18.50
N TYR A 104 21.41 42.05 17.90
CA TYR A 104 20.27 41.19 17.64
C TYR A 104 19.69 40.57 18.90
N LEU A 105 20.40 40.65 20.03
CA LEU A 105 19.86 40.11 21.28
C LEU A 105 18.60 40.85 21.66
N GLY A 106 17.56 40.09 22.00
CA GLY A 106 16.30 40.68 22.37
C GLY A 106 15.47 41.17 21.21
N ARG A 107 15.71 40.65 20.01
CA ARG A 107 15.03 41.15 18.83
C ARG A 107 14.24 40.04 18.18
N VAL A 108 13.17 40.45 17.48
CA VAL A 108 12.31 39.54 16.75
C VAL A 108 12.52 39.83 15.27
N ILE A 109 13.15 38.90 14.56
CA ILE A 109 13.46 39.11 13.16
C ILE A 109 12.84 37.99 12.33
N ASN A 110 12.69 38.25 11.04
CA ASN A 110 12.26 37.24 10.09
C ASN A 110 13.48 36.53 9.51
N ALA A 111 13.28 35.78 8.44
CA ALA A 111 14.39 35.12 7.76
C ALA A 111 15.32 36.10 7.06
N LEU A 112 14.86 37.32 6.81
CA LEU A 112 15.64 38.34 6.12
C LEU A 112 16.54 39.12 7.08
N ALA A 113 16.56 38.73 8.35
CA ALA A 113 17.25 39.46 9.42
C ALA A 113 16.83 40.92 9.45
N LYS A 114 15.50 41.11 9.45
CA LYS A 114 14.88 42.41 9.54
C LYS A 114 13.82 42.32 10.62
N PRO A 115 13.55 43.40 11.36
CA PRO A 115 12.67 43.27 12.52
C PRO A 115 11.23 43.01 12.12
N ILE A 116 10.52 42.29 12.99
CA ILE A 116 9.06 42.26 12.97
C ILE A 116 8.48 42.59 14.33
N ASP A 117 9.28 43.12 15.25
CA ASP A 117 8.77 43.59 16.52
C ASP A 117 8.38 45.06 16.45
N GLY A 118 8.85 45.78 15.44
CA GLY A 118 8.44 47.14 15.19
C GLY A 118 9.18 48.20 15.99
N ARG A 119 10.02 47.79 16.94
CA ARG A 119 10.67 48.73 17.85
C ARG A 119 11.63 49.66 17.12
N GLY A 120 12.52 49.09 16.31
CA GLY A 120 13.45 49.88 15.54
C GLY A 120 14.33 48.99 14.71
N GLU A 121 15.02 49.59 13.74
CA GLU A 121 15.90 48.82 12.88
C GLU A 121 17.16 48.43 13.63
N ILE A 122 17.54 47.16 13.50
CA ILE A 122 18.70 46.60 14.18
C ILE A 122 19.93 47.16 13.48
N THR A 123 20.80 47.81 14.24
CA THR A 123 22.09 48.24 13.72
C THR A 123 23.00 47.02 13.62
N ALA A 124 23.98 47.09 12.72
CA ALA A 124 24.87 45.95 12.49
C ALA A 124 26.15 46.45 11.81
N SER A 125 27.30 45.98 12.31
CA SER A 125 28.57 46.36 11.74
C SER A 125 29.18 45.27 10.87
N GLU A 126 29.05 44.01 11.28
CA GLU A 126 29.70 42.88 10.62
C GLU A 126 28.68 42.11 9.79
N SER A 127 29.16 41.35 8.82
CA SER A 127 28.32 40.74 7.81
C SER A 127 28.68 39.28 7.62
N ARG A 128 27.78 38.38 8.05
CA ARG A 128 28.01 36.94 7.96
C ARG A 128 27.29 36.35 6.76
N LEU A 129 27.72 35.16 6.36
CA LEU A 129 27.13 34.48 5.22
C LEU A 129 26.00 33.56 5.67
N ILE A 130 24.89 33.57 4.93
CA ILE A 130 23.75 32.72 5.27
C ILE A 130 24.13 31.25 5.07
N GLU A 131 24.84 30.95 4.01
CA GLU A 131 25.34 29.60 3.80
C GLU A 131 26.86 29.62 3.98
N SER A 132 27.31 29.05 5.08
CA SER A 132 28.72 28.94 5.42
C SER A 132 29.13 27.48 5.50
N PRO A 133 30.42 27.19 5.37
CA PRO A 133 30.88 25.81 5.61
C PRO A 133 30.71 25.41 7.06
N ALA A 134 30.77 24.10 7.30
CA ALA A 134 30.71 23.57 8.65
C ALA A 134 32.12 23.48 9.22
N PRO A 135 32.25 23.40 10.55
CA PRO A 135 33.58 23.21 11.14
C PRO A 135 34.24 21.93 10.67
N GLY A 136 35.54 21.99 10.43
CA GLY A 136 36.26 20.85 9.92
C GLY A 136 36.38 19.73 10.93
N ILE A 137 37.04 18.66 10.50
CA ILE A 137 37.27 17.52 11.39
C ILE A 137 38.23 17.92 12.51
N MET A 138 39.33 18.59 12.15
CA MET A 138 40.35 18.91 13.13
C MET A 138 39.92 20.06 14.03
N SER A 139 39.18 21.01 13.49
CA SER A 139 38.78 22.19 14.26
C SER A 139 37.53 21.97 15.10
N ARG A 140 37.49 20.90 15.89
CA ARG A 140 36.41 20.71 16.85
C ARG A 140 36.83 19.70 17.89
N ARG A 141 36.32 19.91 19.11
CA ARG A 141 36.65 19.12 20.28
C ARG A 141 35.42 18.32 20.69
N SER A 142 35.62 17.25 21.45
CA SER A 142 34.52 16.43 21.94
C SER A 142 33.69 17.21 22.97
N VAL A 143 32.52 16.66 23.27
CA VAL A 143 31.53 17.37 24.08
C VAL A 143 31.65 16.93 25.54
N TYR A 144 31.92 17.88 26.43
CA TYR A 144 32.06 17.55 27.84
C TYR A 144 31.35 18.53 28.78
N GLU A 145 30.94 19.69 28.29
CA GLU A 145 30.26 20.63 29.16
C GLU A 145 28.76 20.40 29.05
N PRO A 146 28.06 20.31 30.18
CA PRO A 146 26.61 20.09 30.14
C PRO A 146 25.87 21.30 29.61
N LEU A 147 24.71 21.05 29.02
CA LEU A 147 23.74 22.07 28.70
C LEU A 147 22.52 21.74 29.55
N GLN A 148 22.45 22.33 30.73
CA GLN A 148 21.46 21.94 31.73
C GLN A 148 20.07 22.32 31.23
N THR A 149 19.33 21.33 30.77
CA THR A 149 18.01 21.60 30.20
C THR A 149 16.98 21.90 31.27
N GLY A 150 17.34 21.71 32.54
CA GLY A 150 16.45 22.01 33.65
C GLY A 150 15.31 21.03 33.82
N LEU A 151 15.23 20.00 32.99
CA LEU A 151 14.18 19.00 33.11
C LEU A 151 14.75 17.74 33.76
N ILE A 152 13.97 17.15 34.65
CA ILE A 152 14.45 16.04 35.48
C ILE A 152 14.76 14.83 34.61
N ALA A 153 13.80 14.44 33.77
CA ALA A 153 13.96 13.20 33.01
C ALA A 153 15.08 13.31 31.99
N ILE A 154 15.19 14.45 31.31
CA ILE A 154 16.24 14.61 30.31
C ILE A 154 17.60 14.70 30.99
N ASP A 155 17.68 15.43 32.11
CA ASP A 155 18.97 15.58 32.77
C ASP A 155 19.40 14.27 33.45
N ALA A 156 18.45 13.38 33.71
CA ALA A 156 18.80 12.07 34.26
C ALA A 156 19.23 11.09 33.18
N MET A 157 18.43 10.95 32.12
CA MET A 157 18.67 9.87 31.16
C MET A 157 19.44 10.37 29.94
N ILE A 158 19.12 11.55 29.45
CA ILE A 158 19.60 12.06 28.17
C ILE A 158 20.43 13.31 28.40
N PRO A 159 21.68 13.19 28.84
CA PRO A 159 22.50 14.38 29.07
C PRO A 159 22.87 15.05 27.75
N VAL A 160 22.44 16.29 27.61
CA VAL A 160 22.70 17.08 26.40
C VAL A 160 23.86 18.01 26.72
N GLY A 161 24.99 17.79 26.05
CA GLY A 161 26.15 18.62 26.28
C GLY A 161 26.32 19.68 25.21
N ARG A 162 27.19 20.64 25.51
CA ARG A 162 27.39 21.78 24.62
C ARG A 162 27.96 21.32 23.29
N GLY A 163 27.36 21.79 22.20
CA GLY A 163 27.81 21.40 20.89
C GLY A 163 27.40 20.01 20.45
N GLN A 164 26.22 19.57 20.84
CA GLN A 164 25.72 18.24 20.49
C GLN A 164 24.31 18.38 19.94
N ARG A 165 24.12 17.92 18.71
CA ARG A 165 22.85 18.09 18.01
C ARG A 165 21.88 16.99 18.39
N GLU A 166 20.84 17.36 19.13
CA GLU A 166 19.89 16.40 19.70
C GLU A 166 18.52 16.62 19.07
N LEU A 167 17.74 15.56 18.94
CA LEU A 167 16.46 15.60 18.24
C LEU A 167 15.31 15.51 19.23
N ILE A 168 14.28 16.34 19.00
CA ILE A 168 13.03 16.30 19.76
C ILE A 168 11.94 15.91 18.78
N ILE A 169 11.50 14.66 18.83
CA ILE A 169 10.58 14.11 17.84
C ILE A 169 9.34 13.61 18.56
N GLY A 170 8.17 13.80 17.95
CA GLY A 170 6.96 13.29 18.57
C GLY A 170 5.74 13.62 17.76
N ASP A 171 4.59 13.32 18.33
CA ASP A 171 3.32 13.58 17.67
C ASP A 171 2.96 15.05 17.80
N ARG A 172 1.84 15.44 17.19
CA ARG A 172 1.30 16.77 17.41
C ARG A 172 0.76 16.89 18.83
N GLN A 173 1.04 18.02 19.46
CA GLN A 173 0.65 18.27 20.84
C GLN A 173 1.23 17.22 21.78
N THR A 174 2.55 17.20 21.90
CA THR A 174 3.24 16.35 22.87
C THR A 174 4.16 17.14 23.80
N GLY A 175 4.46 18.39 23.50
CA GLY A 175 5.28 19.20 24.37
C GLY A 175 6.62 19.60 23.82
N LYS A 176 6.81 19.53 22.51
CA LYS A 176 8.13 19.83 21.94
C LYS A 176 8.49 21.29 22.11
N THR A 177 7.57 22.20 21.73
CA THR A 177 7.78 23.62 21.99
C THR A 177 7.88 23.90 23.49
N ALA A 178 7.12 23.16 24.30
CA ALA A 178 7.17 23.36 25.74
C ALA A 178 8.56 23.11 26.28
N VAL A 179 9.18 21.98 25.91
CA VAL A 179 10.52 21.67 26.35
C VAL A 179 11.53 22.64 25.74
N ALA A 180 11.26 23.11 24.52
CA ALA A 180 12.15 24.10 23.91
C ALA A 180 12.20 25.38 24.74
N THR A 181 11.03 25.93 25.07
CA THR A 181 10.97 27.12 25.90
C THR A 181 11.54 26.86 27.29
N ASP A 182 11.29 25.66 27.83
CA ASP A 182 11.87 25.28 29.11
C ASP A 182 13.38 25.38 29.09
N THR A 183 14.01 24.79 28.08
CA THR A 183 15.46 24.79 28.02
C THR A 183 16.01 26.19 27.80
N ILE A 184 15.37 26.97 26.93
CA ILE A 184 15.85 28.34 26.67
C ILE A 184 15.73 29.18 27.94
N LEU A 185 14.67 28.98 28.72
CA LEU A 185 14.54 29.69 29.97
C LEU A 185 15.55 29.21 31.00
N ASN A 186 15.98 27.94 30.91
CA ASN A 186 16.94 27.43 31.88
C ASN A 186 18.37 27.84 31.54
N GLN A 187 18.56 28.70 30.54
CA GLN A 187 19.89 29.23 30.27
C GLN A 187 20.03 30.64 30.83
N GLN A 188 19.33 30.94 31.93
CA GLN A 188 19.43 32.27 32.50
C GLN A 188 20.72 32.43 33.29
N GLY A 189 21.15 31.38 33.98
CA GLY A 189 22.39 31.45 34.73
C GLY A 189 23.60 31.19 33.86
N GLN A 190 23.55 30.15 33.05
CA GLN A 190 24.65 29.80 32.16
C GLN A 190 24.92 30.91 31.16
N ASN A 191 26.15 30.95 30.67
CA ASN A 191 26.60 32.03 29.79
C ASN A 191 26.01 31.93 28.39
N VAL A 192 25.39 30.80 28.04
CA VAL A 192 24.99 30.54 26.67
C VAL A 192 23.82 31.44 26.27
N ILE A 193 23.97 32.10 25.11
CA ILE A 193 22.88 32.84 24.50
C ILE A 193 21.98 31.85 23.77
N CYS A 194 20.71 32.17 23.64
CA CYS A 194 19.74 31.25 23.07
C CYS A 194 19.21 31.80 21.76
N VAL A 195 18.95 30.89 20.83
CA VAL A 195 18.36 31.21 19.53
C VAL A 195 17.18 30.28 19.33
N TYR A 196 16.09 30.80 18.75
CA TYR A 196 14.90 30.02 18.47
C TYR A 196 14.34 30.47 17.14
N VAL A 197 14.19 29.54 16.20
CA VAL A 197 13.59 29.82 14.91
C VAL A 197 12.26 29.10 14.84
N ALA A 198 11.34 29.60 14.02
CA ALA A 198 10.01 29.03 13.90
C ALA A 198 9.64 28.93 12.43
N ILE A 199 9.89 27.78 11.83
CA ILE A 199 9.63 27.54 10.41
C ILE A 199 8.15 27.18 10.28
N GLY A 200 7.36 28.12 9.78
CA GLY A 200 5.97 27.86 9.49
C GLY A 200 5.08 27.59 10.69
N GLN A 201 5.39 28.16 11.84
CA GLN A 201 4.52 27.97 13.00
C GLN A 201 3.40 28.99 13.01
N LYS A 202 2.38 28.73 13.82
CA LYS A 202 1.25 29.65 13.92
C LYS A 202 1.68 30.96 14.58
N ALA A 203 1.11 32.06 14.09
CA ALA A 203 1.49 33.38 14.59
C ALA A 203 1.10 33.54 16.06
N SER A 204 -0.03 32.97 16.46
CA SER A 204 -0.43 33.04 17.87
C SER A 204 0.54 32.25 18.75
N SER A 205 1.05 31.13 18.25
CA SER A 205 2.03 30.35 18.99
C SER A 205 3.32 31.14 19.14
N VAL A 206 3.78 31.78 18.07
CA VAL A 206 5.02 32.55 18.13
C VAL A 206 4.84 33.75 19.05
N ALA A 207 3.67 34.38 19.01
CA ALA A 207 3.39 35.49 19.91
C ALA A 207 3.42 35.05 21.36
N GLN A 208 2.80 33.90 21.66
CA GLN A 208 2.83 33.39 23.03
C GLN A 208 4.25 33.11 23.48
N VAL A 209 5.06 32.53 22.59
CA VAL A 209 6.44 32.19 22.95
C VAL A 209 7.23 33.46 23.28
N VAL A 210 7.21 34.44 22.38
CA VAL A 210 7.99 35.64 22.59
C VAL A 210 7.44 36.42 23.79
N THR A 211 6.15 36.31 24.06
CA THR A 211 5.58 36.98 25.22
C THR A 211 6.06 36.35 26.52
N ASN A 212 6.15 35.02 26.56
CA ASN A 212 6.70 34.38 27.75
C ASN A 212 8.17 34.74 27.94
N PHE A 213 8.91 34.82 26.84
CA PHE A 213 10.32 35.17 26.96
C PHE A 213 10.49 36.59 27.45
N GLN A 214 9.65 37.51 26.97
CA GLN A 214 9.67 38.87 27.48
C GLN A 214 9.27 38.91 28.95
N GLU A 215 8.33 38.05 29.36
CA GLU A 215 7.88 38.02 30.74
C GLU A 215 8.98 37.54 31.67
N ARG A 216 9.69 36.49 31.27
CA ARG A 216 10.81 36.04 32.08
C ARG A 216 11.99 37.00 31.98
N GLY A 217 12.00 37.85 30.96
CA GLY A 217 13.16 38.66 30.68
C GLY A 217 14.26 37.91 29.98
N ALA A 218 14.11 36.60 29.77
CA ALA A 218 15.10 35.76 29.14
C ALA A 218 15.23 36.03 27.65
N MET A 219 14.53 37.03 27.14
CA MET A 219 14.81 37.59 25.82
C MET A 219 16.11 38.37 25.80
N GLU A 220 16.76 38.56 26.95
CA GLU A 220 18.09 39.18 26.98
C GLU A 220 19.09 38.37 26.17
N TYR A 221 18.93 37.04 26.18
CA TYR A 221 19.80 36.17 25.40
C TYR A 221 19.18 35.83 24.05
N THR A 222 17.87 35.81 23.97
CA THR A 222 17.19 35.15 22.87
C THR A 222 17.15 36.04 21.63
N ILE A 223 17.28 35.41 20.47
CA ILE A 223 16.92 36.02 19.19
C ILE A 223 15.90 35.09 18.57
N VAL A 224 14.76 35.65 18.17
CA VAL A 224 13.72 34.80 17.58
C VAL A 224 13.59 35.06 16.08
N VAL A 225 13.98 34.09 15.28
CA VAL A 225 13.86 34.20 13.82
C VAL A 225 12.57 33.50 13.40
N ALA A 226 11.58 34.29 13.00
CA ALA A 226 10.23 33.76 12.80
C ALA A 226 9.83 33.93 11.35
N GLU A 227 9.35 32.84 10.75
CA GLU A 227 8.64 32.87 9.48
C GLU A 227 7.43 31.97 9.62
N THR A 228 6.25 32.56 9.74
CA THR A 228 5.04 31.84 10.07
C THR A 228 4.54 31.03 8.88
N ALA A 229 3.33 30.47 9.02
CA ALA A 229 2.84 29.49 8.05
C ALA A 229 2.58 30.11 6.69
N ASP A 230 1.89 31.25 6.65
CA ASP A 230 1.58 31.86 5.37
C ASP A 230 2.69 32.78 4.91
N SER A 231 3.92 32.29 4.93
CA SER A 231 5.06 32.99 4.39
C SER A 231 5.58 32.18 3.23
N PRO A 232 6.28 32.82 2.28
CA PRO A 232 6.76 32.08 1.10
C PRO A 232 7.63 30.90 1.50
N ALA A 233 7.41 29.78 0.82
CA ALA A 233 8.14 28.56 1.14
C ALA A 233 9.63 28.78 1.01
N THR A 234 10.05 29.72 0.17
CA THR A 234 11.45 30.07 0.10
C THR A 234 11.93 30.72 1.39
N LEU A 235 11.07 31.52 2.04
CA LEU A 235 11.47 32.12 3.30
C LEU A 235 11.46 31.10 4.43
N GLN A 236 10.50 30.17 4.40
CA GLN A 236 10.51 29.08 5.36
C GLN A 236 11.71 28.18 5.15
N TYR A 237 12.25 28.13 3.94
CA TYR A 237 13.45 27.35 3.66
C TYR A 237 14.71 28.13 4.04
N LEU A 238 14.64 29.46 4.01
CA LEU A 238 15.78 30.29 4.36
C LEU A 238 15.96 30.48 5.86
N ALA A 239 14.86 30.53 6.62
CA ALA A 239 14.93 30.93 8.03
C ALA A 239 15.87 30.10 8.90
N PRO A 240 15.92 28.76 8.79
CA PRO A 240 16.89 28.03 9.62
C PRO A 240 18.32 28.44 9.35
N TYR A 241 18.63 28.85 8.12
CA TYR A 241 20.01 29.22 7.80
C TYR A 241 20.33 30.61 8.32
N THR A 242 19.34 31.49 8.40
CA THR A 242 19.51 32.77 9.09
C THR A 242 19.82 32.53 10.56
N GLY A 243 19.04 31.65 11.20
CA GLY A 243 19.34 31.27 12.57
C GLY A 243 20.74 30.69 12.72
N ALA A 244 21.15 29.87 11.76
CA ALA A 244 22.47 29.24 11.82
C ALA A 244 23.59 30.26 11.71
N ALA A 245 23.48 31.24 10.81
CA ALA A 245 24.51 32.27 10.70
C ALA A 245 24.56 33.12 11.96
N LEU A 246 23.40 33.51 12.50
CA LEU A 246 23.37 34.25 13.75
C LEU A 246 24.08 33.48 14.86
N ALA A 247 23.75 32.20 15.02
CA ALA A 247 24.39 31.39 16.05
C ALA A 247 25.89 31.28 15.83
N GLU A 248 26.32 31.06 14.58
CA GLU A 248 27.73 30.85 14.31
C GLU A 248 28.55 32.09 14.61
N TYR A 249 27.98 33.28 14.40
CA TYR A 249 28.71 34.51 14.70
C TYR A 249 29.21 34.52 16.14
N PHE A 250 28.32 34.19 17.08
CA PHE A 250 28.72 34.15 18.48
C PHE A 250 29.54 32.91 18.77
N MET A 251 29.22 31.80 18.12
CA MET A 251 29.93 30.54 18.37
C MET A 251 31.42 30.68 18.09
N TYR A 252 31.79 31.46 17.08
CA TYR A 252 33.20 31.52 16.72
C TYR A 252 33.98 32.48 17.61
N ARG A 253 33.31 33.46 18.19
CA ARG A 253 34.01 34.38 19.08
C ARG A 253 33.90 33.98 20.55
N GLU A 254 34.19 32.73 20.85
CA GLU A 254 34.30 32.22 22.22
C GLU A 254 33.02 32.39 23.03
N ARG A 255 31.87 32.11 22.42
CA ARG A 255 30.59 32.18 23.11
C ARG A 255 29.77 30.93 22.82
N HIS A 256 29.05 30.44 23.82
CA HIS A 256 28.23 29.27 23.64
C HIS A 256 26.83 29.64 23.17
N THR A 257 26.26 28.80 22.31
CA THR A 257 25.00 29.09 21.66
C THR A 257 24.08 27.90 21.83
N LEU A 258 22.77 28.16 21.72
CA LEU A 258 21.74 27.13 21.76
C LEU A 258 20.65 27.55 20.79
N ILE A 259 20.45 26.77 19.73
CA ILE A 259 19.49 27.10 18.68
C ILE A 259 18.41 26.04 18.66
N ILE A 260 17.16 26.46 18.48
CA ILE A 260 16.02 25.55 18.51
C ILE A 260 15.26 25.66 17.20
N TYR A 261 15.47 24.71 16.29
CA TYR A 261 14.73 24.71 15.03
C TYR A 261 13.35 24.10 15.27
N ASP A 262 12.34 24.67 14.63
CA ASP A 262 10.95 24.36 14.92
C ASP A 262 10.10 24.63 13.69
N ASP A 263 9.85 23.60 12.88
CA ASP A 263 10.49 22.29 12.93
C ASP A 263 11.54 22.19 11.84
N LEU A 264 12.10 20.99 11.64
CA LEU A 264 12.75 20.73 10.37
C LEU A 264 11.81 20.10 9.36
N SER A 265 10.73 19.47 9.81
CA SER A 265 9.79 18.86 8.87
C SER A 265 8.99 19.92 8.12
N LYS A 266 8.68 21.05 8.76
CA LYS A 266 8.03 22.14 8.04
C LYS A 266 8.96 22.75 7.00
N GLN A 267 10.26 22.84 7.31
CA GLN A 267 11.22 23.28 6.31
C GLN A 267 11.33 22.26 5.18
N ALA A 268 11.23 20.97 5.50
CA ALA A 268 11.25 19.94 4.47
C ALA A 268 10.05 20.05 3.56
N GLN A 269 8.88 20.39 4.13
CA GLN A 269 7.69 20.59 3.32
C GLN A 269 7.81 21.83 2.45
N ALA A 270 8.39 22.91 2.99
CA ALA A 270 8.60 24.11 2.19
C ALA A 270 9.58 23.86 1.06
N TYR A 271 10.62 23.06 1.32
CA TYR A 271 11.58 22.73 0.28
C TYR A 271 10.95 21.83 -0.78
N ARG A 272 10.10 20.89 -0.35
CA ARG A 272 9.37 20.08 -1.32
C ARG A 272 8.49 20.95 -2.19
N GLN A 273 7.83 21.95 -1.60
CA GLN A 273 6.97 22.83 -2.39
C GLN A 273 7.77 23.61 -3.40
N MET A 274 8.87 24.23 -2.97
CA MET A 274 9.64 25.05 -3.90
C MET A 274 10.51 24.20 -4.82
N SER A 275 10.51 22.88 -4.62
CA SER A 275 11.21 22.00 -5.55
C SER A 275 10.25 21.43 -6.60
N LEU A 276 9.01 21.17 -6.20
CA LEU A 276 8.02 20.69 -7.16
C LEU A 276 7.43 21.84 -7.97
N LEU A 277 7.57 23.07 -7.47
CA LEU A 277 7.24 24.22 -8.29
C LEU A 277 8.29 24.46 -9.37
N LEU A 278 9.43 23.77 -9.30
CA LEU A 278 10.47 23.86 -10.30
C LEU A 278 10.57 22.61 -11.16
N ARG A 279 9.58 21.72 -11.10
CA ARG A 279 9.47 20.55 -11.96
C ARG A 279 10.68 19.63 -11.78
N ARG A 280 11.15 19.57 -10.55
CA ARG A 280 12.32 18.82 -10.14
C ARG A 280 11.94 17.38 -9.81
N PRO A 281 12.74 16.41 -10.21
CA PRO A 281 12.38 14.99 -10.01
C PRO A 281 12.36 14.63 -8.53
N PRO A 282 11.20 14.32 -7.98
CA PRO A 282 11.09 13.97 -6.57
C PRO A 282 11.19 12.47 -6.36
N GLY A 283 11.10 12.08 -5.08
CA GLY A 283 11.04 10.68 -4.70
C GLY A 283 10.82 10.56 -3.23
N ARG A 284 10.44 9.34 -2.79
CA ARG A 284 10.29 9.03 -1.38
C ARG A 284 9.31 9.97 -0.69
N GLU A 285 8.03 9.89 -1.05
CA GLU A 285 6.96 10.79 -0.62
C GLU A 285 7.13 12.19 -1.19
N ALA A 286 7.51 12.29 -2.47
CA ALA A 286 7.64 13.51 -3.24
C ALA A 286 8.69 14.47 -2.71
N TYR A 287 9.58 14.02 -1.84
CA TYR A 287 10.64 14.91 -1.37
C TYR A 287 11.76 14.95 -2.40
N PRO A 288 12.39 16.11 -2.60
CA PRO A 288 13.43 16.21 -3.62
C PRO A 288 14.66 15.40 -3.24
N GLY A 289 15.59 15.35 -4.17
CA GLY A 289 16.84 14.66 -3.94
C GLY A 289 17.64 15.24 -2.80
N ASP A 290 17.78 16.57 -2.77
CA ASP A 290 18.60 17.21 -1.73
C ASP A 290 17.85 17.49 -0.44
N VAL A 291 17.03 16.54 0.03
CA VAL A 291 16.30 16.79 1.26
C VAL A 291 17.09 16.29 2.46
N PHE A 292 18.00 15.35 2.23
CA PHE A 292 18.98 15.04 3.26
C PHE A 292 20.10 16.06 3.25
N TYR A 293 20.47 16.53 2.06
CA TYR A 293 21.51 17.55 1.95
C TYR A 293 21.09 18.83 2.65
N LEU A 294 19.81 19.21 2.50
CA LEU A 294 19.25 20.34 3.23
C LEU A 294 19.54 20.24 4.73
N HIS A 295 19.06 19.17 5.35
CA HIS A 295 19.14 19.06 6.80
C HIS A 295 20.57 18.86 7.25
N SER A 296 21.38 18.12 6.51
CA SER A 296 22.75 17.85 6.93
C SER A 296 23.61 19.11 6.80
N ARG A 297 23.44 19.88 5.73
CA ARG A 297 24.09 21.17 5.63
C ARG A 297 23.72 22.04 6.81
N LEU A 298 22.42 22.12 7.12
CA LEU A 298 21.97 23.00 8.18
C LEU A 298 22.47 22.57 9.55
N LEU A 299 22.55 21.25 9.77
CA LEU A 299 22.78 20.75 11.12
C LEU A 299 24.27 20.57 11.41
N GLU A 300 25.04 20.14 10.42
CA GLU A 300 26.42 19.74 10.70
C GLU A 300 27.32 20.93 10.97
N ARG A 301 26.81 22.15 10.92
CA ARG A 301 27.57 23.31 11.34
C ARG A 301 27.34 23.63 12.81
N ALA A 302 26.78 22.70 13.58
CA ALA A 302 26.65 22.80 15.03
C ALA A 302 27.72 21.92 15.65
N ALA A 303 28.65 22.54 16.36
CA ALA A 303 29.84 21.83 16.82
C ALA A 303 30.24 22.34 18.19
N LYS A 304 30.96 21.49 18.91
CA LYS A 304 31.77 21.94 20.04
C LYS A 304 33.14 22.23 19.46
N LEU A 305 33.44 23.51 19.28
CA LEU A 305 34.65 23.91 18.58
C LEU A 305 35.90 23.43 19.31
N SER A 306 37.02 23.45 18.60
CA SER A 306 38.29 23.06 19.19
C SER A 306 38.75 24.12 20.18
N SER A 307 39.79 23.76 20.94
CA SER A 307 40.33 24.70 21.91
C SER A 307 41.15 25.78 21.25
N LEU A 308 41.55 25.57 20.00
CA LEU A 308 42.26 26.61 19.27
C LEU A 308 41.31 27.72 18.82
N LEU A 309 40.12 27.35 18.36
CA LEU A 309 39.19 28.34 17.83
C LEU A 309 38.32 28.96 18.92
N GLY A 310 38.63 28.74 20.19
CA GLY A 310 37.95 29.44 21.26
C GLY A 310 36.91 28.66 22.04
N GLU A 311 36.72 27.39 21.67
CA GLU A 311 35.85 26.45 22.39
C GLU A 311 34.36 26.83 22.33
N GLY A 312 34.01 27.89 21.62
CA GLY A 312 32.61 28.26 21.51
C GLY A 312 31.81 27.22 20.75
N SER A 313 30.67 26.84 21.33
CA SER A 313 29.92 25.71 20.82
C SER A 313 28.48 26.12 20.54
N MET A 314 27.91 25.58 19.47
CA MET A 314 26.53 25.84 19.09
C MET A 314 25.76 24.53 19.27
N THR A 315 24.98 24.45 20.33
CA THR A 315 24.07 23.32 20.51
C THR A 315 22.82 23.56 19.65
N ALA A 316 22.39 22.53 18.93
CA ALA A 316 21.17 22.60 18.14
C ALA A 316 20.20 21.54 18.63
N LEU A 317 18.96 21.94 18.89
CA LEU A 317 17.90 21.04 19.29
C LEU A 317 16.75 21.15 18.30
N PRO A 318 16.86 20.53 17.13
CA PRO A 318 15.77 20.58 16.16
C PRO A 318 14.57 19.78 16.61
N ILE A 319 13.41 20.16 16.09
CA ILE A 319 12.14 19.50 16.39
C ILE A 319 11.61 18.87 15.11
N VAL A 320 10.98 17.69 15.25
CA VAL A 320 10.38 16.98 14.13
C VAL A 320 9.03 16.44 14.59
N GLU A 321 8.02 16.59 13.74
CA GLU A 321 6.68 16.09 14.02
C GLU A 321 6.45 14.79 13.27
N THR A 322 5.76 13.86 13.91
CA THR A 322 5.43 12.57 13.31
C THR A 322 3.93 12.35 13.34
N GLN A 323 3.39 11.85 12.22
CA GLN A 323 1.98 11.49 12.12
C GLN A 323 1.84 10.00 12.43
N ALA A 324 0.97 9.70 13.41
CA ALA A 324 0.73 8.33 13.89
C ALA A 324 2.02 7.66 14.39
N GLY A 325 2.95 8.47 14.90
CA GLY A 325 4.20 7.96 15.43
C GLY A 325 5.07 7.30 14.38
N ASP A 326 5.07 7.86 13.16
CA ASP A 326 5.82 7.29 12.04
C ASP A 326 7.27 7.76 12.10
N VAL A 327 8.03 7.15 13.01
CA VAL A 327 9.46 7.39 13.08
C VAL A 327 10.14 6.88 11.82
N SER A 328 9.67 5.78 11.25
CA SER A 328 10.21 5.20 10.03
C SER A 328 9.86 6.02 8.79
N ALA A 329 9.30 7.21 8.95
CA ALA A 329 9.04 8.08 7.82
C ALA A 329 10.35 8.66 7.30
N TYR A 330 10.28 9.23 6.10
CA TYR A 330 11.49 9.66 5.39
C TYR A 330 12.23 10.75 6.16
N ILE A 331 11.53 11.81 6.53
CA ILE A 331 12.17 12.95 7.17
C ILE A 331 12.56 12.64 8.62
N PRO A 332 11.72 11.96 9.42
CA PRO A 332 12.22 11.51 10.73
C PRO A 332 13.46 10.64 10.66
N THR A 333 13.50 9.63 9.79
CA THR A 333 14.70 8.81 9.74
C THR A 333 15.91 9.57 9.20
N ASN A 334 15.69 10.51 8.28
CA ASN A 334 16.79 11.33 7.79
C ASN A 334 17.37 12.19 8.90
N VAL A 335 16.51 12.88 9.65
CA VAL A 335 16.98 13.71 10.75
C VAL A 335 17.66 12.86 11.82
N ILE A 336 17.09 11.69 12.12
CA ILE A 336 17.70 10.78 13.09
C ILE A 336 19.12 10.39 12.65
N SER A 337 19.31 10.20 11.34
CA SER A 337 20.64 9.82 10.86
C SER A 337 21.62 10.98 10.86
N ILE A 338 21.17 12.18 11.29
CA ILE A 338 22.07 13.31 11.40
C ILE A 338 22.35 13.62 12.87
N THR A 339 21.30 13.81 13.66
CA THR A 339 21.47 14.30 15.03
C THR A 339 22.17 13.26 15.90
N ASP A 340 22.58 13.70 17.09
CA ASP A 340 23.33 12.87 18.02
C ASP A 340 22.44 12.14 19.01
N GLY A 341 21.18 11.94 18.67
CA GLY A 341 20.26 11.29 19.59
C GLY A 341 18.85 11.60 19.15
N GLN A 342 17.92 11.32 20.05
CA GLN A 342 16.53 11.69 19.85
C GLN A 342 15.85 11.72 21.21
N ILE A 343 14.95 12.67 21.39
CA ILE A 343 14.11 12.73 22.58
C ILE A 343 12.69 12.55 22.11
N PHE A 344 12.23 11.31 22.10
CA PHE A 344 10.91 10.96 21.55
C PHE A 344 9.84 11.22 22.59
N LEU A 345 8.94 12.15 22.31
CA LEU A 345 7.77 12.38 23.14
C LEU A 345 6.65 11.46 22.67
N SER A 346 5.73 11.15 23.59
CA SER A 346 4.72 10.14 23.35
C SER A 346 3.33 10.74 23.49
N ALA A 347 2.47 10.45 22.52
CA ALA A 347 1.12 11.01 22.56
C ALA A 347 0.30 10.36 23.66
N ASP A 348 0.44 9.05 23.84
CA ASP A 348 -0.30 8.35 24.89
C ASP A 348 0.17 8.79 26.29
N LEU A 349 1.48 8.95 26.46
CA LEU A 349 2.00 9.45 27.73
C LEU A 349 1.53 10.88 28.01
N PHE A 350 1.58 11.72 26.99
CA PHE A 350 1.19 13.12 27.17
C PHE A 350 -0.32 13.24 27.40
N ASN A 351 -1.09 12.34 26.81
CA ASN A 351 -2.54 12.38 26.98
C ASN A 351 -2.97 11.63 28.23
N ALA A 352 -2.06 10.91 28.87
CA ALA A 352 -2.35 10.25 30.13
C ALA A 352 -1.98 11.11 31.34
N GLY A 353 -1.29 12.22 31.13
CA GLY A 353 -0.96 13.13 32.21
C GLY A 353 0.49 13.16 32.63
N ILE A 354 1.34 12.31 32.05
CA ILE A 354 2.75 12.23 32.44
C ILE A 354 3.51 13.24 31.58
N ARG A 355 3.53 14.50 32.02
CA ARG A 355 4.13 15.60 31.29
C ARG A 355 5.38 16.08 32.00
N PRO A 356 6.51 16.23 31.32
CA PRO A 356 6.71 15.94 29.89
C PRO A 356 6.82 14.46 29.57
N ALA A 357 6.53 14.12 28.32
CA ALA A 357 6.29 12.74 27.90
C ALA A 357 7.53 12.07 27.34
N ILE A 358 8.72 12.40 27.85
CA ILE A 358 9.95 11.77 27.37
C ILE A 358 9.85 10.26 27.53
N ASN A 359 9.98 9.55 26.42
CA ASN A 359 9.98 8.10 26.40
C ASN A 359 11.41 7.61 26.55
N VAL A 360 11.87 7.45 27.79
CA VAL A 360 13.27 7.14 28.05
C VAL A 360 13.62 5.72 27.59
N GLY A 361 12.64 4.96 27.13
CA GLY A 361 12.93 3.65 26.60
C GLY A 361 13.68 3.72 25.28
N ILE A 362 13.36 4.73 24.46
CA ILE A 362 13.93 4.84 23.13
C ILE A 362 14.72 6.13 22.95
N SER A 363 14.68 7.03 23.92
CA SER A 363 15.41 8.29 23.84
C SER A 363 16.83 8.08 24.34
N VAL A 364 17.79 8.73 23.70
CA VAL A 364 19.19 8.40 23.87
C VAL A 364 20.03 9.67 23.80
N SER A 365 21.25 9.60 24.33
CA SER A 365 22.26 10.63 24.13
C SER A 365 23.58 9.92 23.86
N ARG A 366 24.15 10.18 22.69
CA ARG A 366 25.37 9.50 22.29
C ARG A 366 26.60 9.98 23.05
N VAL A 367 26.58 11.19 23.60
CA VAL A 367 27.74 11.73 24.30
C VAL A 367 27.30 12.10 25.71
N GLY A 368 26.38 11.30 26.26
CA GLY A 368 25.73 11.67 27.50
C GLY A 368 26.66 11.77 28.69
N SER A 369 27.34 10.67 29.03
CA SER A 369 28.02 10.56 30.32
C SER A 369 29.11 11.62 30.49
N ALA A 370 29.69 12.06 29.39
CA ALA A 370 30.67 13.14 29.48
C ALA A 370 30.00 14.47 29.78
N ALA A 371 28.71 14.59 29.48
CA ALA A 371 28.01 15.85 29.70
C ALA A 371 27.46 15.93 31.12
N GLN A 372 26.93 14.83 31.64
CA GLN A 372 26.48 14.82 33.03
C GLN A 372 27.62 15.16 33.97
N ILE A 373 27.28 15.88 35.04
CA ILE A 373 28.26 16.19 36.05
C ILE A 373 28.47 14.98 36.95
N LYS A 374 29.50 15.04 37.78
CA LYS A 374 29.86 13.91 38.61
C LYS A 374 28.79 13.61 39.67
N ALA A 375 28.05 14.63 40.09
CA ALA A 375 26.93 14.40 41.00
C ALA A 375 25.80 13.64 40.30
N MET A 376 25.29 14.21 39.21
CA MET A 376 24.17 13.63 38.49
C MET A 376 24.48 12.23 37.99
N LYS A 377 25.71 11.99 37.54
CA LYS A 377 26.08 10.67 37.04
C LYS A 377 25.85 9.60 38.09
N LYS A 378 26.46 9.77 39.26
CA LYS A 378 26.38 8.73 40.29
C LYS A 378 25.00 8.72 40.94
N VAL A 379 24.25 9.82 40.85
CA VAL A 379 22.93 9.84 41.46
C VAL A 379 21.92 9.13 40.55
N ALA A 380 22.09 9.25 39.24
CA ALA A 380 21.18 8.62 38.29
C ALA A 380 21.59 7.21 37.90
N GLY A 381 22.82 6.79 38.24
CA GLY A 381 23.25 5.43 37.94
C GLY A 381 22.33 4.37 38.52
N LYS A 382 21.61 4.70 39.59
CA LYS A 382 20.59 3.82 40.11
C LYS A 382 19.26 4.04 39.41
N LEU A 383 18.91 5.32 39.16
CA LEU A 383 17.59 5.68 38.64
C LEU A 383 17.34 5.05 37.28
N LYS A 384 18.36 5.01 36.42
CA LYS A 384 18.14 4.48 35.08
C LYS A 384 17.80 3.00 35.10
N LEU A 385 18.51 2.20 35.90
CA LEU A 385 18.18 0.77 35.94
C LEU A 385 16.85 0.55 36.65
N GLU A 386 16.55 1.37 37.67
CA GLU A 386 15.22 1.35 38.25
C GLU A 386 14.15 1.54 37.18
N LEU A 387 14.30 2.57 36.35
CA LEU A 387 13.31 2.86 35.31
C LEU A 387 13.26 1.76 34.25
N ALA A 388 14.42 1.21 33.89
CA ALA A 388 14.46 0.13 32.91
C ALA A 388 13.67 -1.07 33.39
N GLN A 389 13.73 -1.35 34.70
CA GLN A 389 12.93 -2.45 35.24
C GLN A 389 11.47 -2.05 35.39
N PHE A 390 11.23 -0.79 35.76
CA PHE A 390 9.86 -0.36 36.01
C PHE A 390 9.05 -0.33 34.73
N ALA A 391 9.69 -0.08 33.58
CA ALA A 391 8.95 -0.14 32.33
C ALA A 391 8.38 -1.54 32.11
N GLU A 392 9.21 -2.56 32.33
CA GLU A 392 8.75 -3.93 32.14
C GLU A 392 7.79 -4.37 33.25
N LEU A 393 7.77 -3.64 34.36
CA LEU A 393 6.79 -4.00 35.40
C LEU A 393 5.44 -3.31 35.21
N GLU A 394 5.44 -1.98 34.99
CA GLU A 394 4.21 -1.31 34.58
C GLU A 394 3.64 -1.92 33.30
N ALA A 395 4.48 -2.56 32.49
CA ALA A 395 3.97 -3.50 31.51
C ALA A 395 3.66 -4.82 32.19
N PHE A 396 2.49 -5.38 31.85
CA PHE A 396 1.94 -6.62 32.44
C PHE A 396 1.97 -6.62 33.97
N ALA A 397 1.89 -5.42 34.57
CA ALA A 397 1.43 -5.30 35.95
C ALA A 397 0.20 -6.17 36.22
N GLN A 398 -0.78 -6.13 35.31
CA GLN A 398 -1.99 -6.92 35.52
C GLN A 398 -1.77 -8.39 35.17
N PHE A 399 -0.92 -8.67 34.19
CA PHE A 399 -0.76 -10.04 33.71
C PHE A 399 0.04 -10.90 34.67
N ALA A 400 1.01 -10.31 35.38
CA ALA A 400 1.84 -11.09 36.29
C ALA A 400 1.00 -11.72 37.40
N SER A 401 -0.01 -10.99 37.88
CA SER A 401 -1.04 -11.48 38.79
C SER A 401 -0.51 -11.82 40.18
N ASP A 402 0.80 -11.70 40.39
CA ASP A 402 1.40 -11.90 41.71
C ASP A 402 2.06 -10.60 42.15
N LEU A 403 1.58 -10.03 43.25
CA LEU A 403 2.17 -8.84 43.85
C LEU A 403 3.20 -9.29 44.88
N ASP A 404 4.28 -9.88 44.37
CA ASP A 404 5.25 -10.54 45.23
C ASP A 404 6.20 -9.52 45.86
N LYS A 405 7.28 -10.02 46.47
CA LYS A 405 8.26 -9.18 47.13
C LYS A 405 8.87 -8.18 46.15
N ALA A 406 9.06 -8.59 44.90
CA ALA A 406 9.70 -7.73 43.91
C ALA A 406 8.68 -6.86 43.20
N THR A 407 7.63 -7.48 42.65
CA THR A 407 6.71 -6.81 41.73
C THR A 407 6.03 -5.59 42.32
N GLN A 408 5.21 -5.76 43.36
CA GLN A 408 4.40 -4.64 43.83
C GLN A 408 5.25 -3.55 44.47
N ASN A 409 6.33 -3.95 45.14
CA ASN A 409 7.24 -2.97 45.73
C ASN A 409 7.88 -2.10 44.65
N GLN A 410 8.47 -2.75 43.64
CA GLN A 410 9.10 -2.02 42.55
C GLN A 410 8.06 -1.21 41.76
N LEU A 411 6.83 -1.71 41.71
CA LEU A 411 5.77 -1.01 40.98
C LEU A 411 5.37 0.27 41.70
N ALA A 412 5.26 0.22 43.02
CA ALA A 412 4.91 1.43 43.77
C ALA A 412 6.05 2.43 43.71
N ARG A 413 7.29 1.95 43.80
CA ARG A 413 8.42 2.87 43.65
C ARG A 413 8.48 3.43 42.23
N GLY A 414 8.05 2.64 41.24
CA GLY A 414 8.04 3.12 39.87
C GLY A 414 7.00 4.18 39.62
N GLN A 415 5.81 3.99 40.19
CA GLN A 415 4.77 5.02 40.06
C GLN A 415 5.19 6.30 40.75
N ARG A 416 5.86 6.18 41.90
CA ARG A 416 6.31 7.39 42.58
C ARG A 416 7.47 8.04 41.83
N LEU A 417 8.33 7.25 41.18
CA LEU A 417 9.37 7.83 40.33
C LEU A 417 8.77 8.49 39.10
N ARG A 418 7.67 7.95 38.58
CA ARG A 418 6.94 8.63 37.52
C ARG A 418 6.42 9.98 38.00
N GLU A 419 5.92 10.04 39.23
CA GLU A 419 5.40 11.31 39.74
C GLU A 419 6.52 12.28 40.13
N LEU A 420 7.74 11.77 40.29
CA LEU A 420 8.90 12.65 40.21
C LEU A 420 9.11 13.18 38.80
N LEU A 421 9.17 12.26 37.82
CA LEU A 421 9.51 12.63 36.44
C LEU A 421 8.51 13.59 35.81
N LYS A 422 7.28 13.64 36.31
CA LYS A 422 6.34 14.65 35.82
C LYS A 422 6.70 16.02 36.38
N GLN A 423 6.48 17.06 35.57
CA GLN A 423 6.94 18.40 35.86
C GLN A 423 6.07 19.40 35.09
N PRO A 424 5.65 20.49 35.71
CA PRO A 424 4.95 21.53 34.94
C PRO A 424 5.93 22.24 34.02
N GLN A 425 5.40 22.86 32.97
CA GLN A 425 6.28 23.52 32.03
C GLN A 425 6.69 24.89 32.58
N SER A 426 7.77 25.42 32.00
CA SER A 426 8.38 26.69 32.45
C SER A 426 8.75 26.62 33.94
N ALA A 427 9.06 25.42 34.41
CA ALA A 427 9.56 25.20 35.76
C ALA A 427 10.84 24.39 35.68
N PRO A 428 11.94 25.00 35.21
CA PRO A 428 13.20 24.25 35.13
C PRO A 428 13.94 24.27 36.46
N LEU A 429 14.05 23.10 37.08
CA LEU A 429 14.84 22.97 38.30
C LEU A 429 16.32 23.11 37.97
N THR A 430 17.04 23.84 38.83
CA THR A 430 18.48 23.91 38.67
C THR A 430 19.12 22.59 39.09
N VAL A 431 20.45 22.51 38.92
CA VAL A 431 21.13 21.22 38.99
C VAL A 431 21.09 20.66 40.41
N GLU A 432 21.20 21.54 41.41
CA GLU A 432 21.10 21.07 42.79
C GLU A 432 19.69 20.58 43.11
N GLU A 433 18.68 21.27 42.57
CA GLU A 433 17.31 20.79 42.70
C GLU A 433 17.18 19.40 42.09
N GLN A 434 17.86 19.17 40.97
CA GLN A 434 17.76 17.88 40.27
C GLN A 434 18.40 16.77 41.08
N VAL A 435 19.64 16.97 41.54
CA VAL A 435 20.34 15.92 42.27
C VAL A 435 19.61 15.63 43.58
N MET A 436 19.04 16.66 44.20
CA MET A 436 18.24 16.45 45.41
C MET A 436 16.98 15.65 45.11
N THR A 437 16.27 16.01 44.05
CA THR A 437 15.02 15.35 43.72
C THR A 437 15.24 13.88 43.36
N ILE A 438 16.37 13.56 42.73
CA ILE A 438 16.62 12.17 42.36
C ILE A 438 17.13 11.39 43.57
N TYR A 439 17.85 12.06 44.47
CA TYR A 439 18.30 11.35 45.66
C TYR A 439 17.14 10.99 46.58
N THR A 440 16.27 11.95 46.87
CA THR A 440 15.14 11.67 47.76
C THR A 440 14.18 10.66 47.13
N GLY A 441 14.36 10.37 45.85
CA GLY A 441 13.49 9.41 45.19
C GLY A 441 14.05 7.99 45.17
N THR A 442 15.28 7.84 44.67
CA THR A 442 15.70 6.54 44.16
C THR A 442 16.22 5.63 45.29
N ASN A 443 15.87 5.91 46.54
CA ASN A 443 16.31 5.05 47.63
C ASN A 443 15.16 4.54 48.50
N GLY A 444 14.01 5.22 48.51
CA GLY A 444 12.89 4.79 49.31
C GLY A 444 12.44 5.78 50.36
N TYR A 445 12.56 7.09 50.11
CA TYR A 445 12.17 8.08 51.11
C TYR A 445 10.73 8.53 50.91
N LEU A 446 10.10 8.13 49.81
CA LEU A 446 8.76 8.62 49.50
C LEU A 446 7.73 7.51 49.32
N ASP A 447 8.13 6.24 49.36
CA ASP A 447 7.17 5.15 49.18
C ASP A 447 6.08 5.18 50.24
N SER A 448 6.36 5.76 51.41
CA SER A 448 5.34 5.90 52.44
C SER A 448 4.30 6.94 52.06
N LEU A 449 4.70 7.96 51.32
CA LEU A 449 3.78 9.04 50.98
C LEU A 449 2.71 8.62 49.99
N GLU A 450 1.78 9.53 49.73
CA GLU A 450 0.75 9.31 48.75
C GLU A 450 1.21 9.79 47.38
N LEU A 451 0.66 9.16 46.34
CA LEU A 451 0.91 9.56 44.97
C LEU A 451 0.61 11.05 44.76
N ASP A 452 -0.41 11.57 45.44
CA ASP A 452 -0.79 12.96 45.24
C ASP A 452 -0.01 13.89 46.16
N GLN A 453 0.50 13.35 47.26
CA GLN A 453 1.40 14.09 48.14
C GLN A 453 2.81 14.21 47.58
N VAL A 454 3.18 13.38 46.60
CA VAL A 454 4.54 13.36 46.08
C VAL A 454 4.97 14.75 45.60
N ARG A 455 4.20 15.34 44.68
CA ARG A 455 4.60 16.59 44.06
C ARG A 455 4.70 17.71 45.09
N LYS A 456 3.66 17.87 45.91
CA LYS A 456 3.65 18.92 46.92
C LYS A 456 4.82 18.76 47.88
N TYR A 457 4.97 17.57 48.47
CA TYR A 457 6.08 17.31 49.38
C TYR A 457 7.43 17.58 48.73
N LEU A 458 7.56 17.28 47.43
CA LEU A 458 8.80 17.58 46.73
C LEU A 458 9.07 19.07 46.69
N VAL A 459 8.05 19.86 46.37
CA VAL A 459 8.17 21.32 46.41
C VAL A 459 8.61 21.79 47.80
N GLU A 460 7.93 21.26 48.83
CA GLU A 460 8.26 21.64 50.21
C GLU A 460 9.71 21.32 50.53
N LEU A 461 10.13 20.08 50.28
CA LEU A 461 11.47 19.65 50.67
C LEU A 461 12.54 20.38 49.89
N ARG A 462 12.29 20.66 48.60
CA ARG A 462 13.27 21.37 47.80
C ARG A 462 13.49 22.79 48.31
N THR A 463 12.39 23.52 48.57
CA THR A 463 12.57 24.84 49.14
C THR A 463 13.09 24.76 50.58
N TYR A 464 12.86 23.63 51.25
CA TYR A 464 13.35 23.42 52.62
C TYR A 464 14.87 23.36 52.62
N VAL A 465 15.45 22.51 51.76
CA VAL A 465 16.90 22.46 51.66
C VAL A 465 17.43 23.76 51.07
N LYS A 466 16.60 24.51 50.34
CA LYS A 466 17.05 25.79 49.81
C LYS A 466 17.27 26.80 50.92
N THR A 467 16.30 26.93 51.83
CA THR A 467 16.39 27.95 52.87
C THR A 467 17.10 27.42 54.11
N ASN A 468 16.55 26.36 54.71
CA ASN A 468 17.00 25.93 56.03
C ASN A 468 18.40 25.33 56.00
N LYS A 469 18.69 24.52 54.99
CA LYS A 469 19.96 23.79 54.90
C LYS A 469 20.71 24.20 53.64
N PRO A 470 21.22 25.44 53.58
CA PRO A 470 21.77 25.94 52.32
C PRO A 470 23.20 25.52 52.03
N GLU A 471 23.73 24.51 52.72
CA GLU A 471 25.05 23.99 52.37
C GLU A 471 25.00 23.10 51.14
N PHE A 472 23.82 22.59 50.80
CA PHE A 472 23.70 21.66 49.69
C PHE A 472 24.13 22.29 48.37
N GLN A 473 23.56 23.45 48.05
CA GLN A 473 23.93 24.15 46.83
C GLN A 473 25.39 24.53 46.85
N GLU A 474 25.91 24.92 48.02
CA GLU A 474 27.30 25.34 48.12
C GLU A 474 28.24 24.20 47.80
N ILE A 475 28.02 23.02 48.40
CA ILE A 475 28.88 21.87 48.16
C ILE A 475 28.77 21.43 46.71
N ILE A 476 27.54 21.41 46.17
CA ILE A 476 27.35 20.97 44.78
C ILE A 476 28.04 21.92 43.82
N SER A 477 27.95 23.22 44.07
CA SER A 477 28.52 24.20 43.14
C SER A 477 30.03 24.26 43.27
N SER A 478 30.55 24.13 44.49
CA SER A 478 31.99 24.16 44.69
C SER A 478 32.66 22.92 44.13
N THR A 479 32.30 21.74 44.66
CA THR A 479 33.04 20.54 44.33
C THR A 479 32.63 19.97 42.99
N LYS A 480 31.39 20.26 42.56
CA LYS A 480 30.73 19.76 41.35
C LYS A 480 30.44 18.27 41.44
N THR A 481 30.76 17.62 42.55
CA THR A 481 30.48 16.21 42.75
C THR A 481 29.51 16.08 43.92
N PHE A 482 29.13 14.84 44.22
CA PHE A 482 28.25 14.55 45.36
C PHE A 482 29.12 13.93 46.45
N THR A 483 29.19 14.62 47.59
CA THR A 483 30.09 14.23 48.65
C THR A 483 29.28 13.80 49.89
N GLU A 484 29.97 13.26 50.88
CA GLU A 484 29.28 12.61 52.00
C GLU A 484 28.73 13.63 52.98
N GLU A 485 29.43 14.76 53.18
CA GLU A 485 28.88 15.81 54.02
C GLU A 485 27.58 16.33 53.44
N ALA A 486 27.55 16.60 52.14
CA ALA A 486 26.33 17.06 51.50
C ALA A 486 25.24 16.00 51.55
N GLU A 487 25.62 14.74 51.35
CA GLU A 487 24.65 13.65 51.41
C GLU A 487 24.03 13.56 52.80
N ALA A 488 24.85 13.70 53.84
CA ALA A 488 24.35 13.63 55.20
C ALA A 488 23.46 14.82 55.53
N LEU A 489 23.82 16.01 55.06
CA LEU A 489 22.97 17.18 55.26
C LEU A 489 21.62 16.99 54.58
N LEU A 490 21.64 16.46 53.35
CA LEU A 490 20.40 16.21 52.63
C LEU A 490 19.55 15.17 53.34
N LYS A 491 20.19 14.11 53.87
CA LYS A 491 19.45 13.06 54.56
C LYS A 491 18.81 13.59 55.83
N GLU A 492 19.55 14.41 56.58
CA GLU A 492 18.98 15.01 57.78
C GLU A 492 17.81 15.92 57.44
N ALA A 493 17.95 16.73 56.38
CA ALA A 493 16.82 17.54 55.93
C ALA A 493 15.65 16.68 55.46
N ILE A 494 15.94 15.51 54.89
CA ILE A 494 14.89 14.59 54.43
C ILE A 494 14.09 14.11 55.62
N GLN A 495 14.79 13.63 56.66
CA GLN A 495 14.10 13.14 57.84
C GLN A 495 13.34 14.25 58.55
N GLU A 496 13.92 15.45 58.58
CA GLU A 496 13.27 16.60 59.19
C GLU A 496 11.97 16.95 58.48
N GLN A 497 12.01 17.09 57.16
CA GLN A 497 10.78 17.42 56.43
C GLN A 497 9.81 16.25 56.41
N MET A 498 10.32 15.03 56.59
CA MET A 498 9.43 13.87 56.59
C MET A 498 8.61 13.82 57.88
N GLU A 499 9.25 14.04 59.02
CA GLU A 499 8.48 14.18 60.25
C GLU A 499 7.62 15.44 60.25
N ARG A 500 8.11 16.55 59.69
CA ARG A 500 7.34 17.79 59.71
C ARG A 500 6.13 17.72 58.79
N PHE A 501 6.16 16.85 57.79
CA PHE A 501 5.04 16.79 56.86
C PHE A 501 3.90 15.96 57.45
N LEU A 502 3.52 16.31 58.67
CA LEU A 502 2.32 15.75 59.28
C LEU A 502 1.09 16.46 58.74
N LEU A 503 1.05 17.78 58.88
CA LEU A 503 -0.02 18.61 58.32
C LEU A 503 0.54 19.98 57.99
N ILE B 4 10.73 21.70 -34.49
CA ILE B 4 10.01 20.50 -34.08
C ILE B 4 8.75 20.95 -33.32
N ARG B 5 7.91 21.74 -33.99
CA ARG B 5 6.75 22.36 -33.34
C ARG B 5 5.47 21.94 -34.05
N ALA B 6 4.42 21.81 -33.26
CA ALA B 6 3.08 21.62 -33.82
C ALA B 6 2.59 22.93 -34.41
N ASP B 7 1.57 22.82 -35.27
CA ASP B 7 0.89 23.92 -35.99
C ASP B 7 1.78 24.49 -37.08
N GLU B 8 3.06 24.10 -37.16
CA GLU B 8 4.01 24.65 -38.12
C GLU B 8 4.34 23.54 -39.12
N ILE B 9 3.60 23.53 -40.23
CA ILE B 9 3.55 22.38 -41.12
C ILE B 9 4.35 22.65 -42.40
N SER B 10 5.01 23.82 -42.49
CA SER B 10 5.82 24.24 -43.64
C SER B 10 4.96 24.43 -44.89
N LYS B 11 3.65 24.27 -44.76
CA LYS B 11 2.74 24.76 -45.79
C LYS B 11 1.99 25.97 -45.28
N ILE B 12 1.67 25.99 -43.99
CA ILE B 12 1.06 27.18 -43.39
C ILE B 12 2.03 28.33 -43.41
N ILE B 13 3.32 28.06 -43.16
CA ILE B 13 4.33 29.10 -43.24
C ILE B 13 4.40 29.63 -44.67
N ARG B 14 4.21 28.75 -45.66
CA ARG B 14 4.14 29.21 -47.04
C ARG B 14 2.96 30.16 -47.25
N GLU B 15 1.77 29.76 -46.78
CA GLU B 15 0.60 30.60 -46.96
C GLU B 15 0.74 31.94 -46.25
N ARG B 16 1.42 31.95 -45.11
CA ARG B 16 1.62 33.21 -44.40
C ARG B 16 2.68 34.06 -45.09
N ILE B 17 3.73 33.44 -45.63
CA ILE B 17 4.73 34.19 -46.40
C ILE B 17 4.08 34.85 -47.60
N GLU B 18 3.12 34.18 -48.23
CA GLU B 18 2.35 34.82 -49.28
C GLU B 18 1.49 35.96 -48.74
N GLY B 19 0.69 35.69 -47.71
CA GLY B 19 -0.29 36.65 -47.24
C GLY B 19 -0.06 37.28 -45.88
N TYR B 20 1.18 37.70 -45.58
CA TYR B 20 1.50 38.15 -44.23
C TYR B 20 1.01 39.57 -43.97
N ASN B 21 0.72 40.34 -45.03
CA ASN B 21 0.73 41.80 -45.02
C ASN B 21 0.27 42.40 -43.69
N ARG B 22 -0.90 41.98 -43.22
CA ARG B 22 -1.29 42.16 -41.83
C ARG B 22 -2.14 40.96 -41.42
N GLU B 23 -2.23 40.75 -40.11
CA GLU B 23 -2.88 39.54 -39.60
C GLU B 23 -4.39 39.68 -39.73
N VAL B 24 -4.96 38.91 -40.65
CA VAL B 24 -6.35 39.05 -41.05
C VAL B 24 -7.15 37.90 -40.47
N LYS B 25 -8.43 38.17 -40.20
CA LYS B 25 -9.33 37.14 -39.68
C LYS B 25 -9.47 35.99 -40.67
N VAL B 26 -9.40 34.77 -40.15
CA VAL B 26 -9.37 33.57 -40.97
C VAL B 26 -10.42 32.56 -40.49
N VAL B 27 -11.47 33.05 -39.82
CA VAL B 27 -12.42 32.17 -39.15
C VAL B 27 -13.32 31.48 -40.17
N ASN B 28 -13.56 32.14 -41.30
CA ASN B 28 -14.30 31.52 -42.40
C ASN B 28 -13.74 30.14 -42.76
N THR B 29 -12.42 29.99 -42.73
CA THR B 29 -11.78 28.74 -43.09
C THR B 29 -11.27 28.01 -41.85
N GLY B 30 -10.62 26.88 -42.09
CA GLY B 30 -9.96 26.09 -41.08
C GLY B 30 -9.43 24.82 -41.74
N THR B 31 -8.20 24.44 -41.44
CA THR B 31 -7.61 23.27 -42.05
C THR B 31 -7.23 22.25 -40.98
N VAL B 32 -7.08 21.00 -41.41
CA VAL B 32 -6.77 19.88 -40.53
C VAL B 32 -5.26 19.63 -40.58
N LEU B 33 -4.57 19.92 -39.48
CA LEU B 33 -3.13 19.70 -39.44
C LEU B 33 -2.79 18.26 -39.06
N GLN B 34 -3.16 17.85 -37.85
CA GLN B 34 -2.82 16.55 -37.32
C GLN B 34 -4.11 15.86 -36.90
N VAL B 35 -4.25 14.59 -37.27
CA VAL B 35 -5.46 13.83 -36.97
C VAL B 35 -5.05 12.40 -36.62
N GLY B 36 -5.54 11.92 -35.48
CA GLY B 36 -5.28 10.55 -35.06
C GLY B 36 -5.95 10.28 -33.74
N ASP B 37 -6.26 8.99 -33.53
CA ASP B 37 -6.92 8.45 -32.34
C ASP B 37 -8.05 9.32 -31.78
N GLY B 38 -8.93 9.79 -32.66
CA GLY B 38 -10.16 10.42 -32.22
C GLY B 38 -10.11 11.92 -32.03
N ILE B 39 -8.96 12.57 -32.20
CA ILE B 39 -8.84 14.01 -32.09
C ILE B 39 -8.24 14.55 -33.38
N ALA B 40 -8.33 15.86 -33.57
CA ALA B 40 -7.75 16.53 -34.72
C ALA B 40 -7.40 17.96 -34.37
N ARG B 41 -6.14 18.33 -34.55
CA ARG B 41 -5.69 19.70 -34.37
C ARG B 41 -6.04 20.47 -35.63
N ILE B 42 -6.65 21.64 -35.46
CA ILE B 42 -7.26 22.38 -36.56
C ILE B 42 -6.69 23.78 -36.56
N HIS B 43 -6.29 24.26 -37.74
CA HIS B 43 -5.81 25.63 -37.87
C HIS B 43 -6.98 26.57 -38.11
N GLY B 44 -6.72 27.86 -38.04
CA GLY B 44 -7.75 28.85 -38.28
C GLY B 44 -8.81 28.82 -37.20
N LEU B 45 -10.04 29.18 -37.59
CA LEU B 45 -11.19 29.22 -36.67
C LEU B 45 -10.87 30.09 -35.46
N ASP B 46 -10.64 31.38 -35.72
CA ASP B 46 -10.17 32.27 -34.66
C ASP B 46 -11.34 32.86 -33.88
N GLU B 47 -12.57 32.66 -34.34
CA GLU B 47 -13.72 33.14 -33.61
C GLU B 47 -14.63 32.01 -33.13
N VAL B 48 -14.18 30.76 -33.25
CA VAL B 48 -14.98 29.64 -32.77
C VAL B 48 -15.01 29.67 -31.26
N MET B 49 -16.16 29.32 -30.70
CA MET B 49 -16.31 29.27 -29.25
C MET B 49 -15.66 28.01 -28.70
N ALA B 50 -15.68 27.88 -27.38
CA ALA B 50 -15.37 26.61 -26.76
C ALA B 50 -16.63 25.76 -26.69
N GLY B 51 -16.53 24.50 -27.09
CA GLY B 51 -17.68 23.64 -27.15
C GLY B 51 -18.46 23.72 -28.44
N GLU B 52 -18.08 24.59 -29.36
CA GLU B 52 -18.82 24.74 -30.60
C GLU B 52 -18.58 23.56 -31.52
N LEU B 53 -19.67 23.03 -32.09
CA LEU B 53 -19.55 22.01 -33.11
C LEU B 53 -18.79 22.56 -34.31
N VAL B 54 -17.73 21.86 -34.71
CA VAL B 54 -17.02 22.18 -35.94
C VAL B 54 -17.15 20.98 -36.85
N GLU B 55 -17.52 21.23 -38.10
CA GLU B 55 -17.95 20.18 -39.02
C GLU B 55 -16.85 19.93 -40.03
N PHE B 56 -16.21 18.78 -39.92
CA PHE B 56 -15.19 18.41 -40.88
C PHE B 56 -15.85 18.10 -42.22
N GLU B 57 -15.15 18.42 -43.30
CA GLU B 57 -15.54 17.93 -44.60
C GLU B 57 -15.53 16.41 -44.58
N GLU B 58 -16.46 15.81 -45.35
CA GLU B 58 -16.90 14.41 -45.39
C GLU B 58 -17.95 14.09 -44.33
N GLY B 59 -18.29 15.05 -43.46
CA GLY B 59 -19.43 14.87 -42.58
C GLY B 59 -19.11 14.56 -41.13
N THR B 60 -17.84 14.57 -40.74
CA THR B 60 -17.49 14.19 -39.37
C THR B 60 -17.59 15.39 -38.42
N ILE B 61 -18.66 15.44 -37.63
CA ILE B 61 -18.81 16.48 -36.63
C ILE B 61 -17.71 16.36 -35.59
N GLY B 62 -17.23 17.53 -35.11
CA GLY B 62 -16.31 17.58 -34.00
C GLY B 62 -16.73 18.69 -33.06
N ILE B 63 -16.07 18.74 -31.90
CA ILE B 63 -16.35 19.76 -30.89
C ILE B 63 -15.03 20.44 -30.52
N ALA B 64 -15.01 21.76 -30.57
CA ALA B 64 -13.81 22.54 -30.27
C ALA B 64 -13.66 22.68 -28.76
N LEU B 65 -12.90 21.75 -28.17
CA LEU B 65 -12.75 21.71 -26.72
C LEU B 65 -11.70 22.67 -26.18
N ASN B 66 -10.43 22.47 -26.54
CA ASN B 66 -9.37 23.33 -26.03
C ASN B 66 -8.79 24.13 -27.19
N LEU B 67 -9.09 25.42 -27.19
CA LEU B 67 -8.55 26.33 -28.17
C LEU B 67 -7.13 26.72 -27.77
N GLU B 68 -6.15 26.32 -28.57
CA GLU B 68 -4.78 26.60 -28.20
C GLU B 68 -4.30 27.84 -28.97
N SER B 69 -3.01 28.13 -28.85
CA SER B 69 -2.38 29.33 -29.40
C SER B 69 -2.75 29.58 -30.86
N ASN B 70 -2.42 28.66 -31.75
CA ASN B 70 -2.75 28.80 -33.16
C ASN B 70 -3.42 27.57 -33.74
N ASN B 71 -3.91 26.66 -32.89
CA ASN B 71 -4.53 25.43 -33.34
C ASN B 71 -5.68 25.08 -32.40
N VAL B 72 -6.73 24.51 -32.97
CA VAL B 72 -7.94 24.18 -32.25
C VAL B 72 -7.97 22.67 -32.04
N GLY B 73 -7.69 22.22 -30.82
CA GLY B 73 -7.79 20.81 -30.51
C GLY B 73 -9.25 20.39 -30.48
N VAL B 74 -9.62 19.42 -31.32
CA VAL B 74 -11.02 19.03 -31.51
C VAL B 74 -11.16 17.54 -31.25
N VAL B 75 -12.13 17.16 -30.41
CA VAL B 75 -12.51 15.77 -30.30
C VAL B 75 -13.45 15.41 -31.44
N LEU B 76 -13.30 14.21 -31.97
CA LEU B 76 -14.06 13.76 -33.13
C LEU B 76 -15.28 13.00 -32.65
N MET B 77 -16.47 13.45 -33.06
CA MET B 77 -17.72 12.82 -32.62
C MET B 77 -17.98 11.54 -33.39
N GLY B 78 -16.95 11.01 -34.04
CA GLY B 78 -17.00 9.69 -34.59
C GLY B 78 -15.59 9.16 -34.77
N ASP B 79 -15.48 8.09 -35.54
CA ASP B 79 -14.18 7.60 -35.95
C ASP B 79 -13.83 8.32 -37.25
N GLY B 80 -12.83 9.20 -37.21
CA GLY B 80 -12.56 9.99 -38.39
C GLY B 80 -11.99 9.16 -39.52
N LEU B 81 -10.71 8.80 -39.41
CA LEU B 81 -10.03 7.80 -40.25
C LEU B 81 -10.20 8.05 -41.75
N MET B 82 -10.81 9.16 -42.13
CA MET B 82 -11.03 9.49 -43.53
C MET B 82 -10.73 10.95 -43.82
N ILE B 83 -10.86 11.83 -42.81
CA ILE B 83 -10.45 13.21 -42.97
C ILE B 83 -8.96 13.28 -43.23
N GLN B 84 -8.59 14.03 -44.26
CA GLN B 84 -7.21 14.13 -44.71
C GLN B 84 -6.59 15.41 -44.19
N GLU B 85 -5.26 15.42 -44.16
CA GLU B 85 -4.54 16.61 -43.74
C GLU B 85 -4.76 17.75 -44.73
N GLY B 86 -5.09 18.92 -44.20
CA GLY B 86 -5.34 20.08 -45.01
C GLY B 86 -6.76 20.20 -45.49
N SER B 87 -7.61 19.21 -45.22
CA SER B 87 -9.02 19.32 -45.57
C SER B 87 -9.67 20.46 -44.81
N SER B 88 -10.69 21.05 -45.42
CA SER B 88 -11.27 22.29 -44.93
C SER B 88 -12.44 21.98 -44.00
N VAL B 89 -12.35 22.48 -42.77
CA VAL B 89 -13.40 22.38 -41.79
C VAL B 89 -14.19 23.68 -41.79
N LYS B 90 -15.50 23.58 -41.58
CA LYS B 90 -16.34 24.74 -41.39
C LYS B 90 -16.86 24.71 -39.96
N ALA B 91 -17.00 25.89 -39.35
CA ALA B 91 -17.68 25.95 -38.08
C ALA B 91 -19.18 25.82 -38.30
N THR B 92 -19.91 25.52 -37.23
CA THR B 92 -21.36 25.41 -37.32
C THR B 92 -22.10 26.51 -36.57
N GLY B 93 -21.61 26.92 -35.40
CA GLY B 93 -22.25 27.94 -34.60
C GLY B 93 -23.07 27.40 -33.45
N ARG B 94 -23.69 26.24 -33.61
CA ARG B 94 -24.47 25.65 -32.55
C ARG B 94 -23.56 25.11 -31.45
N ILE B 95 -24.10 24.98 -30.25
CA ILE B 95 -23.36 24.38 -29.14
C ILE B 95 -24.10 23.15 -28.66
N ALA B 96 -23.84 22.00 -29.28
CA ALA B 96 -24.26 20.70 -28.80
C ALA B 96 -25.71 20.66 -28.33
N GLN B 97 -26.68 20.82 -29.22
CA GLN B 97 -28.08 20.79 -28.82
C GLN B 97 -28.72 19.49 -29.28
N ILE B 98 -29.84 19.14 -28.63
CA ILE B 98 -30.65 18.00 -29.01
C ILE B 98 -32.08 18.48 -29.18
N PRO B 99 -32.79 18.07 -30.24
CA PRO B 99 -34.24 18.28 -30.26
C PRO B 99 -34.89 17.40 -29.21
N VAL B 100 -35.93 17.92 -28.57
CA VAL B 100 -36.57 17.23 -27.46
C VAL B 100 -38.07 17.43 -27.54
N SER B 101 -38.82 16.33 -27.52
CA SER B 101 -40.27 16.36 -27.51
C SER B 101 -40.79 15.23 -26.66
N GLU B 102 -42.10 15.27 -26.39
CA GLU B 102 -42.79 14.20 -25.71
C GLU B 102 -42.77 12.89 -26.51
N ALA B 103 -42.54 12.96 -27.82
CA ALA B 103 -42.53 11.76 -28.64
C ALA B 103 -41.28 10.93 -28.43
N TYR B 104 -40.31 11.43 -27.67
CA TYR B 104 -39.19 10.61 -27.24
C TYR B 104 -39.61 9.51 -26.27
N LEU B 105 -40.75 9.68 -25.60
CA LEU B 105 -41.22 8.68 -24.65
C LEU B 105 -41.44 7.35 -25.35
N GLY B 106 -40.64 6.36 -24.98
CA GLY B 106 -40.85 5.01 -25.46
C GLY B 106 -39.86 4.51 -26.48
N ARG B 107 -38.72 5.17 -26.62
CA ARG B 107 -37.80 4.87 -27.69
C ARG B 107 -36.37 4.74 -27.16
N VAL B 108 -35.50 4.23 -28.01
CA VAL B 108 -34.09 4.07 -27.72
C VAL B 108 -33.32 4.95 -28.68
N ILE B 109 -32.38 5.73 -28.15
CA ILE B 109 -31.63 6.71 -28.94
C ILE B 109 -30.16 6.59 -28.60
N ASN B 110 -29.31 7.04 -29.50
CA ASN B 110 -27.92 7.24 -29.14
C ASN B 110 -27.72 8.65 -28.61
N ALA B 111 -26.49 8.96 -28.19
CA ALA B 111 -26.23 10.22 -27.51
C ALA B 111 -26.37 11.45 -28.41
N LEU B 112 -26.80 11.26 -29.67
CA LEU B 112 -27.16 12.37 -30.53
C LEU B 112 -28.66 12.62 -30.53
N ALA B 113 -29.40 12.00 -29.62
CA ALA B 113 -30.85 11.99 -29.63
C ALA B 113 -31.37 11.62 -31.02
N LYS B 114 -30.83 10.54 -31.57
CA LYS B 114 -31.17 10.02 -32.88
C LYS B 114 -31.48 8.53 -32.75
N PRO B 115 -32.68 8.09 -33.13
CA PRO B 115 -33.15 6.78 -32.67
C PRO B 115 -32.32 5.64 -33.23
N ILE B 116 -32.14 4.60 -32.41
CA ILE B 116 -31.46 3.38 -32.82
C ILE B 116 -32.35 2.16 -32.72
N ASP B 117 -33.62 2.34 -32.32
CA ASP B 117 -34.56 1.23 -32.31
C ASP B 117 -35.10 0.91 -33.70
N GLY B 118 -34.88 1.78 -34.68
CA GLY B 118 -35.28 1.55 -36.04
C GLY B 118 -36.77 1.70 -36.29
N ARG B 119 -37.53 2.18 -35.31
CA ARG B 119 -38.97 2.36 -35.48
C ARG B 119 -39.27 3.51 -36.42
N GLY B 120 -38.80 4.71 -36.10
CA GLY B 120 -39.05 5.85 -36.95
C GLY B 120 -38.51 7.11 -36.31
N GLU B 121 -38.56 8.19 -37.07
CA GLU B 121 -37.99 9.45 -36.62
C GLU B 121 -38.84 10.08 -35.54
N ILE B 122 -38.19 10.84 -34.66
CA ILE B 122 -38.83 11.39 -33.47
C ILE B 122 -39.09 12.87 -33.76
N THR B 123 -40.37 13.19 -33.99
CA THR B 123 -40.74 14.56 -34.31
C THR B 123 -40.63 15.44 -33.08
N ALA B 124 -39.89 16.54 -33.22
CA ALA B 124 -39.67 17.45 -32.11
C ALA B 124 -39.66 18.87 -32.62
N SER B 125 -40.01 19.80 -31.74
CA SER B 125 -40.04 21.21 -32.10
C SER B 125 -39.04 22.02 -31.28
N GLU B 126 -39.11 21.87 -29.96
CA GLU B 126 -38.25 22.65 -29.09
C GLU B 126 -36.93 21.94 -28.86
N SER B 127 -35.84 22.71 -28.90
CA SER B 127 -34.51 22.20 -28.59
C SER B 127 -34.06 22.68 -27.22
N ARG B 128 -33.32 21.83 -26.52
CA ARG B 128 -32.73 22.17 -25.24
C ARG B 128 -31.22 21.95 -25.33
N LEU B 129 -30.45 22.92 -24.85
CA LEU B 129 -29.00 22.79 -24.86
C LEU B 129 -28.58 21.62 -23.98
N ILE B 130 -27.44 21.03 -24.30
CA ILE B 130 -26.96 19.86 -23.56
C ILE B 130 -26.23 20.30 -22.31
N GLU B 131 -25.59 21.46 -22.31
CA GLU B 131 -24.80 21.88 -21.17
C GLU B 131 -25.38 23.13 -20.50
N SER B 132 -26.70 23.15 -20.32
CA SER B 132 -27.36 24.27 -19.66
C SER B 132 -26.93 24.37 -18.19
N PRO B 133 -27.14 25.52 -17.57
CA PRO B 133 -26.82 25.65 -16.15
C PRO B 133 -27.94 25.09 -15.27
N ALA B 134 -27.56 24.71 -14.05
CA ALA B 134 -28.47 24.03 -13.14
C ALA B 134 -29.48 25.01 -12.53
N PRO B 135 -30.54 24.48 -11.91
CA PRO B 135 -31.40 25.34 -11.08
C PRO B 135 -30.62 25.98 -9.94
N GLY B 136 -30.92 27.25 -9.67
CA GLY B 136 -30.11 28.06 -8.79
C GLY B 136 -30.44 27.85 -7.32
N ILE B 137 -29.74 28.64 -6.49
CA ILE B 137 -29.97 28.62 -5.05
C ILE B 137 -31.34 29.14 -4.66
N MET B 138 -31.95 29.99 -5.48
CA MET B 138 -33.28 30.50 -5.22
C MET B 138 -34.26 30.11 -6.31
N SER B 139 -34.20 28.88 -6.79
CA SER B 139 -35.16 28.35 -7.75
C SER B 139 -35.49 26.91 -7.42
N ARG B 140 -35.36 26.55 -6.14
CA ARG B 140 -35.56 25.17 -5.73
C ARG B 140 -36.55 25.13 -4.57
N ARG B 141 -36.84 23.92 -4.13
CA ARG B 141 -37.71 23.68 -3.00
C ARG B 141 -37.12 22.52 -2.21
N SER B 142 -37.27 22.56 -0.89
CA SER B 142 -36.81 21.44 -0.07
C SER B 142 -37.60 20.19 -0.43
N VAL B 143 -36.89 19.05 -0.51
CA VAL B 143 -37.45 17.79 -0.97
C VAL B 143 -38.66 17.41 -0.15
N TYR B 144 -39.75 17.05 -0.83
CA TYR B 144 -41.00 16.75 -0.17
C TYR B 144 -41.54 15.36 -0.44
N GLU B 145 -41.52 14.88 -1.69
CA GLU B 145 -42.42 13.80 -2.02
C GLU B 145 -41.68 12.48 -2.18
N PRO B 146 -42.20 11.42 -1.58
CA PRO B 146 -41.50 10.14 -1.61
C PRO B 146 -41.53 9.51 -2.99
N LEU B 147 -40.36 9.11 -3.47
CA LEU B 147 -40.23 8.30 -4.68
C LEU B 147 -40.14 6.84 -4.21
N GLN B 148 -41.22 6.10 -4.42
CA GLN B 148 -41.26 4.70 -4.01
C GLN B 148 -40.43 3.87 -4.98
N THR B 149 -39.34 3.29 -4.49
CA THR B 149 -38.47 2.47 -5.31
C THR B 149 -38.92 1.03 -5.42
N GLY B 150 -39.82 0.59 -4.54
CA GLY B 150 -40.32 -0.77 -4.57
C GLY B 150 -39.53 -1.72 -3.70
N LEU B 151 -38.43 -1.26 -3.13
CA LEU B 151 -37.65 -2.10 -2.24
C LEU B 151 -37.97 -1.72 -0.80
N ILE B 152 -38.35 -2.72 0.00
CA ILE B 152 -38.66 -2.48 1.41
C ILE B 152 -37.47 -1.81 2.10
N ALA B 153 -36.27 -2.35 1.89
CA ALA B 153 -35.08 -1.86 2.58
C ALA B 153 -34.82 -0.40 2.25
N ILE B 154 -34.82 -0.04 0.96
CA ILE B 154 -34.56 1.34 0.58
C ILE B 154 -35.68 2.26 1.05
N ASP B 155 -36.93 1.92 0.71
CA ASP B 155 -38.06 2.79 1.02
C ASP B 155 -38.28 2.96 2.51
N ALA B 156 -37.66 2.11 3.34
CA ALA B 156 -37.73 2.31 4.78
C ALA B 156 -36.49 3.00 5.34
N MET B 157 -35.30 2.49 5.00
CA MET B 157 -34.08 2.89 5.70
C MET B 157 -33.29 3.95 4.94
N ILE B 158 -33.32 3.92 3.62
CA ILE B 158 -32.64 4.95 2.84
C ILE B 158 -33.72 5.63 2.01
N PRO B 159 -34.55 6.49 2.59
CA PRO B 159 -35.66 7.08 1.83
C PRO B 159 -35.14 8.02 0.76
N VAL B 160 -35.55 7.76 -0.48
CA VAL B 160 -35.21 8.61 -1.60
C VAL B 160 -36.39 9.53 -1.87
N GLY B 161 -36.10 10.76 -2.29
CA GLY B 161 -37.13 11.74 -2.54
C GLY B 161 -37.15 12.16 -3.98
N ARG B 162 -38.00 13.13 -4.31
CA ARG B 162 -38.08 13.65 -5.66
C ARG B 162 -37.27 14.94 -5.73
N GLY B 163 -36.21 14.92 -6.52
CA GLY B 163 -35.22 15.96 -6.48
C GLY B 163 -34.02 15.67 -5.63
N GLN B 164 -33.83 14.42 -5.21
CA GLN B 164 -32.68 14.00 -4.44
C GLN B 164 -31.76 13.18 -5.32
N ARG B 165 -30.46 13.37 -5.15
CA ARG B 165 -29.46 12.73 -6.00
C ARG B 165 -28.87 11.57 -5.23
N GLU B 166 -29.57 10.44 -5.21
CA GLU B 166 -29.19 9.28 -4.43
C GLU B 166 -28.28 8.37 -5.25
N LEU B 167 -27.07 8.16 -4.75
CA LEU B 167 -26.05 7.40 -5.48
C LEU B 167 -26.23 5.91 -5.20
N ILE B 168 -26.12 5.10 -6.25
CA ILE B 168 -26.01 3.64 -6.09
C ILE B 168 -24.55 3.27 -6.33
N ILE B 169 -23.93 2.60 -5.37
CA ILE B 169 -22.51 2.27 -5.42
C ILE B 169 -22.36 0.80 -5.04
N GLY B 170 -21.49 0.10 -5.74
CA GLY B 170 -21.26 -1.30 -5.45
C GLY B 170 -20.05 -1.87 -6.16
N ASP B 171 -19.88 -3.17 -6.07
CA ASP B 171 -18.84 -3.89 -6.77
C ASP B 171 -19.46 -4.52 -8.01
N ARG B 172 -18.67 -5.30 -8.73
CA ARG B 172 -19.18 -6.05 -9.87
C ARG B 172 -20.29 -7.00 -9.44
N GLN B 173 -21.45 -6.86 -10.08
CA GLN B 173 -22.56 -7.83 -10.01
C GLN B 173 -23.19 -7.90 -8.63
N THR B 174 -23.28 -6.77 -7.93
CA THR B 174 -24.00 -6.71 -6.67
C THR B 174 -25.46 -6.34 -6.84
N GLY B 175 -25.89 -5.99 -8.04
CA GLY B 175 -27.28 -5.68 -8.29
C GLY B 175 -27.60 -4.21 -8.47
N LYS B 176 -26.64 -3.41 -8.95
CA LYS B 176 -26.89 -1.98 -9.13
C LYS B 176 -27.95 -1.75 -10.21
N THR B 177 -27.73 -2.29 -11.40
CA THR B 177 -28.74 -2.20 -12.44
C THR B 177 -30.02 -2.93 -12.03
N ALA B 178 -29.90 -3.93 -11.15
CA ALA B 178 -31.09 -4.62 -10.65
C ALA B 178 -31.98 -3.67 -9.86
N VAL B 179 -31.41 -2.94 -8.90
CA VAL B 179 -32.19 -1.98 -8.13
C VAL B 179 -32.70 -0.86 -9.04
N ALA B 180 -31.90 -0.47 -10.05
CA ALA B 180 -32.35 0.58 -10.97
C ALA B 180 -33.61 0.17 -11.72
N THR B 181 -33.57 -1.01 -12.36
CA THR B 181 -34.76 -1.50 -13.07
C THR B 181 -35.91 -1.78 -12.11
N ASP B 182 -35.60 -2.19 -10.87
CA ASP B 182 -36.63 -2.42 -9.88
C ASP B 182 -37.40 -1.12 -9.61
N THR B 183 -36.68 -0.02 -9.44
CA THR B 183 -37.33 1.28 -9.23
C THR B 183 -38.14 1.68 -10.46
N ILE B 184 -37.50 1.64 -11.63
CA ILE B 184 -38.18 2.07 -12.86
C ILE B 184 -39.47 1.29 -13.06
N LEU B 185 -39.43 -0.02 -12.79
CA LEU B 185 -40.61 -0.84 -12.93
C LEU B 185 -41.61 -0.60 -11.81
N ASN B 186 -41.17 -0.12 -10.65
CA ASN B 186 -42.16 0.28 -9.65
C ASN B 186 -42.91 1.52 -10.09
N GLN B 187 -42.27 2.39 -10.85
CA GLN B 187 -42.92 3.68 -11.12
C GLN B 187 -43.84 3.67 -12.32
N GLN B 188 -44.43 2.51 -12.62
CA GLN B 188 -45.54 2.50 -13.57
C GLN B 188 -46.73 3.28 -13.02
N GLY B 189 -47.12 2.99 -11.78
CA GLY B 189 -48.32 3.56 -11.20
C GLY B 189 -48.34 5.07 -11.18
N GLN B 190 -47.50 5.67 -10.35
CA GLN B 190 -47.42 7.12 -10.27
C GLN B 190 -46.81 7.69 -11.55
N ASN B 191 -46.99 9.00 -11.72
CA ASN B 191 -46.73 9.66 -12.99
C ASN B 191 -45.33 10.30 -12.98
N VAL B 192 -44.36 9.51 -13.40
CA VAL B 192 -42.99 9.98 -13.59
C VAL B 192 -42.51 9.52 -14.96
N ILE B 193 -41.53 10.24 -15.50
CA ILE B 193 -40.81 9.80 -16.69
C ILE B 193 -39.49 9.20 -16.26
N CYS B 194 -39.19 8.00 -16.72
CA CYS B 194 -37.94 7.35 -16.38
C CYS B 194 -36.95 7.60 -17.51
N VAL B 195 -35.68 7.80 -17.16
CA VAL B 195 -34.61 7.94 -18.12
C VAL B 195 -33.50 6.98 -17.70
N TYR B 196 -32.94 6.26 -18.66
CA TYR B 196 -31.90 5.29 -18.38
C TYR B 196 -30.77 5.52 -19.38
N VAL B 197 -29.64 6.01 -18.89
CA VAL B 197 -28.51 6.38 -19.72
C VAL B 197 -27.40 5.36 -19.52
N ALA B 198 -27.16 4.55 -20.53
CA ALA B 198 -26.13 3.51 -20.47
C ALA B 198 -24.87 4.06 -21.13
N ILE B 199 -23.75 3.98 -20.42
CA ILE B 199 -22.48 4.52 -20.91
C ILE B 199 -21.47 3.38 -20.96
N GLY B 200 -21.14 2.96 -22.18
CA GLY B 200 -20.09 1.97 -22.34
C GLY B 200 -20.48 0.54 -22.02
N GLN B 201 -21.76 0.22 -22.14
CA GLN B 201 -22.26 -1.12 -21.86
C GLN B 201 -22.48 -1.87 -23.16
N LYS B 202 -22.67 -3.18 -23.03
CA LYS B 202 -22.94 -4.01 -24.20
C LYS B 202 -24.26 -3.65 -24.84
N ALA B 203 -24.28 -3.61 -26.17
CA ALA B 203 -25.54 -3.50 -26.89
C ALA B 203 -26.46 -4.65 -26.54
N SER B 204 -25.90 -5.81 -26.21
CA SER B 204 -26.73 -6.94 -25.80
C SER B 204 -27.37 -6.69 -24.44
N SER B 205 -26.65 -6.03 -23.53
CA SER B 205 -27.24 -5.72 -22.24
C SER B 205 -28.32 -4.64 -22.36
N VAL B 206 -28.08 -3.64 -23.21
CA VAL B 206 -29.12 -2.66 -23.49
C VAL B 206 -30.32 -3.34 -24.14
N ALA B 207 -30.07 -4.35 -24.98
CA ALA B 207 -31.16 -5.08 -25.60
C ALA B 207 -31.96 -5.85 -24.58
N GLN B 208 -31.28 -6.47 -23.61
CA GLN B 208 -31.98 -7.19 -22.56
C GLN B 208 -32.86 -6.25 -21.75
N VAL B 209 -32.32 -5.11 -21.31
CA VAL B 209 -33.10 -4.23 -20.45
C VAL B 209 -34.26 -3.62 -21.23
N VAL B 210 -34.03 -3.29 -22.51
CA VAL B 210 -35.10 -2.68 -23.31
C VAL B 210 -36.21 -3.68 -23.56
N THR B 211 -35.87 -4.92 -23.91
CA THR B 211 -36.87 -5.95 -24.09
C THR B 211 -37.63 -6.20 -22.79
N ASN B 212 -36.94 -6.12 -21.65
CA ASN B 212 -37.60 -6.31 -20.38
C ASN B 212 -38.65 -5.22 -20.14
N PHE B 213 -38.27 -3.95 -20.31
CA PHE B 213 -39.25 -2.88 -20.14
C PHE B 213 -40.40 -3.04 -21.13
N GLN B 214 -40.10 -3.55 -22.33
CA GLN B 214 -41.14 -3.81 -23.31
C GLN B 214 -42.15 -4.82 -22.80
N GLU B 215 -41.68 -6.00 -22.36
CA GLU B 215 -42.65 -7.01 -21.92
C GLU B 215 -43.31 -6.63 -20.60
N ARG B 216 -42.74 -5.67 -19.87
CA ARG B 216 -43.34 -5.25 -18.61
C ARG B 216 -44.37 -4.15 -18.79
N GLY B 217 -44.23 -3.32 -19.81
CA GLY B 217 -45.13 -2.20 -20.00
C GLY B 217 -44.57 -0.86 -19.61
N ALA B 218 -43.40 -0.82 -18.97
CA ALA B 218 -42.81 0.44 -18.52
C ALA B 218 -42.11 1.18 -19.65
N MET B 219 -42.23 0.71 -20.89
CA MET B 219 -41.67 1.47 -22.00
C MET B 219 -42.56 2.64 -22.38
N GLU B 220 -43.76 2.73 -21.81
CA GLU B 220 -44.68 3.81 -22.19
C GLU B 220 -44.23 5.16 -21.66
N TYR B 221 -43.24 5.21 -20.78
CA TYR B 221 -42.82 6.46 -20.16
C TYR B 221 -41.30 6.58 -20.03
N THR B 222 -40.54 5.82 -20.80
CA THR B 222 -39.09 5.77 -20.61
C THR B 222 -38.40 6.17 -21.89
N ILE B 223 -37.22 6.78 -21.77
CA ILE B 223 -36.34 7.04 -22.90
C ILE B 223 -35.00 6.42 -22.56
N VAL B 224 -34.55 5.47 -23.36
CA VAL B 224 -33.35 4.69 -23.06
C VAL B 224 -32.24 5.19 -23.97
N VAL B 225 -31.37 6.04 -23.42
CA VAL B 225 -30.18 6.48 -24.15
C VAL B 225 -29.12 5.38 -24.04
N ALA B 226 -28.50 5.06 -25.16
CA ALA B 226 -27.54 3.95 -25.21
C ALA B 226 -26.26 4.43 -25.89
N GLU B 227 -25.12 4.09 -25.30
CA GLU B 227 -23.82 4.37 -25.89
C GLU B 227 -22.92 3.16 -25.64
N THR B 228 -22.79 2.32 -26.66
CA THR B 228 -22.05 1.08 -26.53
C THR B 228 -20.55 1.37 -26.41
N ALA B 229 -19.79 0.29 -26.18
CA ALA B 229 -18.38 0.44 -25.87
C ALA B 229 -17.57 0.92 -27.07
N ASP B 230 -17.88 0.43 -28.27
CA ASP B 230 -17.13 0.82 -29.46
C ASP B 230 -17.36 2.27 -29.83
N SER B 231 -18.42 2.89 -29.32
CA SER B 231 -18.72 4.28 -29.62
C SER B 231 -17.59 5.19 -29.14
N PRO B 232 -17.45 6.39 -29.72
CA PRO B 232 -16.30 7.24 -29.36
C PRO B 232 -16.39 7.73 -27.92
N ALA B 233 -15.23 8.13 -27.40
CA ALA B 233 -15.16 8.61 -26.03
C ALA B 233 -16.00 9.86 -25.85
N THR B 234 -16.12 10.68 -26.89
CA THR B 234 -16.91 11.90 -26.77
C THR B 234 -18.39 11.59 -26.69
N LEU B 235 -18.84 10.56 -27.40
CA LEU B 235 -20.24 10.17 -27.30
C LEU B 235 -20.53 9.51 -25.96
N GLN B 236 -19.59 8.71 -25.46
CA GLN B 236 -19.76 8.13 -24.13
C GLN B 236 -19.76 9.21 -23.06
N TYR B 237 -19.04 10.30 -23.31
CA TYR B 237 -19.01 11.41 -22.37
C TYR B 237 -20.28 12.25 -22.47
N LEU B 238 -20.83 12.36 -23.67
CA LEU B 238 -21.96 13.25 -23.89
C LEU B 238 -23.30 12.59 -23.63
N ALA B 239 -23.33 11.26 -23.50
CA ALA B 239 -24.57 10.55 -23.20
C ALA B 239 -25.31 11.09 -21.96
N PRO B 240 -24.71 11.15 -20.77
CA PRO B 240 -25.52 11.53 -19.59
C PRO B 240 -26.03 12.95 -19.66
N TYR B 241 -25.35 13.81 -20.42
CA TYR B 241 -25.83 15.18 -20.55
C TYR B 241 -27.01 15.27 -21.50
N THR B 242 -27.04 14.42 -22.51
CA THR B 242 -28.24 14.32 -23.35
C THR B 242 -29.40 13.78 -22.53
N GLY B 243 -29.12 12.78 -21.69
CA GLY B 243 -30.14 12.31 -20.77
C GLY B 243 -30.67 13.41 -19.87
N ALA B 244 -29.76 14.23 -19.33
CA ALA B 244 -30.17 15.30 -18.44
C ALA B 244 -30.96 16.38 -19.18
N ALA B 245 -30.62 16.67 -20.44
CA ALA B 245 -31.37 17.67 -21.18
C ALA B 245 -32.77 17.18 -21.50
N LEU B 246 -32.88 15.97 -22.01
CA LEU B 246 -34.18 15.33 -22.20
C LEU B 246 -34.99 15.36 -20.92
N ALA B 247 -34.36 15.02 -19.79
CA ALA B 247 -35.09 14.92 -18.53
C ALA B 247 -35.51 16.28 -18.02
N GLU B 248 -34.68 17.30 -18.19
CA GLU B 248 -35.06 18.61 -17.65
C GLU B 248 -36.08 19.30 -18.54
N TYR B 249 -36.20 18.91 -19.81
CA TYR B 249 -37.33 19.38 -20.59
C TYR B 249 -38.65 18.93 -19.99
N PHE B 250 -38.73 17.66 -19.59
CA PHE B 250 -39.95 17.17 -18.95
C PHE B 250 -40.08 17.74 -17.55
N MET B 251 -38.95 17.99 -16.88
CA MET B 251 -38.98 18.60 -15.55
C MET B 251 -39.61 19.98 -15.58
N TYR B 252 -39.20 20.82 -16.52
CA TYR B 252 -39.63 22.20 -16.52
C TYR B 252 -41.10 22.33 -16.87
N ARG B 253 -41.69 21.30 -17.46
CA ARG B 253 -43.13 21.25 -17.64
C ARG B 253 -43.83 20.50 -16.52
N GLU B 254 -43.55 20.88 -15.27
CA GLU B 254 -44.26 20.50 -14.05
C GLU B 254 -44.32 18.99 -13.81
N ARG B 255 -43.72 18.19 -14.68
CA ARG B 255 -43.79 16.73 -14.59
C ARG B 255 -42.60 16.23 -13.79
N HIS B 256 -42.71 14.99 -13.30
CA HIS B 256 -41.64 14.42 -12.51
C HIS B 256 -40.83 13.42 -13.32
N THR B 257 -39.53 13.40 -13.08
CA THR B 257 -38.61 12.59 -13.85
C THR B 257 -37.75 11.75 -12.92
N LEU B 258 -37.18 10.69 -13.47
CA LEU B 258 -36.14 9.91 -12.81
C LEU B 258 -35.14 9.50 -13.88
N ILE B 259 -33.85 9.66 -13.59
CA ILE B 259 -32.79 9.41 -14.56
C ILE B 259 -31.77 8.47 -13.94
N ILE B 260 -31.26 7.54 -14.74
CA ILE B 260 -30.34 6.51 -14.26
C ILE B 260 -29.02 6.59 -15.02
N TYR B 261 -28.00 7.19 -14.43
CA TYR B 261 -26.68 7.17 -15.04
C TYR B 261 -25.98 5.86 -14.72
N ASP B 262 -25.87 4.99 -15.70
CA ASP B 262 -25.38 3.62 -15.49
C ASP B 262 -24.29 3.33 -16.51
N ASP B 263 -23.05 3.66 -16.19
CA ASP B 263 -22.66 4.31 -14.94
C ASP B 263 -22.04 5.67 -15.21
N LEU B 264 -21.53 6.33 -14.17
CA LEU B 264 -20.72 7.52 -14.38
C LEU B 264 -19.24 7.21 -14.44
N SER B 265 -18.83 6.01 -14.01
CA SER B 265 -17.43 5.63 -14.06
C SER B 265 -16.94 5.60 -15.51
N LYS B 266 -17.74 5.07 -16.42
CA LYS B 266 -17.33 5.02 -17.81
C LYS B 266 -17.36 6.41 -18.44
N GLN B 267 -18.24 7.29 -17.97
CA GLN B 267 -18.21 8.68 -18.44
C GLN B 267 -16.91 9.35 -18.01
N ALA B 268 -16.50 9.13 -16.78
CA ALA B 268 -15.23 9.70 -16.32
C ALA B 268 -14.06 9.08 -17.05
N GLN B 269 -14.15 7.80 -17.41
CA GLN B 269 -13.06 7.17 -18.15
C GLN B 269 -12.97 7.69 -19.58
N ALA B 270 -14.11 7.95 -20.22
CA ALA B 270 -14.06 8.60 -21.52
C ALA B 270 -13.48 10.00 -21.40
N TYR B 271 -13.82 10.71 -20.33
CA TYR B 271 -13.30 12.06 -20.16
C TYR B 271 -11.79 12.05 -19.97
N ARG B 272 -11.28 11.14 -19.15
CA ARG B 272 -9.84 11.07 -18.94
C ARG B 272 -9.13 10.62 -20.22
N GLN B 273 -9.77 9.75 -20.99
CA GLN B 273 -9.19 9.35 -22.28
C GLN B 273 -9.04 10.56 -23.19
N MET B 274 -10.09 11.34 -23.36
CA MET B 274 -10.02 12.51 -24.23
C MET B 274 -9.01 13.53 -23.72
N SER B 275 -8.98 13.75 -22.41
CA SER B 275 -8.11 14.77 -21.84
C SER B 275 -6.65 14.37 -21.97
N LEU B 276 -6.35 13.08 -21.81
CA LEU B 276 -4.98 12.62 -22.04
C LEU B 276 -4.65 12.65 -23.53
N LEU B 277 -5.66 12.45 -24.38
CA LEU B 277 -5.40 12.33 -25.81
C LEU B 277 -5.09 13.68 -26.43
N LEU B 278 -5.80 14.73 -26.03
CA LEU B 278 -5.44 16.06 -26.47
C LEU B 278 -4.57 16.80 -25.46
N ARG B 279 -3.75 16.07 -24.70
CA ARG B 279 -2.62 16.60 -23.94
C ARG B 279 -3.09 17.62 -22.89
N ARG B 280 -3.83 17.10 -21.92
CA ARG B 280 -4.20 17.88 -20.75
C ARG B 280 -3.58 17.26 -19.51
N PRO B 281 -3.18 18.06 -18.52
CA PRO B 281 -2.39 17.55 -17.41
C PRO B 281 -3.18 16.57 -16.56
N PRO B 282 -2.59 15.44 -16.21
CA PRO B 282 -3.29 14.44 -15.42
C PRO B 282 -3.29 14.75 -13.93
N GLY B 283 -4.19 14.08 -13.22
CA GLY B 283 -4.20 14.10 -11.78
C GLY B 283 -4.14 12.70 -11.22
N ARG B 284 -5.02 12.38 -10.28
CA ARG B 284 -5.09 11.01 -9.76
C ARG B 284 -5.59 10.07 -10.84
N GLU B 285 -4.95 8.91 -10.96
CA GLU B 285 -5.27 7.90 -11.96
C GLU B 285 -5.35 8.48 -13.37
N ALA B 286 -4.53 9.50 -13.63
CA ALA B 286 -4.54 10.28 -14.86
C ALA B 286 -5.90 10.88 -15.19
N TYR B 287 -6.74 11.10 -14.18
CA TYR B 287 -7.93 11.90 -14.41
C TYR B 287 -7.54 13.37 -14.48
N PRO B 288 -8.27 14.19 -15.22
CA PRO B 288 -7.99 15.62 -15.21
C PRO B 288 -8.52 16.24 -13.92
N GLY B 289 -8.24 17.53 -13.75
CA GLY B 289 -8.79 18.24 -12.61
C GLY B 289 -10.30 18.43 -12.73
N ASP B 290 -10.80 18.46 -13.96
CA ASP B 290 -12.20 18.76 -14.22
C ASP B 290 -13.13 17.60 -14.04
N VAL B 291 -12.76 16.42 -13.52
CA VAL B 291 -13.77 15.37 -13.36
C VAL B 291 -14.77 15.74 -12.28
N PHE B 292 -14.32 16.41 -11.21
CA PHE B 292 -15.25 16.87 -10.19
C PHE B 292 -16.16 17.95 -10.74
N TYR B 293 -15.61 18.85 -11.57
CA TYR B 293 -16.43 19.88 -12.20
C TYR B 293 -17.50 19.26 -13.10
N LEU B 294 -17.10 18.27 -13.90
CA LEU B 294 -18.03 17.49 -14.73
C LEU B 294 -19.16 16.93 -13.89
N HIS B 295 -18.81 16.07 -12.93
CA HIS B 295 -19.83 15.36 -12.17
C HIS B 295 -20.70 16.31 -11.38
N SER B 296 -20.12 17.40 -10.89
CA SER B 296 -20.91 18.35 -10.11
C SER B 296 -21.93 19.04 -10.98
N ARG B 297 -21.53 19.48 -12.18
CA ARG B 297 -22.48 20.13 -13.08
C ARG B 297 -23.60 19.16 -13.47
N LEU B 298 -23.22 17.94 -13.87
CA LEU B 298 -24.21 16.97 -14.32
C LEU B 298 -25.17 16.58 -13.21
N LEU B 299 -24.65 16.31 -12.01
CA LEU B 299 -25.52 15.92 -10.90
C LEU B 299 -26.40 17.06 -10.46
N GLU B 300 -25.81 18.23 -10.22
CA GLU B 300 -26.59 19.34 -9.71
C GLU B 300 -27.55 19.92 -10.73
N ARG B 301 -27.49 19.46 -11.98
CA ARG B 301 -28.58 19.81 -12.89
C ARG B 301 -29.93 19.22 -12.50
N ALA B 302 -29.99 18.34 -11.51
CA ALA B 302 -31.21 17.59 -11.20
C ALA B 302 -31.65 17.89 -9.77
N ALA B 303 -32.76 18.63 -9.63
CA ALA B 303 -33.23 18.98 -8.30
C ALA B 303 -34.70 19.38 -8.34
N LYS B 304 -35.30 19.48 -7.17
CA LYS B 304 -36.73 19.76 -7.03
C LYS B 304 -37.00 21.25 -7.20
N LEU B 305 -37.68 21.62 -8.28
CA LEU B 305 -37.93 23.03 -8.56
C LEU B 305 -38.90 23.64 -7.57
N SER B 306 -38.97 24.96 -7.57
CA SER B 306 -39.77 25.69 -6.60
C SER B 306 -41.24 25.65 -7.00
N SER B 307 -42.06 26.38 -6.25
CA SER B 307 -43.51 26.34 -6.45
C SER B 307 -43.91 27.09 -7.71
N LEU B 308 -43.29 28.25 -7.95
CA LEU B 308 -43.72 29.08 -9.07
C LEU B 308 -43.33 28.47 -10.40
N LEU B 309 -42.15 27.83 -10.46
CA LEU B 309 -41.64 27.27 -11.71
C LEU B 309 -42.31 25.97 -12.09
N GLY B 310 -43.22 25.46 -11.27
CA GLY B 310 -44.03 24.32 -11.63
C GLY B 310 -43.90 23.11 -10.75
N GLU B 311 -43.07 23.17 -9.70
CA GLU B 311 -42.82 22.03 -8.81
C GLU B 311 -42.36 20.79 -9.58
N GLY B 312 -41.71 20.98 -10.71
CA GLY B 312 -41.05 19.88 -11.37
C GLY B 312 -39.86 19.41 -10.58
N SER B 313 -39.43 18.19 -10.85
CA SER B 313 -38.28 17.63 -10.15
C SER B 313 -37.62 16.60 -11.04
N MET B 314 -36.44 16.17 -10.62
CA MET B 314 -35.65 15.21 -11.39
C MET B 314 -34.71 14.49 -10.44
N THR B 315 -35.06 13.26 -10.07
CA THR B 315 -34.20 12.45 -9.23
C THR B 315 -33.08 11.88 -10.09
N ALA B 316 -31.85 12.14 -9.69
CA ALA B 316 -30.70 11.49 -10.30
C ALA B 316 -30.38 10.27 -9.45
N LEU B 317 -30.43 9.11 -10.06
CA LEU B 317 -30.05 7.89 -9.37
C LEU B 317 -28.79 7.33 -10.03
N PRO B 318 -27.65 7.98 -9.87
CA PRO B 318 -26.45 7.56 -10.59
C PRO B 318 -25.92 6.25 -10.04
N ILE B 319 -25.02 5.64 -10.80
CA ILE B 319 -24.35 4.42 -10.40
C ILE B 319 -22.86 4.62 -10.58
N VAL B 320 -22.09 4.17 -9.61
CA VAL B 320 -20.65 4.04 -9.76
C VAL B 320 -20.30 2.63 -9.30
N GLU B 321 -19.36 1.99 -9.98
CA GLU B 321 -18.91 0.66 -9.59
C GLU B 321 -17.58 0.80 -8.87
N THR B 322 -17.46 0.13 -7.71
CA THR B 322 -16.24 0.24 -6.92
C THR B 322 -15.43 -1.05 -7.04
N GLN B 323 -14.12 -0.88 -7.18
CA GLN B 323 -13.20 -1.98 -7.44
C GLN B 323 -12.55 -2.41 -6.14
N ALA B 324 -12.77 -3.68 -5.76
CA ALA B 324 -12.17 -4.29 -4.56
C ALA B 324 -12.50 -3.50 -3.29
N GLY B 325 -13.68 -2.90 -3.25
CA GLY B 325 -14.12 -2.17 -2.07
C GLY B 325 -13.31 -0.93 -1.76
N ASP B 326 -12.62 -0.38 -2.75
CA ASP B 326 -11.86 0.86 -2.57
C ASP B 326 -12.82 2.03 -2.79
N VAL B 327 -13.77 2.19 -1.86
CA VAL B 327 -14.77 3.25 -1.96
C VAL B 327 -14.20 4.62 -1.67
N SER B 328 -12.95 4.71 -1.21
CA SER B 328 -12.28 5.98 -1.04
C SER B 328 -11.38 6.31 -2.23
N ALA B 329 -11.58 5.65 -3.37
CA ALA B 329 -10.86 6.00 -4.57
C ALA B 329 -11.36 7.34 -5.12
N TYR B 330 -10.81 7.73 -6.26
CA TYR B 330 -11.01 9.10 -6.74
C TYR B 330 -12.44 9.36 -7.18
N ILE B 331 -12.93 8.58 -8.14
CA ILE B 331 -14.29 8.78 -8.66
C ILE B 331 -15.34 8.39 -7.62
N PRO B 332 -15.17 7.30 -6.86
CA PRO B 332 -16.08 7.10 -5.72
C PRO B 332 -16.13 8.25 -4.73
N THR B 333 -15.00 8.81 -4.29
CA THR B 333 -15.09 9.89 -3.32
C THR B 333 -15.68 11.14 -3.95
N ASN B 334 -15.47 11.33 -5.25
CA ASN B 334 -16.10 12.45 -5.94
C ASN B 334 -17.61 12.34 -5.92
N VAL B 335 -18.12 11.19 -6.37
CA VAL B 335 -19.57 11.05 -6.47
C VAL B 335 -20.21 10.99 -5.09
N ILE B 336 -19.50 10.42 -4.10
CA ILE B 336 -20.00 10.38 -2.74
C ILE B 336 -20.07 11.79 -2.14
N SER B 337 -19.10 12.64 -2.48
CA SER B 337 -19.13 14.01 -1.98
C SER B 337 -20.27 14.80 -2.63
N ILE B 338 -20.46 14.65 -3.93
CA ILE B 338 -21.46 15.47 -4.62
C ILE B 338 -22.88 15.04 -4.26
N THR B 339 -23.15 13.74 -4.29
CA THR B 339 -24.51 13.24 -4.10
C THR B 339 -25.00 13.47 -2.68
N ASP B 340 -26.32 13.34 -2.50
CA ASP B 340 -26.94 13.41 -1.18
C ASP B 340 -26.79 12.09 -0.43
N GLY B 341 -27.32 11.01 -1.00
CA GLY B 341 -27.32 9.71 -0.35
C GLY B 341 -26.40 8.73 -1.06
N GLN B 342 -26.18 7.58 -0.42
CA GLN B 342 -25.38 6.50 -0.99
C GLN B 342 -25.98 5.17 -0.59
N ILE B 343 -26.42 4.40 -1.57
CA ILE B 343 -26.94 3.06 -1.34
C ILE B 343 -25.81 2.09 -1.63
N PHE B 344 -25.22 1.54 -0.59
CA PHE B 344 -23.98 0.77 -0.69
C PHE B 344 -24.32 -0.71 -0.77
N LEU B 345 -23.85 -1.36 -1.84
CA LEU B 345 -24.13 -2.77 -2.12
C LEU B 345 -22.89 -3.59 -1.81
N SER B 346 -23.08 -4.76 -1.19
CA SER B 346 -21.96 -5.57 -0.74
C SER B 346 -22.07 -7.00 -1.28
N ALA B 347 -20.98 -7.47 -1.89
CA ALA B 347 -20.99 -8.79 -2.51
C ALA B 347 -20.99 -9.91 -1.48
N ASP B 348 -20.56 -9.66 -0.24
CA ASP B 348 -20.56 -10.70 0.77
C ASP B 348 -21.98 -10.96 1.27
N LEU B 349 -22.80 -9.92 1.31
CA LEU B 349 -24.22 -10.13 1.51
C LEU B 349 -24.85 -10.74 0.26
N PHE B 350 -24.41 -10.30 -0.92
CA PHE B 350 -24.98 -10.82 -2.16
C PHE B 350 -24.82 -12.33 -2.26
N ASN B 351 -23.63 -12.84 -1.92
CA ASN B 351 -23.44 -14.28 -1.92
C ASN B 351 -24.21 -14.94 -0.79
N ALA B 352 -24.36 -14.26 0.34
CA ALA B 352 -25.02 -14.85 1.49
C ALA B 352 -26.52 -14.98 1.32
N GLY B 353 -27.08 -14.46 0.23
CA GLY B 353 -28.49 -14.65 -0.04
C GLY B 353 -29.32 -13.41 0.19
N ILE B 354 -28.78 -12.42 0.90
CA ILE B 354 -29.55 -11.25 1.28
C ILE B 354 -29.63 -10.32 0.08
N ARG B 355 -30.69 -10.47 -0.72
CA ARG B 355 -30.84 -9.75 -1.97
C ARG B 355 -32.13 -8.93 -1.93
N PRO B 356 -32.07 -7.62 -2.21
CA PRO B 356 -30.98 -6.81 -2.73
C PRO B 356 -29.85 -6.63 -1.73
N ALA B 357 -28.62 -6.70 -2.20
CA ALA B 357 -27.48 -6.76 -1.28
C ALA B 357 -27.04 -5.41 -0.77
N ILE B 358 -27.94 -4.62 -0.24
CA ILE B 358 -27.57 -3.29 0.24
C ILE B 358 -26.93 -3.42 1.62
N ASN B 359 -26.06 -2.46 1.94
CA ASN B 359 -25.33 -2.47 3.20
C ASN B 359 -25.99 -1.44 4.10
N VAL B 360 -26.76 -1.92 5.08
CA VAL B 360 -27.69 -1.05 5.80
C VAL B 360 -26.98 -0.14 6.79
N GLY B 361 -25.79 -0.52 7.26
CA GLY B 361 -25.06 0.28 8.22
C GLY B 361 -24.22 1.35 7.55
N ILE B 362 -23.91 1.14 6.27
CA ILE B 362 -23.09 2.09 5.55
C ILE B 362 -23.96 3.08 4.78
N SER B 363 -25.15 2.64 4.37
CA SER B 363 -25.99 3.45 3.49
C SER B 363 -26.60 4.61 4.24
N VAL B 364 -26.66 5.78 3.59
CA VAL B 364 -27.13 7.01 4.21
C VAL B 364 -27.93 7.80 3.18
N SER B 365 -28.78 8.70 3.68
CA SER B 365 -29.57 9.59 2.83
C SER B 365 -29.88 10.86 3.60
N ARG B 366 -29.23 11.96 3.23
CA ARG B 366 -29.40 13.19 4.00
C ARG B 366 -30.70 13.89 3.70
N VAL B 367 -31.54 13.31 2.84
CA VAL B 367 -32.94 13.73 2.79
C VAL B 367 -33.71 13.13 3.96
N GLY B 368 -33.64 11.80 4.11
CA GLY B 368 -34.14 11.17 5.31
C GLY B 368 -35.64 11.03 5.32
N SER B 369 -36.21 10.93 6.53
CA SER B 369 -37.62 10.63 6.68
C SER B 369 -38.53 11.73 6.18
N ALA B 370 -37.97 12.89 5.81
CA ALA B 370 -38.76 13.93 5.16
C ALA B 370 -39.46 13.40 3.94
N ALA B 371 -38.77 12.56 3.17
CA ALA B 371 -39.33 12.00 1.95
C ALA B 371 -40.03 10.66 2.19
N GLN B 372 -40.62 10.47 3.37
CA GLN B 372 -41.36 9.25 3.63
C GLN B 372 -42.85 9.53 3.84
N ILE B 373 -43.67 8.60 3.35
CA ILE B 373 -45.07 8.52 3.74
C ILE B 373 -45.17 8.43 5.26
N LYS B 374 -46.25 8.97 5.82
CA LYS B 374 -46.40 8.98 7.28
C LYS B 374 -46.51 7.57 7.84
N ALA B 375 -47.25 6.69 7.15
CA ALA B 375 -47.29 5.29 7.53
C ALA B 375 -45.92 4.65 7.47
N MET B 376 -45.19 4.96 6.38
CA MET B 376 -43.87 4.41 6.19
C MET B 376 -42.92 4.84 7.31
N LYS B 377 -43.00 6.11 7.73
CA LYS B 377 -42.10 6.55 8.80
C LYS B 377 -42.51 5.99 10.15
N LYS B 378 -43.82 5.83 10.37
CA LYS B 378 -44.31 5.22 11.61
C LYS B 378 -43.80 3.80 11.77
N VAL B 379 -43.75 3.03 10.67
CA VAL B 379 -43.22 1.67 10.80
C VAL B 379 -41.70 1.67 10.70
N ALA B 380 -41.13 2.65 9.99
CA ALA B 380 -39.71 2.62 9.69
C ALA B 380 -38.87 3.00 10.89
N GLY B 381 -39.40 3.83 11.79
CA GLY B 381 -38.68 4.09 13.03
C GLY B 381 -38.42 2.83 13.83
N LYS B 382 -39.48 2.07 14.09
CA LYS B 382 -39.36 0.82 14.81
C LYS B 382 -38.46 -0.17 14.05
N LEU B 383 -38.60 -0.22 12.73
CA LEU B 383 -37.79 -1.13 11.93
C LEU B 383 -36.30 -0.80 12.06
N LYS B 384 -35.96 0.49 11.97
CA LYS B 384 -34.57 0.88 12.07
C LYS B 384 -34.00 0.60 13.45
N LEU B 385 -34.80 0.80 14.50
CA LEU B 385 -34.29 0.49 15.84
C LEU B 385 -34.03 -1.00 16.00
N GLU B 386 -34.97 -1.83 15.52
CA GLU B 386 -34.78 -3.28 15.60
C GLU B 386 -33.53 -3.72 14.85
N LEU B 387 -33.30 -3.14 13.66
CA LEU B 387 -32.16 -3.55 12.87
C LEU B 387 -30.86 -3.06 13.47
N ALA B 388 -30.85 -1.88 14.08
CA ALA B 388 -29.68 -1.44 14.84
C ALA B 388 -29.36 -2.42 15.96
N GLN B 389 -30.39 -2.87 16.68
CA GLN B 389 -30.18 -3.80 17.78
C GLN B 389 -29.57 -5.11 17.30
N PHE B 390 -30.14 -5.70 16.25
CA PHE B 390 -29.58 -6.96 15.77
C PHE B 390 -28.20 -6.76 15.16
N ALA B 391 -27.94 -5.59 14.59
CA ALA B 391 -26.60 -5.29 14.10
C ALA B 391 -25.59 -5.23 15.24
N GLU B 392 -26.00 -4.72 16.40
CA GLU B 392 -25.09 -4.77 17.55
C GLU B 392 -24.91 -6.21 18.04
N LEU B 393 -25.97 -7.00 18.03
CA LEU B 393 -25.91 -8.35 18.57
C LEU B 393 -25.40 -9.40 17.58
N GLU B 394 -25.00 -8.98 16.37
CA GLU B 394 -24.54 -9.92 15.34
C GLU B 394 -23.42 -10.83 15.85
N ALA B 395 -22.53 -10.33 16.71
CA ALA B 395 -21.43 -11.14 17.20
C ALA B 395 -21.81 -12.02 18.39
N PHE B 396 -23.10 -12.29 18.56
CA PHE B 396 -23.61 -13.12 19.66
C PHE B 396 -24.52 -14.23 19.16
N ALA B 397 -24.51 -14.53 17.87
CA ALA B 397 -25.42 -15.54 17.35
C ALA B 397 -24.92 -16.95 17.59
N GLN B 398 -23.60 -17.16 17.56
CA GLN B 398 -23.04 -18.46 17.93
C GLN B 398 -23.32 -18.79 19.39
N PHE B 399 -23.38 -17.78 20.24
CA PHE B 399 -23.60 -17.95 21.67
C PHE B 399 -25.08 -17.84 22.03
N ALA B 400 -25.96 -18.17 21.09
CA ALA B 400 -27.39 -18.18 21.35
C ALA B 400 -27.83 -19.32 22.25
N SER B 401 -26.88 -20.08 22.81
CA SER B 401 -27.19 -21.12 23.76
C SER B 401 -27.10 -20.63 25.21
N ASP B 402 -26.28 -19.62 25.49
CA ASP B 402 -26.14 -19.10 26.85
C ASP B 402 -26.11 -17.57 26.83
N LEU B 403 -27.02 -16.97 26.06
CA LEU B 403 -27.37 -15.57 26.26
C LEU B 403 -28.68 -15.52 27.01
N ASP B 404 -28.91 -14.41 27.71
CA ASP B 404 -30.21 -14.18 28.33
C ASP B 404 -31.29 -14.20 27.25
N LYS B 405 -32.48 -14.65 27.64
CA LYS B 405 -33.54 -14.87 26.67
C LYS B 405 -33.97 -13.58 25.98
N ALA B 406 -33.70 -12.43 26.60
CA ALA B 406 -34.03 -11.15 25.97
C ALA B 406 -33.17 -10.91 24.73
N THR B 407 -31.85 -11.00 24.87
CA THR B 407 -31.00 -10.83 23.69
C THR B 407 -31.17 -12.00 22.73
N GLN B 408 -31.51 -13.18 23.25
CA GLN B 408 -31.90 -14.28 22.39
C GLN B 408 -33.07 -13.89 21.49
N ASN B 409 -34.07 -13.21 22.07
CA ASN B 409 -35.26 -12.84 21.31
C ASN B 409 -34.97 -11.67 20.38
N GLN B 410 -34.05 -10.79 20.76
CA GLN B 410 -33.62 -9.75 19.81
C GLN B 410 -32.91 -10.37 18.62
N LEU B 411 -32.06 -11.37 18.85
CA LEU B 411 -31.46 -12.13 17.76
C LEU B 411 -32.54 -12.77 16.91
N ALA B 412 -33.57 -13.32 17.54
CA ALA B 412 -34.67 -13.96 16.81
C ALA B 412 -35.40 -12.97 15.91
N ARG B 413 -35.72 -11.80 16.46
CA ARG B 413 -36.43 -10.79 15.69
C ARG B 413 -35.58 -10.30 14.53
N GLY B 414 -34.31 -9.97 14.78
CA GLY B 414 -33.45 -9.53 13.68
C GLY B 414 -33.23 -10.63 12.66
N GLN B 415 -33.23 -11.88 13.10
CA GLN B 415 -33.10 -12.99 12.18
C GLN B 415 -34.30 -13.09 11.24
N ARG B 416 -35.51 -12.93 11.80
CA ARG B 416 -36.70 -12.90 10.94
C ARG B 416 -36.72 -11.65 10.07
N LEU B 417 -36.23 -10.53 10.59
CA LEU B 417 -36.26 -9.28 9.82
C LEU B 417 -35.33 -9.33 8.62
N ARG B 418 -34.22 -10.07 8.75
CA ARG B 418 -33.38 -10.30 7.58
C ARG B 418 -34.13 -11.09 6.52
N GLU B 419 -34.96 -12.05 6.95
CA GLU B 419 -35.77 -12.82 6.02
C GLU B 419 -36.86 -11.94 5.40
N LEU B 420 -37.29 -10.91 6.12
CA LEU B 420 -38.29 -9.99 5.58
C LEU B 420 -37.74 -9.22 4.38
N LEU B 421 -36.54 -8.68 4.49
CA LEU B 421 -36.12 -7.63 3.55
C LEU B 421 -35.69 -8.21 2.21
N LYS B 422 -35.44 -9.50 2.12
CA LYS B 422 -35.06 -10.08 0.84
C LYS B 422 -36.23 -10.00 -0.13
N GLN B 423 -35.94 -9.78 -1.41
CA GLN B 423 -36.94 -9.65 -2.43
C GLN B 423 -36.51 -10.41 -3.68
N PRO B 424 -37.46 -10.92 -4.47
CA PRO B 424 -37.08 -11.54 -5.75
C PRO B 424 -36.63 -10.52 -6.77
N GLN B 425 -36.12 -11.00 -7.88
CA GLN B 425 -35.51 -10.14 -8.88
C GLN B 425 -36.56 -9.35 -9.64
N SER B 426 -36.42 -8.02 -9.61
CA SER B 426 -37.27 -7.07 -10.34
C SER B 426 -38.74 -7.22 -10.01
N ALA B 427 -39.08 -7.64 -8.80
CA ALA B 427 -40.46 -7.69 -8.36
C ALA B 427 -40.69 -6.54 -7.39
N PRO B 428 -41.11 -5.38 -7.85
CA PRO B 428 -41.25 -4.23 -6.95
C PRO B 428 -42.58 -4.26 -6.19
N LEU B 429 -42.55 -3.77 -4.96
CA LEU B 429 -43.73 -3.73 -4.12
C LEU B 429 -44.31 -2.32 -4.10
N THR B 430 -45.58 -2.22 -3.74
CA THR B 430 -46.19 -0.92 -3.51
C THR B 430 -45.99 -0.51 -2.06
N VAL B 431 -46.13 0.80 -1.80
CA VAL B 431 -45.86 1.33 -0.47
C VAL B 431 -46.79 0.69 0.57
N GLU B 432 -48.03 0.37 0.17
CA GLU B 432 -48.98 -0.21 1.11
C GLU B 432 -48.61 -1.64 1.46
N GLU B 433 -48.20 -2.44 0.48
CA GLU B 433 -47.73 -3.78 0.76
C GLU B 433 -46.46 -3.76 1.61
N GLN B 434 -45.58 -2.78 1.34
CA GLN B 434 -44.38 -2.65 2.17
C GLN B 434 -44.72 -2.28 3.60
N VAL B 435 -45.73 -1.42 3.79
CA VAL B 435 -46.18 -1.09 5.15
C VAL B 435 -46.75 -2.33 5.82
N MET B 436 -47.51 -3.13 5.07
CA MET B 436 -47.97 -4.42 5.57
C MET B 436 -46.82 -5.26 6.08
N THR B 437 -45.78 -5.42 5.25
CA THR B 437 -44.67 -6.30 5.60
C THR B 437 -43.91 -5.78 6.82
N ILE B 438 -43.60 -4.48 6.84
CA ILE B 438 -42.84 -3.93 7.95
C ILE B 438 -43.68 -3.96 9.22
N TYR B 439 -45.01 -3.86 9.11
CA TYR B 439 -45.81 -3.92 10.33
C TYR B 439 -45.84 -5.34 10.87
N THR B 440 -46.08 -6.32 10.00
CA THR B 440 -46.06 -7.71 10.44
C THR B 440 -44.74 -8.03 11.12
N GLY B 441 -43.63 -7.54 10.54
CA GLY B 441 -42.34 -7.77 11.17
C GLY B 441 -42.18 -7.07 12.50
N THR B 442 -42.38 -5.76 12.53
CA THR B 442 -42.01 -4.96 13.69
C THR B 442 -42.91 -5.25 14.88
N ASN B 443 -44.17 -5.61 14.64
CA ASN B 443 -45.05 -5.90 15.77
C ASN B 443 -44.63 -7.18 16.47
N GLY B 444 -44.16 -8.17 15.73
CA GLY B 444 -43.73 -9.40 16.35
C GLY B 444 -44.51 -10.63 15.96
N TYR B 445 -45.02 -10.67 14.72
CA TYR B 445 -45.89 -11.74 14.28
C TYR B 445 -45.18 -12.81 13.46
N LEU B 446 -43.85 -12.87 13.47
CA LEU B 446 -43.14 -13.89 12.72
C LEU B 446 -42.20 -14.71 13.60
N ASP B 447 -42.29 -14.54 14.92
CA ASP B 447 -41.44 -15.33 15.82
C ASP B 447 -41.80 -16.80 15.74
N SER B 448 -43.06 -17.10 15.43
CA SER B 448 -43.51 -18.49 15.41
C SER B 448 -42.89 -19.25 14.24
N LEU B 449 -43.05 -18.74 13.03
CA LEU B 449 -42.64 -19.48 11.85
C LEU B 449 -41.12 -19.56 11.76
N GLU B 450 -40.63 -20.70 11.28
CA GLU B 450 -39.21 -20.95 11.30
C GLU B 450 -38.49 -20.04 10.30
N LEU B 451 -37.17 -20.12 10.33
CA LEU B 451 -36.32 -19.11 9.71
C LEU B 451 -36.50 -19.06 8.19
N ASP B 452 -37.02 -20.12 7.59
CA ASP B 452 -37.08 -20.16 6.14
C ASP B 452 -38.47 -19.79 5.62
N GLN B 453 -39.52 -20.24 6.31
CA GLN B 453 -40.88 -20.08 5.77
C GLN B 453 -41.28 -18.62 5.65
N VAL B 454 -40.58 -17.71 6.34
CA VAL B 454 -40.99 -16.32 6.49
C VAL B 454 -41.34 -15.68 5.16
N ARG B 455 -40.54 -15.93 4.13
CA ARG B 455 -40.79 -15.32 2.82
C ARG B 455 -42.13 -15.78 2.24
N LYS B 456 -42.35 -17.10 2.23
CA LYS B 456 -43.59 -17.65 1.72
C LYS B 456 -44.79 -17.21 2.56
N TYR B 457 -44.62 -17.18 3.88
CA TYR B 457 -45.69 -16.69 4.74
C TYR B 457 -46.06 -15.27 4.39
N LEU B 458 -45.07 -14.42 4.17
CA LEU B 458 -45.36 -13.01 3.96
C LEU B 458 -46.00 -12.78 2.59
N VAL B 459 -45.56 -13.52 1.58
CA VAL B 459 -46.20 -13.34 0.27
C VAL B 459 -47.65 -13.80 0.33
N GLU B 460 -47.91 -14.92 1.01
CA GLU B 460 -49.29 -15.36 1.19
C GLU B 460 -50.09 -14.34 1.98
N LEU B 461 -49.45 -13.69 2.95
CA LEU B 461 -50.12 -12.67 3.74
C LEU B 461 -50.57 -11.51 2.87
N ARG B 462 -49.65 -11.02 2.02
CA ARG B 462 -49.98 -9.89 1.16
C ARG B 462 -51.11 -10.24 0.22
N THR B 463 -51.06 -11.41 -0.40
CA THR B 463 -52.14 -11.80 -1.30
C THR B 463 -53.47 -11.96 -0.57
N TYR B 464 -53.47 -12.55 0.62
CA TYR B 464 -54.73 -12.74 1.35
C TYR B 464 -55.32 -11.41 1.75
N VAL B 465 -54.48 -10.49 2.23
CA VAL B 465 -54.97 -9.16 2.56
C VAL B 465 -55.57 -8.50 1.33
N LYS B 466 -54.85 -8.54 0.21
CA LYS B 466 -55.31 -7.96 -1.04
C LYS B 466 -56.68 -8.49 -1.45
N THR B 467 -56.89 -9.80 -1.28
CA THR B 467 -58.14 -10.40 -1.73
C THR B 467 -59.28 -10.14 -0.75
N ASN B 468 -59.00 -10.14 0.56
CA ASN B 468 -60.10 -10.32 1.50
C ASN B 468 -60.27 -9.15 2.48
N LYS B 469 -59.35 -8.18 2.52
CA LYS B 469 -59.55 -6.96 3.28
C LYS B 469 -59.14 -5.78 2.42
N PRO B 470 -59.93 -5.45 1.39
CA PRO B 470 -59.51 -4.38 0.47
C PRO B 470 -59.71 -2.98 1.02
N GLU B 471 -59.97 -2.86 2.32
CA GLU B 471 -60.06 -1.54 2.92
C GLU B 471 -58.69 -0.96 3.27
N PHE B 472 -57.70 -1.82 3.49
CA PHE B 472 -56.40 -1.34 3.95
C PHE B 472 -55.70 -0.49 2.90
N GLN B 473 -55.55 -1.04 1.69
CA GLN B 473 -54.87 -0.33 0.63
C GLN B 473 -55.61 0.95 0.27
N GLU B 474 -56.95 0.92 0.33
CA GLU B 474 -57.74 2.12 0.08
C GLU B 474 -57.48 3.19 1.14
N ILE B 475 -57.43 2.77 2.41
CA ILE B 475 -57.17 3.69 3.52
C ILE B 475 -55.82 4.38 3.32
N ILE B 476 -54.80 3.59 2.98
CA ILE B 476 -53.45 4.17 2.87
C ILE B 476 -53.32 4.98 1.59
N SER B 477 -54.05 4.61 0.54
CA SER B 477 -54.03 5.37 -0.70
C SER B 477 -54.70 6.72 -0.51
N SER B 478 -55.73 6.77 0.33
CA SER B 478 -56.43 8.03 0.53
C SER B 478 -55.68 8.94 1.49
N THR B 479 -55.26 8.41 2.63
CA THR B 479 -54.73 9.28 3.68
C THR B 479 -53.20 9.33 3.67
N LYS B 480 -52.54 8.27 3.23
CA LYS B 480 -51.10 8.05 3.35
C LYS B 480 -50.63 8.08 4.79
N THR B 481 -51.52 7.77 5.74
CA THR B 481 -51.22 7.80 7.16
C THR B 481 -51.66 6.49 7.78
N PHE B 482 -50.80 5.89 8.59
CA PHE B 482 -51.15 4.65 9.28
C PHE B 482 -52.05 4.97 10.45
N THR B 483 -53.33 4.64 10.33
CA THR B 483 -54.34 4.99 11.31
C THR B 483 -54.77 3.75 12.09
N GLU B 484 -55.28 3.99 13.29
CA GLU B 484 -55.62 2.89 14.20
C GLU B 484 -56.64 1.93 13.59
N GLU B 485 -57.50 2.46 12.70
CA GLU B 485 -58.45 1.59 12.03
C GLU B 485 -57.74 0.59 11.11
N ALA B 486 -56.79 1.07 10.32
CA ALA B 486 -56.02 0.16 9.47
C ALA B 486 -55.11 -0.73 10.29
N GLU B 487 -54.67 -0.24 11.46
CA GLU B 487 -53.86 -1.08 12.34
C GLU B 487 -54.67 -2.28 12.84
N ALA B 488 -55.88 -2.03 13.33
CA ALA B 488 -56.73 -3.13 13.77
C ALA B 488 -57.09 -4.05 12.62
N LEU B 489 -57.41 -3.48 11.45
CA LEU B 489 -57.73 -4.29 10.28
C LEU B 489 -56.57 -5.19 9.88
N LEU B 490 -55.34 -4.67 9.98
CA LEU B 490 -54.18 -5.45 9.60
C LEU B 490 -53.90 -6.54 10.63
N LYS B 491 -54.08 -6.24 11.92
CA LYS B 491 -53.94 -7.28 12.92
C LYS B 491 -54.91 -8.43 12.66
N GLU B 492 -56.17 -8.10 12.37
CA GLU B 492 -57.17 -9.12 12.06
C GLU B 492 -56.77 -9.95 10.84
N ALA B 493 -56.43 -9.29 9.74
CA ALA B 493 -56.07 -10.02 8.52
C ALA B 493 -54.83 -10.89 8.74
N ILE B 494 -53.88 -10.38 9.53
CA ILE B 494 -52.64 -11.10 9.78
C ILE B 494 -52.92 -12.39 10.52
N GLN B 495 -53.70 -12.32 11.60
CA GLN B 495 -53.95 -13.54 12.37
C GLN B 495 -54.80 -14.52 11.56
N GLU B 496 -55.71 -14.02 10.71
CA GLU B 496 -56.49 -14.90 9.85
C GLU B 496 -55.59 -15.69 8.90
N GLN B 497 -54.72 -14.98 8.19
CA GLN B 497 -53.80 -15.63 7.26
C GLN B 497 -52.87 -16.59 7.99
N MET B 498 -52.40 -16.21 9.18
CA MET B 498 -51.54 -17.08 9.97
C MET B 498 -52.23 -18.39 10.31
N GLU B 499 -53.50 -18.33 10.73
CA GLU B 499 -54.23 -19.55 11.06
C GLU B 499 -54.39 -20.45 9.84
N ARG B 500 -54.86 -19.89 8.73
CA ARG B 500 -55.09 -20.74 7.56
C ARG B 500 -53.79 -21.28 6.98
N PHE B 501 -52.72 -20.49 7.02
CA PHE B 501 -51.43 -20.98 6.55
C PHE B 501 -50.89 -22.08 7.44
N LEU B 502 -51.11 -21.97 8.76
CA LEU B 502 -50.62 -23.00 9.67
C LEU B 502 -51.44 -24.28 9.51
N LEU B 503 -52.71 -24.16 9.16
CA LEU B 503 -53.46 -25.38 8.89
C LEU B 503 -53.11 -25.96 7.52
N GLN B 504 -52.54 -25.13 6.64
CA GLN B 504 -51.94 -25.51 5.34
C GLN B 504 -52.55 -26.73 4.65
N ARG C 5 61.44 -19.11 -38.25
CA ARG C 5 60.38 -19.09 -39.24
C ARG C 5 59.63 -17.76 -39.24
N ALA C 6 60.25 -16.74 -38.64
CA ALA C 6 59.58 -15.45 -38.50
C ALA C 6 59.41 -14.77 -39.87
N ASP C 7 60.33 -15.02 -40.79
CA ASP C 7 60.28 -14.33 -42.08
C ASP C 7 59.30 -14.99 -43.03
N GLU C 8 59.18 -16.32 -42.96
CA GLU C 8 58.33 -17.03 -43.92
C GLU C 8 56.85 -16.78 -43.65
N ILE C 9 56.46 -16.74 -42.38
CA ILE C 9 55.08 -16.34 -42.06
C ILE C 9 54.87 -14.88 -42.43
N SER C 10 55.89 -14.05 -42.21
CA SER C 10 55.83 -12.66 -42.68
C SER C 10 55.83 -12.60 -44.21
N LYS C 11 56.45 -13.59 -44.86
CA LYS C 11 56.40 -13.64 -46.32
C LYS C 11 54.98 -13.93 -46.81
N ILE C 12 54.29 -14.85 -46.14
CA ILE C 12 52.89 -15.11 -46.50
C ILE C 12 52.02 -13.88 -46.20
N ILE C 13 52.30 -13.20 -45.09
CA ILE C 13 51.57 -11.98 -44.76
C ILE C 13 51.80 -10.91 -45.82
N ARG C 14 53.03 -10.80 -46.34
CA ARG C 14 53.31 -9.81 -47.37
C ARG C 14 52.67 -10.19 -48.70
N GLU C 15 52.64 -11.50 -49.00
CA GLU C 15 51.93 -11.97 -50.19
C GLU C 15 50.44 -11.66 -50.09
N ARG C 16 49.90 -11.67 -48.87
CA ARG C 16 48.54 -11.20 -48.66
C ARG C 16 48.46 -9.68 -48.84
N ILE C 17 49.48 -8.96 -48.38
CA ILE C 17 49.46 -7.49 -48.41
C ILE C 17 49.44 -6.97 -49.85
N GLU C 18 50.23 -7.59 -50.73
CA GLU C 18 50.25 -7.14 -52.13
C GLU C 18 48.90 -7.34 -52.79
N GLY C 19 48.11 -8.29 -52.29
CA GLY C 19 46.74 -8.47 -52.76
C GLY C 19 45.70 -7.79 -51.90
N TYR C 20 46.09 -7.24 -50.74
CA TYR C 20 45.17 -6.61 -49.80
C TYR C 20 45.70 -5.19 -49.52
N ASN C 21 45.29 -4.26 -50.37
CA ASN C 21 45.75 -2.86 -50.32
C ASN C 21 44.58 -1.90 -50.10
N ARG C 22 43.45 -2.15 -50.77
CA ARG C 22 42.26 -1.32 -50.64
C ARG C 22 41.07 -2.04 -51.25
N GLU C 23 39.91 -1.87 -50.62
CA GLU C 23 38.64 -2.31 -51.16
C GLU C 23 37.73 -1.09 -51.27
N VAL C 24 37.04 -0.96 -52.41
CA VAL C 24 36.19 0.19 -52.66
C VAL C 24 34.76 -0.11 -52.21
N LYS C 25 34.23 0.77 -51.36
CA LYS C 25 32.89 0.61 -50.80
C LYS C 25 32.47 1.94 -50.19
N VAL C 26 31.18 2.22 -50.27
CA VAL C 26 30.63 3.49 -49.79
C VAL C 26 30.36 3.32 -48.29
N VAL C 27 31.40 3.45 -47.48
CA VAL C 27 31.23 3.35 -46.05
C VAL C 27 30.44 4.55 -45.54
N ASN C 28 29.32 4.27 -44.91
CA ASN C 28 28.46 5.30 -44.36
C ASN C 28 29.05 5.77 -43.04
N THR C 29 29.48 7.02 -42.99
CA THR C 29 30.20 7.56 -41.85
C THR C 29 29.57 8.87 -41.43
N GLY C 30 29.44 9.08 -40.10
CA GLY C 30 28.78 10.26 -39.59
C GLY C 30 29.58 10.89 -38.47
N THR C 31 29.13 12.08 -38.07
CA THR C 31 29.79 12.88 -37.06
C THR C 31 29.10 12.71 -35.71
N VAL C 32 29.89 12.67 -34.65
CA VAL C 32 29.40 12.46 -33.30
C VAL C 32 28.95 13.80 -32.73
N LEU C 33 27.81 13.81 -32.02
CA LEU C 33 27.23 15.06 -31.52
C LEU C 33 27.28 15.14 -29.99
N GLN C 34 26.74 14.12 -29.31
CA GLN C 34 26.64 14.11 -27.86
C GLN C 34 27.17 12.80 -27.34
N VAL C 35 28.02 12.85 -26.32
CA VAL C 35 28.61 11.66 -25.73
C VAL C 35 28.37 11.71 -24.23
N GLY C 36 27.45 10.89 -23.74
CA GLY C 36 27.24 10.79 -22.32
C GLY C 36 26.85 9.40 -21.87
N ASP C 37 27.63 8.84 -20.92
CA ASP C 37 27.37 7.58 -20.22
C ASP C 37 26.83 6.46 -21.11
N GLY C 38 27.54 6.14 -22.18
CA GLY C 38 27.24 4.96 -22.99
C GLY C 38 26.30 5.18 -24.16
N ILE C 39 25.72 6.37 -24.31
CA ILE C 39 24.81 6.69 -25.41
C ILE C 39 25.43 7.84 -26.20
N ALA C 40 25.38 7.75 -27.53
CA ALA C 40 25.97 8.76 -28.38
C ALA C 40 25.02 9.10 -29.53
N ARG C 41 24.36 10.24 -29.46
CA ARG C 41 23.67 10.76 -30.61
C ARG C 41 24.66 11.07 -31.72
N ILE C 42 24.36 10.60 -32.92
CA ILE C 42 25.26 10.70 -34.05
C ILE C 42 24.57 11.50 -35.15
N HIS C 43 25.30 12.39 -35.79
CA HIS C 43 24.81 13.06 -36.98
C HIS C 43 25.22 12.27 -38.21
N GLY C 44 24.62 12.60 -39.35
CA GLY C 44 24.86 11.84 -40.56
C GLY C 44 24.26 10.46 -40.44
N LEU C 45 24.85 9.49 -41.12
CA LEU C 45 24.43 8.08 -41.06
C LEU C 45 22.95 7.90 -41.35
N ASP C 46 22.51 8.20 -42.56
CA ASP C 46 21.11 8.06 -42.89
C ASP C 46 20.78 6.76 -43.60
N GLU C 47 21.77 6.05 -44.13
CA GLU C 47 21.57 4.75 -44.73
C GLU C 47 22.08 3.61 -43.84
N VAL C 48 21.93 3.74 -42.52
CA VAL C 48 22.27 2.68 -41.59
C VAL C 48 21.00 1.92 -41.26
N MET C 49 21.15 0.64 -40.93
CA MET C 49 19.99 -0.19 -40.62
C MET C 49 19.53 0.04 -39.18
N ALA C 50 18.53 -0.73 -38.77
CA ALA C 50 18.19 -0.80 -37.36
C ALA C 50 18.99 -1.90 -36.68
N GLY C 51 19.72 -1.54 -35.63
CA GLY C 51 20.57 -2.50 -34.96
C GLY C 51 21.88 -2.79 -35.66
N GLU C 52 22.36 -1.89 -36.50
CA GLU C 52 23.63 -2.12 -37.20
C GLU C 52 24.78 -1.57 -36.37
N LEU C 53 25.82 -2.38 -36.22
CA LEU C 53 26.99 -1.97 -35.46
C LEU C 53 27.74 -0.86 -36.18
N VAL C 54 28.14 0.16 -35.42
CA VAL C 54 29.03 1.19 -35.91
C VAL C 54 30.34 1.07 -35.15
N GLU C 55 31.42 1.51 -35.77
CA GLU C 55 32.73 1.47 -35.14
C GLU C 55 33.28 2.89 -35.05
N PHE C 56 33.63 3.31 -33.85
CA PHE C 56 33.99 4.70 -33.64
C PHE C 56 35.48 4.92 -33.92
N GLU C 57 35.94 6.11 -33.56
CA GLU C 57 37.35 6.44 -33.73
C GLU C 57 38.21 5.63 -32.76
N GLU C 58 37.71 5.39 -31.56
CA GLU C 58 38.46 4.61 -30.58
C GLU C 58 38.50 3.13 -30.92
N GLY C 59 37.53 2.66 -31.69
CA GLY C 59 37.39 1.23 -31.93
C GLY C 59 36.18 0.71 -31.20
N THR C 60 35.51 1.59 -30.48
CA THR C 60 34.32 1.28 -29.70
C THR C 60 33.19 0.91 -30.64
N ILE C 61 32.62 -0.26 -30.46
CA ILE C 61 31.45 -0.65 -31.23
C ILE C 61 30.23 0.02 -30.63
N GLY C 62 29.25 0.32 -31.49
CA GLY C 62 27.94 0.74 -31.02
C GLY C 62 26.88 -0.11 -31.67
N ILE C 63 25.63 0.23 -31.39
CA ILE C 63 24.47 -0.37 -32.06
C ILE C 63 23.46 0.73 -32.32
N ALA C 64 23.10 0.93 -33.59
CA ALA C 64 22.20 2.01 -33.99
C ALA C 64 20.75 1.60 -33.70
N LEU C 65 20.24 2.05 -32.54
CA LEU C 65 18.92 1.65 -32.11
C LEU C 65 17.84 2.59 -32.61
N ASN C 66 17.95 3.87 -32.23
CA ASN C 66 16.93 4.87 -32.54
C ASN C 66 17.41 5.66 -33.75
N LEU C 67 16.76 5.43 -34.90
CA LEU C 67 17.03 6.22 -36.10
C LEU C 67 16.07 7.40 -36.12
N GLU C 68 16.43 8.44 -35.37
CA GLU C 68 15.58 9.61 -35.30
C GLU C 68 15.67 10.41 -36.60
N SER C 69 14.89 11.48 -36.66
CA SER C 69 14.77 12.25 -37.89
C SER C 69 16.09 12.95 -38.23
N ASN C 70 16.65 13.68 -37.27
CA ASN C 70 17.92 14.36 -37.50
C ASN C 70 19.10 13.47 -37.15
N ASN C 71 19.18 13.00 -35.91
CA ASN C 71 20.34 12.26 -35.43
C ASN C 71 20.04 10.78 -35.35
N VAL C 72 21.08 10.02 -35.03
CA VAL C 72 21.01 8.57 -34.88
C VAL C 72 21.39 8.23 -33.46
N GLY C 73 20.41 7.85 -32.65
CA GLY C 73 20.70 7.40 -31.30
C GLY C 73 21.46 6.09 -31.33
N VAL C 74 22.64 6.07 -30.73
CA VAL C 74 23.55 4.93 -30.78
C VAL C 74 23.99 4.61 -29.37
N VAL C 75 23.80 3.37 -28.95
CA VAL C 75 24.28 2.90 -27.65
C VAL C 75 25.72 2.44 -27.84
N LEU C 76 26.61 2.84 -26.93
CA LEU C 76 27.99 2.37 -27.00
C LEU C 76 28.08 1.01 -26.35
N MET C 77 28.92 0.14 -26.91
CA MET C 77 29.20 -1.16 -26.32
C MET C 77 30.51 -1.09 -25.53
N GLY C 78 30.47 -0.27 -24.50
CA GLY C 78 31.65 0.01 -23.71
C GLY C 78 31.60 1.43 -23.18
N ASP C 79 32.78 2.04 -23.08
CA ASP C 79 32.94 3.36 -22.51
C ASP C 79 32.94 4.43 -23.59
N GLY C 80 32.54 5.65 -23.23
CA GLY C 80 32.56 6.76 -24.16
C GLY C 80 33.64 7.76 -23.83
N LEU C 81 34.69 7.29 -23.15
CA LEU C 81 35.72 8.19 -22.65
C LEU C 81 36.54 8.77 -23.81
N MET C 82 37.08 7.90 -24.65
CA MET C 82 37.99 8.35 -25.69
C MET C 82 37.28 8.81 -26.95
N ILE C 83 35.97 8.54 -27.08
CA ILE C 83 35.22 9.06 -28.22
C ILE C 83 35.15 10.57 -28.10
N GLN C 84 35.81 11.26 -29.03
CA GLN C 84 35.84 12.71 -29.06
C GLN C 84 34.65 13.23 -29.86
N GLU C 85 34.04 14.30 -29.36
CA GLU C 85 32.96 14.95 -30.08
C GLU C 85 33.47 15.41 -31.44
N GLY C 86 32.66 15.21 -32.48
CA GLY C 86 33.01 15.60 -33.81
C GLY C 86 33.85 14.60 -34.57
N SER C 87 34.49 13.66 -33.86
CA SER C 87 35.19 12.59 -34.55
C SER C 87 34.21 11.73 -35.32
N SER C 88 34.70 11.08 -36.37
CA SER C 88 33.83 10.33 -37.26
C SER C 88 33.65 8.90 -36.76
N VAL C 89 32.51 8.33 -37.12
CA VAL C 89 32.16 6.95 -36.79
C VAL C 89 31.69 6.30 -38.08
N LYS C 90 32.13 5.07 -38.33
CA LYS C 90 31.78 4.36 -39.56
C LYS C 90 30.80 3.24 -39.25
N ALA C 91 29.82 3.06 -40.12
CA ALA C 91 28.94 1.91 -40.02
C ALA C 91 29.66 0.67 -40.54
N THR C 92 29.20 -0.50 -40.07
CA THR C 92 29.87 -1.75 -40.42
C THR C 92 29.18 -2.51 -41.54
N GLY C 93 27.86 -2.60 -41.53
CA GLY C 93 27.15 -3.42 -42.50
C GLY C 93 26.67 -4.75 -41.98
N ARG C 94 26.83 -5.01 -40.68
CA ARG C 94 26.37 -6.23 -40.05
C ARG C 94 25.41 -5.87 -38.93
N ILE C 95 24.65 -6.87 -38.47
CA ILE C 95 23.67 -6.66 -37.41
C ILE C 95 23.92 -7.72 -36.34
N ALA C 96 24.77 -7.40 -35.37
CA ALA C 96 24.96 -8.19 -34.15
C ALA C 96 25.34 -9.63 -34.45
N GLN C 97 26.31 -9.82 -35.33
CA GLN C 97 26.81 -11.17 -35.60
C GLN C 97 27.82 -11.56 -34.54
N ILE C 98 27.83 -12.83 -34.16
CA ILE C 98 28.79 -13.37 -33.21
C ILE C 98 29.44 -14.60 -33.85
N PRO C 99 30.73 -14.83 -33.63
CA PRO C 99 31.34 -16.07 -34.11
C PRO C 99 30.98 -17.21 -33.19
N VAL C 100 30.78 -18.40 -33.76
CA VAL C 100 30.32 -19.55 -33.00
C VAL C 100 30.90 -20.83 -33.58
N SER C 101 31.35 -21.71 -32.69
CA SER C 101 31.86 -23.03 -33.08
C SER C 101 31.96 -23.88 -31.83
N GLU C 102 32.50 -25.09 -32.01
CA GLU C 102 32.60 -26.05 -30.93
C GLU C 102 33.68 -25.70 -29.92
N ALA C 103 34.59 -24.79 -30.25
CA ALA C 103 35.68 -24.48 -29.34
C ALA C 103 35.22 -23.85 -28.05
N TYR C 104 34.06 -23.19 -28.05
CA TYR C 104 33.54 -22.52 -26.86
C TYR C 104 33.29 -23.47 -25.70
N LEU C 105 33.31 -24.79 -25.92
CA LEU C 105 33.06 -25.72 -24.83
C LEU C 105 34.16 -25.62 -23.79
N GLY C 106 33.83 -25.05 -22.64
CA GLY C 106 34.76 -24.88 -21.55
C GLY C 106 35.27 -23.48 -21.36
N ARG C 107 34.96 -22.56 -22.26
CA ARG C 107 35.56 -21.24 -22.27
C ARG C 107 34.55 -20.20 -21.79
N VAL C 108 34.77 -19.69 -20.59
CA VAL C 108 34.09 -18.51 -20.11
C VAL C 108 34.44 -17.36 -21.05
N ILE C 109 33.43 -16.63 -21.51
CA ILE C 109 33.60 -15.59 -22.51
C ILE C 109 32.76 -14.38 -22.12
N ASN C 110 33.08 -13.23 -22.71
CA ASN C 110 32.34 -12.00 -22.51
C ASN C 110 31.09 -12.04 -23.40
N ALA C 111 30.24 -11.01 -23.31
CA ALA C 111 29.04 -10.94 -24.12
C ALA C 111 29.36 -10.69 -25.58
N LEU C 112 30.55 -10.19 -25.87
CA LEU C 112 31.03 -10.05 -27.25
C LEU C 112 31.73 -11.30 -27.73
N ALA C 113 31.55 -12.43 -27.04
CA ALA C 113 32.25 -13.68 -27.33
C ALA C 113 33.75 -13.46 -27.35
N LYS C 114 34.27 -12.86 -26.28
CA LYS C 114 35.70 -12.67 -26.09
C LYS C 114 36.16 -13.45 -24.88
N PRO C 115 37.19 -14.28 -25.02
CA PRO C 115 37.57 -15.20 -23.94
C PRO C 115 38.23 -14.46 -22.78
N ILE C 116 37.49 -14.30 -21.68
CA ILE C 116 38.03 -13.62 -20.50
C ILE C 116 38.86 -14.56 -19.64
N ASP C 117 38.92 -15.85 -19.97
CA ASP C 117 39.83 -16.78 -19.33
C ASP C 117 41.26 -16.63 -19.83
N GLY C 118 41.46 -15.95 -20.95
CA GLY C 118 42.80 -15.74 -21.46
C GLY C 118 43.45 -16.95 -22.09
N ARG C 119 42.67 -17.96 -22.46
CA ARG C 119 43.19 -19.20 -23.04
C ARG C 119 43.24 -19.15 -24.56
N GLY C 120 43.42 -17.98 -25.14
CA GLY C 120 43.47 -17.83 -26.57
C GLY C 120 42.11 -17.58 -27.17
N GLU C 121 42.12 -17.10 -28.41
CA GLU C 121 40.87 -16.81 -29.09
C GLU C 121 40.19 -18.11 -29.50
N ILE C 122 38.91 -18.01 -29.81
CA ILE C 122 38.08 -19.16 -30.13
C ILE C 122 38.10 -19.37 -31.64
N THR C 123 38.44 -20.60 -32.05
CA THR C 123 38.38 -20.95 -33.46
C THR C 123 36.92 -21.10 -33.88
N ALA C 124 36.39 -20.04 -34.49
CA ALA C 124 34.97 -20.01 -34.87
C ALA C 124 34.88 -19.51 -36.31
N SER C 125 34.46 -20.39 -37.21
CA SER C 125 34.25 -19.99 -38.60
C SER C 125 32.84 -19.47 -38.82
N GLU C 126 31.84 -20.31 -38.56
CA GLU C 126 30.46 -19.94 -38.84
C GLU C 126 29.96 -18.91 -37.84
N SER C 127 29.13 -17.99 -38.33
CA SER C 127 28.60 -16.91 -37.50
C SER C 127 27.07 -16.96 -37.54
N ARG C 128 26.46 -16.79 -36.38
CA ARG C 128 25.01 -16.73 -36.25
C ARG C 128 24.64 -15.39 -35.64
N LEU C 129 23.49 -14.86 -36.05
CA LEU C 129 23.03 -13.58 -35.53
C LEU C 129 22.74 -13.68 -34.04
N ILE C 130 22.80 -12.54 -33.36
CA ILE C 130 22.43 -12.49 -31.95
C ILE C 130 20.92 -12.63 -31.80
N GLU C 131 20.16 -11.85 -32.56
CA GLU C 131 18.72 -11.94 -32.56
C GLU C 131 18.27 -12.77 -33.76
N SER C 132 17.50 -13.81 -33.50
CA SER C 132 16.98 -14.73 -34.50
C SER C 132 15.49 -14.92 -34.24
N PRO C 133 14.74 -15.35 -35.25
CA PRO C 133 13.33 -15.65 -35.03
C PRO C 133 13.14 -16.88 -34.15
N ALA C 134 11.97 -16.98 -33.53
CA ALA C 134 11.64 -18.15 -32.74
C ALA C 134 11.12 -19.26 -33.64
N PRO C 135 11.35 -20.53 -33.26
CA PRO C 135 10.82 -21.64 -34.06
C PRO C 135 9.30 -21.57 -34.17
N GLY C 136 8.81 -21.70 -35.40
CA GLY C 136 7.40 -21.56 -35.65
C GLY C 136 6.60 -22.69 -35.05
N ILE C 137 5.30 -22.70 -35.39
CA ILE C 137 4.41 -23.71 -34.86
C ILE C 137 4.80 -25.09 -35.39
N MET C 138 5.17 -25.16 -36.68
CA MET C 138 5.52 -26.45 -37.26
C MET C 138 7.00 -26.76 -37.16
N SER C 139 7.81 -25.80 -36.73
CA SER C 139 9.23 -26.05 -36.50
C SER C 139 9.51 -26.61 -35.12
N ARG C 140 8.49 -27.13 -34.44
CA ARG C 140 8.65 -27.75 -33.13
C ARG C 140 7.75 -28.98 -33.03
N ARG C 141 7.98 -29.76 -31.98
CA ARG C 141 7.11 -30.86 -31.60
C ARG C 141 6.91 -30.83 -30.09
N SER C 142 5.93 -31.59 -29.62
CA SER C 142 5.61 -31.63 -28.20
C SER C 142 6.75 -32.21 -27.39
N VAL C 143 6.99 -31.61 -26.23
CA VAL C 143 8.05 -32.06 -25.33
C VAL C 143 7.69 -33.44 -24.79
N TYR C 144 8.59 -34.41 -24.95
CA TYR C 144 8.35 -35.76 -24.44
C TYR C 144 9.55 -36.34 -23.69
N GLU C 145 10.76 -35.84 -23.90
CA GLU C 145 11.87 -36.38 -23.11
C GLU C 145 11.91 -35.69 -21.76
N PRO C 146 12.45 -36.34 -20.74
CA PRO C 146 12.70 -35.63 -19.48
C PRO C 146 14.10 -35.06 -19.43
N LEU C 147 14.26 -33.91 -18.76
CA LEU C 147 15.57 -33.35 -18.48
C LEU C 147 15.84 -33.54 -17.00
N GLN C 148 16.72 -34.48 -16.67
CA GLN C 148 16.93 -34.86 -15.28
C GLN C 148 17.65 -33.75 -14.54
N THR C 149 17.12 -33.39 -13.38
CA THR C 149 17.74 -32.39 -12.52
C THR C 149 18.51 -32.99 -11.36
N GLY C 150 18.20 -34.24 -10.99
CA GLY C 150 18.80 -34.87 -9.85
C GLY C 150 18.02 -34.70 -8.57
N LEU C 151 17.26 -33.61 -8.45
CA LEU C 151 16.44 -33.35 -7.28
C LEU C 151 15.20 -34.22 -7.34
N ILE C 152 14.84 -34.86 -6.23
CA ILE C 152 13.67 -35.72 -6.24
C ILE C 152 12.40 -34.91 -6.45
N ALA C 153 12.34 -33.71 -5.87
CA ALA C 153 11.13 -32.89 -5.98
C ALA C 153 10.90 -32.44 -7.42
N ILE C 154 11.91 -31.83 -8.04
CA ILE C 154 11.74 -31.35 -9.41
C ILE C 154 11.59 -32.51 -10.37
N ASP C 155 12.33 -33.59 -10.14
CA ASP C 155 12.26 -34.71 -11.06
C ASP C 155 10.95 -35.49 -10.95
N ALA C 156 10.24 -35.38 -9.82
CA ALA C 156 8.98 -36.11 -9.70
C ALA C 156 7.75 -35.23 -9.90
N MET C 157 7.61 -34.19 -9.08
CA MET C 157 6.34 -33.50 -8.97
C MET C 157 6.17 -32.43 -10.04
N ILE C 158 7.13 -31.52 -10.14
CA ILE C 158 7.13 -30.49 -11.17
C ILE C 158 8.25 -30.77 -12.16
N PRO C 159 8.02 -31.67 -13.12
CA PRO C 159 9.12 -32.12 -13.98
C PRO C 159 9.50 -31.09 -15.02
N VAL C 160 10.72 -31.22 -15.52
CA VAL C 160 11.22 -30.36 -16.60
C VAL C 160 11.64 -31.26 -17.75
N GLY C 161 11.29 -30.87 -18.97
CA GLY C 161 11.53 -31.71 -20.12
C GLY C 161 12.45 -31.09 -21.16
N ARG C 162 13.06 -31.93 -21.97
CA ARG C 162 14.00 -31.44 -22.98
C ARG C 162 13.26 -30.60 -24.01
N GLY C 163 13.46 -29.29 -23.93
CA GLY C 163 12.79 -28.36 -24.80
C GLY C 163 11.72 -27.53 -24.13
N GLN C 164 11.81 -27.33 -22.82
CA GLN C 164 10.81 -26.60 -22.05
C GLN C 164 11.49 -25.46 -21.32
N ARG C 165 10.82 -24.31 -21.26
CA ARG C 165 11.26 -23.24 -20.38
C ARG C 165 10.75 -23.51 -18.98
N GLU C 166 11.59 -23.28 -17.97
CA GLU C 166 11.18 -23.47 -16.58
C GLU C 166 11.90 -22.46 -15.72
N LEU C 167 11.14 -21.62 -15.03
CA LEU C 167 11.70 -20.47 -14.33
C LEU C 167 12.00 -20.85 -12.89
N ILE C 168 13.21 -20.51 -12.44
CA ILE C 168 13.57 -20.66 -11.04
C ILE C 168 13.43 -19.29 -10.39
N ILE C 169 12.37 -19.10 -9.61
CA ILE C 169 12.03 -17.81 -9.03
C ILE C 169 12.10 -17.92 -7.52
N GLY C 170 12.60 -16.87 -6.87
CA GLY C 170 12.71 -16.93 -5.43
C GLY C 170 13.47 -15.75 -4.88
N ASP C 171 13.75 -15.80 -3.59
CA ASP C 171 14.33 -14.69 -2.86
C ASP C 171 15.84 -14.79 -2.88
N ARG C 172 16.53 -14.04 -2.02
CA ARG C 172 17.98 -14.14 -1.91
C ARG C 172 18.39 -15.32 -1.07
N GLN C 173 19.50 -15.96 -1.45
CA GLN C 173 20.11 -17.07 -0.71
C GLN C 173 19.12 -18.21 -0.48
N THR C 174 18.22 -18.43 -1.45
CA THR C 174 17.25 -19.48 -1.36
C THR C 174 17.56 -20.64 -2.30
N GLY C 175 18.75 -20.65 -2.88
CA GLY C 175 19.24 -21.82 -3.57
C GLY C 175 18.99 -21.87 -5.06
N LYS C 176 18.74 -20.72 -5.70
CA LYS C 176 18.44 -20.72 -7.13
C LYS C 176 19.68 -21.04 -7.95
N THR C 177 20.79 -20.37 -7.65
CA THR C 177 22.05 -20.68 -8.32
C THR C 177 22.45 -22.12 -8.06
N ALA C 178 22.19 -22.63 -6.86
CA ALA C 178 22.54 -24.01 -6.53
C ALA C 178 21.67 -24.98 -7.32
N VAL C 179 20.38 -24.67 -7.46
CA VAL C 179 19.49 -25.51 -8.26
C VAL C 179 19.98 -25.57 -9.70
N ALA C 180 20.34 -24.41 -10.27
CA ALA C 180 20.82 -24.38 -11.64
C ALA C 180 22.14 -25.13 -11.79
N THR C 181 23.04 -24.96 -10.83
CA THR C 181 24.35 -25.61 -10.90
C THR C 181 24.22 -27.12 -10.78
N ASP C 182 23.33 -27.60 -9.92
CA ASP C 182 23.12 -29.03 -9.80
C ASP C 182 22.43 -29.60 -11.03
N THR C 183 21.49 -28.84 -11.60
CA THR C 183 20.84 -29.30 -12.82
C THR C 183 21.84 -29.40 -13.97
N ILE C 184 22.82 -28.50 -13.99
CA ILE C 184 23.89 -28.58 -14.99
C ILE C 184 24.79 -29.78 -14.71
N LEU C 185 25.17 -29.96 -13.44
CA LEU C 185 26.16 -30.97 -13.12
C LEU C 185 25.60 -32.38 -13.24
N ASN C 186 24.28 -32.54 -13.17
CA ASN C 186 23.69 -33.86 -13.36
C ASN C 186 23.79 -34.32 -14.81
N GLN C 187 24.10 -33.41 -15.73
CA GLN C 187 24.12 -33.71 -17.16
C GLN C 187 25.35 -34.47 -17.62
N GLN C 188 26.24 -34.87 -16.71
CA GLN C 188 27.54 -35.38 -17.14
C GLN C 188 27.42 -36.69 -17.88
N GLY C 189 26.32 -37.41 -17.70
CA GLY C 189 26.13 -38.68 -18.36
C GLY C 189 24.97 -38.70 -19.33
N GLN C 190 24.42 -37.53 -19.65
CA GLN C 190 23.29 -37.43 -20.56
C GLN C 190 23.65 -36.78 -21.88
N ASN C 191 24.86 -36.26 -22.00
CA ASN C 191 25.38 -35.70 -23.26
C ASN C 191 24.50 -34.56 -23.79
N VAL C 192 24.43 -33.48 -23.03
CA VAL C 192 23.83 -32.23 -23.49
C VAL C 192 24.86 -31.12 -23.35
N ILE C 193 24.65 -30.03 -24.08
CA ILE C 193 25.54 -28.88 -23.97
C ILE C 193 24.96 -27.89 -22.95
N CYS C 194 25.80 -27.45 -22.02
CA CYS C 194 25.37 -26.57 -20.95
C CYS C 194 25.82 -25.15 -21.25
N VAL C 195 24.98 -24.18 -20.94
CA VAL C 195 25.31 -22.76 -21.07
C VAL C 195 24.84 -22.08 -19.79
N TYR C 196 25.75 -21.35 -19.14
CA TYR C 196 25.41 -20.61 -17.92
C TYR C 196 25.75 -19.14 -18.16
N VAL C 197 24.73 -18.34 -18.46
CA VAL C 197 24.89 -16.92 -18.70
C VAL C 197 24.75 -16.21 -17.36
N ALA C 198 25.70 -15.32 -17.05
CA ALA C 198 25.73 -14.60 -15.80
C ALA C 198 25.64 -13.11 -16.10
N ILE C 199 24.54 -12.49 -15.70
CA ILE C 199 24.23 -11.12 -16.06
C ILE C 199 24.32 -10.27 -14.80
N GLY C 200 25.32 -9.40 -14.75
CA GLY C 200 25.47 -8.48 -13.64
C GLY C 200 25.66 -9.15 -12.30
N GLN C 201 26.70 -9.97 -12.19
CA GLN C 201 26.99 -10.72 -10.97
C GLN C 201 28.44 -10.50 -10.59
N LYS C 202 28.79 -10.90 -9.36
CA LYS C 202 30.15 -10.73 -8.86
C LYS C 202 31.13 -11.51 -9.71
N ALA C 203 32.24 -10.86 -10.06
CA ALA C 203 33.34 -11.54 -10.71
C ALA C 203 33.83 -12.70 -9.85
N SER C 204 33.87 -12.49 -8.54
CA SER C 204 34.23 -13.58 -7.62
C SER C 204 33.22 -14.71 -7.67
N SER C 205 31.92 -14.39 -7.80
CA SER C 205 30.91 -15.42 -7.91
C SER C 205 31.11 -16.25 -9.17
N VAL C 206 31.36 -15.59 -10.29
CA VAL C 206 31.63 -16.32 -11.54
C VAL C 206 32.89 -17.17 -11.40
N ALA C 207 33.90 -16.64 -10.71
CA ALA C 207 35.12 -17.42 -10.51
C ALA C 207 34.87 -18.66 -9.67
N GLN C 208 34.02 -18.53 -8.63
CA GLN C 208 33.65 -19.69 -7.84
C GLN C 208 32.91 -20.71 -8.69
N VAL C 209 32.02 -20.24 -9.56
CA VAL C 209 31.23 -21.15 -10.37
C VAL C 209 32.12 -21.91 -11.35
N VAL C 210 33.03 -21.20 -12.02
CA VAL C 210 33.89 -21.87 -13.01
C VAL C 210 34.89 -22.77 -12.32
N THR C 211 35.29 -22.43 -11.09
CA THR C 211 36.15 -23.34 -10.33
C THR C 211 35.41 -24.62 -9.97
N ASN C 212 34.18 -24.48 -9.45
CA ASN C 212 33.37 -25.63 -9.12
C ASN C 212 33.16 -26.52 -10.32
N PHE C 213 32.83 -25.92 -11.48
CA PHE C 213 32.63 -26.69 -12.70
C PHE C 213 33.92 -27.39 -13.12
N GLN C 214 35.04 -26.67 -13.13
CA GLN C 214 36.28 -27.23 -13.63
C GLN C 214 36.79 -28.36 -12.75
N GLU C 215 36.51 -28.30 -11.44
CA GLU C 215 37.03 -29.34 -10.57
C GLU C 215 36.04 -30.47 -10.38
N ARG C 216 34.76 -30.25 -10.69
CA ARG C 216 33.78 -31.32 -10.67
C ARG C 216 33.68 -32.05 -12.01
N GLY C 217 34.20 -31.45 -13.09
CA GLY C 217 34.17 -32.10 -14.38
C GLY C 217 33.14 -31.56 -15.34
N ALA C 218 32.38 -30.55 -14.94
CA ALA C 218 31.31 -30.03 -15.78
C ALA C 218 31.78 -28.97 -16.76
N MET C 219 33.05 -28.97 -17.14
CA MET C 219 33.52 -27.96 -18.08
C MET C 219 33.78 -28.54 -19.47
N GLU C 220 33.66 -29.86 -19.62
CA GLU C 220 33.85 -30.46 -20.93
C GLU C 220 32.69 -30.13 -21.86
N TYR C 221 31.57 -29.70 -21.30
CA TYR C 221 30.33 -29.49 -22.05
C TYR C 221 29.60 -28.23 -21.60
N THR C 222 30.32 -27.24 -21.08
CA THR C 222 29.71 -26.03 -20.56
C THR C 222 30.42 -24.80 -21.12
N ILE C 223 29.68 -23.73 -21.31
CA ILE C 223 30.21 -22.43 -21.64
C ILE C 223 29.71 -21.46 -20.57
N VAL C 224 30.43 -20.36 -20.36
CA VAL C 224 30.02 -19.35 -19.39
C VAL C 224 30.04 -18.00 -20.07
N VAL C 225 28.86 -17.46 -20.36
CA VAL C 225 28.71 -16.15 -20.96
C VAL C 225 28.49 -15.17 -19.80
N ALA C 226 29.58 -14.59 -19.30
CA ALA C 226 29.51 -13.78 -18.09
C ALA C 226 29.99 -12.36 -18.37
N GLU C 227 29.31 -11.40 -17.75
CA GLU C 227 29.82 -10.04 -17.61
C GLU C 227 29.29 -9.51 -16.28
N THR C 228 30.11 -8.74 -15.59
CA THR C 228 29.88 -8.41 -14.19
C THR C 228 29.10 -7.11 -14.07
N ALA C 229 28.96 -6.63 -12.83
CA ALA C 229 28.15 -5.44 -12.58
C ALA C 229 28.81 -4.19 -13.15
N ASP C 230 30.14 -4.20 -13.26
CA ASP C 230 30.90 -3.12 -13.88
C ASP C 230 30.57 -2.96 -15.37
N SER C 231 30.25 -4.06 -16.05
CA SER C 231 30.09 -4.07 -17.50
C SER C 231 28.98 -3.12 -17.95
N PRO C 232 29.06 -2.62 -19.19
CA PRO C 232 28.04 -1.68 -19.67
C PRO C 232 26.66 -2.31 -19.74
N ALA C 233 25.65 -1.45 -19.71
CA ALA C 233 24.26 -1.89 -19.74
C ALA C 233 23.97 -2.68 -21.00
N THR C 234 24.54 -2.28 -22.14
CA THR C 234 24.25 -2.98 -23.38
C THR C 234 24.89 -4.35 -23.41
N LEU C 235 26.02 -4.53 -22.72
CA LEU C 235 26.58 -5.87 -22.60
C LEU C 235 25.76 -6.72 -21.65
N GLN C 236 25.32 -6.14 -20.54
CA GLN C 236 24.43 -6.87 -19.63
C GLN C 236 23.11 -7.20 -20.32
N TYR C 237 22.77 -6.46 -21.38
CA TYR C 237 21.55 -6.71 -22.12
C TYR C 237 21.75 -7.72 -23.24
N LEU C 238 22.94 -7.73 -23.84
CA LEU C 238 23.24 -8.64 -24.94
C LEU C 238 23.72 -10.01 -24.48
N ALA C 239 24.17 -10.14 -23.23
CA ALA C 239 24.63 -11.44 -22.75
C ALA C 239 23.61 -12.57 -22.91
N PRO C 240 22.33 -12.41 -22.54
CA PRO C 240 21.42 -13.54 -22.71
C PRO C 240 21.17 -13.89 -24.15
N TYR C 241 21.11 -12.90 -25.04
CA TYR C 241 20.86 -13.19 -26.45
C TYR C 241 22.08 -13.85 -27.09
N THR C 242 23.28 -13.45 -26.68
CA THR C 242 24.48 -14.11 -27.18
C THR C 242 24.57 -15.55 -26.68
N GLY C 243 24.25 -15.77 -25.41
CA GLY C 243 24.18 -17.13 -24.90
C GLY C 243 23.14 -17.96 -25.64
N ALA C 244 22.01 -17.34 -25.99
CA ALA C 244 20.97 -18.03 -26.72
C ALA C 244 21.43 -18.43 -28.12
N ALA C 245 22.15 -17.54 -28.80
CA ALA C 245 22.65 -17.86 -30.13
C ALA C 245 23.71 -18.96 -30.06
N LEU C 246 24.59 -18.87 -29.07
CA LEU C 246 25.61 -19.90 -28.86
C LEU C 246 24.97 -21.25 -28.62
N ALA C 247 23.90 -21.30 -27.83
CA ALA C 247 23.19 -22.54 -27.61
C ALA C 247 22.47 -23.00 -28.87
N GLU C 248 21.90 -22.06 -29.62
CA GLU C 248 21.05 -22.43 -30.74
C GLU C 248 21.85 -22.97 -31.90
N TYR C 249 23.11 -22.56 -32.01
CA TYR C 249 24.02 -23.20 -32.96
C TYR C 249 24.03 -24.70 -32.78
N PHE C 250 24.21 -25.16 -31.54
CA PHE C 250 24.14 -26.59 -31.26
C PHE C 250 22.73 -27.12 -31.49
N MET C 251 21.72 -26.36 -31.03
CA MET C 251 20.33 -26.83 -31.09
C MET C 251 19.91 -27.16 -32.52
N TYR C 252 20.36 -26.38 -33.50
CA TYR C 252 19.99 -26.67 -34.88
C TYR C 252 20.75 -27.86 -35.42
N ARG C 253 21.96 -28.09 -34.92
CA ARG C 253 22.77 -29.20 -35.42
C ARG C 253 22.59 -30.45 -34.57
N GLU C 254 21.34 -30.84 -34.34
CA GLU C 254 21.00 -32.14 -33.76
C GLU C 254 21.67 -32.35 -32.41
N ARG C 255 21.59 -31.34 -31.54
CA ARG C 255 22.11 -31.44 -30.19
C ARG C 255 21.02 -31.05 -29.20
N HIS C 256 21.19 -31.51 -27.97
CA HIS C 256 20.37 -31.10 -26.85
C HIS C 256 21.16 -30.15 -25.98
N THR C 257 20.52 -29.05 -25.58
CA THR C 257 21.22 -27.96 -24.93
C THR C 257 20.50 -27.64 -23.63
N LEU C 258 21.17 -26.92 -22.75
CA LEU C 258 20.59 -26.43 -21.51
C LEU C 258 21.21 -25.09 -21.17
N ILE C 259 20.40 -24.03 -21.18
CA ILE C 259 20.89 -22.68 -20.91
C ILE C 259 20.20 -22.15 -19.66
N ILE C 260 20.96 -21.46 -18.82
CA ILE C 260 20.48 -20.88 -17.57
C ILE C 260 20.81 -19.40 -17.62
N TYR C 261 19.84 -18.56 -17.27
CA TYR C 261 20.09 -17.12 -17.20
C TYR C 261 20.06 -16.67 -15.74
N ASP C 262 21.24 -16.55 -15.14
CA ASP C 262 21.36 -16.21 -13.72
C ASP C 262 22.11 -14.89 -13.62
N ASP C 263 21.39 -13.78 -13.61
CA ASP C 263 19.93 -13.76 -13.53
C ASP C 263 19.31 -12.92 -14.64
N LEU C 264 17.98 -12.91 -14.72
CA LEU C 264 17.31 -12.14 -15.77
C LEU C 264 16.95 -10.74 -15.31
N SER C 265 16.71 -10.55 -14.01
CA SER C 265 16.32 -9.24 -13.50
C SER C 265 17.42 -8.21 -13.71
N LYS C 266 18.68 -8.63 -13.68
CA LYS C 266 19.76 -7.71 -13.98
C LYS C 266 19.77 -7.33 -15.46
N GLN C 267 19.40 -8.25 -16.34
CA GLN C 267 19.29 -7.89 -17.76
C GLN C 267 18.17 -6.90 -17.98
N ALA C 268 17.00 -7.13 -17.37
CA ALA C 268 15.90 -6.17 -17.52
C ALA C 268 16.24 -4.83 -16.87
N GLN C 269 17.06 -4.84 -15.82
CA GLN C 269 17.47 -3.59 -15.19
C GLN C 269 18.42 -2.82 -16.09
N ALA C 270 19.36 -3.50 -16.73
CA ALA C 270 20.26 -2.83 -17.68
C ALA C 270 19.48 -2.31 -18.88
N TYR C 271 18.52 -3.08 -19.38
CA TYR C 271 17.73 -2.61 -20.51
C TYR C 271 16.87 -1.42 -20.14
N ARG C 272 16.35 -1.41 -18.91
CA ARG C 272 15.65 -0.23 -18.41
C ARG C 272 16.59 0.96 -18.36
N GLN C 273 17.81 0.76 -17.87
CA GLN C 273 18.77 1.84 -17.79
C GLN C 273 19.04 2.45 -19.16
N MET C 274 19.30 1.60 -20.16
CA MET C 274 19.65 2.15 -21.46
C MET C 274 18.44 2.76 -22.15
N SER C 275 17.25 2.20 -21.91
CA SER C 275 16.02 2.83 -22.37
C SER C 275 15.85 4.22 -21.77
N LEU C 276 16.21 4.40 -20.51
CA LEU C 276 16.03 5.70 -19.87
C LEU C 276 17.14 6.66 -20.22
N LEU C 277 18.29 6.13 -20.63
CA LEU C 277 19.36 6.99 -21.11
C LEU C 277 19.15 7.43 -22.55
N LEU C 278 18.39 6.67 -23.34
CA LEU C 278 17.97 7.10 -24.65
C LEU C 278 16.78 8.05 -24.60
N ARG C 279 16.35 8.45 -23.40
CA ARG C 279 15.19 9.31 -23.14
C ARG C 279 13.89 8.70 -23.65
N ARG C 280 13.77 7.38 -23.73
CA ARG C 280 12.49 6.79 -24.05
C ARG C 280 11.52 6.98 -22.87
N PRO C 281 10.23 7.04 -23.12
CA PRO C 281 9.28 7.23 -22.04
C PRO C 281 9.28 6.06 -21.09
N PRO C 282 9.35 6.32 -19.78
CA PRO C 282 9.29 5.22 -18.82
C PRO C 282 7.86 4.84 -18.51
N GLY C 283 7.60 3.54 -18.53
CA GLY C 283 6.28 3.02 -18.29
C GLY C 283 5.96 2.93 -16.81
N ARG C 284 5.49 1.76 -16.40
CA ARG C 284 5.23 1.53 -14.99
C ARG C 284 6.52 1.23 -14.23
N GLU C 285 6.79 2.05 -13.22
CA GLU C 285 7.98 1.91 -12.36
C GLU C 285 9.27 1.89 -13.18
N ALA C 286 9.39 2.84 -14.11
CA ALA C 286 10.62 3.18 -14.82
C ALA C 286 11.04 2.12 -15.81
N TYR C 287 10.35 0.99 -15.85
CA TYR C 287 10.57 0.00 -16.88
C TYR C 287 9.87 0.45 -18.15
N PRO C 288 10.47 0.27 -19.32
CA PRO C 288 9.76 0.61 -20.55
C PRO C 288 8.63 -0.39 -20.81
N GLY C 289 7.80 -0.07 -21.80
CA GLY C 289 6.67 -0.93 -22.09
C GLY C 289 7.08 -2.26 -22.72
N ASP C 290 8.11 -2.22 -23.56
CA ASP C 290 8.53 -3.38 -24.35
C ASP C 290 9.41 -4.35 -23.60
N VAL C 291 9.42 -4.32 -22.27
CA VAL C 291 10.23 -5.29 -21.52
C VAL C 291 9.62 -6.68 -21.60
N PHE C 292 8.29 -6.77 -21.75
CA PHE C 292 7.67 -8.08 -21.96
C PHE C 292 8.12 -8.67 -23.28
N TYR C 293 8.11 -7.87 -24.34
CA TYR C 293 8.63 -8.33 -25.62
C TYR C 293 10.12 -8.65 -25.52
N LEU C 294 10.85 -7.89 -24.69
CA LEU C 294 12.27 -8.16 -24.45
C LEU C 294 12.49 -9.56 -23.93
N HIS C 295 11.69 -9.98 -22.95
CA HIS C 295 11.89 -11.30 -22.37
C HIS C 295 11.30 -12.39 -23.24
N SER C 296 10.18 -12.12 -23.91
CA SER C 296 9.51 -13.15 -24.69
C SER C 296 10.28 -13.47 -25.96
N ARG C 297 10.88 -12.46 -26.59
CA ARG C 297 11.70 -12.67 -27.77
C ARG C 297 12.89 -13.57 -27.45
N LEU C 298 13.42 -13.46 -26.24
CA LEU C 298 14.54 -14.29 -25.83
C LEU C 298 14.08 -15.69 -25.44
N LEU C 299 12.92 -15.79 -24.79
CA LEU C 299 12.51 -17.08 -24.23
C LEU C 299 11.86 -17.99 -25.27
N GLU C 300 11.14 -17.42 -26.24
CA GLU C 300 10.43 -18.26 -27.19
C GLU C 300 11.36 -18.96 -28.17
N ARG C 301 12.67 -18.82 -28.02
CA ARG C 301 13.64 -19.49 -28.85
C ARG C 301 14.11 -20.81 -28.26
N ALA C 302 13.65 -21.16 -27.07
CA ALA C 302 13.94 -22.45 -26.45
C ALA C 302 12.77 -23.36 -26.77
N ALA C 303 13.02 -24.38 -27.58
CA ALA C 303 11.96 -25.23 -28.08
C ALA C 303 12.51 -26.64 -28.30
N LYS C 304 11.61 -27.53 -28.70
CA LYS C 304 11.95 -28.91 -29.04
C LYS C 304 11.67 -29.10 -30.52
N LEU C 305 12.71 -28.98 -31.34
CA LEU C 305 12.57 -28.98 -32.79
C LEU C 305 12.07 -30.32 -33.29
N SER C 306 11.40 -30.26 -34.45
CA SER C 306 10.75 -31.45 -34.99
C SER C 306 11.78 -32.39 -35.61
N SER C 307 11.30 -33.55 -36.06
CA SER C 307 12.18 -34.54 -36.65
C SER C 307 12.86 -34.03 -37.90
N LEU C 308 12.14 -33.25 -38.71
CA LEU C 308 12.73 -32.71 -39.93
C LEU C 308 13.89 -31.79 -39.63
N LEU C 309 13.84 -31.06 -38.52
CA LEU C 309 14.91 -30.18 -38.11
C LEU C 309 15.96 -30.89 -37.26
N GLY C 310 15.92 -32.22 -37.23
CA GLY C 310 16.90 -33.00 -36.50
C GLY C 310 16.53 -33.34 -35.07
N GLU C 311 15.33 -32.94 -34.64
CA GLU C 311 14.86 -33.15 -33.26
C GLU C 311 15.86 -32.60 -32.24
N GLY C 312 16.41 -31.43 -32.54
CA GLY C 312 17.23 -30.72 -31.60
C GLY C 312 16.41 -30.10 -30.49
N SER C 313 17.08 -29.77 -29.40
CA SER C 313 16.39 -29.26 -28.23
C SER C 313 17.19 -28.12 -27.61
N MET C 314 16.53 -27.33 -26.78
CA MET C 314 17.18 -26.32 -25.96
C MET C 314 16.26 -26.04 -24.78
N THR C 315 16.64 -26.51 -23.60
CA THR C 315 15.90 -26.24 -22.38
C THR C 315 16.48 -25.00 -21.71
N ALA C 316 15.65 -23.98 -21.56
CA ALA C 316 16.04 -22.75 -20.89
C ALA C 316 15.53 -22.77 -19.46
N LEU C 317 16.43 -22.59 -18.49
CA LEU C 317 16.06 -22.53 -17.10
C LEU C 317 16.47 -21.19 -16.49
N PRO C 318 15.77 -20.11 -16.82
CA PRO C 318 16.18 -18.80 -16.32
C PRO C 318 15.98 -18.68 -14.81
N ILE C 319 16.71 -17.74 -14.22
CA ILE C 319 16.66 -17.46 -12.79
C ILE C 319 16.30 -16.00 -12.60
N VAL C 320 15.28 -15.73 -11.80
CA VAL C 320 14.93 -14.38 -11.41
C VAL C 320 14.97 -14.28 -9.89
N GLU C 321 14.87 -13.06 -9.39
CA GLU C 321 14.80 -12.80 -7.96
C GLU C 321 13.55 -11.99 -7.66
N THR C 322 12.79 -12.43 -6.67
CA THR C 322 11.69 -11.65 -6.13
C THR C 322 12.15 -11.02 -4.81
N GLN C 323 11.71 -9.80 -4.55
CA GLN C 323 12.12 -9.10 -3.34
C GLN C 323 11.05 -9.25 -2.26
N ALA C 324 11.45 -9.85 -1.13
CA ALA C 324 10.58 -10.18 -0.01
C ALA C 324 9.40 -11.04 -0.41
N GLY C 325 9.55 -11.87 -1.43
CA GLY C 325 8.45 -12.70 -1.90
C GLY C 325 7.36 -11.98 -2.64
N ASP C 326 7.66 -10.86 -3.28
CA ASP C 326 6.67 -10.07 -4.00
C ASP C 326 6.60 -10.56 -5.44
N VAL C 327 5.82 -11.62 -5.67
CA VAL C 327 5.61 -12.13 -7.02
C VAL C 327 4.83 -11.13 -7.86
N SER C 328 4.06 -10.26 -7.22
CA SER C 328 3.24 -9.28 -7.91
C SER C 328 4.06 -8.22 -8.63
N ALA C 329 5.38 -8.28 -8.57
CA ALA C 329 6.19 -7.29 -9.23
C ALA C 329 6.15 -7.48 -10.75
N TYR C 330 6.58 -6.42 -11.45
CA TYR C 330 6.48 -6.36 -12.91
C TYR C 330 7.22 -7.52 -13.57
N ILE C 331 8.53 -7.59 -13.35
CA ILE C 331 9.32 -8.61 -14.04
C ILE C 331 9.02 -10.01 -13.53
N PRO C 332 8.81 -10.25 -12.22
CA PRO C 332 8.32 -11.58 -11.83
C PRO C 332 7.06 -12.02 -12.54
N THR C 333 6.03 -11.17 -12.65
CA THR C 333 4.83 -11.65 -13.32
C THR C 333 5.06 -11.81 -14.82
N ASN C 334 5.91 -10.98 -15.42
CA ASN C 334 6.24 -11.14 -16.82
C ASN C 334 6.89 -12.50 -17.09
N VAL C 335 7.86 -12.88 -16.25
CA VAL C 335 8.56 -14.14 -16.51
C VAL C 335 7.69 -15.35 -16.17
N ILE C 336 6.86 -15.28 -15.12
CA ILE C 336 6.00 -16.42 -14.84
C ILE C 336 4.89 -16.52 -15.88
N SER C 337 4.67 -15.44 -16.64
CA SER C 337 3.74 -15.54 -17.77
C SER C 337 4.42 -16.16 -18.99
N ILE C 338 5.68 -15.81 -19.24
CA ILE C 338 6.31 -16.26 -20.48
C ILE C 338 6.77 -17.70 -20.38
N THR C 339 7.37 -18.07 -19.25
CA THR C 339 7.93 -19.41 -19.13
C THR C 339 6.85 -20.47 -19.05
N ASP C 340 7.25 -21.73 -19.24
CA ASP C 340 6.34 -22.87 -19.22
C ASP C 340 6.37 -23.54 -17.85
N GLY C 341 5.76 -22.86 -16.89
CA GLY C 341 5.80 -23.29 -15.51
C GLY C 341 6.96 -22.68 -14.76
N GLN C 342 6.85 -22.68 -13.44
CA GLN C 342 7.86 -22.01 -12.61
C GLN C 342 8.08 -22.79 -11.33
N ILE C 343 9.24 -22.59 -10.75
CA ILE C 343 9.65 -23.26 -9.51
C ILE C 343 9.94 -22.18 -8.50
N PHE C 344 9.07 -22.06 -7.50
CA PHE C 344 9.22 -21.01 -6.49
C PHE C 344 10.01 -21.54 -5.31
N LEU C 345 11.08 -20.84 -4.96
CA LEU C 345 11.93 -21.16 -3.82
C LEU C 345 11.64 -20.17 -2.70
N SER C 346 11.34 -20.68 -1.51
CA SER C 346 10.89 -19.85 -0.40
C SER C 346 11.92 -19.84 0.73
N ALA C 347 12.27 -18.64 1.19
CA ALA C 347 13.16 -18.52 2.34
C ALA C 347 12.53 -19.10 3.59
N ASP C 348 11.19 -19.12 3.65
CA ASP C 348 10.50 -19.75 4.77
C ASP C 348 10.84 -21.23 4.86
N LEU C 349 10.61 -21.96 3.76
CA LEU C 349 10.96 -23.38 3.71
C LEU C 349 12.46 -23.57 3.86
N PHE C 350 13.24 -22.58 3.46
CA PHE C 350 14.70 -22.68 3.60
C PHE C 350 15.10 -22.67 5.07
N ASN C 351 14.62 -21.68 5.82
CA ASN C 351 14.94 -21.61 7.25
C ASN C 351 14.38 -22.81 8.00
N ALA C 352 13.16 -23.22 7.67
CA ALA C 352 12.48 -24.28 8.42
C ALA C 352 13.09 -25.66 8.18
N GLY C 353 14.17 -25.76 7.41
CA GLY C 353 14.83 -27.03 7.16
C GLY C 353 14.59 -27.64 5.81
N ILE C 354 13.51 -27.28 5.13
CA ILE C 354 13.15 -27.90 3.86
C ILE C 354 14.10 -27.40 2.79
N ARG C 355 15.09 -28.21 2.44
CA ARG C 355 16.11 -27.82 1.49
C ARG C 355 16.32 -28.92 0.47
N PRO C 356 16.20 -28.64 -0.83
CA PRO C 356 15.94 -27.35 -1.48
C PRO C 356 14.50 -26.88 -1.32
N ALA C 357 14.34 -25.59 -1.07
CA ALA C 357 13.08 -25.03 -0.59
C ALA C 357 12.07 -24.87 -1.73
N ILE C 358 11.73 -25.98 -2.36
CA ILE C 358 10.72 -25.99 -3.42
C ILE C 358 9.35 -25.80 -2.79
N ASN C 359 8.67 -24.72 -3.13
CA ASN C 359 7.28 -24.53 -2.72
C ASN C 359 6.41 -25.01 -3.87
N VAL C 360 6.07 -26.30 -3.83
CA VAL C 360 5.36 -26.93 -4.93
C VAL C 360 3.91 -26.48 -5.00
N GLY C 361 3.33 -26.02 -3.89
CA GLY C 361 1.96 -25.53 -3.92
C GLY C 361 1.77 -24.39 -4.89
N ILE C 362 2.78 -23.55 -5.05
CA ILE C 362 2.72 -22.45 -6.02
C ILE C 362 3.78 -22.66 -7.08
N SER C 363 4.20 -23.91 -7.27
CA SER C 363 5.06 -24.28 -8.38
C SER C 363 4.26 -25.14 -9.34
N VAL C 364 4.59 -25.05 -10.63
CA VAL C 364 3.86 -25.76 -11.67
C VAL C 364 4.85 -26.26 -12.70
N SER C 365 4.37 -27.15 -13.56
CA SER C 365 5.12 -27.60 -14.73
C SER C 365 4.13 -27.84 -15.85
N ARG C 366 4.25 -27.05 -16.91
CA ARG C 366 3.21 -27.07 -17.94
C ARG C 366 3.43 -28.18 -18.96
N VAL C 367 4.29 -29.16 -18.63
CA VAL C 367 4.44 -30.32 -19.52
C VAL C 367 3.84 -31.56 -18.87
N GLY C 368 4.01 -31.71 -17.55
CA GLY C 368 3.35 -32.81 -16.86
C GLY C 368 4.15 -34.10 -16.98
N SER C 369 3.42 -35.21 -17.12
CA SER C 369 4.07 -36.52 -17.14
C SER C 369 4.91 -36.72 -18.39
N ALA C 370 4.68 -35.91 -19.43
CA ALA C 370 5.50 -35.99 -20.62
C ALA C 370 6.92 -35.51 -20.38
N ALA C 371 7.21 -34.93 -19.22
CA ALA C 371 8.58 -34.61 -18.83
C ALA C 371 9.11 -35.61 -17.80
N GLN C 372 8.57 -36.82 -17.82
CA GLN C 372 9.05 -37.93 -17.00
C GLN C 372 9.10 -39.17 -17.88
N ILE C 373 9.41 -40.31 -17.27
CA ILE C 373 9.34 -41.58 -17.98
C ILE C 373 8.13 -42.36 -17.48
N LYS C 374 7.85 -43.49 -18.14
CA LYS C 374 6.72 -44.32 -17.76
C LYS C 374 6.82 -44.81 -16.32
N ALA C 375 8.04 -45.11 -15.85
CA ALA C 375 8.22 -45.62 -14.49
C ALA C 375 7.91 -44.54 -13.45
N MET C 376 8.50 -43.36 -13.61
CA MET C 376 8.24 -42.30 -12.65
C MET C 376 6.81 -41.80 -12.75
N LYS C 377 6.20 -41.91 -13.94
CA LYS C 377 4.80 -41.54 -14.06
C LYS C 377 3.89 -42.52 -13.35
N LYS C 378 4.17 -43.82 -13.47
CA LYS C 378 3.40 -44.82 -12.75
C LYS C 378 3.55 -44.66 -11.26
N VAL C 379 4.75 -44.29 -10.81
CA VAL C 379 4.95 -44.20 -9.37
C VAL C 379 4.43 -42.88 -8.79
N ALA C 380 4.42 -41.79 -9.56
CA ALA C 380 4.07 -40.48 -9.04
C ALA C 380 3.23 -39.63 -9.98
N GLY C 381 2.20 -40.20 -10.60
CA GLY C 381 1.29 -39.38 -11.40
C GLY C 381 0.42 -38.46 -10.57
N LYS C 382 -0.14 -38.97 -9.49
CA LYS C 382 -1.11 -38.22 -8.68
C LYS C 382 -0.45 -37.48 -7.52
N LEU C 383 0.89 -37.53 -7.43
CA LEU C 383 1.57 -37.17 -6.19
C LEU C 383 1.44 -35.68 -5.89
N LYS C 384 1.45 -34.83 -6.91
CA LYS C 384 1.40 -33.39 -6.65
C LYS C 384 0.06 -32.97 -6.09
N LEU C 385 -1.03 -33.45 -6.69
CA LEU C 385 -2.35 -33.13 -6.18
C LEU C 385 -2.57 -33.73 -4.80
N GLU C 386 -2.11 -34.97 -4.59
CA GLU C 386 -2.30 -35.59 -3.29
C GLU C 386 -1.46 -34.89 -2.22
N LEU C 387 -0.28 -34.39 -2.60
CA LEU C 387 0.58 -33.72 -1.64
C LEU C 387 0.06 -32.31 -1.33
N ALA C 388 -0.56 -31.65 -2.29
CA ALA C 388 -1.18 -30.37 -1.99
C ALA C 388 -2.41 -30.53 -1.13
N GLN C 389 -3.25 -31.53 -1.45
CA GLN C 389 -4.39 -31.83 -0.60
C GLN C 389 -3.98 -32.26 0.79
N PHE C 390 -2.84 -32.96 0.94
CA PHE C 390 -2.35 -33.30 2.26
C PHE C 390 -1.72 -32.11 2.96
N ALA C 391 -1.15 -31.16 2.22
CA ALA C 391 -0.72 -29.92 2.84
C ALA C 391 -1.90 -29.18 3.43
N GLU C 392 -3.04 -29.20 2.75
CA GLU C 392 -4.26 -28.67 3.35
C GLU C 392 -4.66 -29.47 4.59
N LEU C 393 -4.85 -30.78 4.44
CA LEU C 393 -5.28 -31.66 5.53
C LEU C 393 -4.38 -31.58 6.76
N GLU C 394 -3.08 -31.33 6.57
CA GLU C 394 -2.18 -31.17 7.71
C GLU C 394 -2.20 -29.74 8.22
N ALA C 395 -2.52 -28.78 7.35
CA ALA C 395 -2.59 -27.39 7.80
C ALA C 395 -3.93 -27.10 8.46
N PHE C 396 -4.99 -27.82 8.06
CA PHE C 396 -6.30 -27.57 8.64
C PHE C 396 -6.53 -28.37 9.92
N ALA C 397 -5.87 -29.53 10.05
CA ALA C 397 -6.10 -30.35 11.23
C ALA C 397 -5.26 -29.90 12.41
N GLN C 398 -4.77 -28.66 12.41
CA GLN C 398 -4.22 -28.09 13.63
C GLN C 398 -5.31 -27.45 14.48
N PHE C 399 -6.47 -27.21 13.90
CA PHE C 399 -7.56 -26.60 14.64
C PHE C 399 -8.37 -27.64 15.40
N ALA C 400 -8.68 -28.76 14.74
CA ALA C 400 -9.41 -29.83 15.39
C ALA C 400 -8.56 -30.44 16.49
N SER C 401 -9.19 -30.78 17.62
CA SER C 401 -8.46 -31.33 18.74
C SER C 401 -8.08 -32.79 18.49
N ASP C 402 -9.06 -33.65 18.28
CA ASP C 402 -8.85 -35.07 18.05
C ASP C 402 -9.27 -35.43 16.63
N LEU C 403 -8.49 -36.29 15.99
CA LEU C 403 -8.72 -36.66 14.61
C LEU C 403 -9.18 -38.10 14.52
N ASP C 404 -9.91 -38.41 13.46
CA ASP C 404 -10.22 -39.79 13.18
C ASP C 404 -9.02 -40.46 12.51
N LYS C 405 -8.99 -41.79 12.62
CA LYS C 405 -7.75 -42.52 12.38
C LYS C 405 -7.33 -42.45 10.92
N ALA C 406 -8.29 -42.41 9.99
CA ALA C 406 -7.93 -42.34 8.59
C ALA C 406 -7.18 -41.05 8.30
N THR C 407 -7.69 -39.92 8.79
CA THR C 407 -7.03 -38.65 8.58
C THR C 407 -5.69 -38.60 9.30
N GLN C 408 -5.62 -39.16 10.50
CA GLN C 408 -4.34 -39.17 11.21
C GLN C 408 -3.28 -39.96 10.45
N ASN C 409 -3.66 -41.07 9.83
CA ASN C 409 -2.69 -41.88 9.09
C ASN C 409 -2.29 -41.19 7.78
N GLN C 410 -3.24 -40.53 7.11
CA GLN C 410 -2.89 -39.73 5.94
C GLN C 410 -1.94 -38.61 6.31
N LEU C 411 -2.16 -37.98 7.48
CA LEU C 411 -1.30 -36.90 7.93
C LEU C 411 0.12 -37.41 8.21
N ALA C 412 0.22 -38.56 8.87
CA ALA C 412 1.53 -39.13 9.13
C ALA C 412 2.26 -39.50 7.84
N ARG C 413 1.53 -40.07 6.88
CA ARG C 413 2.16 -40.43 5.61
C ARG C 413 2.60 -39.18 4.84
N GLY C 414 1.81 -38.11 4.91
CA GLY C 414 2.23 -36.86 4.28
C GLY C 414 3.48 -36.28 4.93
N GLN C 415 3.60 -36.43 6.25
CA GLN C 415 4.81 -35.96 6.91
C GLN C 415 6.02 -36.79 6.51
N ARG C 416 5.84 -38.12 6.38
CA ARG C 416 6.91 -38.94 5.83
C ARG C 416 7.30 -38.47 4.43
N LEU C 417 6.30 -38.20 3.58
CA LEU C 417 6.54 -37.66 2.26
C LEU C 417 7.34 -36.37 2.30
N ARG C 418 7.05 -35.51 3.28
CA ARG C 418 7.78 -34.25 3.40
C ARG C 418 9.22 -34.48 3.84
N GLU C 419 9.46 -35.53 4.62
CA GLU C 419 10.84 -35.84 4.99
C GLU C 419 11.60 -36.47 3.84
N LEU C 420 10.88 -37.11 2.90
CA LEU C 420 11.56 -37.73 1.76
C LEU C 420 12.20 -36.69 0.84
N LEU C 421 11.57 -35.52 0.69
CA LEU C 421 11.96 -34.62 -0.39
C LEU C 421 13.16 -33.77 -0.02
N LYS C 422 13.75 -33.99 1.15
CA LYS C 422 14.95 -33.25 1.50
C LYS C 422 16.14 -33.78 0.71
N GLN C 423 16.83 -32.89 0.00
CA GLN C 423 17.96 -33.21 -0.84
C GLN C 423 19.13 -32.31 -0.47
N PRO C 424 20.31 -32.87 -0.22
CA PRO C 424 21.45 -32.02 0.15
C PRO C 424 22.06 -31.28 -1.03
N GLN C 425 23.05 -30.45 -0.75
CA GLN C 425 23.72 -29.69 -1.79
C GLN C 425 24.64 -30.59 -2.58
N SER C 426 24.73 -30.34 -3.89
CA SER C 426 25.62 -31.07 -4.81
C SER C 426 25.35 -32.57 -4.83
N ALA C 427 24.10 -32.98 -4.60
CA ALA C 427 23.76 -34.39 -4.64
C ALA C 427 22.72 -34.63 -5.72
N PRO C 428 23.06 -35.30 -6.82
CA PRO C 428 22.03 -35.75 -7.76
C PRO C 428 21.51 -37.14 -7.40
N LEU C 429 20.25 -37.40 -7.74
CA LEU C 429 19.65 -38.72 -7.58
C LEU C 429 19.32 -39.26 -8.96
N THR C 430 19.68 -40.51 -9.21
CA THR C 430 19.41 -41.10 -10.51
C THR C 430 17.93 -41.48 -10.61
N VAL C 431 17.53 -41.91 -11.80
CA VAL C 431 16.13 -42.25 -12.02
C VAL C 431 15.74 -43.52 -11.25
N GLU C 432 16.69 -44.42 -11.05
CA GLU C 432 16.39 -45.63 -10.28
C GLU C 432 16.16 -45.30 -8.81
N GLU C 433 17.04 -44.48 -8.23
CA GLU C 433 16.85 -44.03 -6.86
C GLU C 433 15.59 -43.21 -6.71
N GLN C 434 15.26 -42.38 -7.70
CA GLN C 434 14.04 -41.57 -7.61
C GLN C 434 12.80 -42.44 -7.64
N VAL C 435 12.75 -43.42 -8.56
CA VAL C 435 11.59 -44.30 -8.65
C VAL C 435 11.44 -45.11 -7.36
N MET C 436 12.53 -45.72 -6.90
CA MET C 436 12.44 -46.54 -5.70
C MET C 436 12.09 -45.71 -4.47
N THR C 437 12.54 -44.45 -4.43
CA THR C 437 12.23 -43.60 -3.30
C THR C 437 10.75 -43.25 -3.28
N ILE C 438 10.21 -42.79 -4.41
CA ILE C 438 8.80 -42.43 -4.46
C ILE C 438 7.93 -43.66 -4.20
N TYR C 439 8.36 -44.83 -4.65
CA TYR C 439 7.60 -46.04 -4.36
C TYR C 439 7.58 -46.36 -2.87
N THR C 440 8.76 -46.46 -2.26
CA THR C 440 8.86 -46.85 -0.86
C THR C 440 8.20 -45.81 0.04
N GLY C 441 8.07 -44.58 -0.45
CA GLY C 441 7.35 -43.59 0.32
C GLY C 441 5.84 -43.66 0.16
N THR C 442 5.37 -43.49 -1.08
CA THR C 442 3.95 -43.39 -1.33
C THR C 442 3.21 -44.67 -0.97
N ASN C 443 3.89 -45.81 -1.06
CA ASN C 443 3.17 -47.06 -0.85
C ASN C 443 3.02 -47.39 0.63
N GLY C 444 3.51 -46.51 1.50
CA GLY C 444 3.13 -46.55 2.90
C GLY C 444 4.02 -47.39 3.78
N TYR C 445 5.26 -47.59 3.34
CA TYR C 445 6.20 -48.42 4.08
C TYR C 445 6.85 -47.64 5.21
N LEU C 446 7.12 -46.37 4.97
CA LEU C 446 7.71 -45.48 5.98
C LEU C 446 6.69 -44.95 6.96
N ASP C 447 5.47 -45.50 6.98
CA ASP C 447 4.47 -45.01 7.92
C ASP C 447 4.84 -45.37 9.35
N SER C 448 5.71 -46.35 9.52
CA SER C 448 6.02 -46.84 10.87
C SER C 448 7.18 -46.06 11.49
N LEU C 449 8.34 -46.08 10.84
CA LEU C 449 9.52 -45.49 11.44
C LEU C 449 9.42 -43.97 11.48
N GLU C 450 10.25 -43.37 12.33
CA GLU C 450 10.08 -41.98 12.68
C GLU C 450 10.63 -41.05 11.60
N LEU C 451 10.25 -39.77 11.72
CA LEU C 451 10.55 -38.78 10.69
C LEU C 451 12.04 -38.58 10.54
N ASP C 452 12.82 -38.84 11.58
CA ASP C 452 14.26 -38.63 11.53
C ASP C 452 14.99 -39.88 11.01
N GLN C 453 14.46 -41.07 11.30
CA GLN C 453 15.06 -42.27 10.75
C GLN C 453 14.66 -42.51 9.30
N VAL C 454 13.65 -41.78 8.81
CA VAL C 454 13.22 -41.90 7.42
C VAL C 454 14.40 -41.77 6.46
N ARG C 455 15.17 -40.68 6.58
CA ARG C 455 16.18 -40.37 5.59
C ARG C 455 17.34 -41.36 5.62
N LYS C 456 17.79 -41.71 6.83
CA LYS C 456 18.86 -42.68 6.93
C LYS C 456 18.43 -44.04 6.39
N TYR C 457 17.17 -44.44 6.64
CA TYR C 457 16.68 -45.68 6.07
C TYR C 457 16.65 -45.62 4.56
N LEU C 458 16.30 -44.46 4.00
CA LEU C 458 16.31 -44.31 2.55
C LEU C 458 17.72 -44.53 1.99
N VAL C 459 18.70 -43.85 2.59
CA VAL C 459 20.09 -44.01 2.17
C VAL C 459 20.51 -45.47 2.23
N GLU C 460 20.17 -46.15 3.34
CA GLU C 460 20.57 -47.54 3.50
C GLU C 460 19.88 -48.44 2.49
N LEU C 461 18.63 -48.14 2.15
CA LEU C 461 17.91 -48.97 1.17
C LEU C 461 18.51 -48.83 -0.22
N ARG C 462 18.86 -47.61 -0.61
CA ARG C 462 19.44 -47.43 -1.94
C ARG C 462 20.83 -48.03 -2.01
N THR C 463 21.62 -47.88 -0.95
CA THR C 463 22.90 -48.58 -0.88
C THR C 463 22.70 -50.08 -0.98
N TYR C 464 21.63 -50.60 -0.37
CA TYR C 464 21.37 -52.03 -0.39
C TYR C 464 21.04 -52.52 -1.79
N VAL C 465 20.17 -51.81 -2.51
CA VAL C 465 19.82 -52.27 -3.84
C VAL C 465 21.03 -52.16 -4.77
N LYS C 466 21.84 -51.11 -4.61
CA LYS C 466 23.06 -50.97 -5.40
C LYS C 466 24.03 -52.13 -5.17
N THR C 467 24.27 -52.52 -3.91
CA THR C 467 25.20 -53.62 -3.71
C THR C 467 24.60 -54.94 -4.16
N ASN C 468 23.37 -55.25 -3.75
CA ASN C 468 22.83 -56.57 -3.99
C ASN C 468 22.33 -56.77 -5.41
N LYS C 469 21.32 -56.00 -5.82
CA LYS C 469 20.55 -56.38 -7.00
C LYS C 469 20.79 -55.39 -8.13
N PRO C 470 21.45 -55.80 -9.21
CA PRO C 470 21.66 -54.89 -10.35
C PRO C 470 20.52 -54.90 -11.34
N GLU C 471 19.70 -55.95 -11.37
CA GLU C 471 18.70 -56.06 -12.42
C GLU C 471 17.58 -55.03 -12.26
N PHE C 472 17.38 -54.48 -11.06
CA PHE C 472 16.44 -53.37 -10.92
C PHE C 472 16.89 -52.16 -11.74
N GLN C 473 18.14 -51.73 -11.54
CA GLN C 473 18.69 -50.64 -12.33
C GLN C 473 18.70 -51.00 -13.81
N GLU C 474 19.04 -52.26 -14.11
CA GLU C 474 19.05 -52.71 -15.50
C GLU C 474 17.68 -52.56 -16.14
N ILE C 475 16.62 -52.93 -15.41
CA ILE C 475 15.27 -52.82 -15.95
C ILE C 475 14.89 -51.37 -16.16
N ILE C 476 15.05 -50.54 -15.14
CA ILE C 476 14.57 -49.16 -15.24
C ILE C 476 15.41 -48.37 -16.24
N SER C 477 16.61 -48.87 -16.55
CA SER C 477 17.41 -48.23 -17.59
C SER C 477 17.00 -48.70 -18.98
N SER C 478 17.05 -50.02 -19.22
CA SER C 478 16.89 -50.54 -20.58
C SER C 478 15.44 -50.50 -21.02
N THR C 479 14.50 -50.84 -20.13
CA THR C 479 13.09 -50.86 -20.49
C THR C 479 12.41 -49.54 -20.17
N LYS C 480 12.85 -48.87 -19.10
CA LYS C 480 12.31 -47.60 -18.62
C LYS C 480 10.84 -47.70 -18.23
N THR C 481 10.47 -48.73 -17.48
CA THR C 481 9.09 -48.90 -17.04
C THR C 481 9.05 -49.70 -15.75
N PHE C 482 8.31 -49.18 -14.78
CA PHE C 482 8.20 -49.79 -13.45
C PHE C 482 7.28 -51.02 -13.54
N THR C 483 7.82 -52.06 -14.14
CA THR C 483 7.06 -53.27 -14.45
C THR C 483 6.69 -53.99 -13.15
N GLU C 484 5.78 -54.96 -13.27
CA GLU C 484 5.47 -55.84 -12.15
C GLU C 484 6.70 -56.61 -11.68
N GLU C 485 7.58 -57.00 -12.61
CA GLU C 485 8.79 -57.73 -12.24
C GLU C 485 9.74 -56.83 -11.44
N ALA C 486 9.94 -55.60 -11.90
CA ALA C 486 10.80 -54.69 -11.17
C ALA C 486 10.21 -54.32 -9.81
N GLU C 487 8.88 -54.24 -9.74
CA GLU C 487 8.25 -53.96 -8.46
C GLU C 487 8.36 -55.15 -7.52
N ALA C 488 8.34 -56.37 -8.07
CA ALA C 488 8.55 -57.56 -7.24
C ALA C 488 9.94 -57.54 -6.63
N LEU C 489 10.96 -57.34 -7.47
CA LEU C 489 12.32 -57.19 -6.97
C LEU C 489 12.42 -56.10 -5.91
N LEU C 490 11.78 -54.96 -6.17
CA LEU C 490 11.91 -53.83 -5.25
C LEU C 490 11.23 -54.13 -3.92
N LYS C 491 10.09 -54.82 -3.93
CA LYS C 491 9.40 -55.12 -2.69
C LYS C 491 10.18 -56.14 -1.86
N GLU C 492 10.74 -57.16 -2.53
CA GLU C 492 11.68 -58.06 -1.84
C GLU C 492 12.77 -57.26 -1.14
N ALA C 493 13.42 -56.36 -1.88
CA ALA C 493 14.52 -55.58 -1.32
C ALA C 493 14.09 -54.70 -0.16
N ILE C 494 12.91 -54.07 -0.26
CA ILE C 494 12.46 -53.19 0.80
C ILE C 494 12.18 -53.99 2.06
N GLN C 495 11.62 -55.19 1.91
CA GLN C 495 11.37 -56.00 3.09
C GLN C 495 12.67 -56.43 3.76
N GLU C 496 13.65 -56.87 2.95
CA GLU C 496 14.93 -57.27 3.51
C GLU C 496 15.60 -56.13 4.23
N GLN C 497 15.61 -54.93 3.62
CA GLN C 497 16.27 -53.79 4.24
C GLN C 497 15.51 -53.29 5.47
N MET C 498 14.18 -53.41 5.48
CA MET C 498 13.42 -53.02 6.65
C MET C 498 13.75 -53.95 7.83
N GLU C 499 13.85 -55.25 7.57
CA GLU C 499 14.25 -56.17 8.63
C GLU C 499 15.67 -55.88 9.11
N ARG C 500 16.58 -55.61 8.18
CA ARG C 500 17.97 -55.31 8.56
C ARG C 500 18.04 -54.04 9.41
N PHE C 501 17.30 -53.00 9.00
CA PHE C 501 17.24 -51.75 9.75
C PHE C 501 16.63 -51.96 11.13
N LEU C 502 15.67 -52.88 11.24
CA LEU C 502 15.12 -53.20 12.55
C LEU C 502 16.16 -53.85 13.45
N LEU C 503 16.80 -54.93 12.95
CA LEU C 503 17.73 -55.67 13.79
C LEU C 503 18.95 -54.83 14.14
N GLN C 504 19.32 -53.90 13.28
CA GLN C 504 20.40 -52.96 13.59
C GLN C 504 19.88 -51.74 14.34
N LYS D 18 -7.70 52.64 -18.78
CA LYS D 18 -7.87 51.21 -18.50
C LYS D 18 -7.02 50.36 -19.43
N ASN D 19 -6.86 49.09 -19.08
CA ASN D 19 -5.91 48.20 -19.74
C ASN D 19 -6.67 47.09 -20.44
N LEU D 20 -6.57 47.04 -21.77
CA LEU D 20 -7.34 46.12 -22.59
C LEU D 20 -6.42 45.06 -23.19
N GLY D 21 -6.81 43.80 -23.05
CA GLY D 21 -6.06 42.70 -23.63
C GLY D 21 -7.02 41.71 -24.24
N ARG D 22 -6.47 40.86 -25.12
CA ARG D 22 -7.25 39.85 -25.82
C ARG D 22 -6.96 38.49 -25.23
N ILE D 23 -7.85 37.52 -25.47
CA ILE D 23 -7.62 36.16 -25.01
C ILE D 23 -6.67 35.46 -25.97
N ALA D 24 -5.63 34.85 -25.42
CA ALA D 24 -4.66 34.14 -26.26
C ALA D 24 -5.14 32.73 -26.56
N GLN D 25 -5.39 31.96 -25.50
CA GLN D 25 -5.87 30.59 -25.63
C GLN D 25 -6.68 30.24 -24.40
N ILE D 26 -7.57 29.27 -24.53
CA ILE D 26 -8.37 28.79 -23.41
C ILE D 26 -8.27 27.28 -23.38
N ILE D 27 -8.06 26.72 -22.19
CA ILE D 27 -8.18 25.28 -21.99
C ILE D 27 -9.01 25.08 -20.74
N GLY D 28 -10.33 24.92 -20.90
CA GLY D 28 -11.23 24.87 -19.78
C GLY D 28 -11.22 26.17 -19.00
N PRO D 29 -11.31 26.08 -17.66
CA PRO D 29 -11.27 27.28 -16.83
C PRO D 29 -9.89 27.95 -16.72
N VAL D 30 -8.91 27.54 -17.52
CA VAL D 30 -7.62 28.21 -17.58
C VAL D 30 -7.56 28.98 -18.89
N LEU D 31 -7.50 30.31 -18.80
CA LEU D 31 -7.44 31.18 -19.96
C LEU D 31 -6.08 31.84 -20.04
N ASP D 32 -5.72 32.30 -21.24
CA ASP D 32 -4.52 33.11 -21.44
C ASP D 32 -4.94 34.44 -22.05
N VAL D 33 -4.35 35.53 -21.56
CA VAL D 33 -4.75 36.87 -21.96
C VAL D 33 -3.52 37.60 -22.50
N ALA D 34 -3.68 38.25 -23.65
CA ALA D 34 -2.58 38.90 -24.34
C ALA D 34 -2.68 40.42 -24.17
N PHE D 35 -1.81 40.96 -23.32
CA PHE D 35 -1.75 42.39 -23.05
C PHE D 35 -0.64 43.06 -23.85
N PRO D 36 -0.73 44.36 -24.09
CA PRO D 36 0.36 45.08 -24.77
C PRO D 36 1.59 45.15 -23.88
N PRO D 37 2.78 45.43 -24.46
CA PRO D 37 4.04 45.24 -23.71
C PRO D 37 4.15 46.03 -22.41
N GLY D 38 3.65 47.26 -22.40
CA GLY D 38 3.71 48.06 -21.20
C GLY D 38 2.76 47.56 -20.12
N LYS D 39 1.46 47.68 -20.37
CA LYS D 39 0.45 47.30 -19.40
C LYS D 39 0.38 45.80 -19.25
N MET D 40 0.42 45.32 -18.01
CA MET D 40 0.28 43.90 -17.74
C MET D 40 -0.04 43.73 -16.26
N PRO D 41 -1.08 42.97 -15.92
CA PRO D 41 -1.52 42.92 -14.51
C PRO D 41 -0.50 42.20 -13.65
N ASN D 42 -0.75 42.24 -12.34
CA ASN D 42 0.09 41.57 -11.38
C ASN D 42 -0.48 40.18 -11.08
N ILE D 43 0.16 39.46 -10.18
CA ILE D 43 -0.39 38.20 -9.74
C ILE D 43 -1.66 38.45 -8.93
N TYR D 44 -2.63 37.56 -9.09
CA TYR D 44 -3.92 37.54 -8.41
C TYR D 44 -4.83 38.70 -8.78
N ASN D 45 -4.48 39.48 -9.80
CA ASN D 45 -5.35 40.54 -10.27
C ASN D 45 -6.57 39.96 -10.97
N ALA D 46 -7.75 40.33 -10.52
CA ALA D 46 -8.97 39.88 -11.15
C ALA D 46 -9.10 40.49 -12.55
N LEU D 47 -9.69 39.74 -13.47
CA LEU D 47 -9.81 40.13 -14.86
C LEU D 47 -11.24 39.89 -15.31
N ILE D 48 -11.95 40.95 -15.70
CA ILE D 48 -13.27 40.80 -16.29
C ILE D 48 -13.11 40.55 -17.78
N VAL D 49 -13.80 39.54 -18.29
CA VAL D 49 -13.74 39.21 -19.71
C VAL D 49 -15.09 39.50 -20.32
N LYS D 50 -15.17 40.55 -21.15
CA LYS D 50 -16.39 40.85 -21.86
C LYS D 50 -16.72 39.72 -22.83
N GLY D 51 -17.75 38.95 -22.51
CA GLY D 51 -18.07 37.78 -23.29
C GLY D 51 -19.58 37.67 -23.48
N ARG D 52 -19.96 36.85 -24.44
CA ARG D 52 -21.34 36.79 -24.90
C ARG D 52 -22.05 35.53 -24.44
N ASP D 53 -23.35 35.52 -24.65
CA ASP D 53 -24.21 34.38 -24.40
C ASP D 53 -24.84 33.93 -25.71
N THR D 54 -25.44 32.73 -25.69
CA THR D 54 -26.07 32.20 -26.90
C THR D 54 -27.20 33.10 -27.38
N ALA D 55 -27.82 33.85 -26.47
CA ALA D 55 -28.76 34.89 -26.85
C ALA D 55 -28.06 36.20 -27.22
N GLY D 56 -26.75 36.17 -27.41
CA GLY D 56 -25.99 37.37 -27.72
C GLY D 56 -25.69 38.24 -26.52
N GLN D 57 -26.31 37.97 -25.37
CA GLN D 57 -26.22 38.87 -24.25
C GLN D 57 -24.81 38.88 -23.66
N PRO D 58 -24.24 40.05 -23.38
CA PRO D 58 -22.96 40.10 -22.66
C PRO D 58 -23.01 39.37 -21.34
N MET D 59 -22.05 38.47 -21.14
CA MET D 59 -21.88 37.75 -19.89
C MET D 59 -20.43 37.88 -19.45
N ASN D 60 -20.21 38.57 -18.34
CA ASN D 60 -18.87 38.95 -17.91
C ASN D 60 -18.27 37.83 -17.07
N VAL D 61 -17.33 37.09 -17.66
CA VAL D 61 -16.69 35.96 -17.00
C VAL D 61 -15.40 36.48 -16.37
N THR D 62 -15.18 36.14 -15.10
CA THR D 62 -14.09 36.72 -14.33
C THR D 62 -12.95 35.71 -14.17
N CYS D 63 -11.74 36.23 -13.96
CA CYS D 63 -10.57 35.39 -13.78
C CYS D 63 -9.73 35.95 -12.63
N GLU D 64 -8.51 35.42 -12.53
CA GLU D 64 -7.50 35.95 -11.62
C GLU D 64 -6.13 35.49 -12.11
N VAL D 65 -5.23 36.45 -12.32
CA VAL D 65 -3.92 36.14 -12.87
C VAL D 65 -3.17 35.24 -11.91
N GLN D 66 -2.82 34.03 -12.38
CA GLN D 66 -2.07 33.09 -11.56
C GLN D 66 -0.59 33.05 -11.91
N GLN D 67 -0.21 33.38 -13.14
CA GLN D 67 1.20 33.29 -13.52
C GLN D 67 1.46 34.26 -14.66
N LEU D 68 2.53 35.03 -14.53
CA LEU D 68 2.99 35.93 -15.59
C LEU D 68 3.93 35.15 -16.51
N LEU D 69 3.38 34.30 -17.37
CA LEU D 69 4.22 33.37 -18.13
C LEU D 69 5.06 34.04 -19.19
N GLY D 70 5.13 35.36 -19.22
CA GLY D 70 6.04 36.01 -20.14
C GLY D 70 5.46 36.07 -21.53
N ASN D 71 6.25 36.68 -22.41
CA ASN D 71 5.82 37.00 -23.77
C ASN D 71 4.55 37.83 -23.75
N ASN D 72 4.54 38.82 -22.84
CA ASN D 72 3.42 39.71 -22.54
C ASN D 72 2.07 38.97 -22.56
N ARG D 73 1.96 37.98 -21.68
CA ARG D 73 0.80 37.07 -21.69
C ARG D 73 0.71 36.39 -20.34
N VAL D 74 -0.44 36.52 -19.67
CA VAL D 74 -0.66 35.94 -18.36
C VAL D 74 -1.50 34.68 -18.51
N ARG D 75 -1.55 33.88 -17.44
CA ARG D 75 -2.33 32.67 -17.39
C ARG D 75 -3.29 32.75 -16.23
N ALA D 76 -4.52 33.15 -16.49
CA ALA D 76 -5.52 33.39 -15.48
C ALA D 76 -6.48 32.22 -15.40
N VAL D 77 -7.06 32.03 -14.22
CA VAL D 77 -7.93 30.90 -13.93
C VAL D 77 -9.34 31.42 -13.79
N ALA D 78 -10.26 30.85 -14.57
CA ALA D 78 -11.62 31.38 -14.64
C ALA D 78 -12.37 31.13 -13.34
N MET D 79 -13.33 32.01 -13.04
CA MET D 79 -14.20 31.86 -11.90
C MET D 79 -15.63 31.51 -12.30
N SER D 80 -15.86 31.17 -13.56
CA SER D 80 -17.20 30.82 -14.03
C SER D 80 -17.10 29.84 -15.19
N ALA D 81 -18.22 29.66 -15.88
CA ALA D 81 -18.27 28.78 -17.03
C ALA D 81 -17.49 29.36 -18.20
N THR D 82 -16.77 28.51 -18.92
CA THR D 82 -15.93 28.96 -20.03
C THR D 82 -16.55 28.68 -21.40
N ASP D 83 -17.53 27.78 -21.47
CA ASP D 83 -18.11 27.40 -22.76
C ASP D 83 -18.73 28.60 -23.45
N GLY D 84 -18.29 28.86 -24.67
CA GLY D 84 -18.72 30.04 -25.41
C GLY D 84 -17.67 31.12 -25.54
N LEU D 85 -16.67 31.14 -24.66
CA LEU D 85 -15.61 32.13 -24.75
C LEU D 85 -14.73 31.85 -25.96
N THR D 86 -14.29 32.94 -26.59
CA THR D 86 -13.72 32.93 -27.93
C THR D 86 -12.32 33.50 -27.92
N ARG D 87 -11.43 32.90 -28.71
CA ARG D 87 -10.06 33.37 -28.80
C ARG D 87 -10.01 34.78 -29.39
N GLY D 88 -9.48 35.72 -28.61
CA GLY D 88 -9.42 37.10 -29.03
C GLY D 88 -10.49 38.00 -28.45
N MET D 89 -11.22 37.54 -27.43
CA MET D 89 -12.20 38.38 -26.78
C MET D 89 -11.51 39.43 -25.93
N GLU D 90 -12.23 40.50 -25.63
CA GLU D 90 -11.65 41.60 -24.88
C GLU D 90 -11.69 41.33 -23.38
N VAL D 91 -10.52 41.33 -22.75
CA VAL D 91 -10.39 41.20 -21.30
C VAL D 91 -9.92 42.54 -20.75
N ILE D 92 -10.64 43.05 -19.76
CA ILE D 92 -10.28 44.31 -19.12
C ILE D 92 -9.54 43.99 -17.81
N ASP D 93 -8.41 44.67 -17.61
CA ASP D 93 -7.64 44.54 -16.38
C ASP D 93 -8.23 45.47 -15.32
N THR D 94 -8.74 44.88 -14.24
CA THR D 94 -9.26 45.68 -13.14
C THR D 94 -8.12 46.30 -12.34
N GLY D 95 -6.96 45.66 -12.30
CA GLY D 95 -5.78 46.24 -11.70
C GLY D 95 -5.62 45.99 -10.22
N ALA D 96 -6.45 45.16 -9.60
CA ALA D 96 -6.35 44.88 -8.18
C ALA D 96 -7.01 43.53 -7.91
N PRO D 97 -6.63 42.86 -6.82
CA PRO D 97 -7.30 41.61 -6.44
C PRO D 97 -8.80 41.76 -6.27
N LEU D 98 -9.52 40.64 -6.26
CA LEU D 98 -10.98 40.63 -6.23
C LEU D 98 -11.53 41.42 -5.05
N SER D 99 -12.32 42.45 -5.32
CA SER D 99 -12.84 43.30 -4.27
C SER D 99 -14.33 43.00 -4.07
N VAL D 100 -14.67 42.47 -2.89
CA VAL D 100 -16.02 42.02 -2.62
C VAL D 100 -16.78 43.07 -1.83
N PRO D 101 -18.12 43.11 -1.90
CA PRO D 101 -18.86 44.04 -1.06
C PRO D 101 -18.87 43.59 0.39
N VAL D 102 -18.53 44.51 1.29
CA VAL D 102 -18.43 44.19 2.71
C VAL D 102 -19.27 45.16 3.52
N GLY D 103 -19.34 44.94 4.83
CA GLY D 103 -20.11 45.79 5.72
C GLY D 103 -21.45 45.18 6.07
N GLY D 104 -22.19 45.92 6.89
CA GLY D 104 -23.50 45.47 7.35
C GLY D 104 -24.55 45.34 6.26
N ALA D 105 -24.24 45.79 5.04
CA ALA D 105 -25.16 45.59 3.93
C ALA D 105 -25.31 44.10 3.62
N THR D 106 -24.22 43.35 3.71
CA THR D 106 -24.24 41.96 3.26
C THR D 106 -24.96 41.04 4.23
N LEU D 107 -25.39 41.55 5.38
CA LEU D 107 -26.06 40.70 6.36
C LEU D 107 -27.36 40.17 5.78
N GLY D 108 -27.66 38.90 6.05
CA GLY D 108 -28.84 38.25 5.51
C GLY D 108 -28.89 38.12 4.01
N ARG D 109 -27.76 38.22 3.32
CA ARG D 109 -27.72 38.17 1.87
C ARG D 109 -26.79 37.05 1.42
N ILE D 110 -27.26 36.23 0.48
CA ILE D 110 -26.43 35.19 -0.11
C ILE D 110 -25.48 35.82 -1.12
N PHE D 111 -24.27 35.25 -1.23
CA PHE D 111 -23.24 35.79 -2.10
C PHE D 111 -22.59 34.67 -2.90
N ASN D 112 -21.74 35.07 -3.83
CA ASN D 112 -20.89 34.18 -4.61
C ASN D 112 -19.44 34.36 -4.19
N VAL D 113 -18.55 33.69 -4.92
CA VAL D 113 -17.13 33.96 -4.78
C VAL D 113 -16.76 35.36 -5.23
N LEU D 114 -17.52 35.91 -6.19
CA LEU D 114 -17.29 37.25 -6.71
C LEU D 114 -17.95 38.33 -5.85
N GLY D 115 -18.63 37.95 -4.78
CA GLY D 115 -19.38 38.91 -4.01
C GLY D 115 -20.62 39.43 -4.71
N GLU D 116 -21.08 38.75 -5.76
CA GLU D 116 -22.26 39.15 -6.48
C GLU D 116 -23.44 38.33 -5.99
N PRO D 117 -24.46 38.93 -5.40
CA PRO D 117 -25.45 38.13 -4.66
C PRO D 117 -26.35 37.32 -5.57
N VAL D 118 -26.88 36.22 -5.02
CA VAL D 118 -27.72 35.31 -5.79
C VAL D 118 -29.05 35.01 -5.12
N ASP D 119 -29.51 35.84 -4.18
CA ASP D 119 -30.81 35.62 -3.56
C ASP D 119 -31.94 36.33 -4.29
N ASN D 120 -31.64 37.10 -5.33
CA ASN D 120 -32.59 37.90 -6.10
C ASN D 120 -33.35 38.92 -5.25
N LEU D 121 -32.83 39.28 -4.08
CA LEU D 121 -33.49 40.29 -3.26
C LEU D 121 -33.25 41.68 -3.84
N GLY D 122 -31.99 42.10 -3.90
CA GLY D 122 -31.65 43.41 -4.39
C GLY D 122 -30.15 43.61 -4.43
N PRO D 123 -29.71 44.63 -5.14
CA PRO D 123 -28.27 44.83 -5.31
C PRO D 123 -27.65 45.42 -4.05
N VAL D 124 -26.43 44.97 -3.76
CA VAL D 124 -25.69 45.46 -2.62
C VAL D 124 -25.27 46.89 -2.95
N ASP D 125 -25.92 47.86 -2.31
CA ASP D 125 -25.68 49.26 -2.63
C ASP D 125 -24.50 49.80 -1.85
N THR D 126 -23.82 48.94 -1.10
CA THR D 126 -22.65 49.35 -0.33
C THR D 126 -21.51 49.70 -1.29
N ARG D 127 -20.80 50.79 -0.98
CA ARG D 127 -19.67 51.18 -1.80
C ARG D 127 -18.38 50.54 -1.31
N THR D 128 -18.34 50.16 -0.03
CA THR D 128 -17.12 49.63 0.56
C THR D 128 -16.75 48.27 -0.01
N THR D 129 -15.59 48.18 -0.63
CA THR D 129 -15.03 46.92 -1.08
C THR D 129 -13.74 46.66 -0.33
N SER D 130 -13.27 45.41 -0.38
CA SER D 130 -11.96 45.07 0.14
C SER D 130 -11.37 43.93 -0.67
N PRO D 131 -10.07 43.98 -0.97
CA PRO D 131 -9.47 42.93 -1.81
C PRO D 131 -9.53 41.57 -1.14
N ILE D 132 -9.85 40.55 -1.94
CA ILE D 132 -9.94 39.19 -1.44
C ILE D 132 -8.58 38.71 -0.95
N HIS D 133 -7.51 39.35 -1.43
CA HIS D 133 -6.15 38.93 -1.08
C HIS D 133 -5.52 39.96 -0.17
N ARG D 134 -4.84 39.48 0.87
CA ARG D 134 -4.34 40.33 1.93
C ARG D 134 -3.31 39.54 2.73
N SER D 135 -2.42 40.27 3.38
CA SER D 135 -1.48 39.66 4.30
C SER D 135 -2.13 39.47 5.66
N ALA D 136 -1.63 38.50 6.42
CA ALA D 136 -2.12 38.25 7.76
C ALA D 136 -1.85 39.45 8.64
N PRO D 137 -2.59 39.60 9.74
CA PRO D 137 -2.30 40.68 10.69
C PRO D 137 -0.86 40.59 11.19
N ALA D 138 -0.24 41.77 11.36
CA ALA D 138 1.16 41.85 11.71
C ALA D 138 1.42 41.22 13.08
N PHE D 139 2.70 41.06 13.39
CA PHE D 139 3.08 40.42 14.65
C PHE D 139 2.91 41.39 15.81
N THR D 140 2.98 42.68 15.52
CA THR D 140 2.72 43.72 16.51
C THR D 140 1.24 44.08 16.62
N GLN D 141 0.35 43.19 16.18
CA GLN D 141 -1.07 43.48 16.11
C GLN D 141 -1.92 42.51 16.91
N LEU D 142 -1.42 41.32 17.18
CA LEU D 142 -2.22 40.28 17.80
C LEU D 142 -2.62 40.64 19.22
N ASP D 143 -3.66 40.00 19.72
CA ASP D 143 -4.11 40.13 21.10
C ASP D 143 -3.68 38.86 21.83
N THR D 144 -2.60 38.97 22.62
CA THR D 144 -1.91 37.80 23.13
C THR D 144 -2.70 37.02 24.18
N LYS D 145 -3.77 37.61 24.72
CA LYS D 145 -4.52 36.94 25.79
C LYS D 145 -5.28 35.73 25.28
N LEU D 146 -4.87 34.54 25.70
CA LEU D 146 -5.63 33.33 25.38
C LEU D 146 -6.86 33.28 26.27
N SER D 147 -8.03 33.57 25.70
CA SER D 147 -9.27 33.61 26.47
C SER D 147 -10.22 32.54 25.95
N ILE D 148 -10.99 31.97 26.87
CA ILE D 148 -11.99 30.97 26.52
C ILE D 148 -13.20 31.69 25.96
N PHE D 149 -13.46 31.49 24.67
CA PHE D 149 -14.65 32.05 24.04
C PHE D 149 -15.90 31.37 24.59
N GLU D 150 -16.68 32.09 25.39
CA GLU D 150 -17.84 31.51 26.07
C GLU D 150 -19.01 31.43 25.09
N THR D 151 -19.71 30.28 25.10
CA THR D 151 -20.72 30.02 24.10
C THR D 151 -22.13 30.01 24.69
N GLY D 152 -22.28 29.46 25.89
CA GLY D 152 -23.58 29.27 26.48
C GLY D 152 -24.08 27.83 26.48
N ILE D 153 -23.44 26.96 25.71
CA ILE D 153 -23.80 25.55 25.67
C ILE D 153 -22.97 24.84 26.73
N LYS D 154 -23.62 23.98 27.52
CA LYS D 154 -22.97 23.36 28.66
C LYS D 154 -21.84 22.42 28.23
N VAL D 155 -22.10 21.57 27.24
CA VAL D 155 -21.12 20.55 26.85
C VAL D 155 -19.87 21.20 26.27
N VAL D 156 -20.05 22.17 25.39
CA VAL D 156 -18.91 22.78 24.72
C VAL D 156 -18.30 23.86 25.61
N ASP D 157 -19.01 24.24 26.67
CA ASP D 157 -18.44 25.16 27.64
C ASP D 157 -17.51 24.44 28.60
N LEU D 158 -17.96 23.30 29.12
CA LEU D 158 -17.16 22.57 30.10
C LEU D 158 -16.11 21.69 29.42
N LEU D 159 -16.54 20.82 28.51
CA LEU D 159 -15.66 19.74 28.09
C LEU D 159 -14.83 20.12 26.88
N ALA D 160 -15.37 20.93 25.97
CA ALA D 160 -14.66 21.35 24.77
C ALA D 160 -14.60 22.88 24.69
N PRO D 161 -13.97 23.55 25.66
CA PRO D 161 -14.03 25.02 25.70
C PRO D 161 -13.29 25.64 24.52
N TYR D 162 -13.97 26.56 23.83
CA TYR D 162 -13.39 27.23 22.69
C TYR D 162 -12.39 28.29 23.15
N ARG D 163 -11.50 28.68 22.24
CA ARG D 163 -10.71 29.88 22.43
C ARG D 163 -11.12 30.93 21.42
N ARG D 164 -11.04 32.19 21.82
CA ARG D 164 -11.45 33.27 20.95
C ARG D 164 -10.32 33.60 19.97
N GLY D 165 -10.63 33.61 18.69
CA GLY D 165 -9.63 33.90 17.69
C GLY D 165 -8.83 32.69 17.29
N GLY D 166 -9.20 31.54 17.83
CA GLY D 166 -8.59 30.29 17.41
C GLY D 166 -9.56 29.52 16.55
N LYS D 167 -9.08 28.41 16.01
CA LYS D 167 -9.84 27.61 15.06
C LYS D 167 -10.40 26.37 15.76
N ILE D 168 -11.61 25.99 15.39
CA ILE D 168 -12.32 24.88 16.02
C ILE D 168 -12.85 23.97 14.93
N GLY D 169 -12.35 22.74 14.89
CA GLY D 169 -12.86 21.76 13.95
C GLY D 169 -14.20 21.19 14.38
N LEU D 170 -14.99 20.78 13.39
CA LEU D 170 -16.34 20.27 13.62
C LEU D 170 -16.43 18.87 13.00
N PHE D 171 -16.57 17.86 13.85
CA PHE D 171 -16.64 16.46 13.40
C PHE D 171 -18.02 15.92 13.70
N GLY D 172 -18.91 15.97 12.71
CA GLY D 172 -20.21 15.37 12.87
C GLY D 172 -20.81 14.77 11.62
N GLY D 173 -21.12 13.48 11.67
CA GLY D 173 -21.83 12.85 10.57
C GLY D 173 -23.30 13.20 10.63
N ALA D 174 -23.96 13.20 9.47
CA ALA D 174 -25.31 13.75 9.31
C ALA D 174 -26.31 13.24 10.33
N GLY D 175 -27.27 14.10 10.69
CA GLY D 175 -28.31 13.73 11.62
C GLY D 175 -27.98 13.97 13.08
N VAL D 176 -26.83 14.56 13.39
CA VAL D 176 -26.45 14.86 14.77
C VAL D 176 -26.81 16.29 15.15
N GLY D 177 -27.41 17.05 14.25
CA GLY D 177 -27.72 18.43 14.54
C GLY D 177 -26.57 19.39 14.34
N LYS D 178 -25.74 19.16 13.34
CA LYS D 178 -24.64 20.05 13.05
C LYS D 178 -25.15 21.43 12.64
N THR D 179 -26.22 21.47 11.84
CA THR D 179 -26.75 22.74 11.39
C THR D 179 -27.50 23.46 12.50
N VAL D 180 -28.17 22.70 13.37
CA VAL D 180 -28.85 23.31 14.51
C VAL D 180 -27.82 23.86 15.48
N LEU D 181 -26.68 23.16 15.63
CA LEU D 181 -25.58 23.67 16.43
C LEU D 181 -25.04 24.96 15.85
N ILE D 182 -24.91 25.02 14.53
CA ILE D 182 -24.42 26.24 13.87
C ILE D 182 -25.37 27.41 14.13
N MET D 183 -26.67 27.17 13.95
CA MET D 183 -27.64 28.24 14.13
C MET D 183 -27.70 28.70 15.58
N GLU D 184 -27.54 27.76 16.52
CA GLU D 184 -27.50 28.14 17.93
C GLU D 184 -26.26 28.95 18.26
N LEU D 185 -25.12 28.57 17.68
CA LEU D 185 -23.90 29.34 17.91
C LEU D 185 -24.04 30.76 17.40
N ILE D 186 -24.63 30.92 16.20
CA ILE D 186 -24.91 32.25 15.68
C ILE D 186 -25.81 33.02 16.62
N ASN D 187 -26.88 32.37 17.09
CA ASN D 187 -27.85 33.04 17.95
C ASN D 187 -27.20 33.52 19.24
N ASN D 188 -26.32 32.70 19.82
CA ASN D 188 -25.70 33.08 21.09
C ASN D 188 -24.68 34.18 20.89
N ILE D 189 -23.84 34.07 19.86
CA ILE D 189 -22.88 35.14 19.60
C ILE D 189 -23.59 36.44 19.23
N ALA D 190 -24.83 36.35 18.77
CA ALA D 190 -25.58 37.57 18.49
C ALA D 190 -26.20 38.16 19.76
N LYS D 191 -26.85 37.32 20.56
CA LYS D 191 -27.61 37.83 21.71
C LYS D 191 -26.74 38.17 22.90
N ALA D 192 -25.85 37.26 23.30
CA ALA D 192 -25.05 37.51 24.49
C ALA D 192 -24.04 38.62 24.23
N HIS D 193 -23.26 38.46 23.18
CA HIS D 193 -22.23 39.41 22.81
C HIS D 193 -22.79 40.42 21.81
N GLY D 194 -21.90 41.18 21.20
CA GLY D 194 -22.27 42.04 20.10
C GLY D 194 -21.84 41.45 18.79
N GLY D 195 -21.82 40.11 18.71
CA GLY D 195 -21.21 39.45 17.60
C GLY D 195 -22.10 39.33 16.38
N VAL D 196 -21.46 39.00 15.26
CA VAL D 196 -22.13 38.71 13.99
C VAL D 196 -21.44 37.49 13.41
N SER D 197 -22.22 36.58 12.83
CA SER D 197 -21.63 35.40 12.24
C SER D 197 -21.60 35.52 10.72
N VAL D 198 -20.79 34.65 10.09
CA VAL D 198 -20.75 34.50 8.64
C VAL D 198 -20.64 33.01 8.34
N PHE D 199 -21.23 32.58 7.22
CA PHE D 199 -21.18 31.19 6.80
C PHE D 199 -20.56 31.13 5.41
N GLY D 200 -19.47 30.38 5.28
CA GLY D 200 -18.88 30.19 3.97
C GLY D 200 -19.03 28.76 3.50
N GLY D 201 -19.95 28.54 2.56
CA GLY D 201 -20.19 27.22 2.02
C GLY D 201 -19.25 26.85 0.89
N VAL D 202 -18.01 26.52 1.22
CA VAL D 202 -17.05 26.12 0.19
C VAL D 202 -17.48 24.77 -0.38
N GLY D 203 -17.91 24.78 -1.63
CA GLY D 203 -18.42 23.57 -2.24
C GLY D 203 -19.68 23.08 -1.55
N GLU D 204 -20.76 23.87 -1.65
CA GLU D 204 -22.01 23.54 -0.99
C GLU D 204 -23.03 23.08 -2.03
N ARG D 205 -23.49 21.84 -1.88
CA ARG D 205 -24.49 21.30 -2.77
C ARG D 205 -25.78 22.11 -2.66
N THR D 206 -26.31 22.51 -3.81
CA THR D 206 -27.25 23.62 -3.87
C THR D 206 -28.53 23.33 -3.13
N ARG D 207 -28.94 22.06 -3.10
CA ARG D 207 -30.16 21.70 -2.39
C ARG D 207 -30.01 21.94 -0.89
N GLU D 208 -28.85 21.58 -0.33
CA GLU D 208 -28.63 21.86 1.09
C GLU D 208 -28.35 23.33 1.33
N GLY D 209 -27.83 24.04 0.35
CA GLY D 209 -27.70 25.47 0.49
C GLY D 209 -29.04 26.15 0.65
N ASN D 210 -29.99 25.72 -0.19
CA ASN D 210 -31.36 26.21 -0.09
C ASN D 210 -31.99 25.80 1.24
N ASP D 211 -31.77 24.55 1.65
CA ASP D 211 -32.25 24.09 2.95
C ASP D 211 -31.77 24.99 4.08
N LEU D 212 -30.48 25.32 4.09
CA LEU D 212 -29.93 26.14 5.15
C LEU D 212 -30.48 27.55 5.09
N TYR D 213 -30.61 28.11 3.88
CA TYR D 213 -31.17 29.46 3.76
C TYR D 213 -32.60 29.51 4.29
N MET D 214 -33.40 28.48 3.97
CA MET D 214 -34.78 28.47 4.45
C MET D 214 -34.86 28.21 5.94
N GLU D 215 -33.98 27.37 6.47
CA GLU D 215 -33.99 27.11 7.90
C GLU D 215 -33.55 28.34 8.69
N MET D 216 -32.70 29.17 8.10
CA MET D 216 -32.34 30.43 8.75
C MET D 216 -33.47 31.44 8.63
N LYS D 217 -34.17 31.46 7.50
CA LYS D 217 -35.35 32.31 7.38
C LYS D 217 -36.40 31.96 8.43
N GLU D 218 -36.60 30.67 8.67
CA GLU D 218 -37.62 30.24 9.62
C GLU D 218 -37.14 30.40 11.05
N SER D 219 -35.83 30.25 11.28
CA SER D 219 -35.30 30.27 12.64
C SER D 219 -34.96 31.68 13.11
N GLY D 220 -35.34 32.71 12.36
CA GLY D 220 -35.08 34.08 12.76
C GLY D 220 -33.65 34.53 12.68
N VAL D 221 -32.72 33.64 12.29
CA VAL D 221 -31.34 34.05 12.12
C VAL D 221 -31.22 35.05 10.98
N ILE D 222 -32.08 34.92 9.97
CA ILE D 222 -32.20 35.89 8.89
C ILE D 222 -33.59 36.51 8.98
N ASN D 223 -33.65 37.78 9.37
CA ASN D 223 -34.93 38.48 9.43
C ASN D 223 -35.35 38.81 8.00
N GLU D 224 -36.19 37.95 7.41
CA GLU D 224 -36.57 38.10 6.01
C GLU D 224 -37.32 39.41 5.78
N GLN D 225 -37.91 39.97 6.83
CA GLN D 225 -38.69 41.19 6.65
C GLN D 225 -37.80 42.43 6.80
N ASN D 226 -36.77 42.34 7.62
CA ASN D 226 -35.82 43.43 7.83
C ASN D 226 -34.42 42.89 7.59
N ILE D 227 -33.98 42.95 6.33
CA ILE D 227 -32.61 42.62 5.95
C ILE D 227 -31.69 43.65 6.60
N ALA D 228 -30.43 43.26 6.83
CA ALA D 228 -29.39 44.08 7.46
C ALA D 228 -29.65 44.24 8.94
N GLU D 229 -30.72 43.63 9.43
CA GLU D 229 -30.89 43.34 10.84
C GLU D 229 -30.70 41.87 11.15
N SER D 230 -30.27 41.09 10.16
CA SER D 230 -29.96 39.69 10.36
C SER D 230 -28.67 39.55 11.14
N LYS D 231 -28.25 38.30 11.33
CA LYS D 231 -27.02 38.02 12.05
C LYS D 231 -25.95 37.35 11.21
N VAL D 232 -26.24 37.03 9.96
CA VAL D 232 -25.33 36.24 9.13
C VAL D 232 -25.24 36.85 7.74
N ALA D 233 -24.09 36.70 7.11
CA ALA D 233 -23.90 37.00 5.70
C ALA D 233 -23.41 35.71 5.04
N LEU D 234 -24.32 35.03 4.33
CA LEU D 234 -24.02 33.72 3.79
C LEU D 234 -23.25 33.86 2.48
N VAL D 235 -22.10 33.19 2.40
CA VAL D 235 -21.33 33.12 1.17
C VAL D 235 -21.39 31.68 0.68
N TYR D 236 -22.11 31.45 -0.41
CA TYR D 236 -22.28 30.12 -0.98
C TYR D 236 -21.49 30.03 -2.27
N GLY D 237 -20.45 29.20 -2.27
CA GLY D 237 -19.80 28.81 -3.50
C GLY D 237 -20.05 27.35 -3.76
N GLN D 238 -20.89 27.05 -4.74
CA GLN D 238 -21.42 25.70 -4.88
C GLN D 238 -20.40 24.78 -5.54
N MET D 239 -20.71 23.49 -5.52
CA MET D 239 -19.93 22.52 -6.27
C MET D 239 -20.09 22.71 -7.77
N ASN D 240 -21.20 23.31 -8.20
CA ASN D 240 -21.44 23.63 -9.59
C ASN D 240 -20.36 24.54 -10.18
N GLU D 241 -19.71 25.34 -9.35
CA GLU D 241 -18.79 26.36 -9.82
C GLU D 241 -17.44 25.74 -10.16
N PRO D 242 -16.68 26.37 -11.07
CA PRO D 242 -15.39 25.80 -11.49
C PRO D 242 -14.43 25.68 -10.33
N PRO D 243 -13.36 24.89 -10.46
CA PRO D 243 -12.46 24.68 -9.30
C PRO D 243 -11.78 25.94 -8.83
N GLY D 244 -11.66 26.95 -9.67
CA GLY D 244 -11.05 28.19 -9.25
C GLY D 244 -11.93 28.98 -8.30
N ALA D 245 -13.24 28.89 -8.48
CA ALA D 245 -14.16 29.66 -7.65
C ALA D 245 -14.31 29.02 -6.27
N ARG D 246 -14.39 27.70 -6.23
CA ARG D 246 -14.64 27.00 -4.98
C ARG D 246 -13.49 27.18 -3.99
N MET D 247 -12.30 27.51 -4.49
CA MET D 247 -11.19 27.80 -3.60
C MET D 247 -11.32 29.19 -3.00
N ARG D 248 -11.51 30.20 -3.85
CA ARG D 248 -11.52 31.59 -3.39
C ARG D 248 -12.78 31.96 -2.63
N VAL D 249 -13.79 31.07 -2.62
CA VAL D 249 -14.96 31.29 -1.77
C VAL D 249 -14.55 31.53 -0.32
N GLY D 250 -13.62 30.71 0.17
CA GLY D 250 -13.20 30.84 1.56
C GLY D 250 -12.58 32.19 1.86
N LEU D 251 -11.76 32.69 0.92
CA LEU D 251 -11.16 34.01 1.10
C LEU D 251 -12.22 35.12 1.04
N THR D 252 -13.24 34.95 0.20
CA THR D 252 -14.36 35.90 0.19
C THR D 252 -15.02 35.97 1.55
N ALA D 253 -15.43 34.82 2.08
CA ALA D 253 -16.06 34.79 3.39
C ALA D 253 -15.13 35.35 4.46
N LEU D 254 -13.83 35.06 4.32
CA LEU D 254 -12.84 35.55 5.28
C LEU D 254 -12.79 37.07 5.30
N THR D 255 -12.70 37.71 4.14
CA THR D 255 -12.56 39.16 4.13
C THR D 255 -13.87 39.84 4.55
N MET D 256 -15.00 39.23 4.22
CA MET D 256 -16.27 39.79 4.67
C MET D 256 -16.40 39.70 6.18
N ALA D 257 -15.88 38.63 6.77
CA ALA D 257 -15.82 38.55 8.23
C ALA D 257 -14.80 39.52 8.80
N GLU D 258 -13.64 39.63 8.14
CA GLU D 258 -12.53 40.37 8.68
C GLU D 258 -12.83 41.86 8.76
N TYR D 259 -13.65 42.37 7.83
CA TYR D 259 -14.12 43.74 7.99
C TYR D 259 -14.89 43.91 9.30
N PHE D 260 -15.77 42.96 9.61
CA PHE D 260 -16.67 43.08 10.76
C PHE D 260 -15.92 43.20 12.07
N ARG D 261 -14.66 42.74 12.14
CA ARG D 261 -13.92 42.91 13.38
C ARG D 261 -12.80 43.91 13.26
N ASP D 262 -12.19 44.11 12.09
CA ASP D 262 -11.15 45.11 12.02
C ASP D 262 -11.70 46.52 12.12
N VAL D 263 -12.88 46.79 11.56
CA VAL D 263 -13.43 48.13 11.64
C VAL D 263 -14.43 48.22 12.79
N ASN D 264 -15.35 47.27 12.87
CA ASN D 264 -16.41 47.37 13.87
C ASN D 264 -16.06 46.69 15.19
N GLU D 265 -14.97 45.95 15.27
CA GLU D 265 -14.50 45.34 16.52
C GLU D 265 -15.56 44.44 17.15
N GLN D 266 -16.32 43.76 16.31
CA GLN D 266 -17.31 42.79 16.74
C GLN D 266 -16.70 41.39 16.72
N ASP D 267 -17.10 40.57 17.67
CA ASP D 267 -16.66 39.19 17.72
C ASP D 267 -17.36 38.42 16.61
N VAL D 268 -16.62 38.10 15.56
CA VAL D 268 -17.18 37.43 14.39
C VAL D 268 -16.98 35.93 14.54
N LEU D 269 -17.89 35.16 13.96
CA LEU D 269 -17.76 33.72 13.83
C LEU D 269 -17.67 33.42 12.35
N LEU D 270 -16.66 32.65 11.95
CA LEU D 270 -16.41 32.33 10.56
C LEU D 270 -16.57 30.83 10.39
N PHE D 271 -17.73 30.41 9.89
CA PHE D 271 -17.98 29.00 9.61
C PHE D 271 -17.50 28.68 8.20
N ILE D 272 -16.68 27.66 8.07
CA ILE D 272 -16.20 27.19 6.79
C ILE D 272 -16.61 25.73 6.66
N ASP D 273 -17.52 25.46 5.73
CA ASP D 273 -18.09 24.12 5.57
C ASP D 273 -17.94 23.67 4.13
N ASN D 274 -16.94 22.85 3.85
CA ASN D 274 -15.93 22.45 4.84
C ASN D 274 -14.52 22.58 4.27
N ILE D 275 -13.54 22.49 5.17
CA ILE D 275 -12.13 22.75 4.83
C ILE D 275 -11.58 21.78 3.79
N PHE D 276 -11.99 20.50 3.86
CA PHE D 276 -11.41 19.51 2.97
C PHE D 276 -11.76 19.81 1.52
N ARG D 277 -12.94 20.37 1.28
CA ARG D 277 -13.34 20.60 -0.10
C ARG D 277 -12.62 21.82 -0.67
N PHE D 278 -12.30 22.81 0.18
CA PHE D 278 -11.43 23.89 -0.25
C PHE D 278 -10.04 23.37 -0.57
N VAL D 279 -9.55 22.43 0.24
CA VAL D 279 -8.23 21.86 0.00
C VAL D 279 -8.21 21.13 -1.35
N GLN D 280 -9.24 20.33 -1.62
CA GLN D 280 -9.25 19.61 -2.89
C GLN D 280 -9.57 20.54 -4.06
N ALA D 281 -10.25 21.66 -3.82
CA ALA D 281 -10.45 22.62 -4.90
C ALA D 281 -9.15 23.31 -5.28
N GLY D 282 -8.33 23.62 -4.29
CA GLY D 282 -6.99 24.09 -4.58
C GLY D 282 -6.16 23.04 -5.30
N SER D 283 -6.35 21.77 -4.92
CA SER D 283 -5.67 20.68 -5.59
C SER D 283 -6.07 20.61 -7.07
N GLU D 284 -7.36 20.79 -7.36
CA GLU D 284 -7.83 20.80 -8.74
C GLU D 284 -7.26 21.99 -9.50
N VAL D 285 -7.20 23.16 -8.85
CA VAL D 285 -6.64 24.34 -9.52
C VAL D 285 -5.18 24.10 -9.89
N SER D 286 -4.40 23.57 -8.97
CA SER D 286 -3.00 23.27 -9.28
C SER D 286 -2.89 22.20 -10.36
N ALA D 287 -3.84 21.26 -10.37
CA ALA D 287 -3.82 20.20 -11.37
C ALA D 287 -4.04 20.78 -12.77
N LEU D 288 -5.06 21.63 -12.91
CA LEU D 288 -5.28 22.33 -14.17
C LEU D 288 -4.09 23.18 -14.56
N LEU D 289 -3.45 23.87 -13.61
CA LEU D 289 -2.30 24.69 -13.90
C LEU D 289 -1.08 23.87 -14.30
N GLY D 290 -1.06 22.58 -13.98
CA GLY D 290 0.00 21.73 -14.50
C GLY D 290 1.27 21.77 -13.70
N ARG D 291 1.19 22.14 -12.43
CA ARG D 291 2.33 22.10 -11.53
C ARG D 291 2.45 20.71 -10.93
N MET D 292 3.68 20.26 -10.76
CA MET D 292 3.92 18.88 -10.32
C MET D 292 3.24 18.61 -8.98
N PRO D 293 2.60 17.47 -8.81
CA PRO D 293 1.92 17.21 -7.54
C PRO D 293 2.90 16.89 -6.42
N SER D 294 2.41 17.05 -5.21
CA SER D 294 3.09 16.68 -3.98
C SER D 294 2.81 15.20 -3.70
N ALA D 295 2.83 14.80 -2.43
CA ALA D 295 2.40 13.47 -2.03
C ALA D 295 0.92 13.27 -2.37
N VAL D 296 0.29 12.28 -1.74
CA VAL D 296 -0.76 11.40 -2.27
C VAL D 296 -1.70 11.97 -3.34
N GLY D 297 -1.60 13.26 -3.65
CA GLY D 297 -2.37 13.86 -4.72
C GLY D 297 -2.79 15.29 -4.50
N TYR D 298 -2.32 15.91 -3.43
CA TYR D 298 -2.66 17.30 -3.17
C TYR D 298 -1.68 18.24 -3.88
N GLN D 299 -1.99 19.51 -3.83
CA GLN D 299 -1.18 20.52 -4.49
C GLN D 299 0.12 20.72 -3.73
N PRO D 300 1.20 21.11 -4.40
CA PRO D 300 2.49 21.28 -3.68
C PRO D 300 2.44 22.35 -2.61
N THR D 301 1.64 23.41 -2.82
CA THR D 301 1.49 24.45 -1.80
C THR D 301 0.33 24.19 -0.85
N LEU D 302 0.22 22.98 -0.30
CA LEU D 302 -0.88 22.71 0.63
C LEU D 302 -0.70 23.50 1.91
N SER D 303 0.52 23.48 2.47
CA SER D 303 0.79 24.17 3.72
C SER D 303 0.65 25.68 3.56
N THR D 304 1.21 26.24 2.50
CA THR D 304 1.18 27.68 2.31
C THR D 304 -0.22 28.16 1.93
N GLU D 305 -0.95 27.35 1.15
CA GLU D 305 -2.32 27.70 0.80
C GLU D 305 -3.23 27.65 2.02
N MET D 306 -3.03 26.64 2.87
CA MET D 306 -3.80 26.57 4.11
C MET D 306 -3.44 27.71 5.05
N GLY D 307 -2.16 28.10 5.06
CA GLY D 307 -1.76 29.22 5.89
C GLY D 307 -2.41 30.51 5.46
N SER D 308 -2.43 30.76 4.15
CA SER D 308 -2.98 32.02 3.64
C SER D 308 -4.42 32.25 4.08
N LEU D 309 -5.14 31.18 4.41
CA LEU D 309 -6.50 31.29 4.90
C LEU D 309 -6.59 31.12 6.42
N GLN D 310 -5.66 30.40 7.03
CA GLN D 310 -5.70 30.14 8.46
C GLN D 310 -4.86 31.09 9.29
N GLU D 311 -4.33 32.16 8.71
CA GLU D 311 -3.62 33.15 9.52
C GLU D 311 -4.23 34.53 9.46
N ARG D 312 -5.28 34.74 8.65
CA ARG D 312 -6.10 35.92 8.83
C ARG D 312 -7.11 35.72 9.97
N ILE D 313 -7.30 34.49 10.43
CA ILE D 313 -8.22 34.18 11.51
C ILE D 313 -7.48 34.28 12.83
N THR D 314 -7.56 35.44 13.48
CA THR D 314 -6.88 35.68 14.74
C THR D 314 -7.77 36.53 15.63
N SER D 315 -7.20 36.99 16.73
CA SER D 315 -7.77 38.05 17.56
C SER D 315 -6.74 39.17 17.61
N THR D 316 -6.94 40.19 16.78
CA THR D 316 -6.04 41.33 16.79
C THR D 316 -6.41 42.27 17.94
N LYS D 317 -5.71 43.41 18.00
CA LYS D 317 -6.04 44.42 19.00
C LYS D 317 -7.46 44.95 18.80
N GLU D 318 -7.98 44.80 17.58
CA GLU D 318 -9.26 45.40 17.23
C GLU D 318 -10.41 44.45 17.55
N GLY D 319 -10.38 43.24 16.99
CA GLY D 319 -11.47 42.31 17.20
C GLY D 319 -11.00 40.88 17.37
N SER D 320 -11.78 39.93 16.84
CA SER D 320 -11.43 38.52 16.88
C SER D 320 -12.32 37.76 15.91
N ILE D 321 -11.70 37.00 15.02
CA ILE D 321 -12.42 36.03 14.18
C ILE D 321 -12.21 34.66 14.81
N THR D 322 -13.28 34.03 15.24
CA THR D 322 -13.24 32.65 15.70
C THR D 322 -13.78 31.77 14.59
N SER D 323 -12.99 30.82 14.14
CA SER D 323 -13.32 30.01 12.98
C SER D 323 -13.84 28.66 13.43
N ILE D 324 -15.12 28.43 13.22
CA ILE D 324 -15.76 27.15 13.55
C ILE D 324 -16.00 26.46 12.21
N GLN D 325 -15.03 25.66 11.77
CA GLN D 325 -15.04 25.06 10.45
C GLN D 325 -15.22 23.56 10.56
N ALA D 326 -16.04 23.00 9.68
CA ALA D 326 -16.16 21.55 9.59
C ALA D 326 -14.92 20.97 8.94
N VAL D 327 -14.55 19.76 9.35
CA VAL D 327 -13.40 19.06 8.80
C VAL D 327 -13.86 17.66 8.39
N TYR D 328 -13.30 17.15 7.30
CA TYR D 328 -13.63 15.82 6.81
C TYR D 328 -12.35 15.03 6.61
N VAL D 329 -12.32 13.79 7.11
CA VAL D 329 -11.15 12.94 7.02
C VAL D 329 -11.37 11.92 5.90
N PRO D 330 -10.57 11.94 4.84
CA PRO D 330 -10.79 10.99 3.74
C PRO D 330 -9.95 9.73 3.94
N ALA D 331 -10.56 8.60 3.57
CA ALA D 331 -9.98 7.28 3.80
C ALA D 331 -9.66 7.05 5.27
N ASP D 332 -10.47 7.66 6.15
CA ASP D 332 -10.33 7.62 7.60
C ASP D 332 -8.94 8.02 8.08
N ASP D 333 -8.20 8.79 7.30
CA ASP D 333 -6.86 9.23 7.68
C ASP D 333 -6.94 10.48 8.53
N LEU D 334 -6.32 10.42 9.71
CA LEU D 334 -5.87 11.64 10.36
C LEU D 334 -4.48 12.02 9.90
N THR D 335 -3.85 11.20 9.06
CA THR D 335 -2.50 11.47 8.60
C THR D 335 -2.44 11.80 7.11
N ASP D 336 -3.57 11.82 6.43
CA ASP D 336 -3.60 12.33 5.06
C ASP D 336 -3.17 13.80 5.12
N PRO D 337 -2.40 14.28 4.15
CA PRO D 337 -2.00 15.70 4.15
C PRO D 337 -3.08 16.72 4.46
N ALA D 338 -4.29 16.57 3.92
CA ALA D 338 -5.30 17.58 4.21
C ALA D 338 -5.72 17.57 5.68
N PRO D 339 -6.12 16.43 6.27
CA PRO D 339 -6.39 16.44 7.71
C PRO D 339 -5.19 16.81 8.56
N ALA D 340 -3.99 16.35 8.20
CA ALA D 340 -2.81 16.65 9.00
C ALA D 340 -2.53 18.15 9.03
N THR D 341 -2.59 18.80 7.87
CA THR D 341 -2.35 20.23 7.80
C THR D 341 -3.46 21.00 8.51
N THR D 342 -4.71 20.57 8.35
CA THR D 342 -5.80 21.26 9.03
C THR D 342 -5.67 21.14 10.55
N PHE D 343 -5.31 19.96 11.04
CA PHE D 343 -5.18 19.78 12.48
C PHE D 343 -3.99 20.53 13.02
N ALA D 344 -2.95 20.71 12.21
CA ALA D 344 -1.82 21.54 12.62
C ALA D 344 -2.28 22.96 12.95
N HIS D 345 -3.39 23.41 12.36
CA HIS D 345 -3.89 24.75 12.65
C HIS D 345 -4.96 24.74 13.73
N LEU D 346 -5.78 23.69 13.80
CA LEU D 346 -6.93 23.66 14.71
C LEU D 346 -6.48 23.80 16.15
N ASP D 347 -7.38 24.32 16.99
CA ASP D 347 -7.09 24.52 18.41
C ASP D 347 -7.96 23.65 19.32
N ALA D 348 -9.16 23.30 18.89
CA ALA D 348 -10.05 22.45 19.68
C ALA D 348 -11.02 21.78 18.73
N THR D 349 -11.38 20.54 19.06
CA THR D 349 -12.31 19.78 18.22
C THR D 349 -13.49 19.34 19.07
N THR D 350 -14.70 19.59 18.57
CA THR D 350 -15.93 19.06 19.14
C THR D 350 -16.48 18.02 18.20
N VAL D 351 -16.76 16.83 18.73
CA VAL D 351 -17.13 15.67 17.91
C VAL D 351 -18.56 15.29 18.26
N LEU D 352 -19.43 15.24 17.25
CA LEU D 352 -20.82 14.88 17.42
C LEU D 352 -21.02 13.43 17.02
N SER D 353 -21.78 12.69 17.83
CA SER D 353 -21.93 11.25 17.66
C SER D 353 -23.37 10.89 17.38
N ARG D 354 -23.56 9.84 16.57
CA ARG D 354 -24.90 9.39 16.23
C ARG D 354 -25.59 8.75 17.42
N GLY D 355 -24.81 8.28 18.40
CA GLY D 355 -25.38 7.68 19.59
C GLY D 355 -26.29 8.62 20.37
N LEU D 356 -25.78 9.82 20.65
CA LEU D 356 -26.54 10.77 21.45
C LEU D 356 -27.71 11.34 20.65
N ALA D 357 -27.56 11.41 19.33
CA ALA D 357 -28.66 11.82 18.47
C ALA D 357 -29.78 10.78 18.50
N ALA D 358 -29.41 9.50 18.35
CA ALA D 358 -30.40 8.44 18.34
C ALA D 358 -31.10 8.33 19.70
N LYS D 359 -30.35 8.50 20.78
CA LYS D 359 -30.96 8.46 22.10
C LYS D 359 -31.84 9.67 22.38
N GLY D 360 -31.31 10.89 22.29
CA GLY D 360 -32.06 12.08 22.60
C GLY D 360 -31.37 13.05 23.53
N ILE D 361 -30.07 12.93 23.72
CA ILE D 361 -29.30 13.94 24.45
C ILE D 361 -28.79 14.94 23.41
N TYR D 362 -29.51 16.04 23.24
CA TYR D 362 -29.13 17.02 22.25
C TYR D 362 -28.53 18.24 22.93
N PRO D 363 -27.41 18.78 22.43
CA PRO D 363 -26.70 18.40 21.20
C PRO D 363 -25.97 17.08 21.33
N ALA D 364 -25.56 16.50 20.21
CA ALA D 364 -25.08 15.13 20.21
C ALA D 364 -23.57 15.05 20.38
N VAL D 365 -23.00 16.00 21.13
CA VAL D 365 -21.56 16.08 21.33
C VAL D 365 -21.13 14.96 22.28
N ASP D 366 -20.10 14.23 21.91
CA ASP D 366 -19.52 13.24 22.82
C ASP D 366 -18.44 13.89 23.68
N PRO D 367 -18.65 14.04 24.99
CA PRO D 367 -17.65 14.74 25.80
C PRO D 367 -16.34 14.01 25.96
N LEU D 368 -16.18 12.83 25.36
CA LEU D 368 -14.89 12.14 25.42
C LEU D 368 -14.16 12.23 24.08
N ASP D 369 -14.87 12.00 22.98
CA ASP D 369 -14.26 12.19 21.66
C ASP D 369 -13.87 13.64 21.42
N SER D 370 -14.65 14.56 21.98
CA SER D 370 -14.31 15.97 21.85
C SER D 370 -13.25 16.33 22.88
N THR D 371 -12.25 17.09 22.44
CA THR D 371 -11.16 17.54 23.29
C THR D 371 -10.80 18.97 22.94
N SER D 372 -10.09 19.62 23.86
CA SER D 372 -9.55 20.94 23.61
C SER D 372 -8.15 21.04 24.18
N THR D 373 -7.30 21.80 23.49
CA THR D 373 -6.03 22.19 24.09
C THR D 373 -6.20 23.35 25.04
N MET D 374 -7.39 23.96 25.06
CA MET D 374 -7.63 25.10 25.93
C MET D 374 -7.99 24.66 27.35
N LEU D 375 -8.25 23.37 27.54
CA LEU D 375 -8.61 22.90 28.87
C LEU D 375 -7.35 22.57 29.66
N GLN D 376 -6.42 23.51 29.71
CA GLN D 376 -5.29 23.44 30.61
C GLN D 376 -5.62 24.20 31.89
N PRO D 377 -5.09 23.79 33.03
CA PRO D 377 -5.38 24.51 34.27
C PRO D 377 -4.94 25.96 34.23
N ARG D 378 -3.73 26.23 33.73
CA ARG D 378 -3.21 27.58 33.69
C ARG D 378 -3.92 28.45 32.67
N ILE D 379 -4.96 27.93 32.01
CA ILE D 379 -5.79 28.74 31.12
C ILE D 379 -7.19 28.89 31.69
N VAL D 380 -7.79 27.79 32.18
CA VAL D 380 -9.20 27.86 32.56
C VAL D 380 -9.47 27.95 34.04
N GLY D 381 -8.45 27.84 34.91
CA GLY D 381 -8.73 27.81 36.32
C GLY D 381 -8.75 26.40 36.87
N GLU D 382 -8.17 26.23 38.06
CA GLU D 382 -8.04 24.90 38.64
C GLU D 382 -9.39 24.28 38.95
N GLU D 383 -10.36 25.12 39.33
CA GLU D 383 -11.68 24.61 39.68
C GLU D 383 -12.40 24.06 38.45
N HIS D 384 -12.42 24.84 37.37
CA HIS D 384 -12.96 24.36 36.10
C HIS D 384 -12.24 23.09 35.66
N TYR D 385 -10.92 23.08 35.80
CA TYR D 385 -10.15 21.93 35.32
C TYR D 385 -10.49 20.67 36.10
N GLU D 386 -10.57 20.78 37.43
CA GLU D 386 -10.83 19.60 38.23
C GLU D 386 -12.25 19.10 38.05
N ILE D 387 -13.20 20.01 37.86
CA ILE D 387 -14.57 19.56 37.63
C ILE D 387 -14.69 18.89 36.27
N ALA D 388 -14.02 19.44 35.25
CA ALA D 388 -14.02 18.78 33.94
C ALA D 388 -13.35 17.42 34.01
N GLN D 389 -12.25 17.31 34.75
CA GLN D 389 -11.55 16.03 34.88
C GLN D 389 -12.42 14.99 35.58
N ARG D 390 -13.07 15.39 36.68
CA ARG D 390 -13.93 14.45 37.40
C ARG D 390 -15.14 14.04 36.55
N VAL D 391 -15.67 14.96 35.75
CA VAL D 391 -16.78 14.64 34.88
C VAL D 391 -16.34 13.64 33.82
N LYS D 392 -15.18 13.88 33.21
CA LYS D 392 -14.64 12.97 32.20
C LYS D 392 -14.38 11.59 32.79
N GLU D 393 -13.84 11.55 34.02
CA GLU D 393 -13.57 10.28 34.67
C GLU D 393 -14.87 9.52 34.95
N THR D 394 -15.91 10.23 35.39
CA THR D 394 -17.18 9.57 35.66
C THR D 394 -17.83 9.03 34.37
N LEU D 395 -17.81 9.83 33.30
CA LEU D 395 -18.39 9.38 32.04
C LEU D 395 -17.60 8.23 31.43
N GLN D 396 -16.28 8.27 31.57
CA GLN D 396 -15.46 7.18 31.07
C GLN D 396 -15.72 5.90 31.85
N ARG D 397 -15.80 6.01 33.18
CA ARG D 397 -16.13 4.84 34.00
C ARG D 397 -17.50 4.29 33.64
N TYR D 398 -18.43 5.16 33.25
CA TYR D 398 -19.72 4.69 32.77
C TYR D 398 -19.59 3.89 31.49
N LYS D 399 -18.80 4.38 30.54
CA LYS D 399 -18.57 3.61 29.32
C LYS D 399 -17.90 2.27 29.64
N GLU D 400 -17.01 2.25 30.62
CA GLU D 400 -16.36 0.99 31.00
C GLU D 400 -17.33 0.02 31.65
N LEU D 401 -18.27 0.51 32.45
CA LEU D 401 -19.26 -0.31 33.11
C LEU D 401 -20.45 -0.65 32.24
N GLN D 402 -20.51 -0.09 31.02
CA GLN D 402 -21.65 -0.30 30.14
C GLN D 402 -21.99 -1.77 29.95
N ASP D 403 -20.98 -2.63 29.77
CA ASP D 403 -21.28 -4.05 29.61
C ASP D 403 -21.41 -4.75 30.97
N ILE D 404 -20.60 -4.35 31.95
CA ILE D 404 -20.56 -4.99 33.26
C ILE D 404 -21.91 -4.92 33.97
N ILE D 405 -22.53 -3.74 33.97
CA ILE D 405 -23.75 -3.52 34.75
C ILE D 405 -24.89 -4.38 34.22
N ALA D 406 -24.97 -4.55 32.90
CA ALA D 406 -26.06 -5.29 32.28
C ALA D 406 -26.06 -6.74 32.74
N ILE D 407 -24.88 -7.37 32.74
CA ILE D 407 -24.75 -8.75 33.19
C ILE D 407 -24.90 -8.83 34.71
N LEU D 408 -24.16 -7.99 35.43
CA LEU D 408 -24.07 -8.12 36.88
C LEU D 408 -25.38 -7.72 37.57
N GLY D 409 -26.24 -6.98 36.89
CA GLY D 409 -27.28 -6.36 37.68
C GLY D 409 -26.76 -5.12 38.37
N LEU D 410 -27.54 -4.04 38.29
CA LEU D 410 -27.11 -2.78 38.86
C LEU D 410 -27.00 -2.82 40.38
N ASP D 411 -27.69 -3.75 41.03
CA ASP D 411 -27.63 -3.85 42.48
C ASP D 411 -26.39 -4.59 42.96
N GLU D 412 -25.95 -5.61 42.21
CA GLU D 412 -24.77 -6.38 42.60
C GLU D 412 -23.49 -5.56 42.56
N LEU D 413 -23.52 -4.40 41.90
CA LEU D 413 -22.39 -3.48 41.92
C LEU D 413 -22.06 -3.04 43.35
N SER D 414 -20.83 -2.62 43.56
CA SER D 414 -20.47 -2.04 44.83
C SER D 414 -21.09 -0.66 44.97
N GLU D 415 -20.97 -0.08 46.16
CA GLU D 415 -21.60 1.20 46.41
C GLU D 415 -20.91 2.30 45.63
N GLU D 416 -19.58 2.23 45.50
CA GLU D 416 -18.86 3.24 44.74
C GLU D 416 -19.25 3.22 43.27
N ASP D 417 -19.38 2.02 42.70
CA ASP D 417 -19.73 1.95 41.29
C ASP D 417 -21.20 2.25 41.06
N ARG D 418 -22.06 1.96 42.04
CA ARG D 418 -23.44 2.35 41.93
C ARG D 418 -23.57 3.87 41.97
N LEU D 419 -22.84 4.51 42.87
CA LEU D 419 -22.75 5.97 42.88
C LEU D 419 -22.24 6.50 41.55
N THR D 420 -21.23 5.83 40.99
CA THR D 420 -20.66 6.30 39.73
C THR D 420 -21.67 6.24 38.60
N VAL D 421 -22.38 5.13 38.47
CA VAL D 421 -23.37 5.02 37.39
C VAL D 421 -24.52 6.00 37.61
N ALA D 422 -24.92 6.18 38.86
CA ALA D 422 -26.01 7.11 39.16
C ALA D 422 -25.63 8.53 38.77
N ARG D 423 -24.49 9.01 39.29
CA ARG D 423 -24.07 10.36 38.98
C ARG D 423 -23.71 10.50 37.50
N ALA D 424 -23.27 9.42 36.86
CA ALA D 424 -22.95 9.50 35.45
C ALA D 424 -24.21 9.70 34.62
N ARG D 425 -25.30 9.02 35.01
CA ARG D 425 -26.57 9.25 34.32
C ARG D 425 -27.06 10.67 34.56
N LYS D 426 -26.92 11.16 35.79
CA LYS D 426 -27.30 12.54 36.08
C LYS D 426 -26.51 13.53 35.23
N ILE D 427 -25.19 13.31 35.11
CA ILE D 427 -24.33 14.20 34.34
C ILE D 427 -24.67 14.13 32.86
N GLU D 428 -24.78 12.92 32.32
CA GLU D 428 -25.08 12.75 30.90
C GLU D 428 -26.43 13.33 30.55
N ARG D 429 -27.37 13.33 31.49
CA ARG D 429 -28.66 13.94 31.20
C ARG D 429 -28.61 15.45 31.36
N PHE D 430 -27.77 15.95 32.27
CA PHE D 430 -27.63 17.39 32.41
C PHE D 430 -26.86 17.99 31.26
N LEU D 431 -26.16 17.18 30.48
CA LEU D 431 -25.48 17.72 29.30
C LEU D 431 -26.47 18.19 28.24
N SER D 432 -27.72 17.76 28.32
CA SER D 432 -28.72 18.16 27.34
C SER D 432 -29.12 19.61 27.55
N GLN D 433 -29.45 20.30 26.45
CA GLN D 433 -29.79 21.70 26.53
C GLN D 433 -30.94 22.04 25.59
N PRO D 434 -31.90 22.86 26.05
CA PRO D 434 -32.95 23.32 25.15
C PRO D 434 -32.49 24.52 24.33
N PHE D 435 -32.47 24.35 23.03
CA PHE D 435 -31.85 25.29 22.11
C PHE D 435 -32.75 26.46 21.79
N PHE D 436 -32.13 27.61 21.52
CA PHE D 436 -32.87 28.78 21.10
C PHE D 436 -33.48 28.63 19.71
N VAL D 437 -32.83 27.85 18.84
CA VAL D 437 -33.31 27.73 17.47
C VAL D 437 -34.06 26.44 17.21
N ALA D 438 -33.95 25.46 18.09
CA ALA D 438 -34.69 24.21 17.96
C ALA D 438 -35.99 24.23 18.75
N GLU D 439 -36.38 25.39 19.28
CA GLU D 439 -37.66 25.51 19.95
C GLU D 439 -38.81 25.43 18.95
N VAL D 440 -38.58 25.88 17.71
CA VAL D 440 -39.62 25.81 16.69
C VAL D 440 -40.06 24.36 16.48
N PHE D 441 -39.11 23.44 16.45
CA PHE D 441 -39.43 22.02 16.37
C PHE D 441 -39.94 21.50 17.70
N THR D 442 -39.13 21.62 18.76
CA THR D 442 -39.43 20.93 20.01
C THR D 442 -40.61 21.56 20.74
N GLY D 443 -40.48 22.83 21.12
CA GLY D 443 -41.41 23.49 22.00
C GLY D 443 -40.82 23.87 23.34
N SER D 444 -39.57 23.53 23.58
CA SER D 444 -38.89 23.95 24.80
C SER D 444 -38.19 25.28 24.56
N PRO D 445 -38.37 26.28 25.43
CA PRO D 445 -37.74 27.58 25.21
C PRO D 445 -36.22 27.46 25.23
N GLY D 446 -35.57 28.33 24.48
CA GLY D 446 -34.11 28.31 24.44
C GLY D 446 -33.51 28.91 25.70
N LYS D 447 -32.29 28.49 26.00
CA LYS D 447 -31.63 28.81 27.27
C LYS D 447 -30.16 29.10 27.01
N TYR D 448 -29.58 29.95 27.86
CA TYR D 448 -28.17 30.30 27.79
C TYR D 448 -27.55 30.04 29.16
N VAL D 449 -26.43 29.32 29.18
CA VAL D 449 -25.77 28.90 30.41
C VAL D 449 -24.33 29.39 30.40
N GLY D 450 -24.03 30.35 31.27
CA GLY D 450 -22.66 30.76 31.44
C GLY D 450 -21.83 29.72 32.17
N LEU D 451 -20.52 29.95 32.21
CA LEU D 451 -19.63 28.99 32.85
C LEU D 451 -19.80 28.96 34.36
N ALA D 452 -20.26 30.05 34.96
CA ALA D 452 -20.49 30.03 36.40
C ALA D 452 -21.59 29.03 36.73
N GLU D 453 -22.74 29.19 36.07
CA GLU D 453 -23.82 28.22 36.18
C GLU D 453 -23.32 26.81 35.88
N THR D 454 -22.49 26.66 34.84
CA THR D 454 -22.04 25.34 34.43
C THR D 454 -21.17 24.68 35.49
N ILE D 455 -20.13 25.36 35.95
CA ILE D 455 -19.19 24.76 36.88
C ILE D 455 -19.90 24.47 38.20
N ARG D 456 -20.78 25.36 38.64
CA ARG D 456 -21.44 25.11 39.90
C ARG D 456 -22.47 24.00 39.76
N GLY D 457 -23.14 23.91 38.62
CA GLY D 457 -24.10 22.83 38.40
C GLY D 457 -23.44 21.48 38.44
N PHE D 458 -22.30 21.35 37.78
CA PHE D 458 -21.60 20.07 37.82
C PHE D 458 -20.96 19.82 39.18
N GLN D 459 -20.52 20.86 39.89
CA GLN D 459 -20.04 20.68 41.25
C GLN D 459 -21.13 20.12 42.16
N LEU D 460 -22.35 20.65 42.01
CA LEU D 460 -23.46 20.18 42.85
C LEU D 460 -23.85 18.76 42.49
N ILE D 461 -23.94 18.46 41.18
CA ILE D 461 -24.38 17.13 40.76
C ILE D 461 -23.35 16.09 41.16
N LEU D 462 -22.07 16.37 40.92
CA LEU D 462 -21.00 15.40 41.11
C LEU D 462 -20.51 15.32 42.55
N SER D 463 -20.70 16.37 43.35
CA SER D 463 -20.23 16.36 44.73
C SER D 463 -21.15 15.59 45.66
N GLY D 464 -22.11 14.85 45.13
CA GLY D 464 -23.01 14.06 45.95
C GLY D 464 -24.12 14.86 46.59
N GLU D 465 -24.28 16.14 46.26
CA GLU D 465 -25.23 16.97 46.99
C GLU D 465 -26.62 16.92 46.37
N LEU D 466 -26.73 16.99 45.04
CA LEU D 466 -28.00 16.76 44.37
C LEU D 466 -28.15 15.31 43.90
N ASP D 467 -27.59 14.37 44.65
CA ASP D 467 -27.66 12.95 44.30
C ASP D 467 -29.02 12.37 44.67
N SER D 468 -29.95 13.22 45.12
CA SER D 468 -31.29 12.80 45.48
C SER D 468 -32.35 13.32 44.52
N LEU D 469 -32.00 13.52 43.25
CA LEU D 469 -32.97 14.00 42.27
C LEU D 469 -33.23 12.93 41.21
N PRO D 470 -34.41 12.94 40.59
CA PRO D 470 -34.69 11.95 39.54
C PRO D 470 -33.84 12.22 38.30
N GLU D 471 -33.64 11.17 37.50
CA GLU D 471 -32.87 11.29 36.28
C GLU D 471 -33.47 12.34 35.34
N GLN D 472 -34.79 12.32 35.18
CA GLN D 472 -35.46 13.21 34.25
C GLN D 472 -35.42 14.67 34.68
N ALA D 473 -35.07 14.95 35.93
CA ALA D 473 -35.11 16.33 36.41
C ALA D 473 -33.94 17.15 35.88
N PHE D 474 -32.95 16.51 35.28
CA PHE D 474 -31.78 17.18 34.71
C PHE D 474 -31.80 17.21 33.19
N TYR D 475 -32.87 16.75 32.55
CA TYR D 475 -32.89 16.50 31.12
C TYR D 475 -33.48 17.69 30.37
N LEU D 476 -32.74 18.19 29.37
CA LEU D 476 -33.08 19.41 28.65
C LEU D 476 -33.44 20.55 29.59
N VAL D 477 -32.48 20.93 30.43
CA VAL D 477 -32.67 22.01 31.39
C VAL D 477 -31.52 23.00 31.22
N GLY D 478 -31.77 24.27 31.54
CA GLY D 478 -30.72 25.25 31.41
C GLY D 478 -29.63 25.13 32.45
N ASN D 479 -29.93 25.50 33.68
CA ASN D 479 -28.93 25.44 34.73
C ASN D 479 -29.44 24.63 35.92
N ILE D 480 -28.65 24.61 36.99
CA ILE D 480 -28.99 23.75 38.12
C ILE D 480 -30.16 24.32 38.90
N ASP D 481 -30.38 25.64 38.82
CA ASP D 481 -31.54 26.22 39.48
C ASP D 481 -32.83 25.77 38.80
N GLU D 482 -32.85 25.83 37.46
CA GLU D 482 -34.01 25.31 36.73
C GLU D 482 -34.11 23.80 36.89
N ALA D 483 -32.98 23.14 37.12
CA ALA D 483 -33.03 21.70 37.39
C ALA D 483 -33.75 21.42 38.71
N THR D 484 -33.45 22.21 39.75
CA THR D 484 -34.15 22.05 41.01
C THR D 484 -35.64 22.37 40.87
N ALA D 485 -35.96 23.43 40.12
CA ALA D 485 -37.35 23.79 39.87
C ALA D 485 -38.11 22.65 39.21
N LYS D 486 -37.53 22.09 38.14
CA LYS D 486 -38.15 20.97 37.45
C LYS D 486 -38.24 19.75 38.35
N ALA D 487 -37.26 19.58 39.24
CA ALA D 487 -37.29 18.42 40.14
C ALA D 487 -38.44 18.53 41.13
N MET D 488 -38.65 19.72 41.68
CA MET D 488 -39.80 19.92 42.57
C MET D 488 -41.12 19.72 41.82
N ASN D 489 -41.20 20.20 40.58
CA ASN D 489 -42.38 19.95 39.76
C ASN D 489 -42.61 18.45 39.59
N LEU D 490 -41.56 17.71 39.23
CA LEU D 490 -41.71 16.27 38.96
C LEU D 490 -42.09 15.52 40.23
N GLU D 491 -41.60 15.97 41.38
CA GLU D 491 -41.93 15.27 42.63
C GLU D 491 -43.36 15.55 43.05
N MET D 492 -43.83 16.79 42.90
CA MET D 492 -45.24 17.09 43.15
C MET D 492 -46.13 16.33 42.17
N GLU D 493 -45.68 16.18 40.92
CA GLU D 493 -46.46 15.45 39.94
C GLU D 493 -46.45 13.94 40.22
N SER D 494 -45.42 13.46 40.90
CA SER D 494 -45.35 12.05 41.27
C SER D 494 -46.11 11.73 42.54
N LYS D 495 -46.25 12.67 43.48
CA LYS D 495 -47.04 12.39 44.67
C LYS D 495 -48.50 12.14 44.32
N LEU D 496 -49.06 12.97 43.45
CA LEU D 496 -50.47 12.84 43.09
C LEU D 496 -50.69 13.03 41.59
N LYS E 17 -1.16 3.07 -53.97
CA LYS E 17 -0.07 2.29 -54.54
C LYS E 17 0.94 3.18 -55.25
N LYS E 18 0.45 4.13 -56.04
CA LYS E 18 1.34 4.97 -56.83
C LYS E 18 2.13 5.94 -55.95
N ASN E 19 1.48 6.47 -54.91
CA ASN E 19 2.15 7.40 -54.02
C ASN E 19 3.14 6.67 -53.12
N LEU E 20 4.43 6.91 -53.32
CA LEU E 20 5.47 6.19 -52.61
C LEU E 20 6.04 7.05 -51.50
N GLY E 21 6.17 6.47 -50.31
CA GLY E 21 6.65 7.17 -49.14
C GLY E 21 8.10 6.85 -48.84
N ARG E 22 8.65 7.59 -47.87
CA ARG E 22 10.04 7.47 -47.46
C ARG E 22 10.11 7.30 -45.95
N ILE E 23 10.73 6.21 -45.50
CA ILE E 23 10.93 5.98 -44.08
C ILE E 23 11.74 7.11 -43.49
N ALA E 24 11.24 7.71 -42.41
CA ALA E 24 11.88 8.89 -41.83
C ALA E 24 12.39 8.63 -40.42
N GLN E 25 11.66 7.90 -39.59
CA GLN E 25 12.06 7.59 -38.21
C GLN E 25 11.64 6.16 -37.90
N ILE E 26 12.55 5.35 -37.38
CA ILE E 26 12.16 4.04 -36.89
C ILE E 26 12.54 3.88 -35.42
N ILE E 27 11.55 3.92 -34.54
CA ILE E 27 11.80 3.61 -33.14
C ILE E 27 11.08 2.31 -32.81
N GLY E 28 11.79 1.19 -32.97
CA GLY E 28 11.17 -0.10 -32.81
C GLY E 28 10.04 -0.29 -33.81
N PRO E 29 8.94 -0.89 -33.38
CA PRO E 29 7.83 -1.13 -34.31
C PRO E 29 6.99 0.12 -34.57
N VAL E 30 7.42 1.27 -34.07
CA VAL E 30 6.71 2.53 -34.27
C VAL E 30 7.52 3.34 -35.26
N LEU E 31 7.02 3.48 -36.48
CA LEU E 31 7.76 4.03 -37.60
C LEU E 31 7.19 5.38 -37.99
N ASP E 32 7.97 6.16 -38.72
CA ASP E 32 7.52 7.42 -39.29
C ASP E 32 7.92 7.47 -40.75
N VAL E 33 6.96 7.67 -41.64
CA VAL E 33 7.18 7.69 -43.07
C VAL E 33 6.52 8.94 -43.63
N ALA E 34 7.22 9.61 -44.55
CA ALA E 34 6.71 10.84 -45.16
C ALA E 34 6.19 10.52 -46.55
N PHE E 35 5.24 11.31 -47.02
CA PHE E 35 4.61 11.06 -48.30
C PHE E 35 4.62 12.29 -49.19
N PRO E 36 4.35 12.14 -50.48
CA PRO E 36 4.18 13.31 -51.34
C PRO E 36 3.10 14.23 -50.80
N PRO E 37 3.14 15.53 -51.15
CA PRO E 37 2.31 16.54 -50.48
C PRO E 37 0.83 16.23 -50.27
N GLY E 38 0.10 15.96 -51.34
CA GLY E 38 -1.33 15.79 -51.22
C GLY E 38 -1.83 14.36 -51.24
N LYS E 39 -0.95 13.39 -51.53
CA LYS E 39 -1.32 11.98 -51.55
C LYS E 39 -0.74 11.34 -50.31
N MET E 40 -1.58 11.18 -49.29
CA MET E 40 -1.18 10.68 -47.99
C MET E 40 -2.07 9.49 -47.65
N PRO E 41 -1.54 8.46 -46.97
CA PRO E 41 -2.37 7.31 -46.65
C PRO E 41 -3.47 7.66 -45.67
N ASN E 42 -4.46 6.78 -45.57
CA ASN E 42 -5.54 7.01 -44.63
C ASN E 42 -5.27 6.24 -43.34
N ILE E 43 -5.97 6.65 -42.28
CA ILE E 43 -5.76 6.00 -40.99
C ILE E 43 -6.29 4.58 -41.05
N TYR E 44 -5.51 3.64 -40.52
CA TYR E 44 -5.68 2.19 -40.50
C TYR E 44 -5.35 1.56 -41.84
N ASN E 45 -4.95 2.33 -42.85
CA ASN E 45 -4.55 1.74 -44.12
C ASN E 45 -3.27 0.96 -43.94
N ALA E 46 -2.94 0.11 -44.91
CA ALA E 46 -1.75 -0.72 -44.83
C ALA E 46 -0.64 -0.14 -45.69
N LEU E 47 0.59 -0.26 -45.20
CA LEU E 47 1.78 0.20 -45.91
C LEU E 47 2.76 -0.97 -46.02
N ILE E 48 3.34 -1.15 -47.20
CA ILE E 48 4.32 -2.20 -47.45
C ILE E 48 5.68 -1.53 -47.57
N VAL E 49 6.54 -1.75 -46.59
CA VAL E 49 7.89 -1.21 -46.65
C VAL E 49 8.75 -2.15 -47.46
N LYS E 50 9.32 -1.65 -48.56
CA LYS E 50 10.18 -2.46 -49.41
C LYS E 50 11.51 -2.66 -48.69
N GLY E 51 11.50 -3.66 -47.81
CA GLY E 51 12.67 -3.96 -47.00
C GLY E 51 13.77 -4.63 -47.78
N ARG E 52 14.73 -5.18 -47.03
CA ARG E 52 15.86 -5.90 -47.60
C ARG E 52 16.20 -7.09 -46.72
N ASP E 53 16.10 -8.28 -47.30
CA ASP E 53 16.63 -9.46 -46.65
C ASP E 53 18.15 -9.37 -46.61
N THR E 54 18.74 -10.10 -45.66
CA THR E 54 20.19 -10.00 -45.42
C THR E 54 20.99 -10.33 -46.66
N ALA E 55 20.45 -11.16 -47.55
CA ALA E 55 21.15 -11.52 -48.79
C ALA E 55 20.92 -10.52 -49.91
N GLY E 56 20.39 -9.32 -49.66
CA GLY E 56 20.19 -8.34 -50.70
C GLY E 56 18.82 -8.34 -51.34
N GLN E 57 18.13 -9.48 -51.39
CA GLN E 57 16.76 -9.52 -51.89
C GLN E 57 15.86 -8.71 -50.96
N PRO E 58 14.73 -8.24 -51.46
CA PRO E 58 13.78 -7.52 -50.59
C PRO E 58 13.17 -8.43 -49.53
N MET E 59 12.74 -7.81 -48.44
CA MET E 59 12.04 -8.46 -47.33
C MET E 59 10.90 -7.53 -46.95
N ASN E 60 9.71 -7.78 -47.51
CA ASN E 60 8.59 -6.86 -47.38
C ASN E 60 8.05 -6.87 -45.95
N VAL E 61 8.01 -5.70 -45.33
CA VAL E 61 7.51 -5.54 -43.97
C VAL E 61 6.25 -4.69 -44.05
N THR E 62 5.14 -5.22 -43.56
CA THR E 62 3.88 -4.51 -43.61
C THR E 62 3.78 -3.55 -42.43
N CYS E 63 2.98 -2.50 -42.58
CA CYS E 63 2.69 -1.56 -41.51
C CYS E 63 1.21 -1.22 -41.54
N GLU E 64 0.78 -0.40 -40.59
CA GLU E 64 -0.59 0.09 -40.55
C GLU E 64 -0.61 1.49 -39.95
N VAL E 65 -1.07 2.46 -40.73
CA VAL E 65 -1.09 3.87 -40.33
C VAL E 65 -1.89 4.05 -39.06
N GLN E 66 -1.29 4.67 -38.05
CA GLN E 66 -2.00 4.88 -36.80
C GLN E 66 -2.44 6.33 -36.64
N GLN E 67 -1.63 7.26 -37.13
CA GLN E 67 -1.77 8.65 -36.75
C GLN E 67 -1.16 9.55 -37.80
N LEU E 68 -2.00 10.27 -38.55
CA LEU E 68 -1.53 11.32 -39.43
C LEU E 68 -1.02 12.48 -38.57
N LEU E 69 0.27 12.74 -38.62
CA LEU E 69 0.90 13.61 -37.63
C LEU E 69 1.39 14.94 -38.19
N GLY E 70 1.08 15.26 -39.44
CA GLY E 70 1.39 16.57 -39.98
C GLY E 70 2.69 16.60 -40.75
N ASN E 71 2.72 17.49 -41.75
CA ASN E 71 3.83 17.64 -42.70
C ASN E 71 4.03 16.35 -43.48
N ASN E 72 2.92 15.83 -44.02
CA ASN E 72 2.91 14.69 -44.93
C ASN E 72 3.42 13.42 -44.28
N ARG E 73 3.63 13.45 -42.96
CA ARG E 73 4.20 12.33 -42.24
C ARG E 73 3.08 11.60 -41.52
N VAL E 74 3.16 10.28 -41.50
CA VAL E 74 2.20 9.44 -40.80
C VAL E 74 3.00 8.49 -39.92
N ARG E 75 2.44 8.14 -38.76
CA ARG E 75 3.07 7.19 -37.87
C ARG E 75 2.36 5.86 -37.99
N ALA E 76 3.09 4.84 -38.44
CA ALA E 76 2.52 3.53 -38.71
C ALA E 76 3.23 2.49 -37.87
N VAL E 77 2.46 1.56 -37.31
CA VAL E 77 3.03 0.46 -36.57
C VAL E 77 3.34 -0.69 -37.50
N ALA E 78 4.55 -1.22 -37.41
CA ALA E 78 5.00 -2.32 -38.25
C ALA E 78 4.46 -3.62 -37.69
N MET E 79 3.75 -4.38 -38.51
CA MET E 79 3.27 -5.70 -38.11
C MET E 79 4.37 -6.75 -38.08
N SER E 80 5.60 -6.37 -38.44
CA SER E 80 6.71 -7.31 -38.48
C SER E 80 7.90 -6.75 -37.71
N ALA E 81 9.04 -7.42 -37.79
CA ALA E 81 10.25 -6.96 -37.13
C ALA E 81 10.80 -5.74 -37.88
N THR E 82 11.21 -4.73 -37.13
CA THR E 82 11.68 -3.48 -37.72
C THR E 82 13.19 -3.48 -37.96
N ASP E 83 13.92 -4.47 -37.47
CA ASP E 83 15.37 -4.49 -37.62
C ASP E 83 15.75 -4.67 -39.08
N GLY E 84 16.80 -3.97 -39.51
CA GLY E 84 17.29 -4.11 -40.86
C GLY E 84 16.69 -3.11 -41.82
N LEU E 85 15.74 -2.31 -41.34
CA LEU E 85 15.05 -1.38 -42.23
C LEU E 85 15.61 0.02 -42.09
N THR E 86 16.43 0.41 -43.06
CA THR E 86 17.15 1.68 -43.00
C THR E 86 16.20 2.82 -43.24
N ARG E 87 16.72 4.04 -43.09
CA ARG E 87 15.91 5.23 -43.33
C ARG E 87 15.90 5.57 -44.81
N GLY E 88 14.87 6.27 -45.25
CA GLY E 88 14.72 6.60 -46.64
C GLY E 88 14.29 5.46 -47.53
N MET E 89 13.89 4.32 -46.96
CA MET E 89 13.45 3.19 -47.76
C MET E 89 12.14 3.52 -48.47
N GLU E 90 11.78 2.67 -49.42
CA GLU E 90 10.53 2.85 -50.14
C GLU E 90 9.36 2.29 -49.35
N VAL E 91 8.24 2.99 -49.40
CA VAL E 91 6.98 2.54 -48.81
C VAL E 91 5.89 2.82 -49.82
N ILE E 92 4.89 1.94 -49.89
CA ILE E 92 3.73 2.13 -50.75
C ILE E 92 2.54 2.46 -49.88
N ASP E 93 1.46 2.92 -50.51
CA ASP E 93 0.17 3.07 -49.84
C ASP E 93 -0.83 2.16 -50.55
N THR E 94 -1.06 0.98 -49.98
CA THR E 94 -1.95 -0.01 -50.56
C THR E 94 -3.34 0.52 -50.83
N GLY E 95 -3.87 1.38 -49.96
CA GLY E 95 -5.20 1.91 -50.13
C GLY E 95 -6.28 1.16 -49.41
N ALA E 96 -5.93 0.23 -48.52
CA ALA E 96 -6.93 -0.54 -47.80
C ALA E 96 -6.42 -0.90 -46.41
N PRO E 97 -7.32 -1.14 -45.46
CA PRO E 97 -6.91 -1.77 -44.21
C PRO E 97 -6.36 -3.16 -44.48
N LEU E 98 -5.75 -3.74 -43.45
CA LEU E 98 -5.22 -5.09 -43.58
C LEU E 98 -6.35 -6.05 -43.89
N SER E 99 -6.35 -6.59 -45.11
CA SER E 99 -7.39 -7.50 -45.54
C SER E 99 -6.91 -8.93 -45.37
N VAL E 100 -7.83 -9.82 -45.04
CA VAL E 100 -7.51 -11.20 -44.69
C VAL E 100 -8.38 -12.11 -45.52
N PRO E 101 -7.89 -13.27 -45.98
CA PRO E 101 -8.73 -14.17 -46.76
C PRO E 101 -9.76 -14.86 -45.88
N VAL E 102 -11.01 -14.83 -46.31
CA VAL E 102 -12.12 -15.36 -45.53
C VAL E 102 -12.81 -16.46 -46.34
N GLY E 103 -13.64 -17.24 -45.66
CA GLY E 103 -14.38 -18.30 -46.30
C GLY E 103 -13.80 -19.67 -46.00
N GLY E 104 -14.08 -20.60 -46.91
CA GLY E 104 -13.64 -21.98 -46.77
C GLY E 104 -12.16 -22.20 -47.00
N ALA E 105 -11.44 -21.18 -47.49
CA ALA E 105 -10.00 -21.32 -47.69
C ALA E 105 -9.24 -21.17 -46.37
N THR E 106 -9.96 -20.90 -45.28
CA THR E 106 -9.31 -20.76 -43.98
C THR E 106 -9.41 -22.02 -43.14
N LEU E 107 -10.32 -22.94 -43.49
CA LEU E 107 -10.53 -24.12 -42.66
C LEU E 107 -9.33 -25.03 -42.71
N GLY E 108 -8.84 -25.41 -41.53
CA GLY E 108 -7.70 -26.30 -41.42
C GLY E 108 -6.35 -25.63 -41.50
N ARG E 109 -6.30 -24.32 -41.73
CA ARG E 109 -5.06 -23.62 -41.98
C ARG E 109 -4.69 -22.71 -40.82
N ILE E 110 -3.39 -22.69 -40.51
CA ILE E 110 -2.82 -21.79 -39.52
C ILE E 110 -2.43 -20.50 -40.24
N PHE E 111 -2.62 -19.37 -39.57
CA PHE E 111 -2.45 -18.09 -40.22
C PHE E 111 -1.50 -17.19 -39.43
N ASN E 112 -1.40 -15.95 -39.88
CA ASN E 112 -0.61 -14.90 -39.27
C ASN E 112 -1.53 -13.74 -38.90
N VAL E 113 -0.92 -12.64 -38.45
CA VAL E 113 -1.64 -11.39 -38.34
C VAL E 113 -2.19 -10.94 -39.69
N LEU E 114 -1.46 -11.17 -40.77
CA LEU E 114 -1.81 -10.67 -42.10
C LEU E 114 -2.63 -11.67 -42.91
N GLY E 115 -3.03 -12.78 -42.30
CA GLY E 115 -3.71 -13.81 -43.06
C GLY E 115 -2.81 -14.67 -43.91
N GLU E 116 -1.52 -14.69 -43.66
CA GLU E 116 -0.65 -15.52 -44.47
C GLU E 116 -0.66 -16.96 -43.94
N PRO E 117 -0.57 -17.95 -44.82
CA PRO E 117 -0.46 -19.35 -44.36
C PRO E 117 0.93 -19.61 -43.81
N VAL E 118 0.99 -20.24 -42.64
CA VAL E 118 2.26 -20.53 -42.00
C VAL E 118 2.33 -21.99 -41.55
N ASP E 119 1.39 -22.81 -41.98
CA ASP E 119 1.45 -24.24 -41.75
C ASP E 119 2.28 -24.96 -42.80
N ASN E 120 2.92 -24.21 -43.71
CA ASN E 120 3.71 -24.75 -44.80
C ASN E 120 2.91 -25.74 -45.64
N LEU E 121 1.86 -25.22 -46.25
CA LEU E 121 1.01 -25.96 -47.18
C LEU E 121 0.69 -25.06 -48.36
N GLY E 122 -0.29 -25.43 -49.16
CA GLY E 122 -0.70 -24.63 -50.30
C GLY E 122 -1.06 -23.21 -49.92
N PRO E 123 -0.92 -22.28 -50.86
CA PRO E 123 -1.35 -20.90 -50.60
C PRO E 123 -2.86 -20.82 -50.65
N VAL E 124 -3.42 -20.03 -49.73
CA VAL E 124 -4.87 -19.96 -49.58
C VAL E 124 -5.49 -19.36 -50.84
N ASP E 125 -6.76 -19.65 -51.05
CA ASP E 125 -7.50 -19.04 -52.15
C ASP E 125 -7.84 -17.61 -51.77
N THR E 126 -7.08 -16.65 -52.32
CA THR E 126 -7.24 -15.24 -51.97
C THR E 126 -8.66 -14.75 -52.24
N ARG E 127 -9.34 -15.37 -53.21
CA ARG E 127 -10.54 -14.87 -53.88
C ARG E 127 -11.50 -14.07 -53.00
N THR E 128 -11.85 -14.58 -51.82
CA THR E 128 -12.65 -13.84 -50.86
C THR E 128 -11.75 -13.25 -49.79
N THR E 129 -11.75 -11.94 -49.67
CA THR E 129 -11.03 -11.23 -48.63
C THR E 129 -11.94 -10.17 -48.04
N SER E 130 -11.74 -9.87 -46.76
CA SER E 130 -12.57 -8.92 -46.04
C SER E 130 -11.70 -8.13 -45.09
N PRO E 131 -11.76 -6.80 -45.15
CA PRO E 131 -10.82 -5.97 -44.39
C PRO E 131 -11.07 -6.10 -42.90
N ILE E 132 -9.97 -6.13 -42.14
CA ILE E 132 -10.04 -6.33 -40.69
C ILE E 132 -10.87 -5.24 -40.03
N HIS E 133 -10.54 -3.97 -40.28
CA HIS E 133 -11.21 -2.88 -39.60
C HIS E 133 -12.58 -2.66 -40.22
N ARG E 134 -13.62 -3.15 -39.54
CA ARG E 134 -14.99 -2.95 -39.94
C ARG E 134 -15.81 -2.59 -38.71
N SER E 135 -17.06 -2.24 -38.93
CA SER E 135 -17.89 -1.75 -37.85
C SER E 135 -18.61 -2.89 -37.14
N ALA E 136 -19.16 -2.57 -35.99
CA ALA E 136 -19.98 -3.52 -35.25
C ALA E 136 -21.37 -3.60 -35.86
N PRO E 137 -22.14 -4.64 -35.53
CA PRO E 137 -23.54 -4.69 -35.99
C PRO E 137 -24.40 -3.71 -35.23
N ALA E 138 -25.50 -3.29 -35.88
CA ALA E 138 -26.37 -2.27 -35.32
C ALA E 138 -27.29 -2.86 -34.26
N PHE E 139 -28.01 -1.97 -33.57
CA PHE E 139 -28.86 -2.39 -32.46
C PHE E 139 -30.04 -3.22 -32.93
N THR E 140 -30.55 -2.92 -34.13
CA THR E 140 -31.64 -3.74 -34.68
C THR E 140 -31.17 -5.13 -35.06
N GLN E 141 -29.85 -5.30 -35.25
CA GLN E 141 -29.27 -6.54 -35.73
C GLN E 141 -29.01 -7.56 -34.63
N LEU E 142 -29.36 -7.28 -33.38
CA LEU E 142 -28.94 -8.16 -32.30
C LEU E 142 -29.94 -9.29 -32.09
N ASP E 143 -29.44 -10.50 -31.92
CA ASP E 143 -30.25 -11.63 -31.49
C ASP E 143 -30.33 -11.64 -29.97
N THR E 144 -31.54 -11.76 -29.44
CA THR E 144 -31.81 -11.57 -28.02
C THR E 144 -32.21 -12.88 -27.34
N LYS E 145 -31.88 -14.02 -27.95
CA LYS E 145 -32.22 -15.31 -27.37
C LYS E 145 -31.36 -15.58 -26.13
N LEU E 146 -31.94 -16.26 -25.14
CA LEU E 146 -31.26 -16.58 -23.90
C LEU E 146 -31.36 -18.08 -23.65
N SER E 147 -30.23 -18.77 -23.74
CA SER E 147 -30.19 -20.21 -23.50
C SER E 147 -28.80 -20.63 -23.08
N ILE E 148 -28.74 -21.64 -22.21
CA ILE E 148 -27.48 -22.18 -21.72
C ILE E 148 -27.19 -23.47 -22.48
N PHE E 149 -25.91 -23.81 -22.58
CA PHE E 149 -25.50 -25.10 -23.13
C PHE E 149 -24.74 -25.88 -22.07
N GLU E 150 -24.60 -27.18 -22.31
CA GLU E 150 -23.92 -28.09 -21.40
C GLU E 150 -22.45 -28.18 -21.77
N THR E 151 -21.57 -27.92 -20.80
CA THR E 151 -20.14 -27.94 -21.03
C THR E 151 -19.44 -29.14 -20.43
N GLY E 152 -20.10 -29.88 -19.54
CA GLY E 152 -19.52 -31.07 -18.97
C GLY E 152 -18.58 -30.85 -17.82
N ILE E 153 -18.53 -29.64 -17.27
CA ILE E 153 -17.76 -29.35 -16.07
C ILE E 153 -18.74 -29.03 -14.96
N LYS E 154 -18.52 -29.62 -13.78
CA LYS E 154 -19.52 -29.55 -12.72
C LYS E 154 -19.74 -28.12 -12.24
N VAL E 155 -18.66 -27.48 -11.79
CA VAL E 155 -18.76 -26.13 -11.23
C VAL E 155 -19.30 -25.16 -12.29
N VAL E 156 -18.84 -25.30 -13.54
CA VAL E 156 -19.33 -24.45 -14.61
C VAL E 156 -20.82 -24.64 -14.79
N ASP E 157 -21.23 -25.86 -15.14
CA ASP E 157 -22.61 -26.13 -15.50
C ASP E 157 -23.58 -25.93 -14.35
N LEU E 158 -23.09 -25.84 -13.12
CA LEU E 158 -23.96 -25.55 -11.99
C LEU E 158 -23.98 -24.06 -11.67
N LEU E 159 -22.82 -23.45 -11.40
CA LEU E 159 -22.81 -22.11 -10.83
C LEU E 159 -22.66 -21.02 -11.89
N ALA E 160 -21.93 -21.26 -12.97
CA ALA E 160 -21.74 -20.25 -14.02
C ALA E 160 -22.25 -20.82 -15.33
N PRO E 161 -23.56 -20.97 -15.48
CA PRO E 161 -24.10 -21.54 -16.72
C PRO E 161 -23.80 -20.63 -17.89
N TYR E 162 -22.98 -21.13 -18.81
CA TYR E 162 -22.55 -20.33 -19.95
C TYR E 162 -23.74 -20.05 -20.86
N ARG E 163 -23.66 -18.95 -21.60
CA ARG E 163 -24.76 -18.45 -22.41
C ARG E 163 -24.49 -18.76 -23.87
N ARG E 164 -25.26 -19.69 -24.43
CA ARG E 164 -25.12 -20.04 -25.83
C ARG E 164 -25.49 -18.84 -26.70
N GLY E 165 -24.50 -18.33 -27.43
CA GLY E 165 -24.70 -17.15 -28.25
C GLY E 165 -24.43 -15.88 -27.47
N GLY E 166 -23.28 -15.84 -26.79
CA GLY E 166 -22.91 -14.68 -26.01
C GLY E 166 -21.41 -14.50 -25.91
N LYS E 167 -20.93 -14.08 -24.74
CA LYS E 167 -19.51 -13.89 -24.49
C LYS E 167 -19.18 -14.40 -23.10
N ILE E 168 -18.23 -15.31 -23.01
CA ILE E 168 -17.83 -15.93 -21.75
C ILE E 168 -16.43 -15.44 -21.42
N GLY E 169 -16.02 -15.60 -20.16
CA GLY E 169 -14.74 -15.09 -19.73
C GLY E 169 -14.00 -15.96 -18.75
N LEU E 170 -12.68 -16.09 -18.96
CA LEU E 170 -11.83 -16.87 -18.08
C LEU E 170 -10.78 -15.92 -17.50
N PHE E 171 -10.86 -15.66 -16.20
CA PHE E 171 -9.99 -14.71 -15.54
C PHE E 171 -9.06 -15.47 -14.60
N GLY E 172 -7.80 -15.05 -14.55
CA GLY E 172 -6.88 -15.60 -13.57
C GLY E 172 -5.46 -15.29 -13.93
N GLY E 173 -4.57 -15.43 -12.95
CA GLY E 173 -3.16 -15.30 -13.19
C GLY E 173 -2.63 -16.43 -14.05
N ALA E 174 -1.31 -16.54 -14.09
CA ALA E 174 -0.71 -17.60 -14.88
C ALA E 174 -0.49 -18.84 -14.01
N GLY E 175 -0.75 -20.01 -14.60
CA GLY E 175 -0.58 -21.27 -13.93
C GLY E 175 -1.78 -21.71 -13.12
N VAL E 176 -2.90 -21.01 -13.21
CA VAL E 176 -4.06 -21.37 -12.41
C VAL E 176 -5.03 -22.21 -13.22
N GLY E 177 -4.88 -22.23 -14.54
CA GLY E 177 -5.58 -23.22 -15.33
C GLY E 177 -6.61 -22.74 -16.34
N LYS E 178 -6.48 -21.53 -16.88
CA LYS E 178 -7.48 -21.07 -17.84
C LYS E 178 -7.16 -21.57 -19.25
N THR E 179 -5.89 -21.81 -19.55
CA THR E 179 -5.56 -22.42 -20.83
C THR E 179 -5.98 -23.89 -20.85
N VAL E 180 -5.75 -24.60 -19.74
CA VAL E 180 -6.23 -25.98 -19.65
C VAL E 180 -7.75 -26.03 -19.61
N LEU E 181 -8.37 -25.04 -18.96
CA LEU E 181 -9.83 -24.97 -18.94
C LEU E 181 -10.38 -24.70 -20.34
N ILE E 182 -9.70 -23.86 -21.11
CA ILE E 182 -10.16 -23.57 -22.46
C ILE E 182 -9.90 -24.75 -23.38
N MET E 183 -8.88 -25.55 -23.07
CA MET E 183 -8.65 -26.77 -23.85
C MET E 183 -9.73 -27.82 -23.53
N GLU E 184 -10.10 -27.93 -22.26
CA GLU E 184 -11.20 -28.81 -21.87
C GLU E 184 -12.50 -28.38 -22.54
N LEU E 185 -12.75 -27.07 -22.58
CA LEU E 185 -13.96 -26.57 -23.20
C LEU E 185 -13.95 -26.81 -24.70
N ILE E 186 -12.81 -26.58 -25.35
CA ILE E 186 -12.67 -26.95 -26.76
C ILE E 186 -13.01 -28.41 -26.96
N ASN E 187 -12.40 -29.28 -26.14
CA ASN E 187 -12.61 -30.72 -26.27
C ASN E 187 -14.10 -31.07 -26.19
N ASN E 188 -14.82 -30.46 -25.25
CA ASN E 188 -16.21 -30.83 -25.04
C ASN E 188 -17.12 -30.22 -26.10
N ILE E 189 -16.83 -29.00 -26.56
CA ILE E 189 -17.85 -28.26 -27.31
C ILE E 189 -17.57 -28.28 -28.80
N ALA E 190 -16.31 -28.43 -29.22
CA ALA E 190 -15.95 -28.25 -30.63
C ALA E 190 -16.59 -29.25 -31.57
N LYS E 191 -16.53 -30.54 -31.24
CA LYS E 191 -17.02 -31.55 -32.16
C LYS E 191 -18.53 -31.69 -32.07
N ALA E 192 -19.08 -31.50 -30.87
CA ALA E 192 -20.53 -31.52 -30.70
C ALA E 192 -21.17 -30.34 -31.41
N HIS E 193 -20.43 -29.23 -31.50
CA HIS E 193 -20.90 -28.06 -32.22
C HIS E 193 -20.99 -28.36 -33.72
N GLY E 194 -22.18 -28.19 -34.28
CA GLY E 194 -22.41 -28.59 -35.65
C GLY E 194 -21.80 -27.64 -36.68
N GLY E 195 -21.42 -26.45 -36.26
CA GLY E 195 -20.85 -25.47 -37.16
C GLY E 195 -19.34 -25.52 -37.20
N VAL E 196 -18.74 -24.34 -37.34
CA VAL E 196 -17.31 -24.17 -37.45
C VAL E 196 -16.79 -23.46 -36.21
N SER E 197 -15.68 -23.96 -35.67
CA SER E 197 -14.98 -23.28 -34.59
C SER E 197 -13.86 -22.43 -35.15
N VAL E 198 -13.55 -21.33 -34.46
CA VAL E 198 -12.41 -20.48 -34.78
C VAL E 198 -11.60 -20.31 -33.51
N PHE E 199 -10.28 -20.32 -33.65
CA PHE E 199 -9.39 -20.09 -32.52
C PHE E 199 -8.42 -18.98 -32.87
N GLY E 200 -8.59 -17.83 -32.21
CA GLY E 200 -7.61 -16.77 -32.33
C GLY E 200 -6.57 -16.88 -31.23
N GLY E 201 -5.34 -17.18 -31.59
CA GLY E 201 -4.27 -17.21 -30.61
C GLY E 201 -3.60 -15.86 -30.51
N VAL E 202 -3.72 -15.21 -29.36
CA VAL E 202 -3.21 -13.86 -29.18
C VAL E 202 -2.24 -13.90 -28.01
N GLY E 203 -0.98 -13.59 -28.27
CA GLY E 203 0.03 -13.51 -27.24
C GLY E 203 0.22 -14.77 -26.41
N GLU E 204 0.17 -15.93 -27.04
CA GLU E 204 0.33 -17.17 -26.32
C GLU E 204 1.55 -17.93 -26.83
N ARG E 205 1.99 -18.91 -26.04
CA ARG E 205 3.23 -19.60 -26.29
C ARG E 205 3.17 -20.44 -27.55
N THR E 206 4.28 -20.45 -28.30
CA THR E 206 4.33 -21.18 -29.55
C THR E 206 4.16 -22.68 -29.33
N ARG E 207 4.69 -23.19 -28.22
CA ARG E 207 4.51 -24.61 -27.94
C ARG E 207 3.08 -24.90 -27.51
N GLU E 208 2.41 -23.91 -26.91
CA GLU E 208 0.98 -24.07 -26.65
C GLU E 208 0.21 -24.21 -27.95
N GLY E 209 0.49 -23.32 -28.90
CA GLY E 209 -0.19 -23.40 -30.20
C GLY E 209 0.13 -24.70 -30.93
N ASN E 210 1.38 -25.15 -30.84
CA ASN E 210 1.78 -26.38 -31.50
C ASN E 210 1.13 -27.60 -30.86
N ASP E 211 1.04 -27.63 -29.54
CA ASP E 211 0.38 -28.74 -28.87
C ASP E 211 -1.10 -28.76 -29.20
N LEU E 212 -1.73 -27.59 -29.28
CA LEU E 212 -3.12 -27.51 -29.70
C LEU E 212 -3.30 -28.02 -31.12
N TYR E 213 -2.37 -27.67 -32.01
CA TYR E 213 -2.47 -28.10 -33.41
C TYR E 213 -2.26 -29.61 -33.53
N MET E 214 -1.30 -30.14 -32.78
CA MET E 214 -1.05 -31.58 -32.81
C MET E 214 -2.23 -32.36 -32.24
N GLU E 215 -2.90 -31.77 -31.25
CA GLU E 215 -4.10 -32.39 -30.70
C GLU E 215 -5.26 -32.30 -31.69
N MET E 216 -5.36 -31.19 -32.43
CA MET E 216 -6.43 -31.06 -33.41
C MET E 216 -6.19 -31.95 -34.62
N LYS E 217 -4.92 -32.30 -34.87
CA LYS E 217 -4.62 -33.28 -35.90
C LYS E 217 -4.96 -34.69 -35.44
N GLU E 218 -4.42 -35.10 -34.29
CA GLU E 218 -4.61 -36.46 -33.81
C GLU E 218 -6.07 -36.76 -33.52
N SER E 219 -6.81 -35.77 -33.00
CA SER E 219 -8.22 -35.93 -32.72
C SER E 219 -9.09 -35.89 -33.97
N GLY E 220 -8.49 -35.75 -35.14
CA GLY E 220 -9.23 -35.80 -36.39
C GLY E 220 -10.10 -34.60 -36.68
N VAL E 221 -9.91 -33.49 -35.97
CA VAL E 221 -10.76 -32.31 -36.19
C VAL E 221 -10.50 -31.72 -37.57
N ILE E 222 -9.23 -31.43 -37.87
CA ILE E 222 -8.92 -30.78 -39.14
C ILE E 222 -9.12 -31.71 -40.33
N ASN E 223 -9.08 -33.03 -40.12
CA ASN E 223 -9.15 -34.00 -41.21
C ASN E 223 -8.16 -33.66 -42.32
N GLU E 224 -6.88 -33.72 -41.97
CA GLU E 224 -5.76 -33.35 -42.84
C GLU E 224 -5.83 -34.02 -44.22
N GLN E 225 -6.40 -35.22 -44.27
CA GLN E 225 -6.51 -35.97 -45.52
C GLN E 225 -7.23 -35.16 -46.58
N ASN E 226 -8.33 -34.53 -46.21
CA ASN E 226 -9.08 -33.66 -47.10
C ASN E 226 -9.14 -32.29 -46.45
N ILE E 227 -8.27 -31.38 -46.91
CA ILE E 227 -8.35 -29.99 -46.49
C ILE E 227 -9.65 -29.45 -47.07
N ALA E 228 -10.15 -28.34 -46.52
CA ALA E 228 -11.47 -27.81 -46.84
C ALA E 228 -12.55 -28.83 -46.49
N GLU E 229 -12.23 -29.75 -45.58
CA GLU E 229 -13.21 -30.51 -44.82
C GLU E 229 -13.13 -30.17 -43.34
N SER E 230 -12.08 -29.47 -42.92
CA SER E 230 -11.89 -29.10 -41.53
C SER E 230 -13.03 -28.22 -41.03
N LYS E 231 -13.20 -28.22 -39.71
CA LYS E 231 -14.12 -27.32 -39.05
C LYS E 231 -13.38 -26.41 -38.08
N VAL E 232 -12.23 -25.90 -38.48
CA VAL E 232 -11.40 -25.10 -37.59
C VAL E 232 -10.43 -24.26 -38.42
N ALA E 233 -10.19 -23.05 -37.96
CA ALA E 233 -9.26 -22.11 -38.57
C ALA E 233 -8.41 -21.49 -37.47
N LEU E 234 -7.10 -21.42 -37.68
CA LEU E 234 -6.16 -21.10 -36.61
C LEU E 234 -5.41 -19.82 -36.95
N VAL E 235 -5.48 -18.84 -36.05
CA VAL E 235 -4.69 -17.63 -36.14
C VAL E 235 -3.86 -17.53 -34.87
N TYR E 236 -2.54 -17.41 -35.01
CA TYR E 236 -1.66 -17.36 -33.86
C TYR E 236 -0.84 -16.08 -33.85
N GLY E 237 -1.13 -15.22 -32.89
CA GLY E 237 -0.29 -14.09 -32.53
C GLY E 237 0.65 -14.38 -31.37
N GLN E 238 1.71 -15.16 -31.60
CA GLN E 238 2.57 -15.62 -30.51
C GLN E 238 3.25 -14.44 -29.80
N MET E 239 4.01 -14.78 -28.76
CA MET E 239 4.65 -13.75 -27.95
C MET E 239 5.98 -13.29 -28.52
N ASN E 240 6.53 -13.99 -29.51
CA ASN E 240 7.78 -13.53 -30.09
C ASN E 240 7.55 -12.39 -31.07
N GLU E 241 6.30 -12.15 -31.44
CA GLU E 241 6.01 -11.18 -32.48
C GLU E 241 5.97 -9.76 -31.92
N PRO E 242 6.25 -8.76 -32.74
CA PRO E 242 6.20 -7.36 -32.29
C PRO E 242 4.80 -6.97 -31.88
N PRO E 243 4.64 -5.80 -31.23
CA PRO E 243 3.31 -5.41 -30.74
C PRO E 243 2.25 -5.29 -31.82
N GLY E 244 2.63 -5.13 -33.09
CA GLY E 244 1.62 -5.01 -34.12
C GLY E 244 0.82 -6.29 -34.29
N ALA E 245 1.50 -7.42 -34.41
CA ALA E 245 0.81 -8.69 -34.55
C ALA E 245 -0.02 -9.02 -33.32
N ARG E 246 0.54 -8.80 -32.13
CA ARG E 246 -0.21 -9.03 -30.91
C ARG E 246 -1.41 -8.11 -30.77
N MET E 247 -1.37 -6.93 -31.37
CA MET E 247 -2.56 -6.09 -31.49
C MET E 247 -3.58 -6.61 -32.48
N ARG E 248 -3.15 -7.12 -33.63
CA ARG E 248 -4.09 -7.30 -34.73
C ARG E 248 -4.50 -8.74 -35.01
N VAL E 249 -3.91 -9.75 -34.37
CA VAL E 249 -4.36 -11.12 -34.63
C VAL E 249 -5.75 -11.38 -34.08
N GLY E 250 -6.12 -10.72 -32.98
CA GLY E 250 -7.47 -10.84 -32.49
C GLY E 250 -8.48 -10.34 -33.51
N LEU E 251 -8.19 -9.17 -34.10
CA LEU E 251 -9.10 -8.61 -35.10
C LEU E 251 -9.09 -9.43 -36.39
N THR E 252 -7.95 -10.05 -36.72
CA THR E 252 -7.90 -10.96 -37.85
C THR E 252 -8.84 -12.14 -37.67
N ALA E 253 -8.65 -12.88 -36.57
CA ALA E 253 -9.51 -14.04 -36.31
C ALA E 253 -10.96 -13.62 -36.16
N LEU E 254 -11.19 -12.40 -35.65
CA LEU E 254 -12.55 -11.90 -35.52
C LEU E 254 -13.17 -11.64 -36.88
N THR E 255 -12.39 -11.13 -37.83
CA THR E 255 -12.95 -10.88 -39.16
C THR E 255 -13.25 -12.19 -39.88
N MET E 256 -12.38 -13.19 -39.68
CA MET E 256 -12.68 -14.51 -40.23
C MET E 256 -13.97 -15.07 -39.64
N ALA E 257 -14.10 -15.06 -38.32
CA ALA E 257 -15.30 -15.59 -37.67
C ALA E 257 -16.52 -14.75 -38.04
N GLU E 258 -16.34 -13.45 -38.26
CA GLU E 258 -17.45 -12.59 -38.59
C GLU E 258 -17.95 -12.89 -39.99
N TYR E 259 -17.04 -13.24 -40.90
CA TYR E 259 -17.48 -13.74 -42.20
C TYR E 259 -18.26 -15.03 -42.04
N PHE E 260 -17.72 -15.96 -41.25
CA PHE E 260 -18.38 -17.24 -41.02
C PHE E 260 -19.80 -17.07 -40.51
N ARG E 261 -20.01 -16.08 -39.63
CA ARG E 261 -21.35 -15.87 -39.09
C ARG E 261 -22.21 -15.07 -40.05
N ASP E 262 -21.62 -14.14 -40.80
CA ASP E 262 -22.38 -13.29 -41.69
C ASP E 262 -23.01 -14.09 -42.81
N VAL E 263 -22.18 -14.72 -43.65
CA VAL E 263 -22.69 -15.22 -44.92
C VAL E 263 -22.88 -16.72 -44.85
N ASN E 264 -22.05 -17.41 -44.07
CA ASN E 264 -22.24 -18.84 -43.88
C ASN E 264 -23.20 -19.14 -42.73
N GLU E 265 -23.70 -18.10 -42.07
CA GLU E 265 -24.92 -18.10 -41.23
C GLU E 265 -25.03 -19.33 -40.34
N GLN E 266 -23.92 -19.71 -39.74
CA GLN E 266 -23.86 -20.84 -38.85
C GLN E 266 -23.27 -20.40 -37.53
N ASP E 267 -23.57 -21.16 -36.48
CA ASP E 267 -23.00 -20.89 -35.17
C ASP E 267 -21.50 -21.07 -35.23
N VAL E 268 -20.78 -20.24 -34.49
CA VAL E 268 -19.33 -20.23 -34.49
C VAL E 268 -18.85 -20.37 -33.05
N LEU E 269 -17.71 -21.02 -32.86
CA LEU E 269 -17.02 -21.01 -31.58
C LEU E 269 -15.75 -20.21 -31.76
N LEU E 270 -15.58 -19.18 -30.95
CA LEU E 270 -14.43 -18.28 -31.08
C LEU E 270 -13.67 -18.27 -29.77
N PHE E 271 -12.77 -19.23 -29.59
CA PHE E 271 -11.91 -19.26 -28.43
C PHE E 271 -10.78 -18.26 -28.65
N ILE E 272 -10.51 -17.42 -27.66
CA ILE E 272 -9.44 -16.44 -27.73
C ILE E 272 -8.50 -16.70 -26.56
N ASP E 273 -7.21 -16.66 -26.82
CA ASP E 273 -6.20 -16.90 -25.80
C ASP E 273 -4.87 -16.37 -26.32
N ASN E 274 -4.27 -15.42 -25.60
CA ASN E 274 -4.87 -14.74 -24.47
C ASN E 274 -5.39 -13.39 -24.93
N ILE E 275 -6.49 -12.91 -24.33
CA ILE E 275 -7.06 -11.65 -24.79
C ILE E 275 -6.42 -10.46 -24.11
N PHE E 276 -5.75 -10.66 -22.97
CA PHE E 276 -5.09 -9.56 -22.28
C PHE E 276 -3.90 -9.05 -23.08
N ARG E 277 -3.30 -9.92 -23.91
CA ARG E 277 -2.09 -9.54 -24.64
C ARG E 277 -2.39 -8.52 -25.73
N PHE E 278 -3.65 -8.42 -26.14
CA PHE E 278 -4.06 -7.39 -27.10
C PHE E 278 -3.97 -6.01 -26.47
N VAL E 279 -4.52 -5.85 -25.27
CA VAL E 279 -4.41 -4.61 -24.53
C VAL E 279 -2.96 -4.37 -24.11
N GLN E 280 -2.24 -5.45 -23.82
CA GLN E 280 -0.80 -5.36 -23.57
C GLN E 280 -0.06 -4.71 -24.74
N ALA E 281 -0.34 -5.18 -25.96
CA ALA E 281 0.34 -4.62 -27.13
C ALA E 281 -0.07 -3.17 -27.36
N GLY E 282 -1.35 -2.86 -27.16
CA GLY E 282 -1.77 -1.46 -27.23
C GLY E 282 -1.04 -0.58 -26.24
N SER E 283 -0.83 -1.07 -25.02
CA SER E 283 -0.13 -0.32 -24.00
C SER E 283 1.34 -0.15 -24.33
N GLU E 284 1.95 -1.18 -24.93
CA GLU E 284 3.34 -1.07 -25.34
C GLU E 284 3.50 -0.04 -26.45
N VAL E 285 2.54 0.00 -27.38
CA VAL E 285 2.69 0.86 -28.53
C VAL E 285 2.24 2.29 -28.26
N SER E 286 1.42 2.50 -27.22
CA SER E 286 0.80 3.80 -26.99
C SER E 286 1.83 4.91 -26.76
N ALA E 287 2.69 4.73 -25.77
CA ALA E 287 3.55 5.81 -25.32
C ALA E 287 4.53 6.24 -26.41
N LEU E 288 4.95 5.28 -27.23
CA LEU E 288 5.90 5.59 -28.30
C LEU E 288 5.23 6.29 -29.46
N LEU E 289 3.93 6.02 -29.67
CA LEU E 289 3.16 6.71 -30.70
C LEU E 289 3.00 8.19 -30.42
N GLY E 290 2.99 8.59 -29.15
CA GLY E 290 2.82 9.98 -28.78
C GLY E 290 1.76 10.21 -27.73
N ARG E 291 1.17 9.17 -27.19
CA ARG E 291 0.10 9.35 -26.22
C ARG E 291 0.68 9.48 -24.81
N MET E 292 0.00 10.25 -24.00
CA MET E 292 0.44 10.38 -22.62
C MET E 292 0.01 9.15 -21.84
N PRO E 293 0.85 8.63 -20.96
CA PRO E 293 0.47 7.44 -20.18
C PRO E 293 -0.67 7.78 -19.23
N SER E 294 -1.67 6.90 -19.22
CA SER E 294 -2.79 6.98 -18.31
C SER E 294 -2.40 6.30 -16.99
N ALA E 295 -3.38 5.85 -16.21
CA ALA E 295 -3.13 5.07 -15.01
C ALA E 295 -2.33 3.82 -15.38
N VAL E 296 -2.09 2.94 -14.40
CA VAL E 296 -0.82 2.28 -14.08
C VAL E 296 0.14 2.04 -15.27
N GLY E 297 -0.29 2.31 -16.49
CA GLY E 297 0.56 2.24 -17.66
C GLY E 297 -0.17 1.95 -18.95
N TYR E 298 -1.46 1.65 -18.89
CA TYR E 298 -2.22 1.37 -20.08
C TYR E 298 -2.46 2.63 -20.90
N GLN E 299 -2.78 2.43 -22.16
CA GLN E 299 -3.03 3.51 -23.10
C GLN E 299 -4.25 4.30 -22.68
N PRO E 300 -4.36 5.56 -23.12
CA PRO E 300 -5.62 6.28 -22.95
C PRO E 300 -6.74 5.66 -23.74
N THR E 301 -6.42 5.06 -24.90
CA THR E 301 -7.41 4.43 -25.76
C THR E 301 -7.58 2.96 -25.38
N LEU E 302 -7.97 2.73 -24.14
CA LEU E 302 -8.15 1.38 -23.63
C LEU E 302 -9.61 0.94 -23.67
N SER E 303 -10.51 1.79 -23.17
CA SER E 303 -11.93 1.47 -23.17
C SER E 303 -12.45 1.31 -24.60
N THR E 304 -12.06 2.23 -25.49
CA THR E 304 -12.50 2.14 -26.87
C THR E 304 -11.80 1.02 -27.64
N GLU E 305 -10.58 0.65 -27.24
CA GLU E 305 -9.92 -0.52 -27.84
C GLU E 305 -10.70 -1.80 -27.51
N MET E 306 -11.00 -1.98 -26.23
CA MET E 306 -11.78 -3.14 -25.81
C MET E 306 -13.17 -3.09 -26.43
N GLY E 307 -13.72 -1.90 -26.64
CA GLY E 307 -14.97 -1.78 -27.36
C GLY E 307 -14.86 -2.26 -28.79
N SER E 308 -13.80 -1.83 -29.47
CA SER E 308 -13.61 -2.15 -30.89
C SER E 308 -13.37 -3.64 -31.08
N LEU E 309 -13.00 -4.34 -30.00
CA LEU E 309 -12.99 -5.79 -30.10
C LEU E 309 -14.36 -6.39 -29.73
N GLN E 310 -14.81 -6.14 -28.50
CA GLN E 310 -15.97 -6.85 -27.97
C GLN E 310 -17.25 -6.53 -28.73
N GLU E 311 -17.49 -5.25 -29.02
CA GLU E 311 -18.76 -4.90 -29.64
C GLU E 311 -18.81 -5.37 -31.09
N ARG E 312 -17.64 -5.57 -31.70
CA ARG E 312 -17.61 -6.27 -32.98
C ARG E 312 -17.95 -7.75 -32.79
N ILE E 313 -17.54 -8.33 -31.66
CA ILE E 313 -17.90 -9.73 -31.38
C ILE E 313 -19.28 -9.81 -30.74
N THR E 314 -20.32 -10.02 -31.54
CA THR E 314 -21.66 -10.21 -30.98
C THR E 314 -22.48 -11.10 -31.90
N SER E 315 -23.49 -11.72 -31.31
CA SER E 315 -24.42 -12.59 -32.01
C SER E 315 -25.54 -11.78 -32.65
N THR E 316 -25.88 -12.12 -33.87
CA THR E 316 -26.88 -11.41 -34.66
C THR E 316 -28.01 -12.36 -35.06
N LYS E 317 -28.93 -11.86 -35.87
CA LYS E 317 -30.03 -12.69 -36.36
C LYS E 317 -29.51 -13.82 -37.25
N GLU E 318 -28.61 -13.47 -38.19
CA GLU E 318 -28.06 -14.44 -39.13
C GLU E 318 -27.25 -15.52 -38.44
N GLY E 319 -26.14 -15.13 -37.81
CA GLY E 319 -25.26 -16.08 -37.16
C GLY E 319 -25.10 -15.74 -35.69
N SER E 320 -24.54 -16.69 -34.95
CA SER E 320 -24.30 -16.54 -33.52
C SER E 320 -22.87 -16.91 -33.21
N ILE E 321 -22.08 -15.94 -32.76
CA ILE E 321 -20.69 -16.17 -32.41
C ILE E 321 -20.62 -16.41 -30.91
N THR E 322 -20.38 -17.65 -30.52
CA THR E 322 -20.12 -18.01 -29.14
C THR E 322 -18.61 -17.91 -28.91
N SER E 323 -18.21 -17.08 -27.95
CA SER E 323 -16.81 -16.72 -27.78
C SER E 323 -16.37 -17.01 -26.35
N ILE E 324 -15.56 -18.05 -26.18
CA ILE E 324 -15.05 -18.45 -24.88
C ILE E 324 -13.61 -17.96 -24.80
N GLN E 325 -13.41 -16.78 -24.22
CA GLN E 325 -12.12 -16.11 -24.29
C GLN E 325 -11.54 -15.98 -22.88
N ALA E 326 -10.22 -16.01 -22.79
CA ALA E 326 -9.55 -16.06 -21.51
C ALA E 326 -8.78 -14.79 -21.24
N VAL E 327 -9.06 -14.15 -20.11
CA VAL E 327 -8.46 -12.88 -19.73
C VAL E 327 -7.37 -13.16 -18.72
N TYR E 328 -6.13 -12.83 -19.07
CA TYR E 328 -5.05 -12.85 -18.10
C TYR E 328 -5.28 -11.74 -17.08
N VAL E 329 -4.95 -12.00 -15.83
CA VAL E 329 -5.07 -11.01 -14.77
C VAL E 329 -3.70 -10.83 -14.14
N PRO E 330 -3.05 -9.67 -14.31
CA PRO E 330 -1.69 -9.51 -13.80
C PRO E 330 -1.66 -9.51 -12.28
N ALA E 331 -0.86 -10.41 -11.73
CA ALA E 331 -0.66 -10.59 -10.29
C ALA E 331 -1.96 -10.86 -9.54
N ASP E 332 -2.92 -11.53 -10.18
CA ASP E 332 -4.22 -11.89 -9.62
C ASP E 332 -4.99 -10.70 -9.07
N ASP E 333 -4.80 -9.51 -9.65
CA ASP E 333 -5.50 -8.31 -9.20
C ASP E 333 -6.59 -7.98 -10.20
N LEU E 334 -7.85 -8.27 -9.83
CA LEU E 334 -8.98 -7.91 -10.67
C LEU E 334 -9.18 -6.40 -10.78
N THR E 335 -8.47 -5.61 -9.98
CA THR E 335 -8.53 -4.16 -10.08
C THR E 335 -7.72 -3.64 -11.27
N ASP E 336 -6.85 -4.48 -11.82
CA ASP E 336 -6.06 -4.09 -12.99
C ASP E 336 -6.98 -3.67 -14.13
N PRO E 337 -6.69 -2.54 -14.79
CA PRO E 337 -7.68 -1.96 -15.73
C PRO E 337 -8.20 -2.87 -16.83
N ALA E 338 -7.34 -3.68 -17.46
CA ALA E 338 -7.82 -4.52 -18.57
C ALA E 338 -8.73 -5.64 -18.10
N PRO E 339 -8.41 -6.39 -17.03
CA PRO E 339 -9.42 -7.30 -16.47
C PRO E 339 -10.66 -6.57 -15.99
N ALA E 340 -10.51 -5.37 -15.44
CA ALA E 340 -11.67 -4.60 -15.00
C ALA E 340 -12.55 -4.22 -16.18
N THR E 341 -11.94 -4.00 -17.35
CA THR E 341 -12.69 -3.53 -18.50
C THR E 341 -13.40 -4.67 -19.22
N THR E 342 -12.75 -5.85 -19.29
CA THR E 342 -13.37 -6.99 -19.96
C THR E 342 -14.64 -7.45 -19.24
N PHE E 343 -14.68 -7.29 -17.92
CA PHE E 343 -15.80 -7.71 -17.08
C PHE E 343 -17.13 -7.11 -17.53
N ALA E 344 -17.08 -5.86 -18.03
CA ALA E 344 -18.30 -5.20 -18.47
C ALA E 344 -18.86 -5.80 -19.75
N HIS E 345 -18.02 -6.42 -20.58
CA HIS E 345 -18.47 -6.99 -21.83
C HIS E 345 -18.74 -8.49 -21.74
N LEU E 346 -18.27 -9.16 -20.70
CA LEU E 346 -18.39 -10.61 -20.61
C LEU E 346 -19.67 -10.98 -19.86
N ASP E 347 -20.55 -11.72 -20.54
CA ASP E 347 -21.81 -12.14 -19.90
C ASP E 347 -21.54 -13.07 -18.73
N ALA E 348 -21.00 -14.25 -19.01
CA ALA E 348 -20.72 -15.25 -17.99
C ALA E 348 -19.24 -15.21 -17.66
N THR E 349 -18.92 -14.95 -16.41
CA THR E 349 -17.54 -14.80 -15.98
C THR E 349 -17.18 -15.86 -14.94
N THR E 350 -15.98 -16.41 -15.06
CA THR E 350 -15.44 -17.31 -14.06
C THR E 350 -14.05 -16.83 -13.66
N VAL E 351 -13.78 -16.84 -12.36
CA VAL E 351 -12.53 -16.32 -11.81
C VAL E 351 -11.78 -17.48 -11.20
N LEU E 352 -10.54 -17.68 -11.65
CA LEU E 352 -9.70 -18.71 -11.07
C LEU E 352 -8.92 -18.13 -9.90
N SER E 353 -8.89 -18.88 -8.79
CA SER E 353 -8.25 -18.43 -7.56
C SER E 353 -7.02 -19.27 -7.27
N ARG E 354 -5.92 -18.58 -6.97
CA ARG E 354 -4.68 -19.28 -6.69
C ARG E 354 -4.79 -20.15 -5.46
N GLY E 355 -5.68 -19.83 -4.53
CA GLY E 355 -5.92 -20.70 -3.40
C GLY E 355 -6.43 -22.06 -3.85
N LEU E 356 -7.47 -22.06 -4.67
CA LEU E 356 -8.03 -23.32 -5.16
C LEU E 356 -7.03 -24.05 -6.05
N ALA E 357 -6.26 -23.33 -6.85
CA ALA E 357 -5.26 -23.97 -7.70
C ALA E 357 -4.14 -24.58 -6.87
N ALA E 358 -3.74 -23.90 -5.80
CA ALA E 358 -2.58 -24.32 -5.03
C ALA E 358 -2.93 -25.45 -4.08
N LYS E 359 -4.16 -25.45 -3.58
CA LYS E 359 -4.59 -26.48 -2.64
C LYS E 359 -4.70 -27.82 -3.33
N GLY E 360 -4.89 -27.81 -4.65
CA GLY E 360 -5.05 -29.03 -5.41
C GLY E 360 -6.43 -29.26 -5.96
N ILE E 361 -7.37 -28.35 -5.72
CA ILE E 361 -8.71 -28.44 -6.28
C ILE E 361 -8.69 -27.89 -7.69
N TYR E 362 -8.82 -28.78 -8.68
CA TYR E 362 -8.83 -28.38 -10.08
C TYR E 362 -10.11 -28.89 -10.73
N PRO E 363 -10.78 -28.09 -11.56
CA PRO E 363 -10.46 -26.71 -11.94
C PRO E 363 -10.65 -25.72 -10.80
N ALA E 364 -9.88 -24.63 -10.81
CA ALA E 364 -9.76 -23.74 -9.68
C ALA E 364 -10.76 -22.59 -9.71
N VAL E 365 -11.93 -22.81 -10.29
CA VAL E 365 -12.95 -21.77 -10.43
C VAL E 365 -13.40 -21.33 -9.05
N ASP E 366 -13.07 -20.10 -8.69
CA ASP E 366 -13.56 -19.51 -7.45
C ASP E 366 -15.06 -19.31 -7.57
N PRO E 367 -15.86 -20.07 -6.83
CA PRO E 367 -17.30 -20.10 -7.13
C PRO E 367 -18.03 -18.84 -6.72
N LEU E 368 -17.72 -18.29 -5.55
CA LEU E 368 -18.49 -17.15 -5.04
C LEU E 368 -18.16 -15.88 -5.81
N ASP E 369 -16.96 -15.82 -6.41
CA ASP E 369 -16.61 -14.64 -7.21
C ASP E 369 -17.07 -14.81 -8.65
N SER E 370 -17.14 -16.05 -9.13
CA SER E 370 -17.64 -16.32 -10.47
C SER E 370 -19.14 -16.13 -10.51
N THR E 371 -19.63 -15.37 -11.49
CA THR E 371 -21.05 -15.14 -11.67
C THR E 371 -21.39 -15.24 -13.14
N SER E 372 -22.62 -15.69 -13.41
CA SER E 372 -23.17 -15.67 -14.76
C SER E 372 -24.38 -14.76 -14.80
N THR E 373 -24.83 -14.43 -16.01
CA THR E 373 -26.09 -13.74 -16.15
C THR E 373 -27.24 -14.70 -16.43
N MET E 374 -26.90 -15.97 -16.69
CA MET E 374 -27.90 -16.98 -17.02
C MET E 374 -28.53 -17.62 -15.80
N LEU E 375 -27.89 -17.51 -14.63
CA LEU E 375 -28.40 -18.17 -13.45
C LEU E 375 -29.63 -17.44 -12.90
N GLN E 376 -30.74 -17.53 -13.63
CA GLN E 376 -32.03 -16.98 -13.25
C GLN E 376 -33.11 -18.06 -13.35
N PRO E 377 -34.05 -18.08 -12.40
CA PRO E 377 -35.04 -19.16 -12.32
C PRO E 377 -35.74 -19.51 -13.63
N ARG E 378 -36.32 -18.55 -14.33
CA ARG E 378 -37.09 -18.84 -15.53
C ARG E 378 -36.22 -19.49 -16.61
N ILE E 379 -34.90 -19.28 -16.54
CA ILE E 379 -34.02 -19.74 -17.60
C ILE E 379 -33.40 -21.09 -17.25
N VAL E 380 -32.96 -21.25 -16.00
CA VAL E 380 -32.26 -22.48 -15.63
C VAL E 380 -33.15 -23.49 -14.90
N GLY E 381 -34.41 -23.19 -14.67
CA GLY E 381 -35.15 -24.14 -13.86
C GLY E 381 -35.03 -23.82 -12.38
N GLU E 382 -36.14 -24.00 -11.67
CA GLU E 382 -36.17 -23.64 -10.26
C GLU E 382 -35.26 -24.54 -9.44
N GLU E 383 -35.18 -25.82 -9.80
CA GLU E 383 -34.32 -26.75 -9.06
C GLU E 383 -32.85 -26.39 -9.22
N HIS E 384 -32.44 -26.12 -10.46
CA HIS E 384 -31.05 -25.71 -10.70
C HIS E 384 -30.74 -24.40 -9.98
N TYR E 385 -31.69 -23.45 -9.99
CA TYR E 385 -31.43 -22.18 -9.32
C TYR E 385 -31.31 -22.36 -7.82
N GLU E 386 -32.24 -23.09 -7.21
CA GLU E 386 -32.23 -23.26 -5.77
C GLU E 386 -30.97 -24.00 -5.33
N ILE E 387 -30.52 -24.98 -6.11
CA ILE E 387 -29.33 -25.73 -5.70
C ILE E 387 -28.09 -24.88 -5.87
N ALA E 388 -28.04 -24.02 -6.90
CA ALA E 388 -26.92 -23.11 -7.06
C ALA E 388 -26.85 -22.13 -5.90
N GLN E 389 -28.01 -21.59 -5.51
CA GLN E 389 -28.05 -20.64 -4.41
C GLN E 389 -27.64 -21.29 -3.10
N ARG E 390 -28.06 -22.54 -2.86
CA ARG E 390 -27.68 -23.20 -1.63
C ARG E 390 -26.19 -23.51 -1.59
N VAL E 391 -25.62 -23.91 -2.73
CA VAL E 391 -24.17 -24.15 -2.77
C VAL E 391 -23.40 -22.87 -2.45
N LYS E 392 -23.76 -21.77 -3.12
CA LYS E 392 -23.08 -20.51 -2.85
C LYS E 392 -23.26 -20.08 -1.40
N GLU E 393 -24.44 -20.34 -0.83
CA GLU E 393 -24.69 -19.97 0.56
C GLU E 393 -23.78 -20.73 1.51
N THR E 394 -23.66 -22.05 1.32
CA THR E 394 -22.83 -22.84 2.23
C THR E 394 -21.36 -22.45 2.10
N LEU E 395 -20.91 -22.21 0.86
CA LEU E 395 -19.51 -21.78 0.70
C LEU E 395 -19.28 -20.41 1.33
N GLN E 396 -20.26 -19.51 1.24
CA GLN E 396 -20.08 -18.18 1.80
C GLN E 396 -20.09 -18.22 3.33
N ARG E 397 -20.97 -19.04 3.90
CA ARG E 397 -20.93 -19.29 5.34
C ARG E 397 -19.57 -19.81 5.76
N TYR E 398 -19.05 -20.78 5.01
CA TYR E 398 -17.74 -21.35 5.33
C TYR E 398 -16.64 -20.30 5.31
N LYS E 399 -16.64 -19.45 4.29
CA LYS E 399 -15.55 -18.48 4.17
C LYS E 399 -15.70 -17.35 5.20
N GLU E 400 -16.95 -17.01 5.55
CA GLU E 400 -17.15 -16.00 6.59
C GLU E 400 -16.83 -16.56 7.96
N LEU E 401 -16.80 -17.87 8.09
CA LEU E 401 -16.48 -18.52 9.36
C LEU E 401 -15.03 -18.97 9.47
N GLN E 402 -14.32 -19.08 8.35
CA GLN E 402 -13.06 -19.81 8.31
C GLN E 402 -11.98 -19.18 9.17
N ASP E 403 -11.87 -17.86 9.14
CA ASP E 403 -10.83 -17.22 9.95
C ASP E 403 -11.18 -17.20 11.43
N ILE E 404 -12.46 -17.04 11.77
CA ILE E 404 -12.88 -17.19 13.15
C ILE E 404 -12.53 -18.57 13.67
N ILE E 405 -12.74 -19.61 12.86
CA ILE E 405 -12.33 -20.96 13.27
C ILE E 405 -10.81 -21.04 13.40
N ALA E 406 -10.09 -20.49 12.42
CA ALA E 406 -8.63 -20.55 12.41
C ALA E 406 -8.03 -19.96 13.67
N ILE E 407 -8.65 -18.91 14.21
CA ILE E 407 -8.19 -18.36 15.48
C ILE E 407 -8.71 -19.20 16.66
N LEU E 408 -10.00 -19.50 16.69
CA LEU E 408 -10.62 -20.00 17.90
C LEU E 408 -10.31 -21.47 18.16
N GLY E 409 -10.40 -22.29 17.13
CA GLY E 409 -10.55 -23.72 17.29
C GLY E 409 -11.84 -24.21 16.67
N LEU E 410 -11.91 -25.52 16.49
CA LEU E 410 -13.05 -26.08 15.76
C LEU E 410 -14.11 -26.66 16.70
N ASP E 411 -13.72 -27.08 17.90
CA ASP E 411 -14.67 -27.68 18.84
C ASP E 411 -15.77 -26.70 19.22
N GLU E 412 -15.43 -25.43 19.39
CA GLU E 412 -16.31 -24.46 20.04
C GLU E 412 -17.45 -23.98 19.16
N LEU E 413 -17.70 -24.64 18.02
CA LEU E 413 -18.77 -24.22 17.15
C LEU E 413 -20.04 -25.01 17.44
N SER E 414 -21.18 -24.47 17.04
CA SER E 414 -22.44 -25.16 17.24
C SER E 414 -22.55 -26.37 16.31
N GLU E 415 -23.62 -27.14 16.51
CA GLU E 415 -23.85 -28.32 15.71
C GLU E 415 -23.97 -27.95 14.23
N GLU E 416 -24.79 -26.94 13.94
CA GLU E 416 -25.02 -26.55 12.56
C GLU E 416 -23.78 -25.88 11.98
N ASP E 417 -23.01 -25.21 12.82
CA ASP E 417 -21.80 -24.55 12.34
C ASP E 417 -20.76 -25.57 11.90
N ARG E 418 -20.47 -26.55 12.77
CA ARG E 418 -19.55 -27.62 12.39
C ARG E 418 -20.09 -28.42 11.23
N LEU E 419 -21.41 -28.60 11.18
CA LEU E 419 -22.04 -29.36 10.10
C LEU E 419 -21.80 -28.68 8.75
N THR E 420 -22.11 -27.38 8.67
CA THR E 420 -21.92 -26.66 7.42
C THR E 420 -20.46 -26.56 7.06
N VAL E 421 -19.57 -26.52 8.05
CA VAL E 421 -18.13 -26.51 7.75
C VAL E 421 -17.73 -27.80 7.06
N ALA E 422 -18.13 -28.94 7.63
CA ALA E 422 -17.81 -30.22 7.00
C ALA E 422 -18.41 -30.33 5.61
N ARG E 423 -19.68 -29.94 5.47
CA ARG E 423 -20.33 -30.03 4.16
C ARG E 423 -19.67 -29.11 3.15
N ALA E 424 -19.19 -27.96 3.58
CA ALA E 424 -18.60 -27.01 2.66
C ALA E 424 -17.22 -27.45 2.22
N ARG E 425 -16.46 -28.07 3.13
CA ARG E 425 -15.20 -28.68 2.73
C ARG E 425 -15.45 -29.80 1.72
N LYS E 426 -16.49 -30.59 1.95
CA LYS E 426 -16.80 -31.68 1.02
C LYS E 426 -17.25 -31.14 -0.34
N ILE E 427 -17.98 -30.02 -0.33
CA ILE E 427 -18.43 -29.41 -1.58
C ILE E 427 -17.24 -28.81 -2.33
N GLU E 428 -16.32 -28.21 -1.59
CA GLU E 428 -15.10 -27.70 -2.18
C GLU E 428 -14.29 -28.82 -2.82
N ARG E 429 -14.33 -30.00 -2.21
CA ARG E 429 -13.72 -31.16 -2.87
C ARG E 429 -14.50 -31.56 -4.12
N PHE E 430 -15.83 -31.57 -4.04
CA PHE E 430 -16.64 -32.13 -5.12
C PHE E 430 -16.72 -31.22 -6.33
N LEU E 431 -16.44 -29.92 -6.16
CA LEU E 431 -16.37 -29.06 -7.33
C LEU E 431 -15.08 -29.28 -8.12
N SER E 432 -14.20 -30.17 -7.67
CA SER E 432 -13.06 -30.59 -8.44
C SER E 432 -13.47 -31.72 -9.38
N GLN E 433 -12.72 -31.89 -10.47
CA GLN E 433 -13.04 -32.88 -11.48
C GLN E 433 -11.80 -33.21 -12.27
N PRO E 434 -11.59 -34.47 -12.63
CA PRO E 434 -10.46 -34.80 -13.53
C PRO E 434 -10.80 -34.42 -14.96
N PHE E 435 -9.93 -33.63 -15.56
CA PHE E 435 -10.14 -33.12 -16.91
C PHE E 435 -9.61 -34.10 -17.95
N PHE E 436 -10.22 -34.05 -19.13
CA PHE E 436 -9.83 -34.96 -20.21
C PHE E 436 -8.42 -34.67 -20.69
N VAL E 437 -8.00 -33.41 -20.68
CA VAL E 437 -6.67 -33.07 -21.17
C VAL E 437 -5.67 -33.01 -20.05
N ALA E 438 -6.13 -32.86 -18.81
CA ALA E 438 -5.24 -32.77 -17.65
C ALA E 438 -4.78 -34.13 -17.16
N GLU E 439 -4.82 -35.17 -18.00
CA GLU E 439 -4.37 -36.48 -17.60
C GLU E 439 -2.89 -36.47 -17.21
N VAL E 440 -2.08 -35.73 -17.97
CA VAL E 440 -0.66 -35.67 -17.68
C VAL E 440 -0.41 -34.97 -16.34
N PHE E 441 -1.38 -34.19 -15.87
CA PHE E 441 -1.20 -33.44 -14.64
C PHE E 441 -1.76 -34.21 -13.44
N THR E 442 -2.89 -34.88 -13.63
CA THR E 442 -3.52 -35.59 -12.52
C THR E 442 -3.07 -37.04 -12.47
N GLY E 443 -3.22 -37.76 -13.57
CA GLY E 443 -2.99 -39.18 -13.62
C GLY E 443 -4.24 -39.99 -13.83
N SER E 444 -5.38 -39.48 -13.41
CA SER E 444 -6.67 -40.12 -13.56
C SER E 444 -7.23 -39.82 -14.95
N PRO E 445 -8.24 -40.56 -15.39
CA PRO E 445 -8.87 -40.21 -16.67
C PRO E 445 -9.91 -39.12 -16.47
N GLY E 446 -10.07 -38.28 -17.51
CA GLY E 446 -11.06 -37.23 -17.46
C GLY E 446 -12.47 -37.81 -17.55
N LYS E 447 -13.40 -37.18 -16.84
CA LYS E 447 -14.80 -37.60 -16.82
C LYS E 447 -15.65 -36.45 -17.32
N TYR E 448 -16.49 -36.73 -18.31
CA TYR E 448 -17.56 -35.81 -18.69
C TYR E 448 -18.69 -36.00 -17.69
N VAL E 449 -19.13 -34.92 -17.06
CA VAL E 449 -20.18 -34.97 -16.05
C VAL E 449 -21.36 -34.17 -16.55
N GLY E 450 -22.53 -34.80 -16.57
CA GLY E 450 -23.71 -34.13 -17.04
C GLY E 450 -24.34 -33.25 -15.99
N LEU E 451 -25.22 -32.35 -16.45
CA LEU E 451 -25.87 -31.40 -15.55
C LEU E 451 -26.80 -32.10 -14.58
N ALA E 452 -27.51 -33.14 -15.04
CA ALA E 452 -28.38 -33.89 -14.15
C ALA E 452 -27.57 -34.57 -13.04
N GLU E 453 -26.45 -35.17 -13.40
CA GLU E 453 -25.60 -35.82 -12.42
C GLU E 453 -25.04 -34.81 -11.42
N THR E 454 -24.63 -33.64 -11.90
CA THR E 454 -24.13 -32.60 -10.99
C THR E 454 -25.21 -32.15 -10.01
N ILE E 455 -26.38 -31.78 -10.54
CA ILE E 455 -27.46 -31.27 -9.70
C ILE E 455 -27.84 -32.31 -8.65
N ARG E 456 -27.94 -33.57 -9.07
CA ARG E 456 -28.29 -34.64 -8.14
C ARG E 456 -27.22 -34.78 -7.05
N GLY E 457 -25.95 -34.83 -7.45
CA GLY E 457 -24.90 -35.00 -6.46
C GLY E 457 -24.83 -33.87 -5.47
N PHE E 458 -25.02 -32.64 -5.94
CA PHE E 458 -24.96 -31.51 -5.03
C PHE E 458 -26.19 -31.44 -4.14
N GLN E 459 -27.35 -31.85 -4.65
CA GLN E 459 -28.53 -31.99 -3.82
C GLN E 459 -28.29 -32.98 -2.68
N LEU E 460 -27.71 -34.13 -3.01
CA LEU E 460 -27.41 -35.14 -1.99
C LEU E 460 -26.40 -34.62 -0.96
N ILE E 461 -25.28 -34.07 -1.43
CA ILE E 461 -24.23 -33.61 -0.53
C ILE E 461 -24.73 -32.46 0.35
N LEU E 462 -25.68 -31.69 -0.15
CA LEU E 462 -26.22 -30.59 0.64
C LEU E 462 -27.26 -31.08 1.63
N SER E 463 -28.09 -32.04 1.23
CA SER E 463 -29.08 -32.58 2.15
C SER E 463 -28.44 -33.42 3.24
N GLY E 464 -27.25 -33.94 3.03
CA GLY E 464 -26.57 -34.69 4.06
C GLY E 464 -26.79 -36.18 4.02
N GLU E 465 -27.12 -36.74 2.86
CA GLU E 465 -27.12 -38.19 2.71
C GLU E 465 -25.72 -38.75 2.96
N LEU E 466 -24.72 -38.08 2.38
CA LEU E 466 -23.35 -38.61 2.30
C LEU E 466 -22.55 -38.12 3.51
N ASP E 467 -23.28 -37.74 4.56
CA ASP E 467 -22.74 -36.96 5.66
C ASP E 467 -21.81 -37.78 6.56
N SER E 468 -21.46 -38.99 6.15
CA SER E 468 -20.46 -39.79 6.85
C SER E 468 -19.32 -40.23 5.96
N LEU E 469 -19.40 -39.99 4.65
CA LEU E 469 -18.34 -40.39 3.74
C LEU E 469 -17.09 -39.53 3.96
N PRO E 470 -15.92 -40.04 3.61
CA PRO E 470 -14.72 -39.21 3.67
C PRO E 470 -14.80 -38.05 2.71
N GLU E 471 -14.32 -36.88 3.17
CA GLU E 471 -14.22 -35.73 2.30
C GLU E 471 -13.31 -36.03 1.11
N GLN E 472 -12.25 -36.82 1.34
CA GLN E 472 -11.34 -37.16 0.26
C GLN E 472 -11.96 -38.08 -0.76
N ALA E 473 -13.08 -38.73 -0.44
CA ALA E 473 -13.81 -39.49 -1.44
C ALA E 473 -14.47 -38.60 -2.46
N PHE E 474 -14.65 -37.32 -2.13
CA PHE E 474 -15.23 -36.33 -3.03
C PHE E 474 -14.19 -35.61 -3.86
N TYR E 475 -12.97 -36.13 -3.95
CA TYR E 475 -11.85 -35.41 -4.57
C TYR E 475 -11.50 -36.07 -5.89
N LEU E 476 -11.54 -35.29 -6.98
CA LEU E 476 -11.35 -35.78 -8.35
C LEU E 476 -12.29 -36.94 -8.68
N VAL E 477 -13.59 -36.70 -8.54
CA VAL E 477 -14.60 -37.64 -8.95
C VAL E 477 -15.54 -36.94 -9.92
N GLY E 478 -15.96 -37.65 -10.96
CA GLY E 478 -16.88 -37.06 -11.91
C GLY E 478 -18.31 -37.02 -11.43
N ASN E 479 -18.93 -38.20 -11.28
CA ASN E 479 -20.30 -38.34 -10.80
C ASN E 479 -20.31 -38.38 -9.27
N ILE E 480 -21.45 -38.79 -8.73
CA ILE E 480 -21.55 -38.99 -7.29
C ILE E 480 -21.48 -40.46 -6.93
N ASP E 481 -21.86 -41.35 -7.86
CA ASP E 481 -21.64 -42.78 -7.64
C ASP E 481 -20.16 -43.11 -7.63
N GLU E 482 -19.37 -42.36 -8.40
CA GLU E 482 -17.92 -42.51 -8.33
C GLU E 482 -17.40 -42.09 -6.95
N ALA E 483 -17.99 -41.05 -6.37
CA ALA E 483 -17.56 -40.61 -5.04
C ALA E 483 -17.94 -41.65 -3.99
N THR E 484 -19.11 -42.28 -4.13
CA THR E 484 -19.48 -43.35 -3.22
C THR E 484 -18.55 -44.55 -3.36
N ALA E 485 -18.20 -44.91 -4.61
CA ALA E 485 -17.30 -46.04 -4.83
C ALA E 485 -15.89 -45.74 -4.31
N LYS E 486 -15.47 -44.47 -4.41
CA LYS E 486 -14.17 -44.10 -3.88
C LYS E 486 -14.18 -44.13 -2.36
N ALA E 487 -15.32 -43.77 -1.75
CA ALA E 487 -15.46 -43.95 -0.30
C ALA E 487 -15.35 -45.42 0.07
N MET E 488 -15.97 -46.29 -0.72
CA MET E 488 -15.85 -47.73 -0.50
C MET E 488 -14.40 -48.19 -0.58
N ASN E 489 -13.67 -47.70 -1.58
CA ASN E 489 -12.27 -48.09 -1.73
C ASN E 489 -11.42 -47.63 -0.55
N LEU E 490 -11.62 -46.39 -0.09
CA LEU E 490 -10.87 -45.92 1.06
C LEU E 490 -11.27 -46.67 2.34
N GLU E 491 -12.54 -47.03 2.45
CA GLU E 491 -13.01 -47.78 3.61
C GLU E 491 -12.38 -49.17 3.66
N MET E 492 -12.24 -49.81 2.51
CA MET E 492 -11.59 -51.11 2.47
C MET E 492 -10.09 -50.99 2.69
N GLU E 493 -9.48 -49.93 2.13
CA GLU E 493 -8.06 -49.71 2.32
C GLU E 493 -7.72 -49.49 3.77
N SER E 494 -8.62 -48.84 4.51
CA SER E 494 -8.41 -48.67 5.94
C SER E 494 -8.59 -49.97 6.69
N LYS E 495 -9.49 -50.82 6.22
CA LYS E 495 -9.70 -52.11 6.88
C LYS E 495 -8.53 -53.07 6.63
N LEU E 496 -7.79 -52.89 5.54
CA LEU E 496 -6.57 -53.66 5.33
C LEU E 496 -5.39 -52.98 6.01
N LYS F 17 50.37 23.59 -23.84
CA LYS F 17 49.24 24.37 -23.35
C LYS F 17 48.00 23.51 -23.16
N LYS F 18 47.49 23.48 -21.93
CA LYS F 18 46.18 22.90 -21.69
C LYS F 18 45.12 23.81 -22.31
N ASN F 19 44.19 23.22 -23.06
CA ASN F 19 43.12 24.01 -23.66
C ASN F 19 42.29 24.68 -22.58
N LEU F 20 41.85 25.91 -22.86
CA LEU F 20 41.21 26.76 -21.87
C LEU F 20 39.80 27.11 -22.32
N GLY F 21 38.86 27.10 -21.38
CA GLY F 21 37.47 27.34 -21.69
C GLY F 21 36.80 28.21 -20.65
N ARG F 22 35.62 28.71 -21.03
CA ARG F 22 34.81 29.58 -20.19
C ARG F 22 33.65 28.77 -19.63
N ILE F 23 32.87 29.39 -18.75
CA ILE F 23 31.71 28.72 -18.17
C ILE F 23 30.45 29.34 -18.78
N ALA F 24 29.44 28.51 -19.06
CA ALA F 24 28.19 29.02 -19.60
C ALA F 24 27.04 28.88 -18.62
N GLN F 25 26.78 27.66 -18.14
CA GLN F 25 25.72 27.40 -17.18
C GLN F 25 26.33 27.21 -15.81
N ILE F 26 25.64 27.67 -14.77
CA ILE F 26 25.92 27.27 -13.40
C ILE F 26 24.57 26.99 -12.74
N ILE F 27 24.24 25.72 -12.54
CA ILE F 27 23.06 25.37 -11.76
C ILE F 27 23.47 24.38 -10.67
N GLY F 28 23.82 24.90 -9.51
CA GLY F 28 24.38 24.08 -8.46
C GLY F 28 25.69 23.46 -8.89
N PRO F 29 25.91 22.20 -8.50
CA PRO F 29 27.14 21.50 -8.92
C PRO F 29 27.31 21.38 -10.42
N VAL F 30 26.23 21.37 -11.20
CA VAL F 30 26.35 21.28 -12.64
C VAL F 30 27.01 22.55 -13.17
N LEU F 31 28.06 22.37 -13.96
CA LEU F 31 28.76 23.48 -14.59
C LEU F 31 28.94 23.14 -16.07
N ASP F 32 28.34 23.94 -16.94
CA ASP F 32 28.47 23.76 -18.38
C ASP F 32 29.54 24.74 -18.87
N VAL F 33 30.64 24.19 -19.37
CA VAL F 33 31.79 24.97 -19.77
C VAL F 33 31.92 24.91 -21.29
N ALA F 34 32.12 26.06 -21.91
CA ALA F 34 32.36 26.12 -23.35
C ALA F 34 33.85 26.02 -23.61
N PHE F 35 34.22 25.11 -24.50
CA PHE F 35 35.61 24.80 -24.78
C PHE F 35 35.90 25.07 -26.25
N PRO F 36 37.16 25.32 -26.60
CA PRO F 36 37.49 25.73 -27.98
C PRO F 36 37.03 24.69 -28.98
N PRO F 37 36.65 25.13 -30.19
CA PRO F 37 35.99 24.25 -31.18
C PRO F 37 36.68 22.92 -31.45
N GLY F 38 38.00 22.87 -31.36
CA GLY F 38 38.72 21.68 -31.74
C GLY F 38 38.98 20.69 -30.63
N LYS F 39 39.43 21.16 -29.48
CA LYS F 39 39.99 20.30 -28.43
C LYS F 39 39.09 20.35 -27.20
N MET F 40 38.25 19.32 -27.05
CA MET F 40 37.38 19.18 -25.90
C MET F 40 37.96 18.16 -24.94
N PRO F 41 37.70 18.27 -23.63
CA PRO F 41 38.18 17.24 -22.70
C PRO F 41 37.35 15.97 -22.83
N ASN F 42 37.91 14.88 -22.32
CA ASN F 42 37.23 13.60 -22.35
C ASN F 42 36.39 13.40 -21.10
N ILE F 43 35.74 12.25 -21.01
CA ILE F 43 34.89 11.97 -19.86
C ILE F 43 35.77 11.75 -18.64
N TYR F 44 35.37 12.35 -17.53
CA TYR F 44 35.96 12.26 -16.19
C TYR F 44 37.28 13.00 -16.09
N ASN F 45 37.57 13.96 -16.95
CA ASN F 45 38.81 14.72 -16.82
C ASN F 45 38.67 15.80 -15.76
N ALA F 46 39.75 16.01 -15.00
CA ALA F 46 39.74 17.03 -13.97
C ALA F 46 39.73 18.41 -14.58
N LEU F 47 38.60 19.11 -14.46
CA LEU F 47 38.51 20.51 -14.81
C LEU F 47 38.77 21.35 -13.57
N ILE F 48 39.58 22.39 -13.72
CA ILE F 48 39.89 23.29 -12.62
C ILE F 48 39.43 24.68 -13.03
N VAL F 49 38.34 25.14 -12.43
CA VAL F 49 37.93 26.53 -12.57
C VAL F 49 38.95 27.41 -11.85
N LYS F 50 39.18 28.60 -12.40
CA LYS F 50 40.09 29.53 -11.74
C LYS F 50 39.52 30.00 -10.41
N GLY F 51 38.32 30.56 -10.43
CA GLY F 51 37.65 30.96 -9.20
C GLY F 51 38.16 32.26 -8.62
N ARG F 52 37.26 33.08 -8.09
CA ARG F 52 37.62 34.35 -7.47
C ARG F 52 36.78 34.56 -6.23
N ASP F 53 37.28 34.10 -5.09
CA ASP F 53 36.68 34.36 -3.80
C ASP F 53 37.23 35.68 -3.28
N THR F 54 36.89 36.00 -2.03
CA THR F 54 37.01 37.34 -1.44
C THR F 54 38.38 37.96 -1.76
N ALA F 55 39.49 37.39 -1.31
CA ALA F 55 40.80 38.00 -1.48
C ALA F 55 41.76 37.01 -2.12
N GLY F 56 41.80 37.00 -3.45
CA GLY F 56 42.74 36.17 -4.16
C GLY F 56 42.08 35.15 -5.06
N GLN F 57 42.80 34.05 -5.30
CA GLN F 57 42.41 33.06 -6.28
C GLN F 57 42.19 31.70 -5.62
N PRO F 58 40.94 31.29 -5.40
CA PRO F 58 40.70 29.91 -4.96
C PRO F 58 40.66 28.94 -6.13
N MET F 59 41.84 28.50 -6.58
CA MET F 59 41.92 27.51 -7.65
C MET F 59 41.39 26.16 -7.25
N ASN F 60 40.94 26.01 -6.00
CA ASN F 60 40.57 24.70 -5.48
C ASN F 60 39.28 24.18 -6.11
N VAL F 61 38.56 25.03 -6.82
CA VAL F 61 37.28 24.62 -7.39
C VAL F 61 37.54 23.62 -8.52
N THR F 62 37.27 22.35 -8.24
CA THR F 62 37.62 21.26 -9.14
C THR F 62 36.36 20.55 -9.60
N CYS F 63 36.32 20.24 -10.90
CA CYS F 63 35.18 19.57 -11.49
C CYS F 63 35.64 18.26 -12.12
N GLU F 64 34.70 17.55 -12.72
CA GLU F 64 35.00 16.43 -13.61
C GLU F 64 33.99 16.47 -14.75
N VAL F 65 34.46 16.22 -15.97
CA VAL F 65 33.59 16.19 -17.14
C VAL F 65 32.70 14.96 -17.06
N GLN F 66 31.38 15.16 -17.16
CA GLN F 66 30.47 14.04 -17.11
C GLN F 66 29.89 13.73 -18.48
N GLN F 67 29.52 14.75 -19.25
CA GLN F 67 28.92 14.54 -20.56
C GLN F 67 29.64 15.40 -21.59
N LEU F 68 29.17 15.30 -22.82
CA LEU F 68 29.54 16.19 -23.91
C LEU F 68 28.25 16.62 -24.59
N LEU F 69 27.89 17.89 -24.45
CA LEU F 69 26.60 18.41 -24.90
C LEU F 69 26.65 19.03 -26.29
N GLY F 70 27.58 18.61 -27.13
CA GLY F 70 27.65 19.17 -28.46
C GLY F 70 28.16 20.61 -28.46
N ASN F 71 28.17 21.19 -29.67
CA ASN F 71 28.58 22.57 -29.98
C ASN F 71 29.74 23.06 -29.10
N ASN F 72 30.83 22.28 -29.11
CA ASN F 72 32.06 22.50 -28.35
C ASN F 72 31.80 22.99 -26.93
N ARG F 73 31.05 22.19 -26.16
CA ARG F 73 30.87 22.45 -24.74
C ARG F 73 30.48 21.16 -24.03
N VAL F 74 30.88 21.05 -22.76
CA VAL F 74 30.67 19.85 -21.97
C VAL F 74 29.99 20.22 -20.65
N ARG F 75 29.59 19.18 -19.91
CA ARG F 75 28.91 19.33 -18.64
C ARG F 75 29.79 18.75 -17.54
N ALA F 76 29.91 19.46 -16.43
CA ALA F 76 30.78 19.06 -15.33
C ALA F 76 30.00 19.06 -14.03
N VAL F 77 30.48 18.27 -13.07
CA VAL F 77 29.95 18.33 -11.72
C VAL F 77 31.06 18.80 -10.79
N ALA F 78 30.70 19.62 -9.81
CA ALA F 78 31.69 20.26 -8.96
C ALA F 78 31.94 19.44 -7.71
N MET F 79 33.21 19.18 -7.42
CA MET F 79 33.62 18.54 -6.18
C MET F 79 33.71 19.53 -5.03
N SER F 80 33.41 20.80 -5.27
CA SER F 80 33.47 21.83 -4.27
C SER F 80 32.19 22.65 -4.35
N ALA F 81 32.17 23.76 -3.61
CA ALA F 81 31.06 24.68 -3.70
C ALA F 81 31.07 25.40 -5.04
N THR F 82 29.89 25.81 -5.48
CA THR F 82 29.73 26.50 -6.75
C THR F 82 29.25 27.94 -6.59
N ASP F 83 28.82 28.32 -5.39
CA ASP F 83 28.28 29.65 -5.19
C ASP F 83 29.36 30.71 -5.29
N GLY F 84 29.13 31.68 -6.15
CA GLY F 84 30.11 32.70 -6.45
C GLY F 84 30.74 32.60 -7.82
N LEU F 85 30.56 31.50 -8.53
CA LEU F 85 31.10 31.34 -9.88
C LEU F 85 30.21 32.09 -10.86
N THR F 86 30.76 33.14 -11.46
CA THR F 86 30.08 33.94 -12.46
C THR F 86 30.39 33.40 -13.86
N ARG F 87 29.52 33.71 -14.80
CA ARG F 87 29.74 33.29 -16.18
C ARG F 87 31.00 33.95 -16.73
N GLY F 88 31.87 33.16 -17.32
CA GLY F 88 33.10 33.67 -17.90
C GLY F 88 34.37 33.29 -17.18
N MET F 89 34.33 32.34 -16.25
CA MET F 89 35.54 31.90 -15.59
C MET F 89 36.39 31.05 -16.51
N GLU F 90 37.69 31.33 -16.52
CA GLU F 90 38.61 30.51 -17.30
C GLU F 90 38.74 29.15 -16.64
N VAL F 91 38.77 28.09 -17.44
CA VAL F 91 38.87 26.73 -16.94
C VAL F 91 39.95 26.00 -17.72
N ILE F 92 40.91 25.41 -17.01
CA ILE F 92 41.94 24.59 -17.62
C ILE F 92 41.45 23.15 -17.68
N ASP F 93 42.10 22.34 -18.51
CA ASP F 93 41.85 20.90 -18.55
C ASP F 93 43.12 20.18 -18.15
N THR F 94 43.02 19.34 -17.11
CA THR F 94 44.19 18.62 -16.65
C THR F 94 44.69 17.59 -17.65
N GLY F 95 43.82 17.11 -18.55
CA GLY F 95 44.20 16.12 -19.53
C GLY F 95 44.19 14.70 -19.02
N ALA F 96 44.33 14.49 -17.72
CA ALA F 96 44.24 13.20 -17.08
C ALA F 96 43.15 13.25 -16.03
N PRO F 97 42.53 12.12 -15.71
CA PRO F 97 41.49 12.11 -14.68
C PRO F 97 42.04 12.53 -13.32
N LEU F 98 41.12 12.67 -12.37
CA LEU F 98 41.48 13.12 -11.03
C LEU F 98 42.40 12.11 -10.36
N SER F 99 43.59 12.56 -10.00
CA SER F 99 44.61 11.70 -9.43
C SER F 99 44.90 12.14 -8.00
N VAL F 100 45.03 11.17 -7.11
CA VAL F 100 45.18 11.41 -5.68
C VAL F 100 46.49 10.80 -5.22
N PRO F 101 47.10 11.28 -4.15
CA PRO F 101 48.32 10.64 -3.64
C PRO F 101 48.03 9.25 -3.09
N VAL F 102 48.91 8.31 -3.42
CA VAL F 102 48.83 6.93 -2.95
C VAL F 102 50.16 6.58 -2.30
N GLY F 103 50.21 5.41 -1.68
CA GLY F 103 51.46 4.88 -1.17
C GLY F 103 51.69 5.07 0.31
N GLY F 104 52.96 5.13 0.70
CA GLY F 104 53.31 5.27 2.10
C GLY F 104 53.19 6.68 2.64
N ALA F 105 53.12 7.67 1.75
CA ALA F 105 52.93 9.05 2.21
C ALA F 105 51.54 9.25 2.79
N THR F 106 50.59 8.39 2.41
CA THR F 106 49.21 8.54 2.85
C THR F 106 48.95 7.94 4.23
N LEU F 107 49.87 7.14 4.74
CA LEU F 107 49.65 6.43 5.99
C LEU F 107 49.61 7.39 7.16
N GLY F 108 48.56 7.27 7.97
CA GLY F 108 48.41 8.11 9.14
C GLY F 108 47.88 9.49 8.88
N ARG F 109 47.29 9.74 7.72
CA ARG F 109 46.85 11.07 7.36
C ARG F 109 45.36 11.06 7.04
N ILE F 110 44.77 12.25 7.11
CA ILE F 110 43.39 12.45 6.67
C ILE F 110 43.43 13.13 5.31
N PHE F 111 42.64 12.64 4.37
CA PHE F 111 42.54 13.21 3.04
C PHE F 111 41.11 13.67 2.78
N ASN F 112 40.86 14.08 1.55
CA ASN F 112 39.59 14.59 1.10
C ASN F 112 39.04 13.69 0.00
N VAL F 113 37.96 14.15 -0.62
CA VAL F 113 37.58 13.65 -1.92
C VAL F 113 38.63 14.01 -2.97
N LEU F 114 39.35 15.12 -2.75
CA LEU F 114 40.36 15.61 -3.68
C LEU F 114 41.76 15.12 -3.34
N GLY F 115 41.94 14.43 -2.22
CA GLY F 115 43.26 14.02 -1.82
C GLY F 115 44.12 15.14 -1.27
N GLU F 116 43.51 16.20 -0.78
CA GLU F 116 44.22 17.30 -0.16
C GLU F 116 44.24 17.04 1.34
N PRO F 117 45.40 16.96 1.98
CA PRO F 117 45.46 16.60 3.40
C PRO F 117 44.82 17.67 4.28
N VAL F 118 43.70 17.32 4.90
CA VAL F 118 43.09 18.18 5.92
C VAL F 118 43.54 17.80 7.31
N ASP F 119 44.63 17.04 7.42
CA ASP F 119 45.16 16.58 8.70
C ASP F 119 45.89 17.68 9.45
N ASN F 120 45.91 18.90 8.91
CA ASN F 120 46.50 20.07 9.57
C ASN F 120 47.98 19.83 9.86
N LEU F 121 48.64 19.17 8.92
CA LEU F 121 50.05 18.81 9.04
C LEU F 121 50.71 19.15 7.72
N GLY F 122 51.94 18.67 7.53
CA GLY F 122 52.70 18.96 6.34
C GLY F 122 52.05 18.46 5.07
N PRO F 123 52.58 18.86 3.91
CA PRO F 123 52.01 18.40 2.65
C PRO F 123 52.30 16.92 2.41
N VAL F 124 51.70 16.41 1.35
CA VAL F 124 51.85 15.00 0.99
C VAL F 124 52.64 14.90 -0.32
N ASP F 125 53.39 13.81 -0.46
CA ASP F 125 54.32 13.68 -1.58
C ASP F 125 53.62 13.15 -2.82
N THR F 126 53.76 13.87 -3.92
CA THR F 126 53.10 13.55 -5.18
C THR F 126 53.98 12.77 -6.14
N ARG F 127 54.90 11.94 -5.63
CA ARG F 127 55.67 11.07 -6.51
C ARG F 127 54.77 10.09 -7.24
N THR F 128 54.13 9.19 -6.49
CA THR F 128 53.26 8.17 -7.07
C THR F 128 51.83 8.57 -6.78
N THR F 129 51.04 8.77 -7.84
CA THR F 129 49.65 9.15 -7.73
C THR F 129 48.82 8.30 -8.69
N SER F 130 47.57 8.04 -8.28
CA SER F 130 46.72 7.11 -8.99
C SER F 130 45.40 7.77 -9.36
N PRO F 131 44.88 7.52 -10.56
CA PRO F 131 43.63 8.17 -10.97
C PRO F 131 42.46 7.53 -10.24
N ILE F 132 41.38 8.30 -10.09
CA ILE F 132 40.22 7.78 -9.37
C ILE F 132 39.39 6.88 -10.26
N HIS F 133 39.69 6.82 -11.55
CA HIS F 133 38.91 6.05 -12.50
C HIS F 133 39.81 4.98 -13.12
N ARG F 134 39.57 3.74 -12.70
CA ARG F 134 40.40 2.60 -13.07
C ARG F 134 39.48 1.43 -13.37
N SER F 135 39.83 0.65 -14.38
CA SER F 135 39.00 -0.48 -14.76
C SER F 135 39.07 -1.56 -13.69
N ALA F 136 38.00 -2.36 -13.62
CA ALA F 136 37.93 -3.45 -12.68
C ALA F 136 39.01 -4.50 -12.98
N PRO F 137 39.48 -5.21 -11.96
CA PRO F 137 40.49 -6.25 -12.20
C PRO F 137 39.93 -7.39 -13.05
N ALA F 138 40.82 -8.01 -13.83
CA ALA F 138 40.41 -8.99 -14.83
C ALA F 138 39.93 -10.27 -14.17
N PHE F 139 39.52 -11.22 -15.01
CA PHE F 139 38.96 -12.48 -14.51
C PHE F 139 40.07 -13.46 -14.13
N THR F 140 41.21 -13.36 -14.81
CA THR F 140 42.33 -14.24 -14.45
C THR F 140 42.99 -13.80 -13.15
N GLN F 141 42.84 -12.54 -12.77
CA GLN F 141 43.56 -12.00 -11.62
C GLN F 141 42.79 -12.11 -10.32
N LEU F 142 41.60 -12.71 -10.32
CA LEU F 142 40.89 -12.93 -9.07
C LEU F 142 41.45 -14.15 -8.35
N ASP F 143 40.77 -14.57 -7.29
CA ASP F 143 41.08 -15.83 -6.63
C ASP F 143 39.80 -16.43 -6.07
N THR F 144 39.82 -17.74 -5.86
CA THR F 144 38.71 -18.48 -5.27
C THR F 144 39.07 -19.08 -3.93
N LYS F 145 39.79 -18.34 -3.08
CA LYS F 145 40.18 -18.83 -1.77
C LYS F 145 39.05 -18.60 -0.77
N LEU F 146 38.33 -19.67 -0.44
CA LEU F 146 37.25 -19.54 0.52
C LEU F 146 37.85 -19.52 1.93
N SER F 147 37.64 -18.41 2.63
CA SER F 147 38.37 -18.16 3.87
C SER F 147 37.43 -17.64 4.94
N ILE F 148 37.48 -18.25 6.10
CA ILE F 148 36.63 -17.85 7.22
C ILE F 148 37.35 -16.78 8.02
N PHE F 149 36.60 -16.08 8.87
CA PHE F 149 37.17 -15.02 9.69
C PHE F 149 36.24 -14.77 10.86
N GLU F 150 36.75 -14.90 12.09
CA GLU F 150 35.93 -14.69 13.26
C GLU F 150 36.03 -13.24 13.72
N THR F 151 34.96 -12.73 14.30
CA THR F 151 34.89 -11.35 14.74
C THR F 151 34.71 -11.21 16.24
N GLY F 152 34.36 -12.28 16.94
CA GLY F 152 34.02 -12.20 18.34
C GLY F 152 32.60 -11.76 18.61
N ILE F 153 31.92 -11.20 17.63
CA ILE F 153 30.48 -10.95 17.69
C ILE F 153 29.82 -12.31 17.50
N LYS F 154 29.04 -12.74 18.49
CA LYS F 154 28.50 -14.09 18.48
C LYS F 154 27.64 -14.36 17.26
N VAL F 155 26.67 -13.47 17.02
CA VAL F 155 25.74 -13.66 15.91
C VAL F 155 26.48 -13.62 14.58
N VAL F 156 27.50 -12.78 14.48
CA VAL F 156 28.29 -12.69 13.26
C VAL F 156 29.09 -13.96 13.05
N ASP F 157 29.67 -14.51 14.14
CA ASP F 157 30.49 -15.70 14.02
C ASP F 157 29.67 -16.94 13.77
N LEU F 158 28.38 -16.94 14.12
CA LEU F 158 27.56 -18.15 14.01
C LEU F 158 26.62 -18.09 12.80
N LEU F 159 25.76 -17.09 12.71
CA LEU F 159 24.64 -17.17 11.77
C LEU F 159 24.94 -16.47 10.46
N ALA F 160 26.09 -15.82 10.33
CA ALA F 160 26.49 -15.15 9.09
C ALA F 160 27.98 -14.92 9.14
N PRO F 161 28.77 -15.97 8.98
CA PRO F 161 30.24 -15.83 9.11
C PRO F 161 30.80 -14.90 8.06
N TYR F 162 31.89 -14.23 8.40
CA TYR F 162 32.47 -13.27 7.49
C TYR F 162 33.62 -13.90 6.70
N ARG F 163 33.76 -13.44 5.47
CA ARG F 163 34.69 -14.01 4.50
C ARG F 163 35.93 -13.12 4.40
N ARG F 164 37.09 -13.71 4.61
CA ARG F 164 38.33 -12.98 4.38
C ARG F 164 38.53 -12.76 2.88
N GLY F 165 38.69 -11.50 2.50
CA GLY F 165 38.85 -11.17 1.10
C GLY F 165 37.60 -10.67 0.40
N GLY F 166 36.44 -10.81 1.03
CA GLY F 166 35.19 -10.45 0.39
C GLY F 166 34.51 -9.32 1.13
N LYS F 167 33.57 -8.70 0.43
CA LYS F 167 32.87 -7.55 0.96
C LYS F 167 31.76 -7.98 1.92
N ILE F 168 31.51 -7.15 2.93
CA ILE F 168 30.55 -7.43 3.98
C ILE F 168 29.66 -6.21 4.16
N GLY F 169 28.37 -6.44 4.40
CA GLY F 169 27.44 -5.33 4.51
C GLY F 169 26.66 -5.22 5.80
N LEU F 170 26.61 -4.01 6.37
CA LEU F 170 25.85 -3.73 7.58
C LEU F 170 24.52 -3.06 7.24
N PHE F 171 23.62 -3.83 6.66
CA PHE F 171 22.33 -3.29 6.27
C PHE F 171 21.48 -2.96 7.49
N GLY F 172 21.08 -1.71 7.61
CA GLY F 172 20.20 -1.31 8.70
C GLY F 172 19.64 0.07 8.46
N GLY F 173 18.61 0.38 9.23
CA GLY F 173 18.01 1.71 9.20
C GLY F 173 18.87 2.73 9.92
N ALA F 174 18.21 3.76 10.43
CA ALA F 174 18.89 4.82 11.15
C ALA F 174 18.80 4.57 12.65
N GLY F 175 19.88 4.88 13.37
CA GLY F 175 19.89 4.76 14.81
C GLY F 175 19.79 3.35 15.34
N VAL F 176 20.19 2.35 14.56
CA VAL F 176 19.98 0.96 14.97
C VAL F 176 21.30 0.35 15.47
N GLY F 177 22.43 0.85 15.01
CA GLY F 177 23.68 0.30 15.49
C GLY F 177 24.70 -0.09 14.43
N LYS F 178 24.56 0.42 13.21
CA LYS F 178 25.55 0.13 12.18
C LYS F 178 26.90 0.74 12.53
N THR F 179 26.92 1.97 13.05
CA THR F 179 28.19 2.62 13.36
C THR F 179 28.85 1.99 14.58
N VAL F 180 28.06 1.65 15.61
CA VAL F 180 28.64 0.99 16.77
C VAL F 180 29.12 -0.41 16.38
N LEU F 181 28.38 -1.09 15.52
CA LEU F 181 28.77 -2.41 15.06
C LEU F 181 30.07 -2.36 14.27
N ILE F 182 30.17 -1.41 13.35
CA ILE F 182 31.39 -1.33 12.54
C ILE F 182 32.56 -0.87 13.40
N MET F 183 32.31 -0.06 14.42
CA MET F 183 33.40 0.36 15.30
C MET F 183 33.88 -0.82 16.15
N GLU F 184 32.95 -1.67 16.59
CA GLU F 184 33.33 -2.87 17.32
C GLU F 184 34.16 -3.80 16.44
N LEU F 185 33.76 -3.93 15.18
CA LEU F 185 34.53 -4.74 14.24
C LEU F 185 35.93 -4.16 14.04
N ILE F 186 36.02 -2.83 13.97
CA ILE F 186 37.32 -2.18 13.80
C ILE F 186 38.21 -2.47 15.00
N ASN F 187 37.65 -2.36 16.20
CA ASN F 187 38.43 -2.63 17.41
C ASN F 187 38.88 -4.09 17.44
N ASN F 188 38.01 -5.00 17.03
CA ASN F 188 38.34 -6.43 17.09
C ASN F 188 39.40 -6.81 16.07
N ILE F 189 39.35 -6.20 14.88
CA ILE F 189 40.20 -6.68 13.79
C ILE F 189 41.36 -5.72 13.52
N ALA F 190 41.05 -4.46 13.18
CA ALA F 190 42.05 -3.59 12.58
C ALA F 190 43.18 -3.27 13.53
N LYS F 191 43.00 -3.53 14.82
CA LYS F 191 44.09 -3.38 15.77
C LYS F 191 45.22 -4.36 15.48
N ALA F 192 44.95 -5.66 15.64
CA ALA F 192 45.93 -6.70 15.38
C ALA F 192 46.09 -7.02 13.91
N HIS F 193 45.40 -6.29 13.02
CA HIS F 193 45.54 -6.50 11.59
C HIS F 193 46.99 -6.37 11.14
N GLY F 194 47.54 -7.47 10.63
CA GLY F 194 48.91 -7.45 10.16
C GLY F 194 49.15 -6.66 8.90
N GLY F 195 48.11 -6.35 8.14
CA GLY F 195 48.22 -5.57 6.93
C GLY F 195 48.11 -4.08 7.20
N VAL F 196 47.40 -3.40 6.32
CA VAL F 196 47.29 -1.95 6.35
C VAL F 196 45.86 -1.58 5.97
N SER F 197 45.20 -0.80 6.84
CA SER F 197 43.79 -0.49 6.68
C SER F 197 43.62 0.88 6.05
N VAL F 198 42.43 1.09 5.48
CA VAL F 198 42.04 2.39 4.89
C VAL F 198 40.60 2.63 5.33
N PHE F 199 40.38 3.72 6.05
CA PHE F 199 39.01 4.07 6.45
C PHE F 199 38.51 5.23 5.62
N GLY F 200 37.39 5.02 4.93
CA GLY F 200 36.78 6.03 4.09
C GLY F 200 35.35 6.29 4.53
N GLY F 201 35.07 7.55 4.81
CA GLY F 201 33.73 7.93 5.21
C GLY F 201 32.99 8.68 4.12
N VAL F 202 32.09 7.99 3.43
CA VAL F 202 31.30 8.59 2.36
C VAL F 202 30.02 9.13 2.99
N GLY F 203 30.09 10.36 3.49
CA GLY F 203 28.90 11.03 3.97
C GLY F 203 28.46 10.64 5.35
N GLU F 204 29.32 10.80 6.34
CA GLU F 204 28.96 10.55 7.73
C GLU F 204 29.34 11.76 8.57
N ARG F 205 29.03 11.68 9.87
CA ARG F 205 29.14 12.83 10.74
C ARG F 205 30.60 13.24 10.95
N THR F 206 30.84 14.56 10.86
CA THR F 206 32.14 15.10 11.22
C THR F 206 32.46 14.81 12.68
N ARG F 207 31.44 14.68 13.53
CA ARG F 207 31.66 14.27 14.90
C ARG F 207 32.25 12.88 14.97
N GLU F 208 31.66 11.93 14.23
CA GLU F 208 32.18 10.57 14.20
C GLU F 208 33.59 10.54 13.63
N GLY F 209 33.84 11.35 12.61
CA GLY F 209 35.17 11.47 12.06
C GLY F 209 36.20 11.93 13.07
N ASN F 210 35.89 13.01 13.80
CA ASN F 210 36.80 13.51 14.82
C ASN F 210 36.98 12.50 15.95
N ASP F 211 35.91 11.81 16.33
CA ASP F 211 35.99 10.82 17.39
C ASP F 211 36.89 9.65 16.99
N LEU F 212 36.72 9.16 15.75
CA LEU F 212 37.57 8.09 15.27
C LEU F 212 39.02 8.54 15.16
N TYR F 213 39.25 9.78 14.74
CA TYR F 213 40.61 10.26 14.62
C TYR F 213 41.26 10.40 16.00
N MET F 214 40.52 10.91 16.97
CA MET F 214 41.05 11.02 18.32
C MET F 214 41.37 9.65 18.89
N GLU F 215 40.51 8.66 18.65
CA GLU F 215 40.78 7.33 19.16
C GLU F 215 41.97 6.70 18.45
N MET F 216 42.11 6.97 17.14
CA MET F 216 43.22 6.42 16.39
C MET F 216 44.54 7.03 16.83
N LYS F 217 44.49 8.27 17.32
CA LYS F 217 45.68 8.91 17.88
C LYS F 217 46.00 8.35 19.25
N GLU F 218 45.05 8.45 20.19
CA GLU F 218 45.31 8.10 21.58
C GLU F 218 45.56 6.61 21.75
N SER F 219 44.90 5.79 20.93
CA SER F 219 45.18 4.36 20.95
C SER F 219 46.53 4.03 20.34
N GLY F 220 47.15 4.97 19.64
CA GLY F 220 48.48 4.79 19.12
C GLY F 220 48.56 4.39 17.67
N VAL F 221 47.43 4.20 16.99
CA VAL F 221 47.47 3.72 15.61
C VAL F 221 48.05 4.79 14.69
N ILE F 222 47.45 5.98 14.69
CA ILE F 222 48.05 7.14 14.02
C ILE F 222 49.05 7.72 15.00
N ASN F 223 50.31 7.34 14.84
CA ASN F 223 51.35 7.83 15.73
C ASN F 223 51.53 9.33 15.54
N GLU F 224 51.54 10.06 16.66
CA GLU F 224 51.60 11.52 16.63
C GLU F 224 52.90 11.99 16.00
N GLN F 225 54.02 11.71 16.65
CA GLN F 225 55.30 11.70 15.97
C GLN F 225 55.40 10.41 15.18
N ASN F 226 56.33 10.39 14.21
CA ASN F 226 56.58 9.22 13.38
C ASN F 226 55.30 8.82 12.64
N ILE F 227 54.84 9.71 11.77
CA ILE F 227 53.65 9.44 10.98
C ILE F 227 53.95 8.55 9.79
N ALA F 228 55.21 8.13 9.63
CA ALA F 228 55.58 7.22 8.55
C ALA F 228 55.01 5.84 8.76
N GLU F 229 54.72 5.46 10.00
CA GLU F 229 54.23 4.12 10.34
C GLU F 229 52.93 4.28 11.11
N SER F 230 51.81 4.10 10.43
CA SER F 230 50.52 4.13 11.10
C SER F 230 49.57 3.03 10.65
N LYS F 231 49.75 2.45 9.47
CA LYS F 231 48.94 1.36 8.94
C LYS F 231 47.48 1.74 8.72
N VAL F 232 47.15 3.03 8.75
CA VAL F 232 45.77 3.48 8.56
C VAL F 232 45.79 4.82 7.83
N ALA F 233 44.94 4.96 6.83
CA ALA F 233 44.78 6.20 6.08
C ALA F 233 43.31 6.57 6.01
N LEU F 234 42.99 7.79 6.41
CA LEU F 234 41.62 8.27 6.50
C LEU F 234 41.29 9.10 5.26
N VAL F 235 40.11 8.89 4.69
CA VAL F 235 39.62 9.66 3.55
C VAL F 235 38.17 10.00 3.83
N TYR F 236 37.88 11.28 4.04
CA TYR F 236 36.61 11.70 4.62
C TYR F 236 35.90 12.71 3.71
N GLY F 237 34.69 12.36 3.30
CA GLY F 237 33.76 13.34 2.78
C GLY F 237 32.48 13.29 3.58
N GLN F 238 32.20 14.33 4.37
CA GLN F 238 31.13 14.27 5.36
C GLN F 238 29.78 14.59 4.71
N MET F 239 28.78 14.80 5.56
CA MET F 239 27.42 14.99 5.05
C MET F 239 27.15 16.43 4.67
N ASN F 240 28.04 17.35 5.06
CA ASN F 240 27.88 18.72 4.61
C ASN F 240 28.56 18.96 3.28
N GLU F 241 29.20 17.95 2.72
CA GLU F 241 29.90 18.12 1.46
C GLU F 241 28.92 18.12 0.30
N PRO F 242 29.24 18.86 -0.77
CA PRO F 242 28.40 18.85 -1.96
C PRO F 242 28.31 17.46 -2.58
N PRO F 243 27.25 17.20 -3.35
CA PRO F 243 27.07 15.85 -3.92
C PRO F 243 28.19 15.42 -4.85
N GLY F 244 28.85 16.36 -5.54
CA GLY F 244 29.98 15.99 -6.37
C GLY F 244 31.11 15.40 -5.56
N ALA F 245 31.33 15.92 -4.36
CA ALA F 245 32.32 15.35 -3.46
C ALA F 245 31.86 14.02 -2.91
N ARG F 246 30.66 13.99 -2.31
CA ARG F 246 30.17 12.77 -1.68
C ARG F 246 29.94 11.63 -2.67
N MET F 247 30.15 11.87 -3.96
CA MET F 247 30.04 10.85 -4.98
C MET F 247 31.39 10.29 -5.40
N ARG F 248 32.49 10.94 -5.00
CA ARG F 248 33.83 10.55 -5.40
C ARG F 248 34.78 10.29 -4.24
N VAL F 249 34.41 10.64 -3.00
CA VAL F 249 35.29 10.34 -1.88
C VAL F 249 35.47 8.84 -1.72
N GLY F 250 34.43 8.07 -2.04
CA GLY F 250 34.54 6.62 -2.01
C GLY F 250 35.55 6.11 -3.02
N LEU F 251 35.53 6.69 -4.22
CA LEU F 251 36.51 6.34 -5.24
C LEU F 251 37.93 6.68 -4.78
N THR F 252 38.09 7.81 -4.10
CA THR F 252 39.40 8.20 -3.58
C THR F 252 39.95 7.14 -2.62
N ALA F 253 39.15 6.81 -1.59
CA ALA F 253 39.55 5.78 -0.64
C ALA F 253 39.82 4.45 -1.36
N LEU F 254 39.04 4.17 -2.40
CA LEU F 254 39.20 2.93 -3.14
C LEU F 254 40.52 2.89 -3.88
N THR F 255 40.94 4.03 -4.46
CA THR F 255 42.22 4.06 -5.17
C THR F 255 43.38 3.89 -4.21
N MET F 256 43.28 4.48 -3.03
CA MET F 256 44.34 4.27 -2.04
C MET F 256 44.44 2.80 -1.64
N ALA F 257 43.29 2.18 -1.35
CA ALA F 257 43.30 0.79 -0.92
C ALA F 257 43.80 -0.13 -2.03
N GLU F 258 43.42 0.16 -3.28
CA GLU F 258 43.84 -0.74 -4.35
C GLU F 258 45.28 -0.47 -4.77
N TYR F 259 45.81 0.72 -4.48
CA TYR F 259 47.25 0.88 -4.59
C TYR F 259 47.95 -0.04 -3.60
N PHE F 260 47.57 0.04 -2.33
CA PHE F 260 48.17 -0.85 -1.33
C PHE F 260 48.15 -2.29 -1.81
N ARG F 261 46.96 -2.77 -2.23
CA ARG F 261 46.83 -4.14 -2.70
C ARG F 261 47.74 -4.44 -3.88
N ASP F 262 47.52 -3.76 -5.01
CA ASP F 262 48.16 -4.10 -6.28
C ASP F 262 49.67 -3.89 -6.24
N VAL F 263 50.14 -2.85 -5.55
CA VAL F 263 51.56 -2.52 -5.60
C VAL F 263 52.30 -3.14 -4.43
N ASN F 264 51.87 -2.84 -3.20
CA ASN F 264 52.69 -3.26 -2.06
C ASN F 264 52.44 -4.71 -1.67
N GLU F 265 51.50 -5.38 -2.31
CA GLU F 265 51.20 -6.80 -2.11
C GLU F 265 50.89 -7.09 -0.65
N GLN F 266 49.89 -6.41 -0.13
CA GLN F 266 49.44 -6.58 1.24
C GLN F 266 47.94 -6.85 1.25
N ASP F 267 47.45 -7.43 2.34
CA ASP F 267 46.02 -7.51 2.55
C ASP F 267 45.57 -6.20 3.19
N VAL F 268 44.41 -5.72 2.76
CA VAL F 268 43.92 -4.39 3.10
C VAL F 268 42.51 -4.54 3.64
N LEU F 269 42.17 -3.71 4.62
CA LEU F 269 40.79 -3.58 5.07
C LEU F 269 40.27 -2.25 4.57
N LEU F 270 38.95 -2.11 4.47
CA LEU F 270 38.34 -0.90 3.97
C LEU F 270 36.94 -0.79 4.55
N PHE F 271 36.80 0.00 5.61
CA PHE F 271 35.50 0.21 6.25
C PHE F 271 34.87 1.45 5.66
N ILE F 272 33.81 1.26 4.88
CA ILE F 272 33.11 2.35 4.21
C ILE F 272 31.82 2.60 4.96
N ASP F 273 31.52 3.87 5.21
CA ASP F 273 30.42 4.26 6.08
C ASP F 273 29.88 5.61 5.64
N ASN F 274 28.77 5.59 4.90
CA ASN F 274 28.20 4.37 4.34
C ASN F 274 27.75 4.61 2.91
N ILE F 275 27.83 3.57 2.09
CA ILE F 275 27.69 3.68 0.64
C ILE F 275 26.31 4.14 0.20
N PHE F 276 25.33 4.16 1.09
CA PHE F 276 24.04 4.72 0.68
C PHE F 276 24.15 6.21 0.42
N ARG F 277 25.07 6.89 1.10
CA ARG F 277 25.27 8.30 0.81
C ARG F 277 25.97 8.48 -0.53
N PHE F 278 26.80 7.51 -0.92
CA PHE F 278 27.34 7.49 -2.28
C PHE F 278 26.21 7.42 -3.30
N VAL F 279 25.29 6.48 -3.11
CA VAL F 279 24.15 6.35 -4.02
C VAL F 279 23.31 7.62 -4.03
N GLN F 280 23.03 8.16 -2.84
CA GLN F 280 22.18 9.34 -2.74
C GLN F 280 22.83 10.53 -3.43
N ALA F 281 24.13 10.75 -3.20
CA ALA F 281 24.85 11.79 -3.90
C ALA F 281 24.75 11.60 -5.41
N GLY F 282 24.84 10.34 -5.86
CA GLY F 282 24.67 10.08 -7.28
C GLY F 282 23.31 10.51 -7.79
N SER F 283 22.26 10.26 -6.99
CA SER F 283 20.91 10.64 -7.41
C SER F 283 20.75 12.16 -7.47
N GLU F 284 21.29 12.84 -6.46
CA GLU F 284 21.25 14.31 -6.44
C GLU F 284 22.01 14.88 -7.64
N VAL F 285 23.09 14.22 -8.05
CA VAL F 285 23.85 14.69 -9.20
C VAL F 285 23.10 14.44 -10.49
N SER F 286 22.46 13.27 -10.62
CA SER F 286 21.80 12.91 -11.86
C SER F 286 20.57 13.75 -12.12
N ALA F 287 19.80 14.07 -11.08
CA ALA F 287 18.66 14.97 -11.25
C ALA F 287 19.11 16.32 -11.79
N LEU F 288 20.24 16.82 -11.30
CA LEU F 288 20.80 18.07 -11.80
C LEU F 288 21.29 17.93 -13.23
N LEU F 289 21.96 16.82 -13.55
CA LEU F 289 22.48 16.59 -14.88
C LEU F 289 21.38 16.41 -15.92
N GLY F 290 20.16 16.12 -15.49
CA GLY F 290 19.04 16.14 -16.39
C GLY F 290 18.69 14.80 -17.01
N ARG F 291 19.16 13.70 -16.45
CA ARG F 291 18.79 12.39 -16.94
C ARG F 291 17.37 12.06 -16.54
N MET F 292 16.70 11.23 -17.34
CA MET F 292 15.39 10.74 -16.98
C MET F 292 15.49 9.91 -15.71
N PRO F 293 14.68 10.17 -14.70
CA PRO F 293 14.83 9.45 -13.44
C PRO F 293 14.34 8.01 -13.56
N SER F 294 15.05 7.12 -12.88
CA SER F 294 14.70 5.71 -12.78
C SER F 294 13.64 5.54 -11.71
N ALA F 295 13.50 4.37 -11.07
CA ALA F 295 12.59 4.19 -9.95
C ALA F 295 12.68 5.36 -8.97
N VAL F 296 11.61 5.54 -8.19
CA VAL F 296 10.93 6.82 -7.97
C VAL F 296 11.83 8.05 -8.03
N GLY F 297 13.04 7.99 -7.46
CA GLY F 297 13.88 9.16 -7.51
C GLY F 297 15.31 8.92 -7.94
N TYR F 298 15.68 7.66 -8.09
CA TYR F 298 17.10 7.33 -8.26
C TYR F 298 17.56 7.57 -9.69
N GLN F 299 18.87 7.56 -9.86
CA GLN F 299 19.44 7.77 -11.18
C GLN F 299 19.16 6.57 -12.07
N PRO F 300 19.15 6.75 -13.39
CA PRO F 300 19.05 5.58 -14.28
C PRO F 300 20.23 4.63 -14.17
N THR F 301 21.43 5.17 -14.04
CA THR F 301 22.64 4.34 -14.02
C THR F 301 23.02 3.92 -12.61
N LEU F 302 22.06 3.42 -11.83
CA LEU F 302 22.33 3.09 -10.44
C LEU F 302 23.08 1.76 -10.34
N SER F 303 22.63 0.75 -11.08
CA SER F 303 23.27 -0.56 -11.03
C SER F 303 24.71 -0.47 -11.50
N THR F 304 24.95 0.24 -12.59
CA THR F 304 26.31 0.37 -13.10
C THR F 304 27.15 1.29 -12.22
N GLU F 305 26.56 2.35 -11.66
CA GLU F 305 27.31 3.23 -10.78
C GLU F 305 27.73 2.52 -9.52
N MET F 306 26.88 1.62 -9.01
CA MET F 306 27.22 0.83 -7.84
C MET F 306 28.27 -0.23 -8.18
N GLY F 307 28.08 -0.93 -9.30
CA GLY F 307 29.00 -1.99 -9.67
C GLY F 307 30.40 -1.49 -10.00
N SER F 308 30.49 -0.31 -10.61
CA SER F 308 31.81 0.27 -10.86
C SER F 308 32.57 0.46 -9.56
N LEU F 309 31.87 0.81 -8.48
CA LEU F 309 32.49 0.89 -7.17
C LEU F 309 32.84 -0.51 -6.64
N GLN F 310 31.87 -1.41 -6.67
CA GLN F 310 32.00 -2.67 -5.95
C GLN F 310 33.03 -3.60 -6.59
N GLU F 311 32.99 -3.76 -7.90
CA GLU F 311 33.83 -4.77 -8.55
C GLU F 311 35.31 -4.43 -8.50
N ARG F 312 35.68 -3.23 -8.08
CA ARG F 312 37.08 -2.89 -7.86
C ARG F 312 37.57 -3.23 -6.46
N ILE F 313 36.69 -3.73 -5.60
CA ILE F 313 37.02 -3.98 -4.20
C ILE F 313 37.47 -5.42 -3.97
N THR F 314 37.10 -6.34 -4.87
CA THR F 314 37.36 -7.75 -4.69
C THR F 314 38.86 -8.04 -4.62
N SER F 315 39.20 -9.13 -3.93
CA SER F 315 40.59 -9.51 -3.75
C SER F 315 41.16 -10.05 -5.05
N THR F 316 42.49 -9.96 -5.16
CA THR F 316 43.19 -10.39 -6.35
C THR F 316 44.32 -11.33 -5.96
N LYS F 317 45.13 -11.70 -6.95
CA LYS F 317 46.12 -12.74 -6.73
C LYS F 317 47.31 -12.26 -5.93
N GLU F 318 47.46 -10.94 -5.75
CA GLU F 318 48.53 -10.44 -4.91
C GLU F 318 48.05 -10.18 -3.49
N GLY F 319 47.08 -9.29 -3.34
CA GLY F 319 46.60 -8.91 -2.04
C GLY F 319 45.10 -9.10 -1.94
N SER F 320 44.57 -8.85 -0.75
CA SER F 320 43.18 -9.12 -0.44
C SER F 320 42.57 -7.89 0.21
N ILE F 321 41.43 -7.45 -0.29
CA ILE F 321 40.72 -6.30 0.28
C ILE F 321 39.44 -6.81 0.91
N THR F 322 39.43 -6.90 2.24
CA THR F 322 38.27 -7.37 2.98
C THR F 322 37.51 -6.16 3.49
N SER F 323 36.58 -5.65 2.69
CA SER F 323 35.91 -4.39 2.99
C SER F 323 34.63 -4.66 3.76
N ILE F 324 34.35 -3.81 4.74
CA ILE F 324 33.13 -3.93 5.54
C ILE F 324 32.36 -2.63 5.37
N GLN F 325 31.27 -2.69 4.61
CA GLN F 325 30.55 -1.52 4.16
C GLN F 325 29.20 -1.45 4.85
N ALA F 326 29.03 -0.47 5.73
CA ALA F 326 27.71 -0.19 6.24
C ALA F 326 26.83 0.33 5.11
N VAL F 327 25.55 0.01 5.16
CA VAL F 327 24.57 0.48 4.20
C VAL F 327 23.38 1.01 4.98
N TYR F 328 22.95 2.23 4.65
CA TYR F 328 21.79 2.83 5.28
C TYR F 328 20.56 2.45 4.48
N VAL F 329 19.59 1.82 5.12
CA VAL F 329 18.38 1.35 4.46
C VAL F 329 17.31 2.43 4.66
N PRO F 330 16.75 2.99 3.59
CA PRO F 330 15.89 4.16 3.74
C PRO F 330 14.53 3.76 4.26
N ALA F 331 14.03 4.54 5.23
CA ALA F 331 12.73 4.34 5.86
C ALA F 331 12.55 2.90 6.35
N ASP F 332 13.66 2.23 6.68
CA ASP F 332 13.67 0.81 7.07
C ASP F 332 12.99 -0.05 6.00
N ASP F 333 13.26 0.25 4.74
CA ASP F 333 12.67 -0.46 3.61
C ASP F 333 13.76 -1.18 2.85
N LEU F 334 13.80 -2.52 2.96
CA LEU F 334 14.76 -3.29 2.17
C LEU F 334 14.39 -3.34 0.70
N THR F 335 13.20 -2.87 0.34
CA THR F 335 12.77 -2.92 -1.06
C THR F 335 13.36 -1.79 -1.89
N ASP F 336 13.93 -0.76 -1.26
CA ASP F 336 14.39 0.40 -2.00
C ASP F 336 15.57 0.02 -2.89
N PRO F 337 15.72 0.68 -4.05
CA PRO F 337 16.70 0.21 -5.05
C PRO F 337 18.15 0.17 -4.57
N ALA F 338 18.58 1.06 -3.71
CA ALA F 338 19.99 1.03 -3.34
C ALA F 338 20.31 -0.19 -2.46
N PRO F 339 19.50 -0.52 -1.43
CA PRO F 339 19.66 -1.84 -0.81
C PRO F 339 19.46 -2.99 -1.78
N ALA F 340 18.48 -2.84 -2.69
CA ALA F 340 18.15 -3.93 -3.60
C ALA F 340 19.30 -4.25 -4.54
N THR F 341 20.18 -3.27 -4.79
CA THR F 341 21.33 -3.52 -5.67
C THR F 341 22.61 -3.77 -4.88
N THR F 342 22.65 -3.37 -3.60
CA THR F 342 23.84 -3.64 -2.79
C THR F 342 23.84 -5.07 -2.26
N PHE F 343 22.64 -5.57 -1.92
CA PHE F 343 22.49 -6.95 -1.46
C PHE F 343 23.11 -7.94 -2.44
N ALA F 344 23.00 -7.64 -3.75
CA ALA F 344 23.56 -8.53 -4.76
C ALA F 344 25.08 -8.55 -4.68
N HIS F 345 25.71 -7.37 -4.58
CA HIS F 345 27.15 -7.29 -4.70
C HIS F 345 27.86 -7.84 -3.46
N LEU F 346 27.29 -7.63 -2.28
CA LEU F 346 28.00 -8.03 -1.07
C LEU F 346 28.07 -9.54 -0.92
N ASP F 347 29.08 -10.02 -0.19
CA ASP F 347 29.27 -11.45 0.00
C ASP F 347 28.48 -11.95 1.20
N ALA F 348 28.61 -11.27 2.34
CA ALA F 348 27.85 -11.58 3.54
C ALA F 348 27.16 -10.33 4.03
N THR F 349 25.84 -10.41 4.19
CA THR F 349 25.05 -9.28 4.65
C THR F 349 24.66 -9.52 6.09
N THR F 350 24.53 -8.45 6.86
CA THR F 350 24.10 -8.53 8.25
C THR F 350 22.99 -7.50 8.44
N VAL F 351 21.76 -7.98 8.51
CA VAL F 351 20.58 -7.13 8.51
C VAL F 351 20.24 -6.78 9.96
N LEU F 352 20.42 -5.52 10.32
CA LEU F 352 19.97 -5.05 11.62
C LEU F 352 18.48 -4.76 11.59
N SER F 353 17.87 -4.73 12.77
CA SER F 353 16.44 -4.47 12.90
C SER F 353 16.19 -3.40 13.95
N ARG F 354 15.29 -2.48 13.65
CA ARG F 354 14.90 -1.49 14.63
C ARG F 354 14.09 -2.13 15.76
N GLY F 355 13.36 -3.19 15.46
CA GLY F 355 12.57 -3.88 16.45
C GLY F 355 13.41 -4.48 17.55
N LEU F 356 14.41 -5.29 17.17
CA LEU F 356 15.32 -5.86 18.15
C LEU F 356 16.08 -4.75 18.89
N ALA F 357 16.45 -3.69 18.18
CA ALA F 357 17.16 -2.59 18.81
C ALA F 357 16.31 -1.92 19.88
N ALA F 358 15.00 -1.85 19.66
CA ALA F 358 14.11 -1.26 20.65
C ALA F 358 13.86 -2.22 21.81
N LYS F 359 13.76 -3.50 21.50
CA LYS F 359 13.59 -4.48 22.57
C LYS F 359 14.84 -4.69 23.35
N GLY F 360 15.94 -4.10 22.90
CA GLY F 360 17.18 -4.10 23.65
C GLY F 360 18.14 -5.21 23.27
N ILE F 361 17.77 -6.10 22.36
CA ILE F 361 18.65 -7.22 22.04
C ILE F 361 19.73 -6.70 21.11
N TYR F 362 20.87 -6.33 21.70
CA TYR F 362 21.97 -5.70 20.99
C TYR F 362 23.13 -6.67 20.85
N PRO F 363 23.78 -6.75 19.67
CA PRO F 363 23.49 -6.01 18.43
C PRO F 363 22.16 -6.43 17.81
N ALA F 364 21.59 -5.54 17.00
CA ALA F 364 20.22 -5.68 16.54
C ALA F 364 20.13 -6.50 15.26
N VAL F 365 21.09 -7.40 15.06
CA VAL F 365 21.13 -8.27 13.89
C VAL F 365 19.86 -9.12 13.81
N ASP F 366 19.18 -9.06 12.67
CA ASP F 366 18.14 -10.03 12.38
C ASP F 366 18.80 -11.37 12.07
N PRO F 367 18.58 -12.40 12.87
CA PRO F 367 19.33 -13.66 12.69
C PRO F 367 19.00 -14.39 11.40
N LEU F 368 17.71 -14.47 11.07
CA LEU F 368 17.31 -15.22 9.89
C LEU F 368 17.63 -14.46 8.61
N ASP F 369 17.58 -13.13 8.66
CA ASP F 369 17.79 -12.33 7.46
C ASP F 369 19.26 -12.25 7.09
N SER F 370 20.13 -12.12 8.08
CA SER F 370 21.55 -11.96 7.79
C SER F 370 22.13 -13.27 7.31
N THR F 371 22.17 -13.45 6.00
CA THR F 371 22.56 -14.71 5.39
C THR F 371 23.88 -14.54 4.66
N SER F 372 24.89 -15.30 5.09
CA SER F 372 26.18 -15.32 4.44
C SER F 372 26.21 -16.40 3.37
N THR F 373 27.21 -16.30 2.51
CA THR F 373 27.46 -17.34 1.52
C THR F 373 28.52 -18.33 1.99
N MET F 374 29.25 -17.98 3.05
CA MET F 374 30.30 -18.86 3.56
C MET F 374 29.78 -19.88 4.57
N LEU F 375 28.53 -19.77 5.03
CA LEU F 375 27.99 -20.73 5.99
C LEU F 375 27.71 -22.05 5.28
N GLN F 376 28.82 -22.74 4.97
CA GLN F 376 28.82 -24.00 4.26
C GLN F 376 29.81 -24.92 4.94
N PRO F 377 29.45 -26.20 5.12
CA PRO F 377 30.31 -27.10 5.91
C PRO F 377 31.72 -27.20 5.39
N ARG F 378 31.89 -27.29 4.07
CA ARG F 378 33.22 -27.34 3.45
C ARG F 378 34.13 -26.21 3.90
N ILE F 379 33.57 -25.09 4.36
CA ILE F 379 34.33 -23.95 4.82
C ILE F 379 34.41 -23.93 6.34
N VAL F 380 33.29 -24.19 7.02
CA VAL F 380 33.18 -23.84 8.43
C VAL F 380 33.17 -25.03 9.38
N GLY F 381 33.26 -26.26 8.87
CA GLY F 381 33.15 -27.40 9.76
C GLY F 381 31.72 -27.87 9.98
N GLU F 382 31.56 -29.18 10.11
CA GLU F 382 30.22 -29.77 10.15
C GLU F 382 29.49 -29.40 11.45
N GLU F 383 30.23 -29.26 12.55
CA GLU F 383 29.59 -28.90 13.82
C GLU F 383 29.03 -27.48 13.76
N HIS F 384 29.85 -26.54 13.30
CA HIS F 384 29.43 -25.17 13.10
C HIS F 384 28.21 -25.10 12.19
N TYR F 385 28.27 -25.80 11.05
CA TYR F 385 27.17 -25.78 10.11
C TYR F 385 25.89 -26.34 10.74
N GLU F 386 26.01 -27.45 11.48
CA GLU F 386 24.83 -28.12 12.02
C GLU F 386 24.19 -27.29 13.11
N ILE F 387 25.00 -26.70 14.00
CA ILE F 387 24.42 -25.86 15.05
C ILE F 387 23.81 -24.60 14.45
N ALA F 388 24.40 -24.08 13.36
CA ALA F 388 23.81 -22.91 12.71
C ALA F 388 22.46 -23.26 12.09
N GLN F 389 22.35 -24.44 11.48
CA GLN F 389 21.07 -24.85 10.91
C GLN F 389 20.02 -25.06 12.00
N ARG F 390 20.43 -25.59 13.15
CA ARG F 390 19.45 -25.82 14.22
C ARG F 390 18.98 -24.50 14.84
N VAL F 391 19.89 -23.54 15.02
CA VAL F 391 19.48 -22.22 15.52
C VAL F 391 18.53 -21.56 14.53
N LYS F 392 18.85 -21.67 13.22
CA LYS F 392 17.99 -21.07 12.21
C LYS F 392 16.62 -21.73 12.19
N GLU F 393 16.58 -23.05 12.35
CA GLU F 393 15.33 -23.79 12.47
C GLU F 393 14.47 -23.27 13.61
N THR F 394 15.05 -23.22 14.81
CA THR F 394 14.25 -22.87 15.99
C THR F 394 13.79 -21.43 15.93
N LEU F 395 14.65 -20.52 15.46
CA LEU F 395 14.24 -19.13 15.33
C LEU F 395 13.15 -18.98 14.27
N GLN F 396 13.21 -19.79 13.21
CA GLN F 396 12.14 -19.78 12.21
C GLN F 396 10.82 -20.21 12.83
N ARG F 397 10.85 -21.26 13.64
CA ARG F 397 9.61 -21.75 14.24
C ARG F 397 9.01 -20.73 15.19
N TYR F 398 9.86 -20.02 15.93
CA TYR F 398 9.36 -18.96 16.80
C TYR F 398 8.80 -17.79 15.98
N LYS F 399 9.45 -17.46 14.85
CA LYS F 399 8.94 -16.41 13.99
C LYS F 399 7.56 -16.77 13.46
N GLU F 400 7.34 -18.05 13.17
CA GLU F 400 6.02 -18.50 12.75
C GLU F 400 5.00 -18.35 13.88
N LEU F 401 5.33 -18.85 15.07
CA LEU F 401 4.39 -18.81 16.19
C LEU F 401 4.18 -17.41 16.76
N GLN F 402 4.93 -16.42 16.28
CA GLN F 402 4.72 -15.05 16.77
C GLN F 402 3.32 -14.54 16.51
N ASP F 403 2.75 -14.85 15.34
CA ASP F 403 1.42 -14.35 15.01
C ASP F 403 0.38 -14.89 15.98
N ILE F 404 0.50 -16.17 16.33
CA ILE F 404 -0.41 -16.77 17.30
C ILE F 404 -0.20 -16.15 18.67
N ILE F 405 1.05 -16.14 19.17
CA ILE F 405 1.28 -15.71 20.53
C ILE F 405 0.94 -14.25 20.75
N ALA F 406 1.04 -13.40 19.72
CA ALA F 406 0.67 -11.99 19.84
C ALA F 406 -0.74 -11.82 20.41
N ILE F 407 -1.71 -12.56 19.86
CA ILE F 407 -3.08 -12.45 20.31
C ILE F 407 -3.33 -13.34 21.51
N LEU F 408 -2.79 -14.56 21.49
CA LEU F 408 -3.21 -15.55 22.48
C LEU F 408 -2.34 -15.49 23.73
N GLY F 409 -1.03 -15.61 23.57
CA GLY F 409 -0.13 -15.92 24.66
C GLY F 409 0.50 -17.28 24.47
N LEU F 410 1.58 -17.50 25.21
CA LEU F 410 2.30 -18.76 25.14
C LEU F 410 1.52 -19.93 25.75
N ASP F 411 0.47 -19.65 26.52
CA ASP F 411 -0.26 -20.70 27.21
C ASP F 411 -0.97 -21.65 26.26
N GLU F 412 -1.41 -21.17 25.10
CA GLU F 412 -2.23 -21.97 24.20
C GLU F 412 -1.43 -22.88 23.29
N LEU F 413 -0.11 -22.96 23.46
CA LEU F 413 0.69 -23.73 22.52
C LEU F 413 0.87 -25.16 23.02
N SER F 414 1.30 -26.03 22.11
CA SER F 414 1.55 -27.43 22.42
C SER F 414 2.78 -27.55 23.30
N GLU F 415 3.07 -28.77 23.76
CA GLU F 415 4.28 -28.97 24.55
C GLU F 415 5.53 -28.71 23.73
N GLU F 416 5.58 -29.22 22.50
CA GLU F 416 6.75 -28.98 21.65
C GLU F 416 6.81 -27.54 21.18
N ASP F 417 5.66 -26.92 20.93
CA ASP F 417 5.64 -25.52 20.54
C ASP F 417 6.17 -24.64 21.67
N ARG F 418 5.64 -24.79 22.88
CA ARG F 418 6.12 -24.01 24.02
C ARG F 418 7.58 -24.30 24.31
N LEU F 419 8.03 -25.54 24.12
CA LEU F 419 9.44 -25.87 24.23
C LEU F 419 10.27 -25.04 23.25
N THR F 420 9.89 -25.05 21.97
CA THR F 420 10.63 -24.31 20.96
C THR F 420 10.60 -22.81 21.24
N VAL F 421 9.50 -22.32 21.79
CA VAL F 421 9.40 -20.89 22.05
C VAL F 421 10.32 -20.50 23.21
N ALA F 422 10.36 -21.31 24.26
CA ALA F 422 11.27 -21.04 25.38
C ALA F 422 12.73 -21.12 24.92
N ARG F 423 13.05 -22.14 24.12
CA ARG F 423 14.40 -22.25 23.60
C ARG F 423 14.75 -21.07 22.71
N ALA F 424 13.78 -20.58 21.94
CA ALA F 424 14.06 -19.46 21.05
C ALA F 424 14.24 -18.15 21.83
N ARG F 425 13.51 -17.99 22.93
CA ARG F 425 13.76 -16.83 23.79
C ARG F 425 15.17 -16.87 24.33
N LYS F 426 15.57 -18.01 24.90
CA LYS F 426 16.93 -18.14 25.41
C LYS F 426 17.94 -17.91 24.29
N ILE F 427 17.65 -18.37 23.08
CA ILE F 427 18.59 -18.26 21.96
C ILE F 427 18.75 -16.81 21.54
N GLU F 428 17.63 -16.11 21.33
CA GLU F 428 17.68 -14.74 20.84
C GLU F 428 18.21 -13.80 21.90
N ARG F 429 18.19 -14.21 23.17
CA ARG F 429 18.88 -13.42 24.18
C ARG F 429 20.36 -13.79 24.29
N PHE F 430 20.72 -15.04 24.05
CA PHE F 430 22.11 -15.45 24.11
C PHE F 430 22.92 -14.93 22.94
N LEU F 431 22.27 -14.68 21.81
CA LEU F 431 22.90 -14.00 20.67
C LEU F 431 23.44 -12.61 21.03
N SER F 432 22.88 -11.97 22.05
CA SER F 432 23.26 -10.63 22.44
C SER F 432 24.60 -10.66 23.17
N GLN F 433 25.41 -9.63 22.97
CA GLN F 433 26.75 -9.57 23.52
C GLN F 433 27.12 -8.11 23.77
N PRO F 434 27.63 -7.77 24.95
CA PRO F 434 28.04 -6.39 25.19
C PRO F 434 29.35 -6.08 24.48
N PHE F 435 29.42 -4.90 23.90
CA PHE F 435 30.55 -4.49 23.07
C PHE F 435 31.48 -3.57 23.85
N PHE F 436 32.74 -3.54 23.43
CA PHE F 436 33.72 -2.67 24.07
C PHE F 436 33.43 -1.21 23.76
N VAL F 437 32.92 -0.92 22.56
CA VAL F 437 32.66 0.46 22.15
C VAL F 437 31.30 0.95 22.61
N ALA F 438 30.44 0.06 23.09
CA ALA F 438 29.16 0.45 23.67
C ALA F 438 29.20 0.51 25.18
N GLU F 439 30.38 0.29 25.77
CA GLU F 439 30.56 0.32 27.22
C GLU F 439 30.19 1.66 27.84
N VAL F 440 30.16 2.73 27.05
CA VAL F 440 29.76 4.04 27.56
C VAL F 440 28.24 4.17 27.68
N PHE F 441 27.48 3.39 26.92
CA PHE F 441 26.01 3.41 26.99
C PHE F 441 25.47 2.31 27.88
N THR F 442 26.11 1.14 27.88
CA THR F 442 25.60 0.05 28.70
C THR F 442 26.20 0.07 30.09
N GLY F 443 27.42 0.59 30.23
CA GLY F 443 28.14 0.53 31.48
C GLY F 443 28.80 -0.80 31.76
N SER F 444 28.48 -1.84 31.01
CA SER F 444 28.96 -3.19 31.25
C SER F 444 30.15 -3.50 30.37
N PRO F 445 31.20 -4.11 30.91
CA PRO F 445 32.43 -4.33 30.13
C PRO F 445 32.20 -5.31 29.00
N GLY F 446 32.50 -4.86 27.78
CA GLY F 446 32.30 -5.71 26.62
C GLY F 446 33.10 -6.99 26.71
N LYS F 447 32.50 -8.07 26.20
CA LYS F 447 33.12 -9.39 26.22
C LYS F 447 33.52 -9.76 24.80
N TYR F 448 34.67 -10.42 24.67
CA TYR F 448 35.08 -10.99 23.40
C TYR F 448 34.97 -12.51 23.49
N VAL F 449 34.22 -13.11 22.58
CA VAL F 449 33.94 -14.53 22.60
C VAL F 449 33.95 -15.05 21.17
N GLY F 450 34.89 -15.96 20.89
CA GLY F 450 35.09 -16.46 19.56
C GLY F 450 34.25 -17.69 19.27
N LEU F 451 34.70 -18.45 18.28
CA LEU F 451 33.95 -19.58 17.75
C LEU F 451 34.00 -20.80 18.65
N ALA F 452 35.13 -21.06 19.31
CA ALA F 452 35.29 -22.24 20.16
C ALA F 452 34.29 -22.22 21.31
N GLU F 453 33.99 -21.04 21.84
CA GLU F 453 32.96 -20.91 22.86
C GLU F 453 31.58 -20.64 22.28
N THR F 454 31.49 -19.96 21.14
CA THR F 454 30.19 -19.72 20.51
C THR F 454 29.48 -21.03 20.19
N ILE F 455 30.15 -21.91 19.44
CA ILE F 455 29.51 -23.15 19.01
C ILE F 455 29.13 -23.99 20.22
N ARG F 456 30.00 -24.05 21.23
CA ARG F 456 29.72 -24.88 22.40
C ARG F 456 28.53 -24.36 23.17
N GLY F 457 28.50 -23.05 23.45
CA GLY F 457 27.38 -22.45 24.14
C GLY F 457 26.07 -22.70 23.43
N PHE F 458 26.06 -22.54 22.11
CA PHE F 458 24.80 -22.75 21.39
C PHE F 458 24.42 -24.21 21.36
N GLN F 459 25.40 -25.12 21.23
CA GLN F 459 25.15 -26.54 21.38
C GLN F 459 24.41 -26.83 22.67
N LEU F 460 24.87 -26.23 23.76
CA LEU F 460 24.26 -26.46 25.07
C LEU F 460 22.84 -25.92 25.12
N ILE F 461 22.65 -24.69 24.62
CA ILE F 461 21.32 -24.07 24.69
C ILE F 461 20.30 -24.87 23.89
N LEU F 462 20.71 -25.41 22.74
CA LEU F 462 19.79 -26.17 21.93
C LEU F 462 19.70 -27.63 22.35
N SER F 463 20.63 -28.11 23.18
CA SER F 463 20.45 -29.40 23.82
C SER F 463 19.48 -29.33 24.99
N GLY F 464 19.44 -28.22 25.70
CA GLY F 464 18.46 -28.05 26.76
C GLY F 464 18.95 -28.44 28.13
N GLU F 465 20.25 -28.64 28.31
CA GLU F 465 20.80 -28.84 29.64
C GLU F 465 20.61 -27.60 30.50
N LEU F 466 20.67 -26.43 29.89
CA LEU F 466 20.53 -25.16 30.58
C LEU F 466 19.09 -24.69 30.61
N ASP F 467 18.15 -25.62 30.45
CA ASP F 467 16.73 -25.27 30.41
C ASP F 467 16.25 -24.74 31.76
N SER F 468 16.95 -25.10 32.84
CA SER F 468 16.54 -24.65 34.16
C SER F 468 16.85 -23.17 34.36
N LEU F 469 17.74 -22.61 33.54
CA LEU F 469 18.12 -21.22 33.72
C LEU F 469 17.04 -20.29 33.21
N PRO F 470 16.94 -19.07 33.74
CA PRO F 470 15.98 -18.10 33.21
C PRO F 470 16.46 -17.51 31.89
N GLU F 471 15.72 -16.51 31.41
CA GLU F 471 16.12 -15.84 30.18
C GLU F 471 17.21 -14.81 30.44
N GLN F 472 17.04 -13.97 31.47
CA GLN F 472 17.95 -12.87 31.75
C GLN F 472 19.37 -13.32 32.04
N ALA F 473 19.62 -14.61 32.19
CA ALA F 473 20.98 -15.09 32.39
C ALA F 473 21.78 -15.05 31.10
N PHE F 474 21.13 -15.18 29.95
CA PHE F 474 21.82 -15.15 28.67
C PHE F 474 21.87 -13.76 28.06
N TYR F 475 21.14 -12.80 28.62
CA TYR F 475 21.11 -11.45 28.08
C TYR F 475 22.37 -10.70 28.48
N LEU F 476 23.08 -10.17 27.47
CA LEU F 476 24.26 -9.33 27.66
C LEU F 476 25.40 -10.06 28.37
N VAL F 477 25.80 -11.20 27.80
CA VAL F 477 26.97 -11.93 28.27
C VAL F 477 27.72 -12.46 27.06
N GLY F 478 29.01 -12.73 27.24
CA GLY F 478 29.84 -13.22 26.17
C GLY F 478 29.94 -14.73 26.12
N ASN F 479 30.22 -15.34 27.27
CA ASN F 479 30.35 -16.78 27.34
C ASN F 479 29.14 -17.42 27.99
N ILE F 480 28.92 -18.70 27.68
CA ILE F 480 27.89 -19.47 28.37
C ILE F 480 28.24 -19.63 29.84
N ASP F 481 29.53 -19.60 30.18
CA ASP F 481 29.94 -19.65 31.58
C ASP F 481 29.53 -18.37 32.30
N GLU F 482 29.68 -17.22 31.65
CA GLU F 482 29.22 -15.98 32.26
C GLU F 482 27.72 -15.96 32.39
N ALA F 483 27.02 -16.55 31.41
CA ALA F 483 25.57 -16.71 31.53
C ALA F 483 25.20 -17.52 32.76
N THR F 484 25.89 -18.65 32.96
CA THR F 484 25.60 -19.51 34.11
C THR F 484 25.96 -18.82 35.42
N ALA F 485 27.04 -18.03 35.44
CA ALA F 485 27.42 -17.30 36.65
C ALA F 485 26.36 -16.24 36.99
N LYS F 486 25.87 -15.54 35.96
CA LYS F 486 24.78 -14.60 36.18
C LYS F 486 23.53 -15.32 36.67
N ALA F 487 23.31 -16.54 36.21
CA ALA F 487 22.18 -17.33 36.71
C ALA F 487 22.36 -17.67 38.19
N MET F 488 23.58 -18.06 38.56
CA MET F 488 23.88 -18.32 39.97
C MET F 488 23.67 -17.07 40.81
N ASN F 489 23.94 -15.90 40.24
CA ASN F 489 23.65 -14.66 40.95
C ASN F 489 22.14 -14.43 41.07
N LEU F 490 21.39 -14.71 40.01
CA LEU F 490 19.95 -14.58 40.03
C LEU F 490 19.28 -15.59 40.95
N GLU F 491 20.00 -16.63 41.37
CA GLU F 491 19.51 -17.52 42.42
C GLU F 491 20.17 -17.26 43.77
N MET F 492 21.23 -16.47 43.82
CA MET F 492 21.72 -15.93 45.09
C MET F 492 20.82 -14.82 45.60
N GLU F 493 20.25 -14.03 44.68
CA GLU F 493 19.30 -12.98 45.07
C GLU F 493 17.90 -13.59 45.20
N SER F 494 17.87 -14.72 45.92
CA SER F 494 16.70 -15.56 46.21
C SER F 494 15.49 -15.42 45.27
N VAL G 71 14.17 16.43 -42.20
CA VAL G 71 14.51 16.78 -40.83
C VAL G 71 13.40 17.64 -40.24
N ASP G 72 12.89 17.24 -39.07
CA ASP G 72 11.71 17.85 -38.47
C ASP G 72 12.04 19.10 -37.68
N SER G 73 13.26 19.64 -37.79
CA SER G 73 13.62 20.81 -37.02
C SER G 73 12.94 22.05 -37.58
N THR G 74 12.43 22.89 -36.67
CA THR G 74 11.74 24.12 -37.06
C THR G 74 12.55 24.96 -38.04
N ALA G 75 13.87 24.95 -37.92
CA ALA G 75 14.73 25.54 -38.93
C ALA G 75 14.46 24.94 -40.30
N SER G 76 14.48 23.61 -40.39
CA SER G 76 14.25 22.95 -41.66
C SER G 76 12.84 23.19 -42.17
N ARG G 77 11.86 23.26 -41.26
CA ARG G 77 10.49 23.54 -41.63
C ARG G 77 10.36 24.90 -42.31
N TYR G 78 10.84 25.95 -41.63
CA TYR G 78 10.75 27.29 -42.20
C TYR G 78 11.57 27.41 -43.48
N ALA G 79 12.74 26.78 -43.51
CA ALA G 79 13.59 26.86 -44.70
C ALA G 79 12.93 26.21 -45.89
N SER G 80 12.34 25.02 -45.70
CA SER G 80 11.62 24.36 -46.78
C SER G 80 10.40 25.15 -47.22
N ALA G 81 9.72 25.80 -46.28
CA ALA G 81 8.59 26.64 -46.66
C ALA G 81 9.02 27.81 -47.53
N LEU G 82 10.10 28.49 -47.14
CA LEU G 82 10.60 29.61 -47.93
C LEU G 82 11.07 29.14 -49.30
N ALA G 83 11.74 27.99 -49.35
CA ALA G 83 12.22 27.46 -50.61
C ALA G 83 11.07 27.09 -51.53
N ASP G 84 9.98 26.55 -50.97
CA ASP G 84 8.83 26.21 -51.80
C ASP G 84 8.13 27.46 -52.30
N VAL G 85 8.11 28.52 -51.48
CA VAL G 85 7.58 29.80 -51.93
C VAL G 85 8.39 30.31 -53.12
N ALA G 86 9.72 30.35 -52.98
CA ALA G 86 10.55 30.82 -54.08
C ALA G 86 10.41 29.91 -55.30
N ASP G 87 10.19 28.61 -55.08
CA ASP G 87 10.05 27.68 -56.20
C ASP G 87 8.76 27.94 -56.97
N VAL G 88 7.64 28.12 -56.26
CA VAL G 88 6.37 28.33 -56.94
C VAL G 88 6.35 29.70 -57.60
N THR G 89 7.18 30.63 -57.11
CA THR G 89 7.38 31.86 -57.89
C THR G 89 8.26 31.64 -59.12
N GLY G 90 9.30 30.80 -59.02
CA GLY G 90 10.29 30.69 -60.05
C GLY G 90 11.55 31.49 -59.79
N THR G 91 11.64 32.15 -58.63
CA THR G 91 12.72 33.07 -58.30
C THR G 91 13.70 32.43 -57.33
N LEU G 92 14.02 31.16 -57.56
CA LEU G 92 14.82 30.40 -56.61
C LEU G 92 16.22 31.00 -56.45
N GLU G 93 16.88 31.31 -57.56
CA GLU G 93 18.22 31.87 -57.50
C GLU G 93 18.18 33.28 -56.93
N ALA G 94 17.13 34.04 -57.24
CA ALA G 94 16.99 35.39 -56.70
C ALA G 94 16.85 35.37 -55.18
N THR G 95 16.11 34.39 -54.67
CA THR G 95 16.04 34.21 -53.21
C THR G 95 17.35 33.69 -52.65
N ASN G 96 18.02 32.77 -53.36
CA ASN G 96 19.26 32.19 -52.86
C ASN G 96 20.35 33.24 -52.68
N SER G 97 20.43 34.18 -53.62
CA SER G 97 21.36 35.30 -53.47
C SER G 97 21.07 36.06 -52.20
N ASP G 98 19.80 36.44 -52.01
CA ASP G 98 19.40 37.19 -50.83
C ASP G 98 19.67 36.40 -49.55
N VAL G 99 19.65 35.07 -49.63
CA VAL G 99 19.95 34.25 -48.46
C VAL G 99 21.44 34.26 -48.17
N GLU G 100 22.27 34.20 -49.22
CA GLU G 100 23.71 34.39 -49.02
C GLU G 100 23.98 35.73 -48.37
N LYS G 101 23.18 36.74 -48.70
CA LYS G 101 23.36 38.06 -48.12
C LYS G 101 22.89 38.08 -46.67
N LEU G 102 21.76 37.44 -46.37
CA LEU G 102 21.22 37.43 -45.02
C LEU G 102 22.11 36.65 -44.07
N ILE G 103 22.76 35.59 -44.56
CA ILE G 103 23.73 34.87 -43.75
C ILE G 103 24.80 35.80 -43.22
N ARG G 104 25.42 36.56 -44.13
CA ARG G 104 26.52 37.44 -43.72
C ARG G 104 26.01 38.69 -43.02
N ILE G 105 24.70 38.97 -43.13
CA ILE G 105 24.10 39.93 -42.22
C ILE G 105 24.12 39.41 -40.80
N PHE G 106 23.48 38.28 -40.57
CA PHE G 106 23.24 37.77 -39.23
C PHE G 106 24.50 37.19 -38.58
N SER G 107 25.57 37.03 -39.34
CA SER G 107 26.83 36.63 -38.73
C SER G 107 27.35 37.68 -37.75
N GLU G 108 27.10 38.96 -38.01
CA GLU G 108 27.53 40.02 -37.10
C GLU G 108 26.70 40.00 -35.83
N GLU G 109 27.39 39.89 -34.69
CA GLU G 109 26.72 39.57 -33.44
C GLU G 109 25.78 40.64 -32.90
N PRO G 110 26.05 41.95 -33.01
CA PRO G 110 25.03 42.92 -32.58
C PRO G 110 23.74 42.83 -33.38
N VAL G 111 23.82 42.51 -34.68
CA VAL G 111 22.62 42.35 -35.49
C VAL G 111 21.75 41.25 -34.92
N TYR G 112 22.28 40.03 -34.85
CA TYR G 112 21.50 38.89 -34.39
C TYR G 112 21.06 39.08 -32.95
N TYR G 113 21.91 39.68 -32.12
CA TYR G 113 21.54 39.84 -30.72
C TYR G 113 20.38 40.82 -30.57
N PHE G 114 20.48 42.00 -31.19
CA PHE G 114 19.38 42.95 -31.20
C PHE G 114 18.10 42.32 -31.73
N PHE G 115 18.22 41.49 -32.77
CA PHE G 115 17.02 40.94 -33.39
C PHE G 115 16.45 39.77 -32.57
N ALA G 116 17.25 39.20 -31.67
CA ALA G 116 16.81 37.99 -31.00
C ALA G 116 16.39 38.24 -29.55
N ASN G 117 16.96 39.25 -28.90
CA ASN G 117 16.71 39.39 -27.47
C ASN G 117 15.33 39.98 -27.23
N PRO G 118 14.52 39.41 -26.33
CA PRO G 118 13.12 39.83 -26.22
C PRO G 118 12.91 41.16 -25.51
N VAL G 119 13.93 41.72 -24.86
CA VAL G 119 13.76 42.97 -24.12
C VAL G 119 13.62 44.11 -25.10
N ILE G 120 14.02 43.90 -26.34
CA ILE G 120 14.02 44.92 -27.38
C ILE G 120 12.65 44.93 -28.05
N SER G 121 12.08 46.13 -28.22
CA SER G 121 10.70 46.25 -28.65
C SER G 121 10.51 45.71 -30.05
N ILE G 122 9.38 45.02 -30.24
CA ILE G 122 9.08 44.40 -31.53
C ILE G 122 8.95 45.47 -32.61
N ASP G 123 8.52 46.67 -32.23
CA ASP G 123 8.35 47.76 -33.18
C ASP G 123 9.69 48.20 -33.77
N ASN G 124 10.65 48.56 -32.91
CA ASN G 124 11.92 49.04 -33.44
C ASN G 124 12.74 47.90 -34.00
N LYS G 125 12.51 46.67 -33.53
CA LYS G 125 13.02 45.50 -34.23
C LYS G 125 12.58 45.53 -35.70
N ARG G 126 11.28 45.63 -35.94
CA ARG G 126 10.77 45.65 -37.31
C ARG G 126 11.18 46.91 -38.04
N SER G 127 11.44 48.01 -37.32
CA SER G 127 11.82 49.26 -38.00
C SER G 127 13.24 49.17 -38.54
N VAL G 128 14.17 48.72 -37.69
CA VAL G 128 15.52 48.43 -38.15
C VAL G 128 15.47 47.39 -39.27
N LEU G 129 14.54 46.44 -39.17
CA LEU G 129 14.35 45.49 -40.25
C LEU G 129 13.93 46.17 -41.55
N ASP G 130 13.05 47.17 -41.45
CA ASP G 130 12.59 47.89 -42.63
C ASP G 130 13.74 48.65 -43.28
N GLU G 131 14.59 49.27 -42.46
CA GLU G 131 15.74 49.99 -43.00
C GLU G 131 16.73 49.03 -43.64
N ILE G 132 16.89 47.84 -43.07
CA ILE G 132 17.77 46.84 -43.68
C ILE G 132 17.19 46.35 -45.00
N ILE G 133 15.87 46.13 -45.05
CA ILE G 133 15.21 45.79 -46.31
C ILE G 133 15.51 46.84 -47.36
N THR G 134 15.30 48.11 -47.02
CA THR G 134 15.48 49.19 -47.99
C THR G 134 16.92 49.27 -48.47
N THR G 135 17.89 49.24 -47.54
CA THR G 135 19.27 49.46 -47.94
C THR G 135 19.86 48.23 -48.63
N SER G 136 19.72 47.06 -48.04
CA SER G 136 20.29 45.86 -48.63
C SER G 136 19.58 45.48 -49.93
N GLY G 137 18.26 45.42 -49.90
CA GLY G 137 17.51 44.97 -51.06
C GLY G 137 17.23 43.48 -50.95
N LEU G 138 15.97 43.13 -50.73
CA LEU G 138 15.59 41.74 -50.53
C LEU G 138 14.39 41.40 -51.41
N GLN G 139 14.26 40.13 -51.76
CA GLN G 139 13.07 39.64 -52.43
C GLN G 139 11.84 40.00 -51.60
N PRO G 140 10.72 40.31 -52.25
CA PRO G 140 9.51 40.72 -51.52
C PRO G 140 9.07 39.70 -50.49
N HIS G 141 9.02 38.43 -50.89
CA HIS G 141 8.56 37.41 -49.97
C HIS G 141 9.60 37.11 -48.89
N THR G 142 10.89 37.33 -49.18
CA THR G 142 11.90 37.10 -48.15
C THR G 142 11.88 38.20 -47.09
N ALA G 143 11.67 39.45 -47.50
CA ALA G 143 11.43 40.50 -46.52
C ALA G 143 10.17 40.19 -45.71
N ASN G 144 9.12 39.76 -46.40
CA ASN G 144 7.89 39.32 -45.75
C ASN G 144 8.18 38.25 -44.71
N PHE G 145 9.09 37.33 -45.04
CA PHE G 145 9.36 36.18 -44.17
C PHE G 145 10.22 36.56 -42.98
N ILE G 146 11.16 37.48 -43.15
CA ILE G 146 11.94 37.90 -41.98
C ILE G 146 11.04 38.70 -41.04
N ASN G 147 10.07 39.43 -41.59
CA ASN G 147 9.02 40.00 -40.77
C ASN G 147 8.21 38.91 -40.08
N ILE G 148 7.98 37.78 -40.77
CA ILE G 148 7.26 36.66 -40.17
C ILE G 148 8.02 36.08 -38.98
N LEU G 149 9.33 35.93 -39.13
CA LEU G 149 10.16 35.41 -38.04
C LEU G 149 10.11 36.34 -36.83
N ILE G 150 10.29 37.65 -37.07
CA ILE G 150 10.19 38.61 -35.97
C ILE G 150 8.80 38.58 -35.35
N ASP G 151 7.79 38.31 -36.16
CA ASP G 151 6.41 38.25 -35.65
C ASP G 151 6.19 37.03 -34.76
N SER G 152 6.59 35.85 -35.23
CA SER G 152 6.21 34.58 -34.64
C SER G 152 7.25 34.05 -33.65
N GLU G 153 8.36 34.79 -33.48
CA GLU G 153 9.41 34.41 -32.54
C GLU G 153 9.96 33.02 -32.83
N ARG G 154 10.45 32.85 -34.05
CA ARG G 154 11.49 31.87 -34.35
C ARG G 154 12.82 32.55 -34.58
N ILE G 155 12.95 33.80 -34.12
CA ILE G 155 14.09 34.63 -34.47
C ILE G 155 15.35 34.11 -33.80
N ASN G 156 15.23 33.20 -32.84
CA ASN G 156 16.42 32.54 -32.32
C ASN G 156 16.97 31.53 -33.32
N LEU G 157 16.11 31.03 -34.21
CA LEU G 157 16.50 30.05 -35.20
C LEU G 157 16.84 30.67 -36.54
N VAL G 158 17.25 31.94 -36.56
CA VAL G 158 17.51 32.62 -37.84
C VAL G 158 18.72 32.02 -38.53
N LYS G 159 19.83 31.90 -37.80
CA LYS G 159 21.04 31.32 -38.36
C LYS G 159 20.80 29.88 -38.80
N GLU G 160 20.00 29.14 -38.03
CA GLU G 160 19.72 27.76 -38.39
C GLU G 160 18.85 27.67 -39.63
N ILE G 161 17.92 28.61 -39.80
CA ILE G 161 17.09 28.63 -41.00
C ILE G 161 17.93 28.96 -42.22
N LEU G 162 18.84 29.92 -42.07
CA LEU G 162 19.71 30.30 -43.18
C LEU G 162 20.73 29.20 -43.46
N ASN G 163 20.96 28.31 -42.50
CA ASN G 163 21.75 27.11 -42.76
C ASN G 163 20.95 26.07 -43.54
N GLU G 164 19.75 25.73 -43.05
CA GLU G 164 18.97 24.66 -43.64
C GLU G 164 18.42 25.03 -45.02
N PHE G 165 18.36 26.32 -45.34
CA PHE G 165 17.86 26.72 -46.65
C PHE G 165 18.76 26.20 -47.77
N GLU G 166 20.06 26.07 -47.49
CA GLU G 166 20.97 25.54 -48.49
C GLU G 166 20.62 24.11 -48.85
N ASP G 167 20.36 23.28 -47.84
CA ASP G 167 20.04 21.88 -48.10
C ASP G 167 18.68 21.73 -48.76
N VAL G 168 17.69 22.51 -48.34
CA VAL G 168 16.39 22.39 -48.98
C VAL G 168 16.44 22.89 -50.42
N PHE G 169 17.29 23.88 -50.70
CA PHE G 169 17.48 24.34 -52.07
C PHE G 169 18.17 23.26 -52.91
N ASN G 170 19.19 22.63 -52.33
CA ASN G 170 19.89 21.56 -53.04
C ASN G 170 18.95 20.40 -53.35
N LYS G 171 18.01 20.11 -52.45
CA LYS G 171 17.12 18.97 -52.65
C LYS G 171 15.95 19.33 -53.55
N ILE G 172 15.66 20.63 -53.68
CA ILE G 172 14.71 21.06 -54.71
C ILE G 172 15.35 20.99 -56.09
N THR G 173 16.64 21.37 -56.18
CA THR G 173 17.27 21.53 -57.47
C THR G 173 17.95 20.27 -58.00
N GLY G 174 18.33 19.33 -57.14
CA GLY G 174 19.15 18.23 -57.57
C GLY G 174 20.63 18.56 -57.68
N THR G 175 21.05 19.71 -57.17
CA THR G 175 22.46 20.12 -57.19
C THR G 175 23.09 19.61 -55.90
N GLU G 176 23.46 18.34 -55.90
CA GLU G 176 24.03 17.72 -54.72
C GLU G 176 25.49 18.11 -54.56
N VAL G 177 25.86 18.54 -53.36
CA VAL G 177 27.20 19.00 -53.04
C VAL G 177 28.01 17.83 -52.51
N ALA G 178 29.11 17.51 -53.19
CA ALA G 178 30.00 16.43 -52.77
C ALA G 178 31.37 17.01 -52.45
N VAL G 179 31.91 16.67 -51.29
CA VAL G 179 33.12 17.28 -50.77
C VAL G 179 34.30 16.35 -51.01
N VAL G 180 35.26 16.80 -51.81
CA VAL G 180 36.48 16.05 -52.07
C VAL G 180 37.60 16.68 -51.24
N THR G 181 38.38 15.83 -50.56
CA THR G 181 39.56 16.27 -49.84
C THR G 181 40.72 15.34 -50.19
N SER G 182 41.74 15.90 -50.80
CA SER G 182 42.99 15.20 -51.10
C SER G 182 44.12 15.83 -50.30
N VAL G 183 45.34 15.35 -50.57
CA VAL G 183 46.51 15.94 -49.94
C VAL G 183 46.77 17.34 -50.49
N VAL G 184 46.38 17.57 -51.74
CA VAL G 184 46.60 18.85 -52.42
C VAL G 184 45.37 19.18 -53.25
N LYS G 185 45.45 20.30 -53.96
CA LYS G 185 44.41 20.65 -54.93
C LYS G 185 44.57 19.82 -56.20
N LEU G 186 43.44 19.60 -56.88
CA LEU G 186 43.40 18.80 -58.09
C LEU G 186 42.88 19.62 -59.26
N GLU G 187 43.03 19.05 -60.46
CA GLU G 187 42.70 19.76 -61.68
C GLU G 187 41.24 19.56 -62.06
N ASN G 188 40.80 20.34 -63.06
CA ASN G 188 39.42 20.26 -63.53
C ASN G 188 39.10 18.93 -64.17
N ASP G 189 40.12 18.22 -64.68
CA ASP G 189 39.89 16.89 -65.25
C ASP G 189 39.44 15.92 -64.16
N HIS G 190 40.17 15.86 -63.06
CA HIS G 190 39.77 15.01 -61.94
C HIS G 190 38.48 15.51 -61.31
N LEU G 191 38.26 16.83 -61.34
CA LEU G 191 37.01 17.37 -60.81
C LEU G 191 35.81 16.89 -61.62
N ALA G 192 35.92 16.91 -62.95
CA ALA G 192 34.85 16.41 -63.80
C ALA G 192 34.71 14.90 -63.68
N GLN G 193 35.83 14.20 -63.46
CA GLN G 193 35.76 12.76 -63.25
C GLN G 193 34.95 12.41 -62.01
N ILE G 194 35.24 13.09 -60.89
CA ILE G 194 34.51 12.79 -59.66
C ILE G 194 33.08 13.31 -59.74
N ALA G 195 32.86 14.36 -60.54
CA ALA G 195 31.50 14.86 -60.74
C ALA G 195 30.67 13.85 -61.50
N LYS G 196 31.24 13.27 -62.55
CA LYS G 196 30.55 12.23 -63.31
C LYS G 196 30.32 11.00 -62.46
N GLY G 197 31.31 10.63 -61.65
CA GLY G 197 31.14 9.50 -60.74
C GLY G 197 30.00 9.71 -59.77
N VAL G 198 29.98 10.87 -59.09
CA VAL G 198 28.91 11.20 -58.16
C VAL G 198 27.57 11.24 -58.86
N GLN G 199 27.49 11.81 -60.07
CA GLN G 199 26.21 11.90 -60.74
C GLN G 199 25.71 10.52 -61.16
N LYS G 200 26.61 9.63 -61.57
CA LYS G 200 26.19 8.29 -61.96
C LYS G 200 25.81 7.43 -60.76
N ILE G 201 26.41 7.65 -59.59
CA ILE G 201 26.12 6.77 -58.47
C ILE G 201 24.96 7.31 -57.64
N THR G 202 24.70 8.62 -57.72
CA THR G 202 23.59 9.19 -56.96
C THR G 202 22.34 9.37 -57.82
N GLY G 203 22.51 9.95 -59.01
CA GLY G 203 21.36 10.33 -59.81
C GLY G 203 20.91 11.75 -59.58
N ALA G 204 21.83 12.64 -59.24
CA ALA G 204 21.52 14.05 -59.04
C ALA G 204 21.67 14.80 -60.35
N LYS G 205 20.73 15.72 -60.59
CA LYS G 205 20.65 16.41 -61.87
C LYS G 205 21.86 17.31 -62.09
N ASN G 206 22.51 17.71 -61.00
CA ASN G 206 23.72 18.52 -61.04
C ASN G 206 24.66 18.01 -59.96
N VAL G 207 25.95 18.33 -60.12
CA VAL G 207 26.96 18.01 -59.13
C VAL G 207 27.88 19.21 -58.96
N ARG G 208 27.87 19.81 -57.78
CA ARG G 208 28.75 20.90 -57.42
C ARG G 208 29.70 20.42 -56.34
N ILE G 209 30.98 20.73 -56.50
CA ILE G 209 32.03 20.10 -55.72
C ILE G 209 32.68 21.15 -54.82
N LYS G 210 32.78 20.82 -53.54
CA LYS G 210 33.55 21.64 -52.62
C LYS G 210 35.01 21.18 -52.61
N THR G 211 35.93 22.13 -52.51
CA THR G 211 37.35 21.85 -52.52
C THR G 211 37.95 22.23 -51.18
N VAL G 212 38.45 21.23 -50.45
CA VAL G 212 39.09 21.42 -49.15
C VAL G 212 40.36 20.56 -49.14
N ILE G 213 41.43 21.12 -48.59
CA ILE G 213 42.72 20.43 -48.51
C ILE G 213 42.78 19.68 -47.19
N ASP G 214 43.46 18.54 -47.19
CA ASP G 214 43.58 17.69 -46.00
C ASP G 214 44.96 17.04 -46.03
N PRO G 215 45.99 17.68 -45.48
CA PRO G 215 47.34 17.08 -45.52
C PRO G 215 47.50 15.89 -44.61
N SER G 216 46.55 15.63 -43.70
CA SER G 216 46.64 14.45 -42.84
C SER G 216 46.60 13.15 -43.63
N LEU G 217 45.99 13.18 -44.82
CA LEU G 217 46.06 12.06 -45.74
C LEU G 217 47.49 11.89 -46.25
N VAL G 218 47.82 10.67 -46.67
CA VAL G 218 49.18 10.44 -47.13
C VAL G 218 49.29 10.75 -48.62
N ALA G 219 48.54 10.01 -49.46
CA ALA G 219 48.51 10.23 -50.91
C ALA G 219 47.23 9.59 -51.43
N GLY G 220 46.22 10.42 -51.69
CA GLY G 220 44.98 9.93 -52.24
C GLY G 220 43.90 10.98 -52.16
N PHE G 221 42.72 10.61 -52.65
CA PHE G 221 41.58 11.50 -52.70
C PHE G 221 40.44 10.89 -51.90
N THR G 222 39.67 11.75 -51.23
CA THR G 222 38.56 11.34 -50.38
C THR G 222 37.34 12.18 -50.72
N ILE G 223 36.26 11.54 -51.17
CA ILE G 223 35.04 12.22 -51.54
C ILE G 223 33.90 11.74 -50.63
N ARG G 224 33.09 12.67 -50.16
CA ARG G 224 31.86 12.39 -49.44
C ARG G 224 30.69 12.88 -50.28
N TYR G 225 29.48 12.37 -50.00
CA TYR G 225 28.29 12.85 -50.68
C TYR G 225 27.08 12.48 -49.83
N GLY G 226 25.87 12.57 -50.38
CA GLY G 226 24.66 12.24 -49.65
C GLY G 226 23.87 13.48 -49.31
N ASN G 227 22.64 13.32 -48.81
CA ASN G 227 21.86 14.49 -48.39
C ASN G 227 22.58 15.23 -47.26
N GLU G 228 23.07 14.48 -46.28
CA GLU G 228 24.15 14.95 -45.43
C GLU G 228 25.41 14.24 -45.91
N GLY G 229 26.59 14.63 -45.43
CA GLY G 229 27.82 14.04 -45.92
C GLY G 229 28.05 12.62 -45.42
N SER G 230 26.97 11.86 -45.24
CA SER G 230 27.05 10.56 -44.62
C SER G 230 27.92 9.60 -45.42
N LYS G 231 27.51 9.28 -46.65
CA LYS G 231 28.23 8.30 -47.45
C LYS G 231 29.58 8.89 -47.84
N LEU G 232 30.55 8.01 -48.09
CA LEU G 232 31.96 8.41 -48.22
C LEU G 232 32.75 7.23 -48.76
N VAL G 233 33.60 7.49 -49.75
CA VAL G 233 34.68 6.59 -50.11
C VAL G 233 35.99 7.37 -49.92
N ASP G 234 37.03 6.67 -49.49
CA ASP G 234 38.29 7.30 -49.15
C ASP G 234 39.43 6.30 -49.33
N MET G 235 40.54 6.77 -49.90
CA MET G 235 41.74 5.93 -49.98
C MET G 235 43.01 6.79 -49.87
N SER G 236 43.41 7.08 -48.64
CA SER G 236 44.82 7.44 -48.40
C SER G 236 45.41 6.58 -47.30
N VAL G 237 44.79 6.65 -46.12
CA VAL G 237 45.34 6.07 -44.91
C VAL G 237 44.53 4.83 -44.54
N LYS G 238 43.28 4.77 -45.02
CA LYS G 238 42.47 3.57 -44.92
C LYS G 238 43.25 2.33 -45.33
N LYS G 239 44.08 2.47 -46.37
CA LYS G 239 44.93 1.36 -46.79
C LYS G 239 45.89 0.94 -45.69
N GLN G 240 46.56 1.92 -45.07
CA GLN G 240 47.50 1.58 -44.01
C GLN G 240 46.79 0.89 -42.85
N LEU G 241 45.62 1.39 -42.47
CA LEU G 241 44.89 0.80 -41.35
C LEU G 241 44.42 -0.61 -41.66
N GLU G 242 43.85 -0.83 -42.85
CA GLU G 242 43.40 -2.18 -43.20
C GLU G 242 44.56 -3.15 -43.36
N GLU G 243 45.75 -2.70 -43.80
CA GLU G 243 46.85 -3.64 -43.91
C GLU G 243 47.57 -3.88 -42.59
N ILE G 244 47.50 -2.96 -41.62
CA ILE G 244 48.11 -3.25 -40.32
C ILE G 244 47.16 -4.07 -39.47
N ALA G 245 45.85 -3.90 -39.68
CA ALA G 245 44.88 -4.65 -38.89
C ALA G 245 44.85 -6.13 -39.25
N ALA G 246 45.00 -6.47 -40.53
CA ALA G 246 44.97 -7.87 -40.94
C ALA G 246 46.19 -8.63 -40.45
N GLN G 247 47.23 -7.91 -40.02
CA GLN G 247 48.41 -8.52 -39.42
C GLN G 247 48.37 -8.50 -37.90
N LEU G 248 47.84 -7.44 -37.29
CA LEU G 248 47.74 -7.35 -35.84
C LEU G 248 46.41 -7.91 -35.34
N GLU G 249 45.71 -8.65 -36.19
CA GLU G 249 44.49 -9.35 -35.79
C GLU G 249 44.74 -10.30 -34.63
N ASN H 43 -0.49 -6.26 -0.55
CA ASN H 43 -1.52 -5.66 -1.38
C ASN H 43 -2.58 -4.98 -0.53
N LEU H 44 -3.10 -3.84 -1.01
CA LEU H 44 -4.09 -3.10 -0.25
C LEU H 44 -5.32 -3.93 0.06
N ARG H 45 -5.77 -4.74 -0.90
CA ARG H 45 -6.86 -5.67 -0.64
C ARG H 45 -6.48 -6.63 0.48
N GLU H 46 -5.26 -7.17 0.44
CA GLU H 46 -4.85 -8.13 1.46
C GLU H 46 -4.76 -7.47 2.84
N LEU H 47 -4.23 -6.24 2.90
CA LEU H 47 -4.15 -5.56 4.19
C LEU H 47 -5.54 -5.26 4.74
N ARG H 48 -6.44 -4.76 3.90
CA ARG H 48 -7.80 -4.52 4.36
C ARG H 48 -8.47 -5.81 4.81
N ASP H 49 -8.17 -6.92 4.12
CA ASP H 49 -8.75 -8.21 4.51
C ASP H 49 -8.25 -8.66 5.86
N ARG H 50 -6.93 -8.56 6.09
CA ARG H 50 -6.38 -8.98 7.37
C ARG H 50 -6.85 -8.08 8.50
N ILE H 51 -7.09 -6.80 8.20
CA ILE H 51 -7.59 -5.90 9.23
C ILE H 51 -9.04 -6.20 9.55
N GLY H 52 -9.84 -6.51 8.53
CA GLY H 52 -11.20 -6.99 8.79
C GLY H 52 -11.22 -8.30 9.54
N SER H 53 -10.22 -9.16 9.28
CA SER H 53 -10.11 -10.40 10.03
C SER H 53 -9.81 -10.15 11.49
N VAL H 54 -8.87 -9.25 11.78
CA VAL H 54 -8.53 -8.96 13.16
C VAL H 54 -9.71 -8.29 13.87
N LYS H 55 -10.46 -7.46 13.15
CA LYS H 55 -11.65 -6.86 13.75
C LYS H 55 -12.71 -7.90 14.04
N ASN H 56 -12.87 -8.88 13.14
CA ASN H 56 -13.80 -9.98 13.40
C ASN H 56 -13.36 -10.75 14.63
N THR H 57 -12.06 -10.99 14.77
CA THR H 57 -11.54 -11.68 15.95
C THR H 57 -11.79 -10.88 17.21
N GLN H 58 -11.61 -9.56 17.14
CA GLN H 58 -11.85 -8.71 18.31
C GLN H 58 -13.30 -8.81 18.74
N LYS H 59 -14.24 -8.75 17.78
CA LYS H 59 -15.64 -8.86 18.13
C LYS H 59 -15.97 -10.23 18.71
N ILE H 60 -15.47 -11.31 18.09
CA ILE H 60 -15.73 -12.66 18.56
C ILE H 60 -15.27 -12.83 19.99
N THR H 61 -14.04 -12.40 20.28
CA THR H 61 -13.47 -12.60 21.61
C THR H 61 -14.12 -11.67 22.64
N GLU H 62 -14.40 -10.42 22.25
CA GLU H 62 -15.08 -9.51 23.15
C GLU H 62 -16.45 -10.04 23.55
N ALA H 63 -17.16 -10.69 22.62
CA ALA H 63 -18.44 -11.29 22.97
C ALA H 63 -18.24 -12.53 23.83
N MET H 64 -17.20 -13.31 23.56
CA MET H 64 -16.91 -14.47 24.38
C MET H 64 -16.64 -14.07 25.82
N LYS H 65 -16.05 -12.89 26.03
CA LYS H 65 -15.80 -12.40 27.38
C LYS H 65 -17.10 -12.22 28.15
N LEU H 66 -18.10 -11.60 27.54
CA LEU H 66 -19.38 -11.42 28.20
C LEU H 66 -20.08 -12.75 28.42
N VAL H 67 -19.95 -13.67 27.45
CA VAL H 67 -20.53 -15.00 27.62
C VAL H 67 -19.93 -15.71 28.82
N ALA H 68 -18.61 -15.62 28.96
CA ALA H 68 -17.96 -16.26 30.11
C ALA H 68 -18.37 -15.60 31.42
N ALA H 69 -18.58 -14.29 31.40
CA ALA H 69 -19.06 -13.61 32.61
C ALA H 69 -20.46 -14.10 32.99
N ALA H 70 -21.33 -14.28 32.00
CA ALA H 70 -22.67 -14.78 32.29
C ALA H 70 -22.61 -16.21 32.82
N LYS H 71 -21.69 -17.02 32.31
CA LYS H 71 -21.54 -18.38 32.81
C LYS H 71 -21.03 -18.38 34.25
N VAL H 72 -20.13 -17.44 34.57
CA VAL H 72 -19.68 -17.29 35.95
C VAL H 72 -20.85 -16.93 36.85
N ARG H 73 -21.72 -16.04 36.37
CA ARG H 73 -22.87 -15.63 37.16
C ARG H 73 -23.82 -16.80 37.40
N ARG H 74 -24.04 -17.63 36.37
CA ARG H 74 -24.91 -18.78 36.56
C ARG H 74 -24.28 -19.81 37.49
N ALA H 75 -22.95 -19.97 37.44
CA ALA H 75 -22.29 -20.88 38.36
C ALA H 75 -22.45 -20.42 39.81
N GLN H 76 -22.19 -19.14 40.06
CA GLN H 76 -22.49 -18.53 41.34
C GLN H 76 -23.92 -18.77 41.79
N GLU H 77 -24.90 -18.51 40.92
CA GLU H 77 -26.30 -18.76 41.26
C GLU H 77 -26.61 -20.24 41.47
N ALA H 78 -25.78 -21.14 40.95
CA ALA H 78 -25.99 -22.56 41.22
C ALA H 78 -25.45 -22.97 42.57
N VAL H 79 -24.30 -22.42 42.98
CA VAL H 79 -23.68 -22.88 44.22
C VAL H 79 -24.46 -22.39 45.43
N VAL H 80 -25.03 -21.19 45.36
CA VAL H 80 -25.85 -20.69 46.46
C VAL H 80 -27.10 -21.54 46.62
N ASN H 81 -27.59 -22.13 45.52
CA ASN H 81 -28.74 -23.01 45.62
C ASN H 81 -28.34 -24.41 46.07
N GLY H 82 -27.10 -24.80 45.79
CA GLY H 82 -26.59 -26.07 46.29
C GLY H 82 -26.16 -26.04 47.74
N ARG H 83 -26.04 -24.85 48.32
CA ARG H 83 -25.68 -24.75 49.73
C ARG H 83 -26.65 -25.42 50.71
N PRO H 84 -27.99 -25.36 50.54
CA PRO H 84 -28.86 -25.98 51.55
C PRO H 84 -28.60 -27.46 51.79
N PHE H 85 -28.37 -28.26 50.74
CA PHE H 85 -28.11 -29.68 50.90
C PHE H 85 -26.91 -29.91 51.83
N SER H 86 -25.76 -29.36 51.46
CA SER H 86 -24.54 -29.59 52.23
C SER H 86 -24.63 -28.98 53.62
N GLU H 87 -25.28 -27.82 53.75
CA GLU H 87 -25.35 -27.18 55.05
C GLU H 87 -26.26 -27.93 56.01
N THR H 88 -27.45 -28.31 55.55
CA THR H 88 -28.34 -29.11 56.38
C THR H 88 -27.72 -30.46 56.72
N LEU H 89 -26.97 -31.03 55.77
CA LEU H 89 -26.32 -32.30 56.06
C LEU H 89 -25.18 -32.14 57.05
N VAL H 90 -24.50 -30.98 57.05
CA VAL H 90 -23.48 -30.74 58.06
C VAL H 90 -24.14 -30.55 59.43
N GLU H 91 -25.29 -29.87 59.46
CA GLU H 91 -26.09 -29.80 60.68
C GLU H 91 -26.36 -31.20 61.22
N VAL H 92 -26.97 -32.06 60.40
CA VAL H 92 -27.37 -33.38 60.87
C VAL H 92 -26.14 -34.26 61.14
N LEU H 93 -25.02 -33.97 60.49
CA LEU H 93 -23.86 -34.84 60.59
C LEU H 93 -23.02 -34.51 61.82
N TYR H 94 -23.00 -33.24 62.23
CA TYR H 94 -22.38 -32.92 63.51
C TYR H 94 -23.36 -33.08 64.66
N ASN H 95 -24.66 -33.16 64.37
CA ASN H 95 -25.59 -33.70 65.35
C ASN H 95 -25.22 -35.14 65.70
N MET H 96 -24.66 -35.87 64.72
CA MET H 96 -24.36 -37.28 64.91
C MET H 96 -23.20 -37.50 65.87
N ASN H 97 -22.13 -36.70 65.74
CA ASN H 97 -21.01 -36.86 66.65
C ASN H 97 -21.24 -36.18 67.98
N GLU H 98 -22.37 -35.51 68.16
CA GLU H 98 -22.82 -35.04 69.46
C GLU H 98 -23.74 -36.02 70.15
N GLN H 99 -24.56 -36.73 69.37
CA GLN H 99 -25.51 -37.69 69.91
C GLN H 99 -24.88 -39.05 70.17
N LEU H 100 -24.09 -39.58 69.24
CA LEU H 100 -23.45 -40.87 69.46
C LEU H 100 -22.16 -40.72 70.23
N GLN H 101 -21.76 -39.48 70.53
CA GLN H 101 -20.55 -39.13 71.28
C GLN H 101 -19.30 -39.74 70.66
N THR H 102 -19.32 -40.10 69.38
CA THR H 102 -18.20 -40.47 68.50
C THR H 102 -17.70 -41.89 68.80
N GLU H 103 -18.19 -42.57 69.83
CA GLU H 103 -17.70 -43.93 70.10
C GLU H 103 -18.58 -45.03 69.52
N ASP H 104 -19.68 -44.68 68.83
CA ASP H 104 -20.53 -45.68 68.21
C ASP H 104 -20.36 -45.75 66.70
N VAL H 105 -19.14 -45.66 66.20
CA VAL H 105 -18.89 -45.64 64.75
C VAL H 105 -18.02 -46.85 64.39
N ASP H 106 -18.42 -47.54 63.31
CA ASP H 106 -17.61 -48.56 62.63
C ASP H 106 -17.94 -48.44 61.14
N VAL H 107 -17.15 -47.65 60.44
CA VAL H 107 -17.56 -47.02 59.20
C VAL H 107 -16.74 -47.59 58.04
N PRO H 108 -17.36 -47.99 56.93
CA PRO H 108 -16.57 -48.30 55.73
C PRO H 108 -15.83 -47.09 55.18
N LEU H 109 -16.49 -45.94 55.09
CA LEU H 109 -15.92 -44.75 54.48
C LEU H 109 -15.16 -43.87 55.45
N THR H 110 -14.70 -44.44 56.57
CA THR H 110 -13.83 -43.73 57.51
C THR H 110 -12.65 -44.57 57.96
N LYS H 111 -12.73 -45.90 57.87
CA LYS H 111 -11.63 -46.75 58.30
C LYS H 111 -10.38 -46.48 57.47
N ILE H 112 -9.25 -46.37 58.17
CA ILE H 112 -7.97 -46.08 57.53
C ILE H 112 -7.19 -47.39 57.41
N ARG H 113 -7.21 -47.97 56.22
CA ARG H 113 -6.26 -49.00 55.84
C ARG H 113 -5.07 -48.28 55.23
N THR H 114 -3.87 -48.61 55.70
CA THR H 114 -2.69 -47.82 55.36
C THR H 114 -2.48 -47.76 53.86
N VAL H 115 -2.02 -46.60 53.37
CA VAL H 115 -1.98 -46.33 51.95
C VAL H 115 -1.06 -47.32 51.24
N LYS H 116 -1.63 -48.08 50.32
CA LYS H 116 -0.91 -49.00 49.45
C LYS H 116 -1.17 -48.75 47.98
N LYS H 117 -2.37 -48.31 47.64
CA LYS H 117 -2.71 -47.82 46.31
C LYS H 117 -3.57 -46.58 46.50
N VAL H 118 -3.29 -45.53 45.73
CA VAL H 118 -3.90 -44.23 45.93
C VAL H 118 -4.76 -43.87 44.73
N ALA H 119 -5.82 -43.11 44.98
CA ALA H 119 -6.74 -42.67 43.94
C ALA H 119 -6.77 -41.15 43.91
N LEU H 120 -5.99 -40.55 43.02
CA LEU H 120 -5.91 -39.10 42.90
C LEU H 120 -6.79 -38.68 41.73
N MET H 121 -7.76 -37.82 42.00
CA MET H 121 -8.79 -37.47 41.03
C MET H 121 -8.44 -36.12 40.38
N VAL H 122 -8.26 -36.14 39.07
CA VAL H 122 -7.88 -34.95 38.31
C VAL H 122 -9.13 -34.35 37.67
N VAL H 123 -9.52 -33.18 38.15
CA VAL H 123 -10.68 -32.46 37.64
C VAL H 123 -10.16 -31.39 36.68
N THR H 124 -10.46 -31.55 35.40
CA THR H 124 -9.95 -30.66 34.36
C THR H 124 -11.11 -30.11 33.55
N GLY H 125 -11.03 -28.84 33.18
CA GLY H 125 -12.09 -28.25 32.37
C GLY H 125 -12.14 -28.85 30.99
N ASP H 126 -13.35 -28.92 30.43
CA ASP H 126 -13.53 -29.56 29.13
C ASP H 126 -13.04 -28.67 28.00
N ARG H 127 -13.33 -27.37 28.07
CA ARG H 127 -13.10 -26.47 26.96
C ARG H 127 -11.63 -26.11 26.84
N GLY H 128 -11.35 -25.13 25.97
CA GLY H 128 -10.01 -24.61 25.80
C GLY H 128 -9.97 -23.10 25.80
N LEU H 129 -8.80 -22.54 25.47
CA LEU H 129 -8.58 -21.09 25.42
C LEU H 129 -8.87 -20.45 26.77
N CYS H 130 -8.67 -21.22 27.84
CA CYS H 130 -8.97 -20.81 29.20
C CYS H 130 -7.69 -20.51 29.94
N GLY H 131 -6.77 -19.84 29.25
CA GLY H 131 -5.53 -19.44 29.87
C GLY H 131 -4.62 -20.62 30.06
N GLY H 132 -4.26 -20.88 31.30
CA GLY H 132 -3.48 -22.05 31.62
C GLY H 132 -4.11 -22.83 32.75
N PHE H 133 -5.44 -22.73 32.88
CA PHE H 133 -6.13 -23.40 33.97
C PHE H 133 -5.94 -24.91 33.89
N ASN H 134 -5.96 -25.47 32.69
CA ASN H 134 -5.74 -26.90 32.54
C ASN H 134 -4.31 -27.26 32.86
N ASN H 135 -3.35 -26.55 32.24
CA ASN H 135 -1.93 -26.89 32.36
C ASN H 135 -1.43 -26.76 33.78
N MET H 136 -1.93 -25.78 34.53
CA MET H 136 -1.54 -25.62 35.93
C MET H 136 -1.82 -26.87 36.74
N LEU H 137 -3.00 -27.46 36.61
CA LEU H 137 -3.28 -28.66 37.38
C LEU H 137 -2.70 -29.91 36.71
N LEU H 138 -2.51 -29.89 35.40
CA LEU H 138 -1.81 -30.99 34.76
C LEU H 138 -0.31 -30.91 34.94
N LYS H 139 0.18 -29.92 35.67
CA LYS H 139 1.55 -29.92 36.17
C LYS H 139 1.58 -30.18 37.68
N LYS H 140 0.57 -29.66 38.39
CA LYS H 140 0.41 -29.99 39.80
C LYS H 140 0.27 -31.50 40.01
N ALA H 141 -0.47 -32.17 39.12
CA ALA H 141 -0.61 -33.61 39.23
C ALA H 141 0.70 -34.32 38.97
N GLU H 142 1.51 -33.81 38.03
CA GLU H 142 2.83 -34.40 37.80
C GLU H 142 3.71 -34.28 39.03
N SER H 143 3.72 -33.10 39.67
CA SER H 143 4.53 -32.92 40.87
C SER H 143 4.03 -33.82 41.99
N ARG H 144 2.72 -33.82 42.24
CA ARG H 144 2.16 -34.61 43.32
C ARG H 144 2.41 -36.09 43.12
N ILE H 145 2.34 -36.57 41.87
CA ILE H 145 2.59 -37.97 41.59
C ILE H 145 4.07 -38.29 41.71
N ALA H 146 4.94 -37.38 41.28
CA ALA H 146 6.36 -37.59 41.47
C ALA H 146 6.75 -37.60 42.95
N GLU H 147 5.96 -36.95 43.82
CA GLU H 147 6.19 -37.09 45.26
C GLU H 147 5.70 -38.43 45.77
N LEU H 148 4.39 -38.69 45.64
CA LEU H 148 3.83 -39.89 46.24
C LEU H 148 4.05 -41.16 45.42
N LYS H 149 4.87 -41.10 44.36
CA LYS H 149 5.05 -42.28 43.52
C LYS H 149 5.95 -43.29 44.20
N LYS H 150 6.76 -42.85 45.16
CA LYS H 150 7.56 -43.79 45.92
C LYS H 150 6.81 -44.29 47.15
N LEU H 151 5.81 -43.55 47.61
CA LEU H 151 5.02 -43.98 48.75
C LEU H 151 3.90 -44.91 48.31
N GLY H 152 2.96 -44.40 47.53
CA GLY H 152 1.90 -45.12 46.89
C GLY H 152 2.28 -45.73 45.55
N VAL H 153 2.98 -46.86 45.57
CA VAL H 153 3.62 -47.48 44.41
C VAL H 153 2.73 -47.48 43.17
N ASP H 154 1.45 -47.80 43.35
CA ASP H 154 0.50 -47.65 42.26
C ASP H 154 -0.40 -46.45 42.52
N TYR H 155 -0.39 -45.50 41.58
CA TYR H 155 -1.18 -44.27 41.66
C TYR H 155 -2.30 -44.38 40.64
N THR H 156 -3.54 -44.24 41.10
CA THR H 156 -4.69 -44.32 40.21
C THR H 156 -5.21 -42.92 39.93
N ILE H 157 -4.98 -42.43 38.72
CA ILE H 157 -5.52 -41.15 38.29
C ILE H 157 -6.92 -41.37 37.77
N ILE H 158 -7.85 -40.55 38.23
CA ILE H 158 -9.21 -40.51 37.68
C ILE H 158 -9.35 -39.20 36.93
N SER H 159 -9.52 -39.30 35.61
CA SER H 159 -9.52 -38.13 34.74
C SER H 159 -10.96 -37.69 34.54
N ILE H 160 -11.38 -36.66 35.27
CA ILE H 160 -12.67 -36.04 35.09
C ILE H 160 -12.46 -34.82 34.21
N GLY H 161 -13.15 -34.79 33.08
CA GLY H 161 -13.08 -33.66 32.18
C GLY H 161 -12.94 -34.12 30.75
N LYS H 162 -12.32 -33.29 29.94
CA LYS H 162 -11.99 -33.64 28.57
C LYS H 162 -10.53 -33.41 28.24
N LYS H 163 -9.93 -32.33 28.74
CA LYS H 163 -8.53 -32.08 28.48
C LYS H 163 -7.65 -33.12 29.17
N GLY H 164 -8.05 -33.55 30.37
CA GLY H 164 -7.34 -34.64 31.02
C GLY H 164 -7.47 -35.95 30.26
N ASN H 165 -8.65 -36.20 29.70
CA ASN H 165 -8.85 -37.41 28.90
C ASN H 165 -8.01 -37.40 27.65
N THR H 166 -7.68 -36.22 27.12
CA THR H 166 -6.70 -36.17 26.05
C THR H 166 -5.28 -36.34 26.59
N TYR H 167 -4.98 -35.73 27.73
CA TYR H 167 -3.62 -35.67 28.25
C TYR H 167 -3.12 -37.07 28.67
N PHE H 168 -3.99 -37.86 29.27
CA PHE H 168 -3.54 -39.14 29.81
C PHE H 168 -3.53 -40.23 28.75
N ILE H 169 -4.32 -40.08 27.69
CA ILE H 169 -4.22 -41.01 26.58
C ILE H 169 -3.03 -40.64 25.70
N ARG H 170 -2.66 -39.36 25.66
CA ARG H 170 -1.40 -39.00 25.00
C ARG H 170 -0.21 -39.52 25.79
N ARG H 171 -0.24 -39.39 27.11
CA ARG H 171 0.80 -39.99 27.95
C ARG H 171 0.74 -41.51 27.87
N PRO H 172 1.86 -42.19 28.14
CA PRO H 172 1.86 -43.67 28.08
C PRO H 172 1.09 -44.32 29.21
N GLU H 173 -0.24 -44.15 29.22
CA GLU H 173 -1.16 -44.95 30.01
C GLU H 173 -0.88 -44.93 31.51
N ILE H 174 -1.07 -43.76 32.13
CA ILE H 174 -1.16 -43.66 33.59
C ILE H 174 -2.41 -44.43 34.01
N PRO H 175 -2.40 -45.14 35.15
CA PRO H 175 -3.58 -45.90 35.57
C PRO H 175 -4.82 -45.04 35.69
N VAL H 176 -5.85 -45.39 34.92
CA VAL H 176 -7.07 -44.61 34.82
C VAL H 176 -8.25 -45.58 34.89
N ASP H 177 -9.12 -45.38 35.88
CA ASP H 177 -10.22 -46.33 36.08
C ASP H 177 -11.35 -46.06 35.09
N ARG H 178 -11.96 -44.89 35.15
CA ARG H 178 -13.04 -44.50 34.26
C ARG H 178 -12.79 -43.07 33.80
N TYR H 179 -12.58 -42.90 32.50
CA TYR H 179 -12.50 -41.55 31.94
C TYR H 179 -13.86 -40.89 32.05
N PHE H 180 -13.98 -39.93 32.97
CA PHE H 180 -15.19 -39.15 33.14
C PHE H 180 -15.13 -37.94 32.23
N ASP H 181 -16.08 -37.84 31.31
CA ASP H 181 -16.24 -36.66 30.46
C ASP H 181 -17.68 -36.18 30.49
N GLY H 182 -17.90 -35.00 29.91
CA GLY H 182 -19.17 -34.32 30.06
C GLY H 182 -20.01 -34.10 28.81
N THR H 183 -21.17 -34.77 28.75
CA THR H 183 -22.20 -34.52 27.75
C THR H 183 -23.54 -34.89 28.40
N ASN H 184 -24.18 -33.88 29.00
CA ASN H 184 -25.38 -33.96 29.83
C ASN H 184 -25.07 -34.59 31.18
N LEU H 185 -23.86 -35.10 31.35
CA LEU H 185 -23.32 -35.56 32.63
C LEU H 185 -23.04 -34.45 33.64
N PRO H 186 -22.39 -33.33 33.27
CA PRO H 186 -21.79 -32.46 34.31
C PRO H 186 -22.79 -31.87 35.29
N THR H 187 -24.07 -31.77 34.91
CA THR H 187 -25.07 -31.25 35.85
C THR H 187 -25.22 -32.16 37.06
N ALA H 188 -25.69 -33.38 36.84
CA ALA H 188 -26.00 -34.28 37.94
C ALA H 188 -25.35 -35.64 37.76
N LYS H 189 -25.34 -36.13 36.52
CA LYS H 189 -24.84 -37.47 36.25
C LYS H 189 -23.35 -37.56 36.54
N GLU H 190 -22.62 -36.45 36.34
CA GLU H 190 -21.19 -36.47 36.65
C GLU H 190 -20.95 -36.63 38.14
N ALA H 191 -21.61 -35.80 38.95
CA ALA H 191 -21.50 -35.92 40.41
C ALA H 191 -21.87 -37.33 40.86
N GLN H 192 -23.00 -37.84 40.37
CA GLN H 192 -23.45 -39.17 40.77
C GLN H 192 -22.46 -40.24 40.32
N ALA H 193 -21.87 -40.08 39.15
CA ALA H 193 -20.96 -41.09 38.62
C ALA H 193 -19.64 -41.10 39.37
N ILE H 194 -19.13 -39.92 39.71
CA ILE H 194 -17.97 -39.84 40.59
C ILE H 194 -18.29 -40.52 41.91
N ALA H 195 -19.49 -40.29 42.43
CA ALA H 195 -19.90 -40.90 43.69
C ALA H 195 -19.89 -42.41 43.59
N ASP H 196 -20.43 -42.95 42.50
CA ASP H 196 -20.47 -44.40 42.31
C ASP H 196 -19.06 -44.97 42.20
N ASP H 197 -18.20 -44.31 41.43
CA ASP H 197 -16.85 -44.81 41.23
C ASP H 197 -16.08 -44.83 42.54
N VAL H 198 -16.12 -43.73 43.31
CA VAL H 198 -15.36 -43.70 44.55
C VAL H 198 -15.98 -44.64 45.57
N PHE H 199 -17.30 -44.85 45.50
CA PHE H 199 -17.94 -45.80 46.40
C PHE H 199 -17.44 -47.21 46.15
N SER H 200 -17.50 -47.65 44.89
CA SER H 200 -17.05 -49.01 44.56
C SER H 200 -15.55 -49.15 44.84
N LEU H 201 -14.79 -48.08 44.62
CA LEU H 201 -13.35 -48.15 44.84
C LEU H 201 -13.00 -48.16 46.32
N PHE H 202 -13.83 -47.55 47.16
CA PHE H 202 -13.54 -47.48 48.58
C PHE H 202 -14.11 -48.66 49.37
N VAL H 203 -15.17 -49.30 48.89
CA VAL H 203 -15.76 -50.39 49.67
C VAL H 203 -14.82 -51.58 49.73
N SER H 204 -14.22 -51.96 48.61
CA SER H 204 -13.12 -52.92 48.59
C SER H 204 -11.83 -52.16 48.84
N GLU H 205 -11.37 -52.15 50.09
CA GLU H 205 -10.45 -51.12 50.55
C GLU H 205 -9.04 -51.41 50.05
N GLU H 206 -8.78 -51.03 48.81
CA GLU H 206 -7.44 -51.02 48.25
C GLU H 206 -6.99 -49.61 47.91
N VAL H 207 -7.79 -48.85 47.17
CA VAL H 207 -7.45 -47.46 46.92
C VAL H 207 -8.01 -46.59 48.03
N ASP H 208 -7.30 -46.56 49.16
CA ASP H 208 -7.60 -45.63 50.23
C ASP H 208 -6.90 -44.31 49.95
N LYS H 209 -7.10 -43.33 50.84
CA LYS H 209 -6.54 -41.99 50.69
C LYS H 209 -6.92 -41.42 49.32
N VAL H 210 -8.21 -41.28 49.09
CA VAL H 210 -8.66 -40.67 47.84
C VAL H 210 -8.58 -39.16 47.99
N GLU H 211 -7.92 -38.52 47.04
CA GLU H 211 -7.69 -37.09 47.08
C GLU H 211 -7.98 -36.51 45.70
N MET H 212 -8.82 -35.48 45.65
CA MET H 212 -9.24 -34.90 44.39
C MET H 212 -8.57 -33.55 44.20
N LEU H 213 -8.33 -33.21 42.94
CA LEU H 213 -7.56 -32.02 42.57
C LEU H 213 -8.46 -31.05 41.83
N TYR H 214 -8.67 -29.87 42.40
CA TYR H 214 -9.51 -28.86 41.78
C TYR H 214 -8.98 -27.47 42.13
N THR H 215 -9.62 -26.46 41.56
CA THR H 215 -9.16 -25.08 41.62
C THR H 215 -10.26 -24.21 42.25
N LYS H 216 -10.26 -24.10 43.57
CA LYS H 216 -11.25 -23.25 44.24
C LYS H 216 -11.02 -21.80 43.84
N PHE H 217 -11.97 -21.22 43.13
CA PHE H 217 -11.78 -19.89 42.54
C PHE H 217 -11.86 -18.83 43.63
N VAL H 218 -10.79 -18.78 44.43
CA VAL H 218 -10.68 -17.77 45.47
C VAL H 218 -10.72 -16.37 44.88
N SER H 219 -9.87 -16.10 43.90
CA SER H 219 -9.87 -14.83 43.18
C SER H 219 -10.13 -15.10 41.70
N LEU H 220 -10.68 -14.10 41.03
CA LEU H 220 -10.99 -14.26 39.61
C LEU H 220 -9.71 -14.29 38.77
N VAL H 221 -8.69 -13.53 39.18
CA VAL H 221 -7.47 -13.45 38.39
C VAL H 221 -6.59 -14.67 38.63
N LYS H 222 -6.43 -15.08 39.88
CA LYS H 222 -5.51 -16.15 40.25
C LYS H 222 -6.27 -17.26 40.95
N SER H 223 -5.91 -18.50 40.64
CA SER H 223 -6.40 -19.67 41.35
C SER H 223 -5.46 -20.83 41.05
N ASP H 224 -5.17 -21.62 42.08
CA ASP H 224 -4.19 -22.68 42.01
C ASP H 224 -4.83 -24.00 42.42
N PRO H 225 -4.36 -25.11 41.86
CA PRO H 225 -5.07 -26.39 42.05
C PRO H 225 -4.78 -27.00 43.42
N VAL H 226 -5.83 -27.09 44.23
CA VAL H 226 -5.71 -27.57 45.61
C VAL H 226 -5.88 -29.07 45.63
N ILE H 227 -5.46 -29.69 46.73
CA ILE H 227 -5.63 -31.12 46.94
C ILE H 227 -6.37 -31.33 48.25
N HIS H 228 -7.61 -31.80 48.18
CA HIS H 228 -8.43 -32.02 49.36
C HIS H 228 -8.76 -33.50 49.47
N THR H 229 -8.41 -34.09 50.60
CA THR H 229 -8.63 -35.50 50.87
C THR H 229 -10.12 -35.70 51.10
N LEU H 230 -10.81 -36.33 50.15
CA LEU H 230 -12.22 -36.60 50.34
C LEU H 230 -12.44 -37.91 51.08
N LEU H 231 -11.67 -38.94 50.75
CA LEU H 231 -11.75 -40.21 51.45
C LEU H 231 -10.40 -40.54 52.08
N PRO H 232 -10.37 -41.11 53.29
CA PRO H 232 -11.50 -41.54 54.14
C PRO H 232 -12.26 -40.39 54.76
N LEU H 233 -13.58 -40.41 54.63
CA LEU H 233 -14.41 -39.33 55.15
C LEU H 233 -14.28 -39.26 56.67
N SER H 234 -14.02 -38.05 57.17
CA SER H 234 -13.84 -37.85 58.59
C SER H 234 -15.16 -38.02 59.33
N PRO H 235 -15.11 -38.48 60.58
CA PRO H 235 -16.36 -38.62 61.36
C PRO H 235 -17.08 -37.31 61.58
N LYS H 236 -16.33 -36.22 61.75
CA LYS H 236 -16.91 -34.89 61.82
C LYS H 236 -16.74 -34.19 60.48
N GLY H 237 -17.62 -33.23 60.20
CA GLY H 237 -17.67 -32.60 58.90
C GLY H 237 -16.60 -31.56 58.65
N GLU H 238 -15.34 -31.96 58.76
CA GLU H 238 -14.21 -31.11 58.44
C GLU H 238 -13.50 -31.66 57.21
N ILE H 239 -13.36 -30.82 56.18
CA ILE H 239 -12.73 -31.27 54.95
C ILE H 239 -11.26 -31.53 55.21
N CYS H 240 -10.78 -32.66 54.75
CA CYS H 240 -9.44 -33.12 55.07
C CYS H 240 -8.43 -32.50 54.11
N ASP H 241 -7.52 -31.70 54.67
CA ASP H 241 -6.45 -31.06 53.91
C ASP H 241 -5.34 -32.06 53.68
N ILE H 242 -4.15 -31.54 53.34
CA ILE H 242 -2.95 -32.36 53.21
C ILE H 242 -2.79 -33.27 54.42
N ASN H 243 -2.65 -34.57 54.16
CA ASN H 243 -2.57 -35.67 55.13
C ASN H 243 -3.85 -35.84 55.93
N GLY H 244 -4.87 -35.01 55.70
CA GLY H 244 -6.13 -35.11 56.43
C GLY H 244 -6.14 -34.54 57.82
N LYS H 245 -5.11 -33.77 58.20
CA LYS H 245 -4.92 -33.35 59.59
C LYS H 245 -5.44 -31.94 59.87
N CYS H 246 -5.91 -31.22 58.87
CA CYS H 246 -6.32 -29.82 59.04
C CYS H 246 -7.82 -29.68 58.80
N VAL H 247 -8.49 -28.95 59.69
CA VAL H 247 -9.90 -28.65 59.53
C VAL H 247 -10.07 -27.52 58.52
N ASP H 248 -10.87 -27.76 57.49
CA ASP H 248 -11.01 -26.83 56.38
C ASP H 248 -12.39 -26.18 56.33
N ALA H 249 -13.16 -26.23 57.41
CA ALA H 249 -14.48 -25.62 57.40
C ALA H 249 -14.38 -24.10 57.31
N ALA H 250 -13.32 -23.52 57.86
CA ALA H 250 -13.14 -22.07 57.80
C ALA H 250 -12.52 -21.63 56.48
N GLU H 251 -11.62 -22.43 55.93
CA GLU H 251 -10.97 -22.06 54.68
C GLU H 251 -11.91 -22.18 53.50
N ASP H 252 -12.91 -23.05 53.60
CA ASP H 252 -13.91 -23.17 52.54
C ASP H 252 -14.79 -21.94 52.50
N GLU H 253 -14.95 -21.36 51.30
CA GLU H 253 -15.67 -20.11 51.14
C GLU H 253 -16.53 -20.17 49.89
N LEU H 254 -17.51 -19.27 49.83
CA LEU H 254 -18.32 -19.06 48.64
C LEU H 254 -18.10 -17.65 48.13
N PHE H 255 -17.73 -17.54 46.86
CA PHE H 255 -17.30 -16.29 46.26
C PHE H 255 -18.37 -15.81 45.30
N ARG H 256 -18.68 -14.52 45.36
CA ARG H 256 -19.74 -13.94 44.56
C ARG H 256 -19.21 -12.71 43.84
N LEU H 257 -19.92 -12.31 42.79
CA LEU H 257 -19.41 -11.30 41.87
C LEU H 257 -19.88 -9.91 42.27
N THR H 258 -18.96 -8.95 42.17
CA THR H 258 -19.21 -7.54 42.43
C THR H 258 -18.12 -6.76 41.70
N THR H 259 -17.96 -5.49 42.05
CA THR H 259 -16.97 -4.67 41.37
C THR H 259 -16.27 -3.72 42.34
N LYS H 260 -14.99 -4.00 42.62
CA LYS H 260 -14.10 -2.99 43.17
C LYS H 260 -14.07 -1.83 42.18
N GLU H 261 -13.83 -0.62 42.69
CA GLU H 261 -14.12 0.69 42.07
C GLU H 261 -13.83 0.63 40.57
N GLY H 262 -12.68 0.10 40.13
CA GLY H 262 -12.39 0.06 38.70
C GLY H 262 -13.06 -1.09 37.97
N LYS H 263 -12.69 -2.33 38.27
CA LYS H 263 -13.09 -3.48 37.48
C LYS H 263 -13.89 -4.45 38.34
N LEU H 264 -14.71 -5.28 37.69
CA LEU H 264 -15.46 -6.31 38.39
C LEU H 264 -14.48 -7.35 38.96
N THR H 265 -14.77 -7.83 40.16
CA THR H 265 -13.91 -8.80 40.83
C THR H 265 -14.75 -9.60 41.80
N VAL H 266 -14.27 -10.80 42.16
CA VAL H 266 -14.98 -11.64 43.10
C VAL H 266 -14.75 -11.13 44.51
N GLU H 267 -15.68 -11.45 45.40
CA GLU H 267 -15.53 -11.14 46.82
C GLU H 267 -15.81 -12.42 47.62
N ARG H 268 -15.01 -12.67 48.64
CA ARG H 268 -15.22 -13.84 49.47
C ARG H 268 -16.25 -13.55 50.55
N ASP H 269 -17.32 -14.36 50.56
CA ASP H 269 -18.48 -14.14 51.42
C ASP H 269 -18.80 -15.43 52.16
N MET H 270 -18.94 -15.35 53.48
CA MET H 270 -19.30 -16.51 54.29
C MET H 270 -20.14 -16.10 55.49
N ILE H 271 -21.19 -16.89 55.76
CA ILE H 271 -21.92 -16.86 57.02
C ILE H 271 -22.17 -18.31 57.42
N LYS H 272 -21.38 -18.81 58.38
CA LYS H 272 -21.48 -20.21 58.78
C LYS H 272 -21.39 -20.34 60.29
N THR H 273 -22.14 -21.29 60.83
CA THR H 273 -22.18 -21.57 62.26
C THR H 273 -21.98 -23.07 62.46
N GLU H 274 -22.16 -23.50 63.71
CA GLU H 274 -22.11 -24.92 64.07
C GLU H 274 -23.53 -25.42 64.36
N THR H 275 -23.69 -26.75 64.29
CA THR H 275 -25.01 -27.35 64.44
C THR H 275 -25.52 -27.17 65.88
N PRO H 276 -26.83 -27.01 66.06
CA PRO H 276 -27.41 -27.16 67.39
C PRO H 276 -27.70 -28.63 67.69
N ALA H 277 -28.34 -28.89 68.82
CA ALA H 277 -28.65 -30.28 69.18
C ALA H 277 -29.79 -30.84 68.34
N PHE H 278 -30.69 -29.97 67.88
CA PHE H 278 -31.87 -30.35 67.09
C PHE H 278 -32.71 -31.42 67.78
N SER H 279 -32.89 -31.29 69.10
CA SER H 279 -33.71 -32.22 69.89
C SER H 279 -33.19 -33.66 69.76
N PRO H 280 -32.07 -33.99 70.41
CA PRO H 280 -31.51 -35.35 70.30
C PRO H 280 -32.40 -36.47 70.82
N ILE H 281 -33.62 -36.15 71.28
CA ILE H 281 -34.63 -37.18 71.54
C ILE H 281 -35.09 -37.84 70.24
N LEU H 282 -34.63 -37.33 69.10
CA LEU H 282 -34.92 -37.91 67.79
C LEU H 282 -34.66 -39.41 67.75
N GLU H 283 -35.41 -40.11 66.92
CA GLU H 283 -35.45 -41.56 66.92
C GLU H 283 -34.77 -42.09 65.66
N PHE H 284 -33.87 -43.06 65.83
CA PHE H 284 -33.22 -43.70 64.70
C PHE H 284 -33.98 -44.93 64.27
N GLU H 285 -34.29 -45.02 62.98
CA GLU H 285 -35.01 -46.18 62.45
C GLU H 285 -34.15 -47.44 62.47
N GLN H 286 -32.83 -47.30 62.60
CA GLN H 286 -31.94 -48.44 62.70
C GLN H 286 -30.78 -48.07 63.60
N ASP H 287 -29.79 -48.94 63.68
CA ASP H 287 -28.57 -48.62 64.41
C ASP H 287 -27.89 -47.43 63.74
N PRO H 288 -27.51 -46.41 64.51
CA PRO H 288 -26.88 -45.22 63.90
C PRO H 288 -25.60 -45.55 63.15
N ALA H 289 -24.95 -46.67 63.44
CA ALA H 289 -23.82 -47.11 62.62
C ALA H 289 -24.24 -47.29 61.17
N GLN H 290 -25.24 -48.14 60.92
CA GLN H 290 -25.68 -48.36 59.55
C GLN H 290 -26.36 -47.12 58.99
N ILE H 291 -27.01 -46.32 59.85
CA ILE H 291 -27.68 -45.13 59.35
C ILE H 291 -26.67 -44.10 58.85
N LEU H 292 -25.56 -43.92 59.57
CA LEU H 292 -24.52 -43.05 59.06
C LEU H 292 -23.81 -43.67 57.87
N ASP H 293 -23.73 -45.00 57.80
CA ASP H 293 -23.19 -45.65 56.61
C ASP H 293 -24.06 -45.36 55.39
N ALA H 294 -25.36 -45.16 55.61
CA ALA H 294 -26.25 -44.79 54.51
C ALA H 294 -26.24 -43.28 54.29
N LEU H 295 -25.79 -42.52 55.28
CA LEU H 295 -25.76 -41.06 55.13
C LEU H 295 -24.50 -40.58 54.42
N LEU H 296 -23.36 -41.22 54.68
CA LEU H 296 -22.11 -40.73 54.12
C LEU H 296 -22.07 -40.69 52.59
N PRO H 297 -22.79 -41.53 51.83
CA PRO H 297 -22.84 -41.29 50.38
C PRO H 297 -23.45 -39.96 49.99
N LEU H 298 -24.36 -39.42 50.81
CA LEU H 298 -24.93 -38.12 50.50
C LEU H 298 -23.89 -37.01 50.59
N TYR H 299 -23.13 -37.00 51.69
CA TYR H 299 -22.04 -36.04 51.83
C TYR H 299 -20.98 -36.25 50.76
N LEU H 300 -20.64 -37.52 50.48
CA LEU H 300 -19.72 -37.87 49.41
C LEU H 300 -20.18 -37.34 48.06
N ASN H 301 -21.49 -37.32 47.81
CA ASN H 301 -22.01 -36.73 46.59
C ASN H 301 -21.89 -35.21 46.60
N SER H 302 -22.32 -34.59 47.70
CA SER H 302 -22.41 -33.12 47.74
C SER H 302 -21.03 -32.47 47.63
N GLN H 303 -20.03 -33.06 48.30
CA GLN H 303 -18.68 -32.52 48.18
C GLN H 303 -18.19 -32.53 46.74
N ILE H 304 -18.46 -33.61 46.03
CA ILE H 304 -17.99 -33.74 44.65
C ILE H 304 -18.73 -32.77 43.74
N LEU H 305 -20.03 -32.60 43.97
CA LEU H 305 -20.79 -31.64 43.18
C LEU H 305 -20.27 -30.22 43.38
N ARG H 306 -20.01 -29.84 44.64
CA ARG H 306 -19.49 -28.50 44.87
C ARG H 306 -18.08 -28.33 44.34
N ALA H 307 -17.26 -29.38 44.34
CA ALA H 307 -15.96 -29.27 43.70
C ALA H 307 -16.07 -29.09 42.19
N LEU H 308 -17.00 -29.79 41.55
CA LEU H 308 -17.19 -29.62 40.12
C LEU H 308 -17.84 -28.28 39.77
N GLN H 309 -18.50 -27.63 40.72
CA GLN H 309 -18.92 -26.25 40.52
C GLN H 309 -17.78 -25.26 40.74
N GLU H 310 -16.90 -25.55 41.70
CA GLU H 310 -15.76 -24.66 41.95
C GLU H 310 -14.81 -24.66 40.77
N SER H 311 -14.48 -25.84 40.26
CA SER H 311 -13.60 -25.91 39.09
C SER H 311 -14.26 -25.28 37.87
N LEU H 312 -15.58 -25.44 37.75
CA LEU H 312 -16.29 -24.82 36.63
C LEU H 312 -16.18 -23.31 36.69
N ALA H 313 -16.43 -22.72 37.86
CA ALA H 313 -16.32 -21.27 37.99
C ALA H 313 -14.90 -20.79 37.77
N SER H 314 -13.91 -21.56 38.25
CA SER H 314 -12.52 -21.16 38.05
C SER H 314 -12.14 -21.19 36.58
N GLU H 315 -12.57 -22.24 35.86
CA GLU H 315 -12.29 -22.34 34.44
C GLU H 315 -12.97 -21.22 33.65
N LEU H 316 -14.19 -20.87 34.03
CA LEU H 316 -14.88 -19.81 33.29
C LEU H 316 -14.28 -18.45 33.58
N ALA H 317 -13.81 -18.23 34.81
CA ALA H 317 -13.08 -17.00 35.10
C ALA H 317 -11.77 -16.96 34.33
N ALA H 318 -11.11 -18.11 34.18
CA ALA H 318 -9.89 -18.19 33.39
C ALA H 318 -10.14 -17.85 31.93
N ARG H 319 -11.23 -18.38 31.36
CA ARG H 319 -11.56 -18.06 29.98
C ARG H 319 -11.95 -16.59 29.84
N MET H 320 -12.59 -16.03 30.86
CA MET H 320 -12.93 -14.62 30.84
C MET H 320 -11.68 -13.74 30.89
N THR H 321 -10.68 -14.12 31.68
CA THR H 321 -9.41 -13.39 31.68
C THR H 321 -8.68 -13.53 30.36
N ALA H 322 -8.68 -14.74 29.80
CA ALA H 322 -8.05 -14.96 28.50
C ALA H 322 -8.69 -14.10 27.42
N MET H 323 -10.02 -13.98 27.44
CA MET H 323 -10.68 -13.11 26.47
C MET H 323 -10.43 -11.63 26.77
N SER H 324 -10.42 -11.25 28.04
CA SER H 324 -10.21 -9.84 28.39
C SER H 324 -8.80 -9.40 28.03
N ASN H 325 -7.90 -10.35 27.85
CA ASN H 325 -6.55 -9.98 27.41
C ASN H 325 -6.41 -10.11 25.90
N ALA H 326 -7.02 -11.14 25.31
CA ALA H 326 -6.85 -11.41 23.89
C ALA H 326 -7.59 -10.40 23.03
N THR H 327 -8.76 -9.93 23.47
CA THR H 327 -9.48 -8.96 22.67
C THR H 327 -8.74 -7.62 22.65
N ASP H 328 -8.03 -7.29 23.73
CA ASP H 328 -7.28 -6.04 23.73
C ASP H 328 -5.97 -6.18 22.95
N ASN H 329 -5.39 -7.37 22.95
CA ASN H 329 -4.27 -7.61 22.04
C ASN H 329 -4.72 -7.50 20.58
N ALA H 330 -5.91 -8.01 20.25
CA ALA H 330 -6.45 -7.83 18.91
C ALA H 330 -6.76 -6.37 18.62
N ASN H 331 -7.16 -5.61 19.64
CA ASN H 331 -7.33 -4.17 19.49
C ASN H 331 -6.04 -3.48 19.07
N GLU H 332 -4.98 -3.67 19.87
CA GLU H 332 -3.72 -3.01 19.52
C GLU H 332 -3.19 -3.51 18.18
N LEU H 333 -3.47 -4.77 17.84
CA LEU H 333 -3.03 -5.28 16.55
C LEU H 333 -3.77 -4.59 15.40
N LYS H 334 -5.09 -4.47 15.50
CA LYS H 334 -5.82 -3.81 14.43
C LYS H 334 -5.44 -2.35 14.31
N LYS H 335 -5.08 -1.71 15.44
CA LYS H 335 -4.72 -0.31 15.36
C LYS H 335 -3.37 -0.13 14.67
N THR H 336 -2.35 -0.89 15.08
CA THR H 336 -1.05 -0.78 14.43
C THR H 336 -1.11 -1.24 12.99
N LEU H 337 -1.94 -2.23 12.68
CA LEU H 337 -2.07 -2.68 11.30
C LEU H 337 -2.77 -1.64 10.43
N SER H 338 -3.78 -0.96 10.98
CA SER H 338 -4.42 0.10 10.22
C SER H 338 -3.47 1.26 10.00
N ILE H 339 -2.57 1.52 10.95
CA ILE H 339 -1.59 2.59 10.76
C ILE H 339 -0.60 2.22 9.65
N ASN H 340 -0.08 0.99 9.70
CA ASN H 340 0.79 0.52 8.62
C ASN H 340 0.06 0.56 7.29
N TYR H 341 -1.23 0.22 7.28
CA TYR H 341 -2.00 0.23 6.05
C TYR H 341 -2.16 1.64 5.51
N ASN H 342 -2.44 2.60 6.38
CA ASN H 342 -2.55 3.99 5.93
C ASN H 342 -1.25 4.45 5.30
N ARG H 343 -0.11 4.16 5.95
CA ARG H 343 1.17 4.56 5.37
C ARG H 343 1.40 3.88 4.03
N ALA H 344 1.04 2.60 3.93
CA ALA H 344 1.28 1.86 2.70
C ALA H 344 0.39 2.37 1.57
N ARG H 345 -0.87 2.67 1.87
CA ARG H 345 -1.79 3.17 0.85
C ARG H 345 -1.37 4.54 0.36
N GLN H 346 -0.95 5.40 1.30
CA GLN H 346 -0.43 6.72 0.90
C GLN H 346 0.76 6.57 -0.04
N ALA H 347 1.72 5.70 0.33
CA ALA H 347 2.89 5.51 -0.52
C ALA H 347 2.53 4.95 -1.88
N LYS H 348 1.54 4.03 -1.92
CA LYS H 348 1.13 3.46 -3.20
C LYS H 348 0.51 4.50 -4.12
N ILE H 349 -0.39 5.33 -3.58
CA ILE H 349 -1.04 6.35 -4.38
C ILE H 349 -0.01 7.36 -4.88
N THR H 350 0.91 7.76 -4.00
CA THR H 350 1.95 8.69 -4.41
C THR H 350 2.82 8.10 -5.52
N GLY H 351 3.19 6.83 -5.38
CA GLY H 351 4.00 6.20 -6.43
C GLY H 351 3.28 6.11 -7.75
N GLU H 352 1.98 5.81 -7.70
CA GLU H 352 1.22 5.70 -8.94
C GLU H 352 1.08 7.06 -9.62
N ILE H 353 0.83 8.12 -8.84
CA ILE H 353 0.70 9.45 -9.41
C ILE H 353 2.04 9.93 -9.97
N LEU H 354 3.13 9.64 -9.25
CA LEU H 354 4.43 10.08 -9.72
C LEU H 354 4.86 9.32 -10.97
N GLU H 355 4.52 8.04 -11.06
CA GLU H 355 4.85 7.30 -12.28
C GLU H 355 3.97 7.75 -13.43
N ILE H 356 2.76 8.26 -13.14
CA ILE H 356 1.95 8.84 -14.20
C ILE H 356 2.58 10.12 -14.72
N VAL H 357 2.99 11.00 -13.80
CA VAL H 357 3.53 12.30 -14.24
C VAL H 357 4.91 12.15 -14.84
N ALA H 358 5.61 11.04 -14.54
CA ALA H 358 6.88 10.78 -15.20
C ALA H 358 6.70 10.57 -16.70
N GLY H 359 5.63 9.87 -17.10
CA GLY H 359 5.36 9.70 -18.52
C GLY H 359 5.01 11.00 -19.19
N ALA H 360 4.27 11.87 -18.49
CA ALA H 360 3.96 13.19 -19.03
C ALA H 360 5.22 14.04 -19.18
N ASN H 361 6.15 13.92 -18.23
CA ASN H 361 7.44 14.60 -18.35
C ASN H 361 8.25 14.03 -19.50
N ALA H 362 8.04 12.75 -19.81
CA ALA H 362 8.72 12.14 -20.96
C ALA H 362 8.18 12.68 -22.28
N CYS H 363 6.94 13.13 -22.30
CA CYS H 363 6.35 13.66 -23.51
C CYS H 363 6.23 15.18 -23.44
N MET I 1 -47.54 -31.65 64.17
CA MET I 1 -48.86 -31.23 63.68
C MET I 1 -49.03 -31.63 62.22
N THR I 2 -49.32 -30.66 61.37
CA THR I 2 -49.33 -30.88 59.92
C THR I 2 -47.93 -30.58 59.37
N LEU I 3 -47.32 -31.57 58.76
CA LEU I 3 -45.90 -31.49 58.46
C LEU I 3 -45.68 -31.12 56.99
N ASN I 4 -44.50 -30.57 56.71
CA ASN I 4 -44.16 -30.05 55.40
C ASN I 4 -43.14 -30.96 54.71
N LEU I 5 -43.30 -31.08 53.39
CA LEU I 5 -42.43 -31.91 52.56
C LEU I 5 -41.54 -31.01 51.73
N CYS I 6 -40.29 -30.85 52.16
CA CYS I 6 -39.27 -30.17 51.36
C CYS I 6 -38.15 -31.17 51.13
N VAL I 7 -38.32 -32.01 50.13
CA VAL I 7 -37.23 -32.87 49.69
C VAL I 7 -36.31 -32.04 48.84
N LEU I 8 -35.10 -32.52 48.62
CA LEU I 8 -34.10 -31.73 47.93
C LEU I 8 -32.95 -32.61 47.45
N THR I 9 -32.57 -32.38 46.22
CA THR I 9 -31.39 -32.93 45.60
C THR I 9 -30.21 -32.03 45.97
N PRO I 10 -28.96 -32.48 45.73
CA PRO I 10 -27.80 -31.63 46.04
C PRO I 10 -27.86 -30.17 45.60
N ASN I 11 -28.52 -29.84 44.48
CA ASN I 11 -28.40 -28.48 43.96
C ASN I 11 -29.67 -27.65 44.17
N ARG I 12 -30.82 -28.29 44.33
CA ARG I 12 -32.07 -27.55 44.47
C ARG I 12 -33.02 -28.20 45.47
N SER I 13 -34.28 -27.77 45.46
CA SER I 13 -35.33 -28.41 46.24
C SER I 13 -36.30 -29.07 45.26
N ILE I 14 -36.31 -30.40 45.26
CA ILE I 14 -37.08 -31.15 44.24
C ILE I 14 -38.57 -30.90 44.42
N TRP I 15 -39.06 -30.95 45.66
CA TRP I 15 -40.48 -30.93 45.96
C TRP I 15 -40.70 -30.27 47.32
N ASN I 16 -41.31 -29.09 47.31
CA ASN I 16 -41.46 -28.27 48.51
C ASN I 16 -42.92 -28.09 48.94
N SER I 17 -43.71 -29.17 48.96
CA SER I 17 -45.12 -29.05 49.26
C SER I 17 -45.41 -29.38 50.72
N GLU I 18 -46.66 -29.15 51.13
CA GLU I 18 -47.12 -29.47 52.47
C GLU I 18 -48.32 -30.40 52.34
N VAL I 19 -48.05 -31.71 52.32
CA VAL I 19 -49.00 -32.72 51.90
C VAL I 19 -49.39 -33.58 53.10
N LYS I 20 -50.44 -34.38 52.91
CA LYS I 20 -51.07 -35.05 54.04
C LYS I 20 -50.37 -36.36 54.39
N GLU I 21 -50.36 -37.32 53.47
CA GLU I 21 -50.00 -38.70 53.79
C GLU I 21 -48.77 -39.12 52.99
N ILE I 22 -47.71 -39.51 53.68
CA ILE I 22 -46.41 -39.74 53.06
C ILE I 22 -45.88 -41.07 53.57
N ILE I 23 -45.55 -41.97 52.65
CA ILE I 23 -45.13 -43.32 53.00
C ILE I 23 -43.84 -43.58 52.24
N LEU I 24 -42.71 -43.62 52.94
CA LEU I 24 -41.40 -43.83 52.33
C LEU I 24 -40.67 -44.95 53.07
N SER I 25 -39.85 -45.70 52.34
CA SER I 25 -39.13 -46.80 52.94
C SER I 25 -37.90 -46.30 53.70
N THR I 26 -37.09 -47.25 54.19
CA THR I 26 -35.91 -46.94 54.99
C THR I 26 -34.93 -48.11 54.91
N ASN I 27 -33.86 -48.03 55.72
CA ASN I 27 -32.92 -49.15 55.77
C ASN I 27 -33.54 -50.37 56.43
N SER I 28 -34.28 -50.17 57.53
CA SER I 28 -34.85 -51.29 58.26
C SER I 28 -35.94 -51.98 57.45
N GLY I 29 -36.54 -51.27 56.51
CA GLY I 29 -37.63 -51.82 55.74
C GLY I 29 -38.60 -50.76 55.26
N GLN I 30 -39.87 -50.94 55.59
CA GLN I 30 -40.93 -50.02 55.18
C GLN I 30 -41.49 -49.30 56.38
N ILE I 31 -41.73 -47.99 56.22
CA ILE I 31 -42.38 -47.18 57.24
C ILE I 31 -43.33 -46.23 56.53
N GLY I 32 -43.99 -45.38 57.31
CA GLY I 32 -44.85 -44.36 56.75
C GLY I 32 -44.90 -43.15 57.66
N VAL I 33 -45.64 -42.14 57.21
CA VAL I 33 -45.82 -40.91 57.96
C VAL I 33 -47.30 -40.56 57.98
N LEU I 34 -47.81 -40.23 59.16
CA LEU I 34 -49.04 -39.50 59.38
C LEU I 34 -48.62 -38.16 59.97
N PRO I 35 -49.40 -37.08 59.72
CA PRO I 35 -49.09 -35.78 60.34
C PRO I 35 -48.86 -35.86 61.84
N ASN I 36 -47.82 -35.14 62.31
CA ASN I 36 -47.32 -35.16 63.68
C ASN I 36 -46.63 -36.47 64.02
N HIS I 37 -46.06 -37.12 63.01
CA HIS I 37 -45.24 -38.30 63.25
C HIS I 37 -44.04 -37.92 64.10
N ALA I 38 -43.83 -38.67 65.19
CA ALA I 38 -42.92 -38.36 66.30
C ALA I 38 -41.50 -38.02 65.83
N PRO I 39 -40.73 -37.29 66.63
CA PRO I 39 -39.34 -37.00 66.27
C PRO I 39 -38.56 -38.25 65.91
N THR I 40 -37.99 -38.24 64.71
CA THR I 40 -37.38 -39.43 64.11
C THR I 40 -36.27 -38.95 63.18
N ALA I 41 -35.36 -39.90 62.85
CA ALA I 41 -34.26 -39.66 61.91
C ALA I 41 -33.97 -40.98 61.20
N THR I 42 -34.43 -41.09 59.96
CA THR I 42 -34.33 -42.33 59.18
C THR I 42 -33.62 -42.10 57.86
N ALA I 43 -32.63 -42.96 57.58
CA ALA I 43 -31.96 -42.93 56.28
C ALA I 43 -32.73 -43.79 55.29
N VAL I 44 -33.51 -43.14 54.44
CA VAL I 44 -34.35 -43.83 53.46
C VAL I 44 -33.45 -44.56 52.46
N ASP I 45 -33.79 -45.81 52.17
CA ASP I 45 -33.01 -46.58 51.21
C ASP I 45 -33.28 -46.09 49.79
N ILE I 46 -32.76 -46.86 48.83
CA ILE I 46 -33.11 -46.61 47.43
C ILE I 46 -34.50 -47.19 47.23
N GLY I 47 -35.51 -46.39 47.48
CA GLY I 47 -36.87 -46.89 47.58
C GLY I 47 -37.89 -45.81 47.28
N ILE I 48 -38.98 -46.21 46.63
CA ILE I 48 -39.97 -45.27 46.13
C ILE I 48 -40.62 -44.51 47.27
N LEU I 49 -40.98 -43.26 47.02
CA LEU I 49 -41.67 -42.42 47.99
C LEU I 49 -43.04 -42.06 47.40
N ARG I 50 -44.04 -42.87 47.69
CA ARG I 50 -45.42 -42.46 47.45
C ARG I 50 -45.73 -41.31 48.38
N ILE I 51 -46.47 -40.33 47.89
CA ILE I 51 -46.72 -39.08 48.61
C ILE I 51 -48.16 -38.68 48.36
N ARG I 52 -49.00 -38.79 49.40
CA ARG I 52 -50.45 -38.60 49.24
C ARG I 52 -50.88 -37.31 49.92
N LEU I 53 -51.05 -36.26 49.12
CA LEU I 53 -51.91 -35.16 49.49
C LEU I 53 -53.34 -35.68 49.27
N ASN I 54 -54.33 -34.88 49.68
CA ASN I 54 -55.73 -35.28 49.85
C ASN I 54 -56.29 -36.24 48.79
N ASP I 55 -55.99 -36.02 47.50
CA ASP I 55 -56.61 -36.85 46.48
C ASP I 55 -55.62 -37.81 45.81
N GLN I 56 -54.37 -37.39 45.63
CA GLN I 56 -53.43 -38.06 44.75
C GLN I 56 -52.26 -38.59 45.56
N TRP I 57 -51.85 -39.83 45.30
CA TRP I 57 -50.56 -40.36 45.76
C TRP I 57 -49.77 -40.77 44.51
N LEU I 58 -49.00 -39.82 43.98
CA LEU I 58 -48.13 -40.09 42.84
C LEU I 58 -46.73 -40.41 43.32
N THR I 59 -46.22 -41.54 42.87
CA THR I 59 -44.99 -42.13 43.39
C THR I 59 -43.80 -41.29 42.91
N LEU I 60 -43.03 -40.76 43.86
CA LEU I 60 -41.82 -39.99 43.58
C LEU I 60 -40.63 -40.83 44.03
N ALA I 61 -39.88 -41.36 43.07
CA ALA I 61 -38.75 -42.22 43.40
C ALA I 61 -37.58 -41.40 43.94
N LEU I 62 -36.52 -42.11 44.31
CA LEU I 62 -35.32 -41.52 44.88
C LEU I 62 -34.24 -42.59 44.95
N MET I 63 -32.99 -42.14 44.90
CA MET I 63 -31.86 -43.04 44.89
C MET I 63 -31.23 -43.21 46.27
N GLY I 64 -31.96 -42.91 47.33
CA GLY I 64 -31.47 -43.10 48.68
C GLY I 64 -31.20 -41.80 49.41
N GLY I 65 -31.21 -41.83 50.74
CA GLY I 65 -30.90 -40.62 51.46
C GLY I 65 -31.07 -40.65 52.97
N PHE I 66 -31.74 -39.63 53.50
CA PHE I 66 -31.95 -39.45 54.92
C PHE I 66 -33.15 -38.53 55.10
N ALA I 67 -34.06 -38.93 55.99
CA ALA I 67 -35.26 -38.16 56.26
C ALA I 67 -35.31 -37.73 57.71
N ARG I 68 -36.00 -36.63 57.98
CA ARG I 68 -36.26 -36.14 59.33
C ARG I 68 -37.71 -35.68 59.39
N ILE I 69 -38.56 -36.48 60.02
CA ILE I 69 -40.01 -36.31 59.94
C ILE I 69 -40.53 -35.70 61.24
N GLY I 70 -39.70 -34.90 61.89
CA GLY I 70 -40.00 -34.41 63.21
C GLY I 70 -41.04 -33.31 63.28
N ASN I 71 -40.82 -32.34 64.16
CA ASN I 71 -41.82 -31.32 64.44
C ASN I 71 -42.03 -30.42 63.24
N ASN I 72 -43.15 -30.61 62.55
CA ASN I 72 -43.60 -29.75 61.45
C ASN I 72 -42.58 -29.65 60.33
N GLU I 73 -41.88 -30.75 60.04
CA GLU I 73 -40.89 -30.75 58.96
C GLU I 73 -40.57 -32.18 58.57
N ILE I 74 -40.68 -32.48 57.27
CA ILE I 74 -40.29 -33.75 56.68
C ILE I 74 -39.32 -33.45 55.55
N THR I 75 -38.03 -33.45 55.86
CA THR I 75 -37.00 -33.12 54.87
C THR I 75 -36.26 -34.39 54.47
N ILE I 76 -36.23 -34.67 53.18
CA ILE I 76 -35.58 -35.86 52.65
C ILE I 76 -34.42 -35.40 51.77
N LEU I 77 -33.21 -35.51 52.31
CA LEU I 77 -32.00 -35.28 51.55
C LEU I 77 -31.74 -36.52 50.71
N VAL I 78 -31.65 -36.34 49.40
CA VAL I 78 -31.51 -37.44 48.47
C VAL I 78 -30.41 -37.12 47.47
N ASN I 79 -29.55 -38.10 47.20
CA ASN I 79 -28.45 -37.88 46.26
C ASN I 79 -28.96 -37.60 44.86
N ASP I 80 -30.05 -38.27 44.47
CA ASP I 80 -30.72 -38.01 43.21
C ASP I 80 -32.10 -38.64 43.26
N ALA I 81 -33.11 -37.89 42.83
CA ALA I 81 -34.48 -38.40 42.80
C ALA I 81 -35.14 -37.99 41.50
N GLU I 82 -36.07 -38.83 41.06
CA GLU I 82 -36.77 -38.65 39.79
C GLU I 82 -38.11 -39.35 39.89
N ARG I 83 -39.19 -38.60 39.65
CA ARG I 83 -40.53 -39.06 40.01
C ARG I 83 -40.95 -40.26 39.17
N GLY I 84 -42.13 -40.81 39.49
CA GLY I 84 -42.58 -42.00 38.80
C GLY I 84 -42.97 -41.75 37.36
N SER I 85 -44.08 -41.03 37.13
CA SER I 85 -44.61 -40.88 35.78
C SER I 85 -43.62 -40.14 34.88
N ASP I 86 -42.76 -39.31 35.46
CA ASP I 86 -41.84 -38.51 34.68
C ASP I 86 -40.93 -39.36 33.81
N ILE I 87 -40.34 -40.42 34.35
CA ILE I 87 -39.58 -41.39 33.57
C ILE I 87 -40.58 -42.30 32.88
N ASP I 88 -40.34 -42.58 31.61
CA ASP I 88 -41.28 -43.37 30.84
C ASP I 88 -40.97 -44.85 31.01
N PRO I 89 -42.00 -45.70 31.22
CA PRO I 89 -41.74 -47.10 31.56
C PRO I 89 -40.97 -47.89 30.51
N GLN I 90 -41.03 -47.47 29.25
CA GLN I 90 -40.38 -48.24 28.19
C GLN I 90 -38.86 -48.09 28.26
N GLU I 91 -38.37 -46.85 28.25
CA GLU I 91 -36.95 -46.64 28.42
C GLU I 91 -36.50 -47.03 29.83
N ALA I 92 -37.41 -46.94 30.80
CA ALA I 92 -37.10 -47.42 32.14
C ALA I 92 -36.79 -48.91 32.13
N GLN I 93 -37.64 -49.69 31.46
CA GLN I 93 -37.39 -51.12 31.32
C GLN I 93 -36.11 -51.36 30.51
N GLN I 94 -35.84 -50.48 29.54
CA GLN I 94 -34.60 -50.61 28.75
C GLN I 94 -33.36 -50.48 29.64
N THR I 95 -33.34 -49.45 30.48
CA THR I 95 -32.28 -49.29 31.46
C THR I 95 -32.20 -50.48 32.41
N LEU I 96 -33.36 -50.97 32.86
CA LEU I 96 -33.39 -52.16 33.71
C LEU I 96 -32.72 -53.33 33.01
N GLU I 97 -32.98 -53.50 31.71
CA GLU I 97 -32.41 -54.60 30.94
C GLU I 97 -30.90 -54.49 30.85
N ILE I 98 -30.40 -53.32 30.42
CA ILE I 98 -28.96 -53.17 30.25
C ILE I 98 -28.24 -53.22 31.60
N ALA I 99 -28.91 -52.79 32.67
CA ALA I 99 -28.31 -52.89 33.99
C ALA I 99 -28.22 -54.34 34.45
N GLU I 100 -29.26 -55.14 34.23
CA GLU I 100 -29.15 -56.57 34.53
C GLU I 100 -28.06 -57.23 33.70
N ALA I 101 -27.91 -56.79 32.44
CA ALA I 101 -26.86 -57.34 31.60
C ALA I 101 -25.48 -56.99 32.14
N ASN I 102 -25.32 -55.76 32.66
CA ASN I 102 -24.06 -55.40 33.29
C ASN I 102 -23.84 -56.20 34.57
N LEU I 103 -24.91 -56.53 35.29
CA LEU I 103 -24.79 -57.42 36.43
C LEU I 103 -24.37 -58.82 36.00
N ARG I 104 -24.76 -59.23 34.79
CA ARG I 104 -24.22 -60.46 34.22
C ARG I 104 -22.72 -60.32 33.96
N LYS I 105 -22.31 -59.16 33.44
CA LYS I 105 -20.88 -58.92 33.21
C LYS I 105 -20.17 -58.51 34.50
N ALA I 106 -20.82 -58.62 35.65
CA ALA I 106 -20.18 -58.28 36.91
C ALA I 106 -19.19 -59.36 37.35
N GLU I 107 -18.06 -59.45 36.66
CA GLU I 107 -17.02 -60.40 37.07
C GLU I 107 -16.12 -59.80 38.14
N GLY I 108 -15.80 -58.51 38.03
CA GLY I 108 -14.95 -57.89 39.03
C GLY I 108 -15.68 -57.67 40.33
N LYS I 109 -14.91 -57.42 41.39
CA LYS I 109 -15.46 -57.29 42.73
C LYS I 109 -16.06 -55.90 42.93
N ARG I 110 -15.25 -54.85 42.79
CA ARG I 110 -15.79 -53.49 42.82
C ARG I 110 -16.76 -53.23 41.70
N GLN I 111 -16.50 -53.79 40.52
CA GLN I 111 -17.47 -53.77 39.43
C GLN I 111 -18.79 -54.40 39.84
N LYS I 112 -18.76 -55.49 40.61
CA LYS I 112 -20.00 -56.14 41.02
C LYS I 112 -20.74 -55.32 42.06
N ILE I 113 -20.02 -54.65 42.96
CA ILE I 113 -20.67 -53.84 43.98
C ILE I 113 -21.33 -52.62 43.36
N GLU I 114 -20.61 -51.93 42.49
CA GLU I 114 -21.23 -50.83 41.75
C GLU I 114 -22.35 -51.30 40.84
N ALA I 115 -22.23 -52.51 40.27
CA ALA I 115 -23.32 -53.05 39.48
C ALA I 115 -24.58 -53.22 40.31
N ASN I 116 -24.43 -53.76 41.52
CA ASN I 116 -25.57 -53.89 42.42
C ASN I 116 -26.20 -52.54 42.72
N LEU I 117 -25.38 -51.55 43.07
CA LEU I 117 -25.92 -50.24 43.42
C LEU I 117 -26.60 -49.55 42.25
N ALA I 118 -25.96 -49.53 41.08
CA ALA I 118 -26.54 -48.94 39.88
C ALA I 118 -27.82 -49.67 39.47
N LEU I 119 -27.80 -51.01 39.57
CA LEU I 119 -28.99 -51.79 39.27
C LEU I 119 -30.14 -51.43 40.17
N ARG I 120 -29.90 -51.30 41.48
CA ARG I 120 -31.00 -51.04 42.41
C ARG I 120 -31.54 -49.63 42.23
N ARG I 121 -30.64 -48.66 41.99
CA ARG I 121 -31.09 -47.30 41.70
C ARG I 121 -31.89 -47.22 40.41
N ALA I 122 -31.47 -47.95 39.37
CA ALA I 122 -32.23 -48.02 38.13
C ALA I 122 -33.52 -48.80 38.32
N ARG I 123 -33.54 -49.71 39.30
CA ARG I 123 -34.71 -50.52 39.57
C ARG I 123 -35.80 -49.65 40.17
N THR I 124 -35.49 -48.92 41.24
CA THR I 124 -36.52 -48.09 41.89
C THR I 124 -37.08 -47.05 40.92
N ARG I 125 -36.29 -46.65 39.93
CA ARG I 125 -36.78 -45.85 38.82
C ARG I 125 -37.99 -46.51 38.17
N VAL I 126 -37.82 -47.75 37.70
CA VAL I 126 -38.93 -48.46 37.06
C VAL I 126 -40.04 -48.76 38.06
N GLU I 127 -39.66 -49.00 39.32
CA GLU I 127 -40.63 -49.32 40.35
C GLU I 127 -41.58 -48.16 40.61
N ALA I 128 -41.13 -46.94 40.33
CA ALA I 128 -42.03 -45.81 40.43
C ALA I 128 -42.65 -45.48 39.07
N SER I 129 -41.97 -45.80 37.98
CA SER I 129 -42.34 -45.31 36.66
C SER I 129 -43.71 -45.74 36.17
N ASN I 130 -43.90 -47.05 35.96
CA ASN I 130 -45.08 -47.54 35.26
C ASN I 130 -46.34 -47.46 36.11
N THR I 131 -46.19 -47.20 37.40
CA THR I 131 -47.33 -47.06 38.30
C THR I 131 -47.72 -45.60 38.46
PG ATP J . 2.55 21.18 17.92
O1G ATP J . 3.18 19.85 17.58
O2G ATP J . 1.12 21.34 17.44
O3G ATP J . 3.42 22.38 17.64
PB ATP J . 3.71 21.17 20.44
O1B ATP J . 4.46 19.88 20.24
O2B ATP J . 4.41 22.47 20.22
O3B ATP J . 2.41 21.14 19.51
PA ATP J . 3.29 22.35 22.94
O1A ATP J . 4.68 22.26 23.49
O2A ATP J . 2.84 23.62 22.26
O3A ATP J . 3.08 21.14 21.91
O5' ATP J . 2.26 22.01 24.11
C5' ATP J . 0.91 21.64 23.82
C4' ATP J . 0.06 21.97 25.05
O4' ATP J . 0.47 21.13 26.12
C3' ATP J . 0.33 23.40 25.45
O3' ATP J . -0.92 24.11 25.54
C2' ATP J . 0.98 23.33 26.82
O2' ATP J . 0.38 24.26 27.73
C1' ATP J . 0.76 21.90 27.29
N9 ATP J . 1.99 21.37 27.91
C8 ATP J . 3.10 21.02 27.26
N7 ATP J . 4.05 20.57 28.11
C5 ATP J . 3.54 20.64 29.35
C6 ATP J . 4.01 20.32 30.71
N6 ATP J . 5.26 19.83 30.91
N1 ATP J . 3.16 20.54 31.74
C2 ATP J . 1.93 21.02 31.54
N3 ATP J . 1.43 21.34 30.33
C4 ATP J . 2.17 21.16 29.21
PG ATP K . -22.46 -5.07 -13.23
O1G ATP K . -21.86 -4.30 -12.09
O2G ATP K . -23.23 -4.26 -14.23
O3G ATP K . -21.53 -6.09 -13.84
PB ATP K . -24.81 -5.23 -11.77
O1B ATP K . -24.28 -4.51 -10.56
O2B ATP K . -25.62 -4.49 -12.80
O3B ATP K . -23.58 -5.95 -12.50
PA ATP K . -26.95 -6.96 -12.07
O1A ATP K . -28.06 -5.98 -11.77
O2A ATP K . -26.56 -7.19 -13.50
O3A ATP K . -25.67 -6.49 -11.24
O5' ATP K . -27.31 -8.37 -11.41
C5' ATP K . -26.38 -9.44 -11.46
C4' ATP K . -27.15 -10.74 -11.26
O4' ATP K . -27.61 -10.81 -9.92
C3' ATP K . -28.37 -10.78 -12.14
O3' ATP K . -28.24 -11.83 -13.10
C2' ATP K . -29.54 -11.07 -11.23
O2' ATP K . -30.16 -12.30 -11.63
C1' ATP K . -28.95 -11.24 -9.85
N9 ATP K . -29.65 -10.37 -8.89
C8 ATP K . -29.41 -9.05 -8.74
N7 ATP K . -30.20 -8.53 -7.78
C5 ATP K . -30.96 -9.51 -7.29
C6 ATP K . -32.01 -9.64 -6.25
N6 ATP K . -32.41 -8.57 -5.53
N1 ATP K . -32.55 -10.86 -6.05
C2 ATP K . -32.16 -11.92 -6.76
N3 ATP K . -31.23 -11.88 -7.72
C4 ATP K . -30.59 -10.73 -8.02
PG ATP L . 21.57 -14.85 -4.42
O1G ATP L . 20.16 -14.31 -4.37
O2G ATP L . 22.08 -15.15 -5.81
O3G ATP L . 22.54 -14.07 -3.57
PB ATP L . 21.08 -17.60 -4.51
O1B ATP L . 19.62 -17.53 -4.86
O2B ATP L . 22.09 -17.83 -5.59
O3B ATP L . 21.47 -16.28 -3.70
PA ATP L . 22.44 -19.82 -3.60
O1A ATP L . 22.06 -20.76 -4.71
O2A ATP L . 23.73 -19.06 -3.69
O3A ATP L . 21.25 -18.77 -3.42
O5' ATP L . 22.44 -20.65 -2.23
C5' ATP L . 22.60 -19.99 -0.97
C4' ATP L . 22.84 -21.03 0.12
O4' ATP L . 21.84 -22.04 0.03
C3' ATP L . 24.17 -21.72 -0.05
O3' ATP L . 25.05 -21.31 1.00
C2' ATP L . 23.89 -23.20 0.06
O2' ATP L . 24.65 -23.78 1.12
C1' ATP L . 22.41 -23.30 0.38
N9 ATP L . 21.76 -24.38 -0.41
C8 ATP L . 21.30 -24.26 -1.67
N7 ATP L . 20.77 -25.44 -2.09
C5 ATP L . 20.89 -26.32 -1.10
C6 ATP L . 20.54 -27.75 -0.88
N6 ATP L . 19.93 -28.48 -1.85
N1 ATP L . 20.84 -28.30 0.31
C2 ATP L . 21.44 -27.60 1.27
N3 ATP L . 21.78 -26.30 1.15
C4 ATP L . 21.55 -25.63 0.01
PB ADP M . -28.04 17.21 9.36
O1B ADP M . -26.68 16.64 9.63
O2B ADP M . -28.00 18.45 8.50
O3B ADP M . -29.08 16.21 8.94
PA ADP M . -29.66 18.78 11.07
O1A ADP M . -29.03 19.91 11.86
O2A ADP M . -30.39 19.10 9.78
O3A ADP M . -28.53 17.67 10.82
O5' ADP M . -30.70 18.01 12.02
C5' ADP M . -32.03 18.52 12.13
C4' ADP M . -32.95 17.49 12.78
O4' ADP M . -32.34 16.88 13.91
C3' ADP M . -34.23 18.16 13.24
O3' ADP M . -35.36 17.52 12.64
C2' ADP M . -34.27 17.99 14.73
O2' ADP M . -35.47 17.31 15.12
C1' ADP M . -33.05 17.16 15.11
N9 ADP M . -32.18 18.03 15.92
C8 ADP M . -30.93 18.35 15.58
N7 ADP M . -30.37 19.17 16.49
C5 ADP M . -31.27 19.39 17.45
C6 ADP M . -31.32 20.16 18.70
N6 ADP M . -30.24 20.87 19.09
N1 ADP M . -32.46 20.13 19.43
C2 ADP M . -33.52 19.41 19.03
N3 ADP M . -33.55 18.69 17.90
C4 ADP M . -32.47 18.63 17.08
PB ADP N . -2.79 -20.43 -17.97
O1B ADP N . -2.66 -19.13 -17.22
O2B ADP N . -1.93 -20.55 -19.20
O3B ADP N . -4.19 -20.92 -18.14
PA ADP N . -2.12 -23.04 -17.41
O1A ADP N . -1.06 -23.19 -18.46
O2A ADP N . -3.51 -23.54 -17.68
O3A ADP N . -2.19 -21.51 -16.95
O5' ADP N . -1.60 -23.75 -16.07
C5' ADP N . -0.63 -24.77 -16.23
C4' ADP N . -0.73 -25.73 -15.07
O4' ADP N . -2.05 -25.72 -14.53
C3' ADP N . -0.48 -27.14 -15.55
O3' ADP N . 0.85 -27.56 -15.25
C2' ADP N . -1.46 -27.99 -14.79
O2' ADP N . -0.72 -28.77 -13.85
C1' ADP N . -2.37 -27.03 -14.05
N9 ADP N . -3.79 -27.39 -14.33
C8 ADP N . -4.68 -26.66 -15.02
N7 ADP N . -5.88 -27.28 -15.07
C5 ADP N . -5.77 -28.44 -14.40
C6 ADP N . -6.65 -29.58 -14.06
N6 ADP N . -7.94 -29.63 -14.47
N1 ADP N . -6.12 -30.58 -13.34
C2 ADP N . -4.85 -30.57 -12.93
N3 ADP N . -4.00 -29.56 -13.20
C4 ADP N . -4.39 -28.50 -13.91
C7 TTX O . 21.70 29.49 -5.21
N1 TTX O . 22.69 28.54 -4.69
C15 TTX O . 22.21 27.20 -4.57
C16 TTX O . 20.97 26.86 -4.18
C17 TTX O . 19.85 27.75 -3.78
C22 TTX O . 18.59 27.51 -4.33
C21 TTX O . 17.51 28.33 -3.97
C20 TTX O . 17.70 29.38 -3.08
C19 TTX O . 18.96 29.61 -2.53
C18 TTX O . 20.03 28.79 -2.89
C6 TTX O . 23.26 29.00 -3.47
O1 TTX O . 23.98 29.98 -3.48
C5 TTX O . 22.96 28.31 -2.18
C4 TTX O . 22.72 29.37 -1.11
C2 TTX O . 21.93 28.83 0.07
C1 TTX O . 20.90 29.83 0.56
C3 TTX O . 21.28 27.48 -0.26
N2 TTX O . 24.03 27.40 -1.79
C8 TTX O . 23.87 26.08 -1.87
O2 TTX O . 22.77 25.56 -1.93
C9 TTX O . 25.09 25.22 -1.88
C10 TTX O . 26.19 25.85 -1.02
N3 TTX O . 25.62 24.98 -3.21
C11 TTX O . 25.46 23.64 -3.76
C12 TTX O . 26.21 25.97 -3.87
O3 TTX O . 27.42 26.08 -3.94
C13 TTX O . 25.33 26.99 -4.54
N4 TTX O . 24.32 26.39 -5.38
C14 TTX O . 23.12 26.11 -4.89
O4 TTX O . 22.77 24.97 -4.71
PG ATP P . 25.06 6.15 11.42
O1G ATP P . 23.91 7.06 11.77
O2G ATP P . 24.96 5.48 10.06
O3G ATP P . 26.42 6.73 11.71
PB ATP P . 23.55 4.41 13.04
O1B ATP P . 22.85 5.50 13.80
O2B ATP P . 22.85 3.74 11.89
O3B ATP P . 24.95 4.95 12.49
PA ATP P . 24.84 3.65 15.42
O1A ATP P . 25.92 2.63 15.58
O2A ATP P . 25.23 5.10 15.40
O3A ATP P . 24.01 3.28 14.09
O5' ATP P . 23.83 3.38 16.63
C5' ATP P . 23.33 4.48 17.38
C4' ATP P . 22.42 3.94 18.47
O4' ATP P . 22.46 2.52 18.52
C3' ATP P . 22.84 4.45 19.83
O3' ATP P . 21.79 5.25 20.36
C2' ATP P . 23.01 3.22 20.69
O2' ATP P . 22.23 3.37 21.89
C1' ATP P . 22.48 2.07 19.87
N9 ATP P . 23.41 0.92 19.97
C8 ATP P . 24.08 0.40 18.94
N7 ATP P . 24.85 -0.65 19.34
C5 ATP P . 24.66 -0.79 20.65
C6 ATP P . 25.17 -1.70 21.69
N6 ATP P . 26.05 -2.68 21.37
N1 ATP P . 24.73 -1.52 22.95
C2 ATP P . 23.85 -0.55 23.27
N3 ATP P . 23.35 0.30 22.37
C4 ATP P . 23.71 0.24 21.07
#